data_9QCO
#
_entry.id   9QCO
#
_cell.length_a   1.00
_cell.length_b   1.00
_cell.length_c   1.00
_cell.angle_alpha   90.00
_cell.angle_beta   90.00
_cell.angle_gamma   90.00
#
_symmetry.space_group_name_H-M   'P 1'
#
loop_
_entity.id
_entity.type
_entity.pdbx_description
1 polymer 'Botulinum neurotoxin type B1, nontoxic-nonhemagglutinin component, NTNH'
2 polymer 'Hemagglutinin component HA70'
#
loop_
_entity_poly.entity_id
_entity_poly.type
_entity_poly.pdbx_seq_one_letter_code
_entity_poly.pdbx_strand_id
1 'polypeptide(L)'
;MNINDNLSINSPVDNKNVVVVRARKTDTVFKAFKVAPNIWVAPERYYGESLSIDEEYKVDGGIYDSNFLSQDSEKDKFLQ
AIITLLKRINSTNAGEKLLSLISTAIPFPYGYIGGGYYAPNMITFGSAPKSNKKLNSLISSTIPFPYAGYRETNYLSSED
NKSFYASNIVIFGPGANIVENNTVFYKKEDAENGMGTMTEIWFQPFLTYKYDEFYIDPAIELIKCLIKSLYFLYGIKPSD
DLVIPYRLRSELENIEYSQLNIVDLLVSGGIDPKFINTDPYWFTDNYFSNAKKVFEDHRNIYETQIEGNNAIGNDIKLRL
KQKFRININDIWELNLNYFSKEFSIMMPDRFNNALKHFYRKQYYKIDYPENYSINGFVNGQINVQLSLSDRNQDIINKPE
EIINLLNGNNVSLMRSNIYGDGLKSTVDDFYSNYKIPYNRAYEYHFNNSNDSSLDNVNIGVIDNIPEIIDVNPYKENCDK
FSPVQKITSTREINTNIPWPINYLQAQNTNNEKFSLSSDFVEVVSSKDKSLVYSFLSNVMFYLDSIKDNSPIDTDKKYYL
WLREIFRNYSFDITATQEINTDCGINKVVTWFGKALNILNTSDSFVEEFQNLGPISLINKKENLSMPIIEIYGIPNDMLG
LPLNDLNEKLFNIYLKNILYFKKVYFNFLDQWWTEYYSQYFDLICMAKQSILAQEKLIKQIIQNKLQDLFKADISMDKLN
LMNLATEKTFIDLSNESQIAINNINDFLNKSAICVFDTNIYPKFISFMEQCINSVNSNVTAFIQKCTNITEDEKLQLIKL
NTFMNIDFEFFDIQSIKDLITSETDLIKEEKESDYNLFLFTLQEDNNKVIEDISGKNTLVKYSDSISLVYGVNGDALYLK
EPDESVSFSNKAFENGLTNSFSICFWLRNLGEDIITSKLIENKADNCGWEIYFENNGLVFSIVDCNGNEENIYLSDVISK
NWYYISISIDRLRNQLLIFINDKLIANQSIEQILNIYSSNTISLVNENNPIYIEGLSILNRSITSEEVVNNYFSYLNNSY
IRDISGERLEYNKTYELYNYVFPENSLYEVTENNNIYLSIKDTNNLNIQGAKFKLINIDANKQYVQKWDEGVVCLLGDEE
KYVDISSENNRIQLVNSKDTAKRIIFNNDIFMPNCLTFAYNNKYLSLSLRDRNYNWMICNNNDNIPKAAHLWALKGI
;
A
2 'polypeptide(L)'
;MNSSIKKIYNHIQEKVINYSDTIDLADGNYVVSRGDGWILSRQNQILGGSVISNGSTGIVGDLRVNDNAIPYYYPTPSFN
EEYIKNNIQTVFANFTEANQIPIGFEFSKTAPSNKNLYMYLQYTYIRYEIIKVLQHEIIERAVLYVPSLGYVKSIEFNPG
EKINKDFYFLTNDKCILNEQFLYKKILETTKNIPTNNIFNSKVSSTQRVLPYSNGLYVINKGDGYIRTNDKDLIGTLLIE
AGSSGSIIQPRLRNTTRPLFTTSNDAKFSQQYTEERLKDAFNVQLFNTSTSLFKFVEEAPSNKNICIKAYNTYEKYELID
YQNGSIVNKAEYYLPSLGYCEVTNAPSPESEVVKTQVAEDGFIQNGPEEEIVVGVIDPSENIQEINTAISDNYTYNIPGI
VNNNPFYILFTVNTTGIYKINAQNNLPSLKIYEAIGSGNRNFQSGNLCDDDIKAINYITGFDSPNAKSYLVVLLNKDKNY
YIRVPQTSSNIENQIKFKREEGDLRNLMNSSVNIIDNLNSTGAHYYTRQSPDVHDYISYEFTIPGNFNNKDTSNIRLYTS
YNQGIGTLFRVTETIDGYNLINIQQNLNLLNSTKSIRLLNGAIYILKVEVTELNNYNIKLHIDITN
;
B,C,D
#
# COMPACT_ATOMS: atom_id res chain seq x y z
N MET A 1 -15.51 2.39 8.14
CA MET A 1 -14.86 1.33 8.91
C MET A 1 -15.88 0.53 9.71
N ASN A 2 -15.95 -0.76 9.44
CA ASN A 2 -16.87 -1.67 10.10
C ASN A 2 -16.08 -2.62 10.99
N ILE A 3 -16.27 -2.50 12.31
CA ILE A 3 -15.61 -3.38 13.25
C ILE A 3 -16.26 -4.76 13.16
N ASN A 4 -15.48 -5.77 12.78
CA ASN A 4 -16.00 -7.12 12.66
C ASN A 4 -16.26 -7.69 14.05
N ASP A 5 -17.53 -7.97 14.34
CA ASP A 5 -17.94 -8.46 15.65
C ASP A 5 -18.22 -9.95 15.68
N ASN A 6 -18.23 -10.63 14.53
CA ASN A 6 -18.50 -12.06 14.47
C ASN A 6 -17.22 -12.86 14.76
N LEU A 7 -16.69 -12.66 15.96
CA LEU A 7 -15.49 -13.34 16.40
C LEU A 7 -15.69 -13.88 17.81
N SER A 8 -14.97 -14.96 18.11
CA SER A 8 -15.03 -15.58 19.43
C SER A 8 -13.71 -16.27 19.72
N ILE A 9 -13.49 -16.56 21.02
CA ILE A 9 -12.25 -17.21 21.42
C ILE A 9 -12.20 -18.62 20.86
N ASN A 10 -13.34 -19.20 20.49
CA ASN A 10 -13.40 -20.53 19.92
C ASN A 10 -13.45 -20.52 18.40
N SER A 11 -13.30 -19.35 17.77
CA SER A 11 -13.35 -19.28 16.33
C SER A 11 -12.18 -20.06 15.72
N PRO A 12 -12.41 -20.83 14.67
CA PRO A 12 -11.32 -21.59 14.05
C PRO A 12 -10.27 -20.67 13.44
N VAL A 13 -9.03 -21.12 13.48
CA VAL A 13 -7.91 -20.37 12.92
C VAL A 13 -7.98 -20.51 11.40
N ASP A 14 -8.52 -19.49 10.73
CA ASP A 14 -8.67 -19.51 9.29
C ASP A 14 -7.50 -18.84 8.56
N ASN A 15 -6.53 -18.32 9.30
CA ASN A 15 -5.38 -17.61 8.74
C ASN A 15 -5.79 -16.38 7.93
N LYS A 16 -6.99 -15.87 8.15
CA LYS A 16 -7.47 -14.66 7.49
C LYS A 16 -7.97 -13.62 8.49
N ASN A 17 -8.63 -14.05 9.56
CA ASN A 17 -9.07 -13.15 10.63
C ASN A 17 -8.66 -13.63 12.02
N VAL A 18 -8.42 -14.92 12.21
CA VAL A 18 -7.91 -15.46 13.46
C VAL A 18 -6.60 -16.15 13.14
N VAL A 19 -5.52 -15.72 13.80
CA VAL A 19 -4.19 -16.25 13.52
C VAL A 19 -3.45 -16.54 14.82
N VAL A 20 -2.42 -17.36 14.71
CA VAL A 20 -1.46 -17.58 15.77
C VAL A 20 -0.11 -17.11 15.25
N VAL A 21 0.49 -16.12 15.94
CA VAL A 21 1.67 -15.45 15.44
C VAL A 21 2.74 -15.45 16.52
N ARG A 22 4.00 -15.37 16.08
CA ARG A 22 5.13 -15.36 16.99
C ARG A 22 5.30 -13.98 17.61
N ALA A 23 5.55 -13.94 18.92
CA ALA A 23 5.72 -12.69 19.63
C ALA A 23 7.11 -12.15 19.36
N ARG A 24 7.19 -11.09 18.55
CA ARG A 24 8.46 -10.53 18.09
C ARG A 24 9.34 -11.63 17.49
N LYS A 25 10.46 -11.93 18.15
CA LYS A 25 11.33 -13.03 17.74
C LYS A 25 11.73 -13.87 18.94
N THR A 26 10.82 -14.02 19.90
CA THR A 26 11.04 -14.90 21.05
C THR A 26 10.46 -16.28 20.75
N ASP A 27 10.40 -17.14 21.77
CA ASP A 27 9.83 -18.46 21.62
C ASP A 27 8.33 -18.49 21.88
N THR A 28 7.74 -17.37 22.28
CA THR A 28 6.32 -17.31 22.60
C THR A 28 5.49 -17.07 21.35
N VAL A 29 4.31 -17.70 21.29
CA VAL A 29 3.33 -17.46 20.25
C VAL A 29 2.02 -17.09 20.92
N PHE A 30 1.19 -16.35 20.19
CA PHE A 30 -0.07 -15.88 20.76
C PHE A 30 -1.12 -15.77 19.67
N LYS A 31 -2.38 -15.79 20.09
CA LYS A 31 -3.53 -15.77 19.20
C LYS A 31 -4.03 -14.34 19.04
N ALA A 32 -4.27 -13.94 17.79
CA ALA A 32 -4.73 -12.60 17.48
C ALA A 32 -5.93 -12.66 16.55
N PHE A 33 -6.81 -11.68 16.69
CA PHE A 33 -8.05 -11.59 15.93
C PHE A 33 -8.11 -10.26 15.20
N LYS A 34 -8.54 -10.29 13.94
CA LYS A 34 -8.65 -9.09 13.13
C LYS A 34 -10.05 -8.51 13.29
N VAL A 35 -10.14 -7.34 13.91
CA VAL A 35 -11.42 -6.65 14.07
C VAL A 35 -11.60 -5.51 13.07
N ALA A 36 -10.53 -5.08 12.42
CA ALA A 36 -10.60 -4.00 11.44
C ALA A 36 -9.36 -4.10 10.55
N PRO A 37 -9.38 -3.48 9.38
CA PRO A 37 -8.19 -3.52 8.51
C PRO A 37 -6.95 -3.01 9.24
N ASN A 38 -5.93 -3.86 9.31
CA ASN A 38 -4.66 -3.56 9.95
C ASN A 38 -4.80 -3.27 11.44
N ILE A 39 -5.87 -3.74 12.07
CA ILE A 39 -6.05 -3.61 13.51
C ILE A 39 -6.39 -5.00 14.06
N TRP A 40 -5.59 -5.48 15.00
CA TRP A 40 -5.77 -6.81 15.57
C TRP A 40 -5.95 -6.70 17.08
N VAL A 41 -6.62 -7.70 17.64
CA VAL A 41 -6.83 -7.83 19.08
C VAL A 41 -6.24 -9.15 19.54
N ALA A 42 -5.43 -9.10 20.59
CA ALA A 42 -4.85 -10.31 21.19
C ALA A 42 -5.36 -10.43 22.62
N PRO A 43 -6.36 -11.26 22.87
CA PRO A 43 -7.00 -11.32 24.20
C PRO A 43 -6.23 -12.15 25.22
N GLU A 44 -5.09 -11.61 25.66
CA GLU A 44 -4.26 -12.28 26.65
C GLU A 44 -3.25 -11.26 27.18
N ARG A 45 -2.58 -11.64 28.27
CA ARG A 45 -1.56 -10.78 28.85
C ARG A 45 -0.39 -10.62 27.90
N TYR A 46 0.32 -9.49 28.04
CA TYR A 46 1.45 -9.22 27.18
C TYR A 46 2.58 -10.22 27.43
N TYR A 47 3.19 -10.70 26.34
CA TYR A 47 4.24 -11.70 26.45
C TYR A 47 5.50 -11.13 27.09
N GLY A 48 5.84 -9.88 26.76
CA GLY A 48 7.14 -9.37 27.14
C GLY A 48 7.33 -9.24 28.64
N GLU A 49 6.31 -8.74 29.34
CA GLU A 49 6.41 -8.60 30.78
C GLU A 49 6.35 -9.97 31.46
N SER A 50 6.96 -10.04 32.63
CA SER A 50 6.90 -11.26 33.44
C SER A 50 5.66 -11.20 34.32
N LEU A 51 4.76 -12.18 34.13
CA LEU A 51 3.50 -12.17 34.88
C LEU A 51 3.74 -12.28 36.38
N SER A 52 4.85 -12.89 36.78
CA SER A 52 5.26 -12.95 38.18
C SER A 52 6.53 -12.14 38.34
N ILE A 53 6.46 -11.10 39.15
CA ILE A 53 7.59 -10.20 39.37
C ILE A 53 7.91 -10.15 40.85
N ASP A 54 9.17 -9.84 41.16
CA ASP A 54 9.58 -9.75 42.55
C ASP A 54 8.84 -8.63 43.25
N GLU A 55 8.51 -8.84 44.52
CA GLU A 55 7.77 -7.85 45.28
C GLU A 55 8.55 -6.56 45.47
N GLU A 56 9.86 -6.59 45.23
CA GLU A 56 10.67 -5.39 45.43
C GLU A 56 10.29 -4.28 44.46
N TYR A 57 9.97 -4.62 43.21
CA TYR A 57 9.73 -3.57 42.23
C TYR A 57 8.30 -3.02 42.34
N LYS A 58 7.31 -3.83 41.96
CA LYS A 58 5.90 -3.68 42.33
C LYS A 58 5.44 -2.22 42.40
N VAL A 59 5.46 -1.51 41.28
CA VAL A 59 5.18 -0.07 41.24
C VAL A 59 3.86 0.26 41.93
N ASP A 60 3.76 1.47 42.45
CA ASP A 60 2.55 1.91 43.13
C ASP A 60 1.36 1.89 42.16
N GLY A 61 0.16 1.82 42.73
CA GLY A 61 -1.01 1.51 41.92
C GLY A 61 -0.83 0.11 41.37
N GLY A 62 -0.49 -0.80 42.26
CA GLY A 62 0.11 -2.08 41.91
C GLY A 62 -0.78 -3.29 42.04
N ILE A 63 -2.00 -3.25 41.52
CA ILE A 63 -2.80 -4.47 41.48
C ILE A 63 -2.05 -5.48 40.62
N TYR A 64 -1.58 -6.56 41.25
CA TYR A 64 -0.78 -7.57 40.58
C TYR A 64 -1.47 -8.92 40.73
N ASP A 65 -1.61 -9.64 39.63
CA ASP A 65 -2.26 -10.95 39.65
C ASP A 65 -1.83 -11.73 38.42
N SER A 66 -1.17 -12.87 38.62
CA SER A 66 -0.69 -13.68 37.52
C SER A 66 -1.76 -14.56 36.91
N ASN A 67 -2.94 -14.67 37.53
CA ASN A 67 -4.00 -15.55 37.06
C ASN A 67 -5.09 -14.79 36.30
N PHE A 68 -4.80 -13.57 35.86
CA PHE A 68 -5.76 -12.79 35.09
C PHE A 68 -5.60 -13.07 33.60
N LEU A 69 -6.73 -13.14 32.89
CA LEU A 69 -6.75 -13.45 31.46
C LEU A 69 -6.04 -14.76 31.16
N SER A 70 -6.28 -15.77 31.99
CA SER A 70 -5.71 -17.10 31.81
C SER A 70 -6.72 -18.08 31.20
N GLN A 71 -7.92 -18.16 31.76
CA GLN A 71 -8.95 -19.03 31.22
C GLN A 71 -9.51 -18.45 29.93
N ASP A 72 -10.05 -19.33 29.09
CA ASP A 72 -10.59 -18.89 27.81
C ASP A 72 -11.86 -18.07 27.98
N SER A 73 -12.61 -18.27 29.06
CA SER A 73 -13.78 -17.45 29.31
C SER A 73 -13.40 -15.99 29.51
N GLU A 74 -12.38 -15.73 30.32
CA GLU A 74 -11.90 -14.38 30.52
C GLU A 74 -11.34 -13.80 29.23
N LYS A 75 -10.67 -14.62 28.43
CA LYS A 75 -10.14 -14.15 27.16
C LYS A 75 -11.26 -13.74 26.20
N ASP A 76 -12.32 -14.53 26.14
CA ASP A 76 -13.44 -14.18 25.27
C ASP A 76 -14.16 -12.93 25.77
N LYS A 77 -14.29 -12.81 27.10
CA LYS A 77 -14.88 -11.58 27.66
C LYS A 77 -14.04 -10.36 27.29
N PHE A 78 -12.71 -10.49 27.37
CA PHE A 78 -11.84 -9.39 26.99
C PHE A 78 -11.99 -9.03 25.52
N LEU A 79 -12.03 -10.04 24.66
CA LEU A 79 -12.19 -9.77 23.22
C LEU A 79 -13.51 -9.08 22.94
N GLN A 80 -14.60 -9.55 23.56
CA GLN A 80 -15.89 -8.92 23.35
C GLN A 80 -15.90 -7.48 23.87
N ALA A 81 -15.26 -7.26 25.03
CA ALA A 81 -15.20 -5.90 25.59
C ALA A 81 -14.43 -4.97 24.67
N ILE A 82 -13.31 -5.44 24.11
CA ILE A 82 -12.52 -4.60 23.21
C ILE A 82 -13.30 -4.31 21.94
N ILE A 83 -14.02 -5.30 21.40
CA ILE A 83 -14.83 -5.06 20.22
C ILE A 83 -15.93 -4.04 20.52
N THR A 84 -16.56 -4.15 21.69
CA THR A 84 -17.58 -3.18 22.07
C THR A 84 -17.00 -1.77 22.21
N LEU A 85 -15.82 -1.66 22.80
CA LEU A 85 -15.18 -0.36 22.95
C LEU A 85 -14.83 0.24 21.60
N LEU A 86 -14.33 -0.58 20.67
CA LEU A 86 -14.01 -0.08 19.35
C LEU A 86 -15.27 0.34 18.59
N LYS A 87 -16.37 -0.40 18.76
CA LYS A 87 -17.63 0.01 18.16
C LYS A 87 -18.13 1.33 18.76
N ARG A 88 -17.97 1.49 20.07
CA ARG A 88 -18.35 2.75 20.73
C ARG A 88 -17.55 3.91 20.15
N ILE A 89 -16.25 3.72 19.98
CA ILE A 89 -15.42 4.78 19.41
C ILE A 89 -15.84 5.07 17.97
N ASN A 90 -16.09 4.01 17.18
CA ASN A 90 -16.44 4.16 15.78
C ASN A 90 -17.83 4.71 15.55
N SER A 91 -18.65 4.83 16.59
CA SER A 91 -20.03 5.25 16.41
C SER A 91 -20.12 6.69 15.91
N THR A 92 -19.36 7.60 16.51
CA THR A 92 -19.43 9.00 16.14
C THR A 92 -18.52 9.27 14.94
N ASN A 93 -18.34 10.54 14.60
CA ASN A 93 -17.53 10.92 13.44
C ASN A 93 -16.07 11.13 13.81
N ALA A 94 -15.79 11.73 14.97
CA ALA A 94 -14.40 11.91 15.39
C ALA A 94 -13.72 10.57 15.60
N GLY A 95 -14.40 9.64 16.28
CA GLY A 95 -13.83 8.33 16.48
C GLY A 95 -13.66 7.56 15.18
N GLU A 96 -14.63 7.67 14.28
CA GLU A 96 -14.50 7.01 12.99
C GLU A 96 -13.32 7.55 12.20
N LYS A 97 -13.13 8.87 12.21
CA LYS A 97 -11.98 9.46 11.54
C LYS A 97 -10.68 9.00 12.17
N LEU A 98 -10.63 8.95 13.50
CA LEU A 98 -9.42 8.50 14.17
C LEU A 98 -9.09 7.06 13.81
N LEU A 99 -10.10 6.18 13.81
CA LEU A 99 -9.86 4.77 13.50
C LEU A 99 -9.47 4.59 12.03
N SER A 100 -10.07 5.36 11.13
CA SER A 100 -9.68 5.28 9.73
C SER A 100 -8.24 5.76 9.54
N LEU A 101 -7.86 6.82 10.25
CA LEU A 101 -6.47 7.28 10.17
C LEU A 101 -5.51 6.24 10.71
N ILE A 102 -5.88 5.59 11.82
CA ILE A 102 -5.05 4.52 12.38
C ILE A 102 -4.94 3.39 11.37
N SER A 103 -6.05 3.04 10.72
CA SER A 103 -6.04 1.93 9.78
C SER A 103 -5.35 2.26 8.47
N THR A 104 -5.20 3.54 8.13
CA THR A 104 -4.51 3.91 6.90
C THR A 104 -3.09 4.43 7.09
N ALA A 105 -2.67 4.71 8.32
CA ALA A 105 -1.32 5.22 8.58
C ALA A 105 -0.35 4.06 8.76
N ILE A 106 -0.16 3.33 7.67
CA ILE A 106 0.80 2.22 7.70
C ILE A 106 2.21 2.79 7.85
N PRO A 107 3.09 2.12 8.59
CA PRO A 107 4.49 2.57 8.62
C PRO A 107 5.09 2.60 7.23
N PHE A 108 5.93 3.60 6.99
CA PHE A 108 6.53 3.78 5.67
C PHE A 108 7.37 2.57 5.30
N PRO A 109 7.13 1.92 4.17
CA PRO A 109 7.91 0.75 3.80
C PRO A 109 9.30 1.12 3.32
N TYR A 110 10.21 0.17 3.43
CA TYR A 110 11.54 0.33 2.86
C TYR A 110 11.48 0.12 1.34
N GLY A 111 12.46 0.67 0.65
CA GLY A 111 12.51 0.56 -0.79
C GLY A 111 12.87 -0.84 -1.26
N TYR A 112 13.29 -0.98 -2.50
CA TYR A 112 13.73 -2.26 -3.01
C TYR A 112 15.01 -2.70 -2.28
N ILE A 113 15.39 -3.96 -2.50
CA ILE A 113 16.54 -4.52 -1.80
C ILE A 113 17.84 -3.79 -2.13
N GLY A 114 17.86 -3.01 -3.20
CA GLY A 114 18.98 -2.17 -3.54
C GLY A 114 18.84 -0.72 -3.15
N GLY A 115 17.72 -0.35 -2.54
CA GLY A 115 17.47 1.04 -2.20
C GLY A 115 16.72 1.77 -3.28
N GLY A 116 15.93 2.76 -2.86
CA GLY A 116 15.16 3.56 -3.78
C GLY A 116 13.74 3.04 -3.93
N TYR A 117 12.84 3.93 -4.35
CA TYR A 117 11.44 3.62 -4.54
C TYR A 117 10.97 3.89 -5.97
N TYR A 118 11.84 4.33 -6.86
CA TYR A 118 11.42 4.87 -8.14
C TYR A 118 10.72 3.84 -9.02
N ALA A 119 11.44 2.81 -9.46
CA ALA A 119 10.87 1.87 -10.41
C ALA A 119 11.64 0.55 -10.32
N PRO A 120 10.96 -0.58 -10.53
CA PRO A 120 11.66 -1.87 -10.52
C PRO A 120 12.26 -2.20 -11.88
N ASN A 121 12.79 -3.42 -12.01
CA ASN A 121 13.34 -3.88 -13.27
C ASN A 121 12.22 -4.42 -14.16
N MET A 122 12.60 -4.95 -15.33
CA MET A 122 11.67 -5.44 -16.32
C MET A 122 12.04 -6.86 -16.72
N ILE A 123 11.03 -7.69 -16.97
CA ILE A 123 11.23 -9.06 -17.40
C ILE A 123 10.44 -9.31 -18.68
N THR A 124 11.08 -9.96 -19.64
CA THR A 124 10.45 -10.32 -20.90
C THR A 124 10.11 -11.81 -20.86
N PHE A 125 8.82 -12.14 -20.85
CA PHE A 125 8.37 -13.50 -20.63
C PHE A 125 7.29 -13.87 -21.63
N GLY A 126 7.32 -15.11 -22.10
CA GLY A 126 6.26 -15.63 -22.94
C GLY A 126 6.45 -15.44 -24.42
N SER A 127 7.58 -15.88 -24.96
CA SER A 127 7.87 -15.72 -26.38
C SER A 127 6.84 -16.46 -27.21
N ALA A 128 6.35 -15.79 -28.27
CA ALA A 128 5.38 -16.40 -29.15
C ALA A 128 6.02 -17.51 -29.99
N PRO A 129 5.24 -18.50 -30.41
CA PRO A 129 5.80 -19.57 -31.24
C PRO A 129 6.20 -19.07 -32.62
N LYS A 130 7.07 -19.83 -33.26
CA LYS A 130 7.58 -19.46 -34.58
C LYS A 130 6.48 -19.52 -35.63
N SER A 131 6.71 -18.82 -36.73
CA SER A 131 5.74 -18.73 -37.82
C SER A 131 6.45 -18.59 -39.16
N ASN A 132 5.73 -18.13 -40.18
CA ASN A 132 6.36 -17.90 -41.48
C ASN A 132 7.46 -16.83 -41.36
N LYS A 133 7.17 -15.75 -40.65
CA LYS A 133 8.23 -14.79 -40.31
C LYS A 133 9.22 -15.39 -39.32
N LYS A 134 8.71 -16.25 -38.42
CA LYS A 134 9.52 -16.97 -37.43
C LYS A 134 10.24 -16.04 -36.48
N LEU A 135 10.99 -16.63 -35.53
CA LEU A 135 11.74 -15.88 -34.53
C LEU A 135 10.90 -14.80 -33.86
N ASN A 136 9.75 -15.20 -33.32
CA ASN A 136 8.89 -14.28 -32.57
C ASN A 136 9.31 -14.16 -31.11
N SER A 137 10.56 -14.47 -30.81
CA SER A 137 11.06 -14.48 -29.44
C SER A 137 10.89 -13.13 -28.76
N LEU A 138 10.96 -12.05 -29.55
CA LEU A 138 10.77 -10.71 -29.01
C LEU A 138 9.30 -10.33 -28.85
N ILE A 139 8.40 -10.99 -29.57
CA ILE A 139 6.96 -10.74 -29.42
C ILE A 139 6.51 -11.53 -28.20
N SER A 140 6.42 -10.85 -27.06
CA SER A 140 6.09 -11.52 -25.80
C SER A 140 5.54 -10.48 -24.83
N SER A 141 5.46 -10.85 -23.56
CA SER A 141 4.86 -10.02 -22.52
C SER A 141 5.95 -9.36 -21.68
N THR A 142 5.64 -8.15 -21.22
CA THR A 142 6.53 -7.37 -20.36
C THR A 142 5.97 -7.35 -18.94
N ILE A 143 6.81 -7.62 -17.96
CA ILE A 143 6.36 -7.78 -16.58
C ILE A 143 7.27 -6.97 -15.66
N PRO A 144 6.72 -6.25 -14.67
CA PRO A 144 7.57 -5.71 -13.60
C PRO A 144 8.12 -6.86 -12.78
N PHE A 145 9.46 -6.97 -12.72
CA PHE A 145 10.02 -8.18 -12.15
C PHE A 145 9.72 -8.26 -10.65
N PRO A 146 10.23 -7.36 -9.77
CA PRO A 146 9.70 -7.34 -8.41
C PRO A 146 8.44 -6.51 -8.33
N TYR A 147 7.31 -7.18 -8.17
CA TYR A 147 6.03 -6.49 -8.00
C TYR A 147 5.78 -6.26 -6.52
N ALA A 148 5.36 -5.04 -6.19
CA ALA A 148 5.26 -4.61 -4.79
C ALA A 148 6.59 -4.83 -4.08
N GLY A 149 7.67 -4.43 -4.75
CA GLY A 149 9.02 -4.69 -4.26
C GLY A 149 9.35 -4.02 -2.95
N TYR A 150 8.55 -3.05 -2.52
CA TYR A 150 8.80 -2.41 -1.24
C TYR A 150 8.66 -3.42 -0.11
N ARG A 151 9.43 -3.22 0.95
CA ARG A 151 9.44 -4.12 2.09
C ARG A 151 8.74 -3.45 3.27
N GLU A 152 7.71 -4.11 3.78
CA GLU A 152 6.92 -3.55 4.87
C GLU A 152 7.46 -4.04 6.22
N THR A 153 7.32 -3.20 7.23
CA THR A 153 7.72 -3.54 8.59
C THR A 153 6.54 -3.86 9.50
N ASN A 154 5.33 -3.44 9.12
CA ASN A 154 4.14 -3.67 9.93
C ASN A 154 3.52 -5.00 9.51
N TYR A 155 4.02 -6.07 10.11
CA TYR A 155 3.53 -7.41 9.79
C TYR A 155 3.73 -8.32 10.98
N LEU A 156 2.78 -9.22 11.19
CA LEU A 156 2.88 -10.30 12.15
C LEU A 156 3.14 -11.61 11.41
N SER A 157 4.07 -12.39 11.92
CA SER A 157 4.49 -13.63 11.28
C SER A 157 3.96 -14.83 12.05
N SER A 158 3.49 -15.83 11.31
CA SER A 158 2.94 -17.03 11.92
C SER A 158 4.03 -17.79 12.68
N GLU A 159 3.60 -18.84 13.39
CA GLU A 159 4.54 -19.63 14.18
C GLU A 159 5.56 -20.31 13.29
N ASP A 160 5.14 -20.80 12.13
CA ASP A 160 6.03 -21.46 11.19
C ASP A 160 6.87 -20.48 10.37
N ASN A 161 6.63 -19.18 10.52
CA ASN A 161 7.42 -18.13 9.86
C ASN A 161 7.41 -18.29 8.33
N LYS A 162 6.25 -18.65 7.79
CA LYS A 162 6.06 -18.70 6.34
C LYS A 162 4.83 -17.94 5.89
N SER A 163 4.13 -17.28 6.81
CA SER A 163 2.98 -16.45 6.48
C SER A 163 3.07 -15.14 7.23
N PHE A 164 2.59 -14.07 6.61
CA PHE A 164 2.67 -12.73 7.17
C PHE A 164 1.34 -12.01 6.98
N TYR A 165 0.93 -11.28 8.02
CA TYR A 165 -0.33 -10.55 8.01
C TYR A 165 -0.09 -9.10 8.39
N ALA A 166 -0.60 -8.18 7.59
CA ALA A 166 -0.40 -6.76 7.85
C ALA A 166 -1.05 -6.37 9.17
N SER A 167 -0.39 -5.49 9.91
CA SER A 167 -0.85 -5.12 11.25
C SER A 167 -0.25 -3.79 11.64
N ASN A 168 -1.10 -2.80 11.89
CA ASN A 168 -0.65 -1.52 12.43
C ASN A 168 -0.77 -1.45 13.95
N ILE A 169 -1.84 -1.98 14.51
CA ILE A 169 -2.08 -1.96 15.95
C ILE A 169 -2.50 -3.35 16.39
N VAL A 170 -1.92 -3.82 17.49
CA VAL A 170 -2.38 -5.02 18.17
C VAL A 170 -2.62 -4.66 19.63
N ILE A 171 -3.79 -5.03 20.14
CA ILE A 171 -4.17 -4.72 21.51
C ILE A 171 -4.05 -5.98 22.35
N PHE A 172 -3.23 -5.91 23.40
CA PHE A 172 -3.02 -7.02 24.33
C PHE A 172 -3.70 -6.70 25.65
N GLY A 173 -3.60 -7.64 26.58
CA GLY A 173 -3.97 -7.38 27.95
C GLY A 173 -2.85 -6.69 28.69
N PRO A 174 -3.11 -6.37 29.96
CA PRO A 174 -2.09 -5.68 30.76
C PRO A 174 -0.89 -6.57 31.00
N GLY A 175 0.22 -5.92 31.34
CA GLY A 175 1.45 -6.64 31.63
C GLY A 175 1.45 -7.16 33.05
N ALA A 176 2.54 -6.92 33.78
CA ALA A 176 2.57 -7.31 35.19
C ALA A 176 1.52 -6.55 35.98
N ASN A 177 1.48 -5.22 35.84
CA ASN A 177 0.47 -4.41 36.51
C ASN A 177 -0.88 -4.62 35.84
N ILE A 178 -1.90 -4.92 36.65
CA ILE A 178 -3.22 -5.23 36.09
C ILE A 178 -3.86 -3.98 35.50
N VAL A 179 -3.79 -2.85 36.21
CA VAL A 179 -4.36 -1.63 35.69
C VAL A 179 -3.23 -0.69 35.29
N GLU A 180 -2.80 -0.81 34.03
CA GLU A 180 -1.80 0.11 33.48
C GLU A 180 -1.90 0.00 31.97
N ASN A 181 -2.45 1.03 31.32
CA ASN A 181 -2.55 1.06 29.88
C ASN A 181 -1.27 1.62 29.28
N ASN A 182 -0.68 0.90 28.33
CA ASN A 182 0.61 1.27 27.80
C ASN A 182 0.62 1.10 26.28
N THR A 183 1.50 1.83 25.63
CA THR A 183 1.73 1.71 24.19
C THR A 183 3.21 1.53 23.95
N VAL A 184 3.57 0.46 23.24
CA VAL A 184 4.97 0.13 22.99
C VAL A 184 5.19 0.01 21.50
N PHE A 185 6.31 0.56 21.03
CA PHE A 185 6.67 0.48 19.63
C PHE A 185 7.22 -0.86 19.18
N TYR A 186 7.28 -1.13 17.90
CA TYR A 186 7.95 -2.40 17.53
C TYR A 186 9.43 -2.13 17.39
N LYS A 187 9.83 -1.15 16.58
CA LYS A 187 11.25 -0.85 16.49
C LYS A 187 11.51 0.56 16.99
N LYS A 188 12.45 0.70 17.94
CA LYS A 188 12.72 2.01 18.50
C LYS A 188 13.33 2.95 17.48
N GLU A 189 14.24 2.45 16.63
CA GLU A 189 14.86 3.30 15.63
C GLU A 189 13.85 3.78 14.61
N ASP A 190 12.92 2.91 14.21
CA ASP A 190 11.93 3.29 13.20
C ASP A 190 10.80 4.14 13.75
N ALA A 191 10.63 4.19 15.08
CA ALA A 191 9.62 5.04 15.68
C ALA A 191 10.05 6.50 15.78
N GLU A 192 11.33 6.79 15.58
CA GLU A 192 11.85 8.14 15.72
C GLU A 192 12.49 8.70 14.45
N ASN A 193 12.79 7.86 13.47
CA ASN A 193 13.51 8.29 12.28
C ASN A 193 12.60 8.62 11.10
N GLY A 194 11.29 8.54 11.28
CA GLY A 194 10.34 8.86 10.23
C GLY A 194 9.78 7.68 9.48
N MET A 195 10.42 6.51 9.59
CA MET A 195 9.86 5.29 9.00
C MET A 195 8.49 4.97 9.58
N GLY A 196 8.38 5.00 10.90
CA GLY A 196 7.16 4.53 11.52
C GLY A 196 7.21 3.03 11.80
N THR A 197 6.50 2.63 12.85
CA THR A 197 6.49 1.22 13.24
C THR A 197 5.16 0.90 13.90
N MET A 198 4.82 -0.38 13.92
CA MET A 198 3.56 -0.81 14.51
C MET A 198 3.59 -0.60 16.02
N THR A 199 2.41 -0.57 16.62
CA THR A 199 2.27 -0.35 18.05
C THR A 199 1.52 -1.52 18.68
N GLU A 200 1.89 -1.82 19.92
CA GLU A 200 1.22 -2.82 20.73
C GLU A 200 0.68 -2.12 21.97
N ILE A 201 -0.59 -2.38 22.29
CA ILE A 201 -1.28 -1.68 23.37
C ILE A 201 -1.62 -2.67 24.47
N TRP A 202 -1.32 -2.30 25.71
CA TRP A 202 -1.77 -3.01 26.89
C TRP A 202 -2.95 -2.22 27.45
N PHE A 203 -4.14 -2.80 27.35
CA PHE A 203 -5.36 -2.12 27.76
C PHE A 203 -6.19 -3.07 28.62
N GLN A 204 -6.68 -2.57 29.75
CA GLN A 204 -7.55 -3.34 30.63
C GLN A 204 -8.92 -2.66 30.62
N PRO A 205 -9.94 -3.28 30.00
CA PRO A 205 -11.26 -2.65 29.93
C PRO A 205 -12.17 -2.96 31.10
N PHE A 206 -11.82 -3.91 31.95
CA PHE A 206 -12.73 -4.39 32.98
C PHE A 206 -12.72 -3.55 34.25
N LEU A 207 -11.74 -2.68 34.43
CA LEU A 207 -11.66 -1.86 35.62
C LEU A 207 -11.66 -0.38 35.25
N THR A 208 -12.23 0.42 36.13
CA THR A 208 -12.24 1.87 35.98
C THR A 208 -12.37 2.48 37.37
N TYR A 209 -12.00 3.75 37.48
CA TYR A 209 -12.03 4.45 38.74
C TYR A 209 -13.03 5.59 38.67
N LYS A 210 -13.29 6.21 39.83
CA LYS A 210 -14.25 7.28 39.95
C LYS A 210 -13.53 8.57 40.33
N TYR A 211 -13.74 9.62 39.54
CA TYR A 211 -13.21 10.94 39.81
C TYR A 211 -14.36 11.88 40.11
N ASP A 212 -14.26 12.60 41.23
CA ASP A 212 -15.30 13.52 41.67
C ASP A 212 -16.64 12.80 41.78
N GLU A 213 -17.50 12.98 40.76
CA GLU A 213 -18.83 12.37 40.75
C GLU A 213 -19.13 11.71 39.42
N PHE A 214 -18.13 11.09 38.79
CA PHE A 214 -18.33 10.41 37.52
C PHE A 214 -17.28 9.32 37.37
N TYR A 215 -17.58 8.36 36.51
CA TYR A 215 -16.68 7.27 36.21
C TYR A 215 -15.97 7.52 34.89
N ILE A 216 -14.75 7.00 34.78
CA ILE A 216 -13.94 7.22 33.60
C ILE A 216 -14.34 6.21 32.52
N ASP A 217 -14.75 6.72 31.38
CA ASP A 217 -15.12 5.84 30.27
C ASP A 217 -13.86 5.20 29.69
N PRO A 218 -13.80 3.87 29.60
CA PRO A 218 -12.61 3.23 29.00
C PRO A 218 -12.41 3.60 27.55
N ALA A 219 -13.44 4.08 26.86
CA ALA A 219 -13.28 4.52 25.48
C ALA A 219 -12.29 5.66 25.37
N ILE A 220 -12.30 6.58 26.34
CA ILE A 220 -11.37 7.70 26.30
C ILE A 220 -9.94 7.20 26.53
N GLU A 221 -9.76 6.20 27.38
CA GLU A 221 -8.42 5.65 27.59
C GLU A 221 -7.91 4.95 26.34
N LEU A 222 -8.77 4.16 25.69
CA LEU A 222 -8.38 3.53 24.44
C LEU A 222 -8.08 4.55 23.36
N ILE A 223 -8.85 5.64 23.32
CA ILE A 223 -8.61 6.70 22.36
C ILE A 223 -7.26 7.37 22.63
N LYS A 224 -6.93 7.59 23.90
CA LYS A 224 -5.63 8.16 24.23
C LYS A 224 -4.50 7.24 23.81
N CYS A 225 -4.67 5.93 24.02
CA CYS A 225 -3.64 4.98 23.57
C CYS A 225 -3.50 4.99 22.06
N LEU A 226 -4.62 5.09 21.33
CA LEU A 226 -4.55 5.16 19.88
C LEU A 226 -3.87 6.44 19.40
N ILE A 227 -4.17 7.57 20.05
CA ILE A 227 -3.51 8.83 19.69
C ILE A 227 -2.01 8.74 19.93
N LYS A 228 -1.62 8.15 21.06
CA LYS A 228 -0.20 7.96 21.32
C LYS A 228 0.44 7.06 20.28
N SER A 229 -0.27 6.01 19.87
CA SER A 229 0.24 5.11 18.84
C SER A 229 0.38 5.79 17.49
N LEU A 230 -0.45 6.80 17.23
CA LEU A 230 -0.34 7.54 15.98
C LEU A 230 1.03 8.18 15.82
N TYR A 231 1.69 8.54 16.92
CA TYR A 231 3.05 9.06 16.84
C TYR A 231 4.00 8.00 16.32
N PHE A 232 3.92 6.78 16.86
CA PHE A 232 4.79 5.70 16.42
C PHE A 232 4.51 5.32 14.97
N LEU A 233 3.24 5.31 14.57
CA LEU A 233 2.90 4.96 13.20
C LEU A 233 3.47 5.97 12.20
N TYR A 234 3.71 7.21 12.65
CA TYR A 234 4.26 8.24 11.79
C TYR A 234 5.75 8.45 11.99
N GLY A 235 6.36 7.77 12.96
CA GLY A 235 7.78 7.94 13.21
C GLY A 235 8.15 9.34 13.65
N ILE A 236 7.36 9.92 14.54
CA ILE A 236 7.62 11.27 15.04
C ILE A 236 7.77 11.23 16.55
N LYS A 237 8.16 10.09 17.08
CA LYS A 237 8.35 9.95 18.51
C LYS A 237 9.57 10.75 18.94
N PRO A 238 9.45 11.68 19.90
CA PRO A 238 10.62 12.42 20.36
C PRO A 238 11.53 11.54 21.22
N SER A 239 12.74 12.03 21.42
CA SER A 239 13.69 11.34 22.27
C SER A 239 13.18 11.31 23.71
N ASP A 240 13.67 10.33 24.47
CA ASP A 240 13.21 10.13 25.84
C ASP A 240 13.68 11.24 26.78
N ASP A 241 14.59 12.12 26.35
CA ASP A 241 15.09 13.19 27.18
C ASP A 241 14.45 14.54 26.85
N LEU A 242 13.26 14.52 26.26
CA LEU A 242 12.52 15.74 25.94
C LEU A 242 11.47 16.04 27.01
N VAL A 243 11.81 15.80 28.28
CA VAL A 243 10.86 16.00 29.35
C VAL A 243 10.68 17.49 29.63
N ILE A 244 9.44 17.89 29.82
CA ILE A 244 9.09 19.26 30.22
C ILE A 244 8.70 19.22 31.70
N PRO A 245 8.91 20.30 32.45
CA PRO A 245 8.51 20.29 33.86
C PRO A 245 7.01 20.16 34.00
N TYR A 246 6.58 19.37 34.98
CA TYR A 246 5.18 19.04 35.15
C TYR A 246 4.62 19.44 36.51
N ARG A 247 5.40 19.28 37.58
CA ARG A 247 4.89 19.56 38.92
C ARG A 247 6.05 19.78 39.86
N LEU A 248 5.96 20.80 40.69
CA LEU A 248 6.89 21.01 41.78
C LEU A 248 6.47 20.15 42.96
N ARG A 249 7.29 19.18 43.33
CA ARG A 249 6.95 18.26 44.40
C ARG A 249 7.08 18.96 45.76
N SER A 250 6.04 19.70 46.14
CA SER A 250 6.07 20.42 47.41
C SER A 250 6.04 19.49 48.61
N GLU A 251 5.61 18.25 48.43
CA GLU A 251 5.61 17.29 49.54
C GLU A 251 7.02 16.98 50.00
N LEU A 252 8.01 17.14 49.13
CA LEU A 252 9.40 16.84 49.46
C LEU A 252 9.99 17.97 50.29
N GLU A 253 11.26 17.78 50.68
CA GLU A 253 12.01 18.82 51.38
C GLU A 253 13.12 19.42 50.54
N ASN A 254 13.61 18.70 49.52
CA ASN A 254 14.58 19.21 48.59
C ASN A 254 13.87 19.61 47.30
N ILE A 255 14.34 20.69 46.67
CA ILE A 255 13.69 21.22 45.48
C ILE A 255 13.88 20.24 44.33
N GLU A 256 12.80 19.52 44.00
CA GLU A 256 12.81 18.58 42.88
C GLU A 256 11.57 18.81 42.04
N TYR A 257 11.71 18.61 40.73
CA TYR A 257 10.63 18.86 39.79
C TYR A 257 10.32 17.57 39.03
N SER A 258 9.05 17.19 39.03
CA SER A 258 8.61 16.09 38.19
C SER A 258 8.67 16.48 36.72
N GLN A 259 8.95 15.51 35.86
CA GLN A 259 9.11 15.74 34.44
C GLN A 259 8.15 14.85 33.67
N LEU A 260 7.77 15.30 32.47
CA LEU A 260 6.82 14.57 31.65
C LEU A 260 7.25 14.61 30.20
N ASN A 261 7.17 13.46 29.52
CA ASN A 261 7.48 13.43 28.11
C ASN A 261 6.47 14.26 27.33
N ILE A 262 6.92 14.82 26.20
CA ILE A 262 6.09 15.77 25.47
C ILE A 262 4.89 15.06 24.84
N VAL A 263 5.03 13.79 24.47
CA VAL A 263 3.90 13.05 23.89
C VAL A 263 2.78 12.91 24.91
N ASP A 264 3.14 12.59 26.15
CA ASP A 264 2.12 12.46 27.20
C ASP A 264 1.38 13.78 27.40
N LEU A 265 2.10 14.90 27.42
CA LEU A 265 1.45 16.19 27.57
C LEU A 265 0.55 16.50 26.38
N LEU A 266 1.03 16.21 25.16
CA LEU A 266 0.24 16.56 23.98
C LEU A 266 -1.03 15.73 23.87
N VAL A 267 -0.96 14.44 24.18
CA VAL A 267 -2.12 13.57 23.97
C VAL A 267 -3.01 13.44 25.20
N SER A 268 -2.52 13.76 26.39
CA SER A 268 -3.33 13.60 27.59
C SER A 268 -4.53 14.54 27.59
N GLY A 269 -4.34 15.77 27.09
CA GLY A 269 -5.42 16.74 27.06
C GLY A 269 -5.68 17.37 28.42
N GLY A 270 -6.19 18.59 28.42
CA GLY A 270 -6.48 19.28 29.65
C GLY A 270 -5.90 20.68 29.62
N ILE A 271 -5.73 21.26 30.81
CA ILE A 271 -5.19 22.61 30.93
C ILE A 271 -3.67 22.60 30.86
N ASP A 272 -3.04 21.51 31.29
CA ASP A 272 -1.58 21.42 31.23
C ASP A 272 -1.02 21.56 29.82
N PRO A 273 -1.54 20.87 28.80
CA PRO A 273 -1.02 21.10 27.45
C PRO A 273 -1.26 22.51 26.93
N LYS A 274 -2.31 23.20 27.39
CA LYS A 274 -2.58 24.55 26.94
C LYS A 274 -1.78 25.60 27.70
N PHE A 275 -1.16 25.24 28.82
CA PHE A 275 -0.20 26.12 29.45
C PHE A 275 1.19 26.03 28.83
N ILE A 276 1.45 25.04 27.97
CA ILE A 276 2.72 24.89 27.29
C ILE A 276 2.64 25.35 25.85
N ASN A 277 1.61 24.92 25.12
CA ASN A 277 1.40 25.35 23.74
C ASN A 277 0.71 26.71 23.78
N THR A 278 1.50 27.77 23.58
CA THR A 278 1.03 29.14 23.66
C THR A 278 1.10 29.80 22.29
N ASP A 279 0.49 30.99 22.19
CA ASP A 279 0.33 31.66 20.90
C ASP A 279 1.71 32.01 20.32
N PRO A 280 2.61 32.66 21.07
CA PRO A 280 4.04 32.50 20.77
C PRO A 280 4.63 31.38 21.60
N TYR A 281 5.66 30.74 21.06
CA TYR A 281 6.23 29.54 21.65
C TYR A 281 7.27 29.93 22.70
N TRP A 282 6.85 29.99 23.97
CA TRP A 282 7.83 30.21 25.03
C TRP A 282 8.75 29.00 25.18
N PHE A 283 8.24 27.80 24.94
CA PHE A 283 9.04 26.59 24.94
C PHE A 283 9.14 26.09 23.50
N THR A 284 10.37 25.97 23.01
CA THR A 284 10.64 25.45 21.68
C THR A 284 11.79 24.47 21.74
N ASP A 285 11.80 23.51 20.82
CA ASP A 285 12.88 22.54 20.74
C ASP A 285 13.11 22.19 19.27
N ASN A 286 14.30 21.69 18.99
CA ASN A 286 14.64 21.26 17.63
C ASN A 286 13.84 20.05 17.20
N TYR A 287 13.17 19.37 18.12
CA TYR A 287 12.40 18.18 17.78
C TYR A 287 11.29 18.50 16.79
N PHE A 288 10.56 19.59 17.02
CA PHE A 288 9.45 19.93 16.13
C PHE A 288 9.93 20.23 14.72
N SER A 289 10.99 21.04 14.61
CA SER A 289 11.53 21.37 13.29
C SER A 289 12.07 20.12 12.59
N ASN A 290 12.80 19.27 13.33
CA ASN A 290 13.34 18.06 12.73
C ASN A 290 12.24 17.12 12.27
N ALA A 291 11.19 16.95 13.09
CA ALA A 291 10.09 16.09 12.71
C ALA A 291 9.35 16.62 11.50
N LYS A 292 9.13 17.94 11.45
CA LYS A 292 8.48 18.53 10.28
C LYS A 292 9.32 18.33 9.03
N LYS A 293 10.65 18.52 9.15
CA LYS A 293 11.51 18.32 7.99
C LYS A 293 11.49 16.88 7.51
N VAL A 294 11.54 15.92 8.44
CA VAL A 294 11.52 14.51 8.06
C VAL A 294 10.18 14.15 7.42
N PHE A 295 9.08 14.63 8.00
CA PHE A 295 7.76 14.36 7.45
C PHE A 295 7.62 14.93 6.05
N GLU A 296 8.10 16.16 5.84
CA GLU A 296 8.05 16.75 4.50
C GLU A 296 8.93 15.98 3.52
N ASP A 297 10.08 15.50 3.98
CA ASP A 297 10.95 14.70 3.11
C ASP A 297 10.27 13.42 2.69
N HIS A 298 9.59 12.75 3.63
CA HIS A 298 8.91 11.50 3.28
C HIS A 298 7.71 11.77 2.38
N ARG A 299 6.99 12.87 2.61
CA ARG A 299 5.90 13.23 1.72
C ARG A 299 6.41 13.49 0.31
N ASN A 300 7.54 14.18 0.19
CA ASN A 300 8.13 14.41 -1.13
C ASN A 300 8.57 13.10 -1.77
N ILE A 301 9.13 12.19 -0.96
CA ILE A 301 9.54 10.88 -1.49
C ILE A 301 8.33 10.14 -2.05
N TYR A 302 7.21 10.16 -1.32
CA TYR A 302 6.01 9.52 -1.83
C TYR A 302 5.51 10.19 -3.10
N GLU A 303 5.42 11.52 -3.09
CA GLU A 303 4.80 12.23 -4.20
C GLU A 303 5.64 12.14 -5.47
N THR A 304 6.96 12.10 -5.35
CA THR A 304 7.82 12.09 -6.52
C THR A 304 8.16 10.68 -7.00
N GLN A 305 8.21 9.70 -6.09
CA GLN A 305 8.67 8.36 -6.43
C GLN A 305 7.57 7.32 -6.34
N ILE A 306 6.93 7.17 -5.17
CA ILE A 306 5.92 6.13 -5.01
C ILE A 306 4.68 6.45 -5.84
N GLU A 307 4.20 7.68 -5.74
CA GLU A 307 3.02 8.11 -6.50
C GLU A 307 3.43 8.25 -7.97
N GLY A 308 3.07 7.26 -8.77
CA GLY A 308 3.49 7.23 -10.16
C GLY A 308 4.05 5.88 -10.53
N ASN A 309 4.57 5.16 -9.54
CA ASN A 309 5.06 3.80 -9.76
C ASN A 309 3.89 2.89 -10.10
N ASN A 310 3.96 2.22 -11.24
CA ASN A 310 2.87 1.34 -11.69
C ASN A 310 3.08 -0.10 -11.28
N ALA A 311 4.14 -0.41 -10.53
CA ALA A 311 4.41 -1.77 -10.07
C ALA A 311 4.21 -1.94 -8.58
N ILE A 312 3.40 -1.08 -7.97
CA ILE A 312 3.08 -1.16 -6.55
C ILE A 312 1.56 -1.20 -6.41
N GLY A 313 1.06 -2.13 -5.60
CA GLY A 313 -0.37 -2.29 -5.46
C GLY A 313 -1.02 -1.11 -4.77
N ASN A 314 -2.32 -0.95 -5.01
CA ASN A 314 -3.06 0.15 -4.41
C ASN A 314 -3.20 0.00 -2.90
N ASP A 315 -3.06 -1.22 -2.38
CA ASP A 315 -3.22 -1.44 -0.94
C ASP A 315 -2.22 -0.63 -0.13
N ILE A 316 -1.02 -0.42 -0.66
CA ILE A 316 -0.01 0.39 -0.01
C ILE A 316 0.00 1.82 -0.55
N LYS A 317 -0.16 1.97 -1.87
CA LYS A 317 -0.10 3.30 -2.49
C LYS A 317 -1.22 4.20 -1.97
N LEU A 318 -2.46 3.72 -2.00
CA LEU A 318 -3.58 4.54 -1.54
C LEU A 318 -3.52 4.83 -0.05
N ARG A 319 -3.08 3.85 0.74
CA ARG A 319 -2.97 4.09 2.19
C ARG A 319 -1.88 5.11 2.50
N LEU A 320 -0.81 5.13 1.70
CA LEU A 320 0.22 6.13 1.90
C LEU A 320 -0.27 7.50 1.42
N LYS A 321 -1.12 7.52 0.39
CA LYS A 321 -1.68 8.79 -0.07
C LYS A 321 -2.50 9.46 1.02
N GLN A 322 -3.35 8.68 1.69
CA GLN A 322 -4.16 9.24 2.78
C GLN A 322 -3.34 9.50 4.03
N LYS A 323 -2.23 8.78 4.22
CA LYS A 323 -1.39 9.02 5.39
C LYS A 323 -0.74 10.39 5.34
N PHE A 324 -0.30 10.82 4.17
CA PHE A 324 0.39 12.09 4.02
C PHE A 324 -0.55 13.24 3.65
N ARG A 325 -1.83 12.97 3.42
CA ARG A 325 -2.80 14.04 3.25
C ARG A 325 -3.05 14.78 4.55
N ILE A 326 -2.58 14.26 5.69
CA ILE A 326 -2.71 14.90 6.98
C ILE A 326 -1.39 15.58 7.31
N ASN A 327 -1.46 16.87 7.63
CA ASN A 327 -0.25 17.59 8.01
C ASN A 327 0.21 17.18 9.40
N ILE A 328 1.53 17.24 9.61
CA ILE A 328 2.09 16.81 10.90
C ILE A 328 1.58 17.69 12.03
N ASN A 329 1.27 18.96 11.75
CA ASN A 329 0.73 19.83 12.77
C ASN A 329 -0.65 19.37 13.25
N ASP A 330 -1.36 18.59 12.45
CA ASP A 330 -2.66 18.08 12.87
C ASP A 330 -2.51 17.01 13.95
N ILE A 331 -1.47 16.18 13.85
CA ILE A 331 -1.26 15.13 14.84
C ILE A 331 -0.87 15.72 16.19
N TRP A 332 -0.07 16.79 16.17
CA TRP A 332 0.33 17.43 17.41
C TRP A 332 -0.87 18.07 18.12
N GLU A 333 -1.83 18.60 17.36
CA GLU A 333 -3.00 19.24 17.92
C GLU A 333 -4.11 18.26 18.26
N LEU A 334 -3.90 16.96 18.02
CA LEU A 334 -4.90 15.94 18.32
C LEU A 334 -4.71 15.48 19.75
N ASN A 335 -5.63 15.88 20.64
CA ASN A 335 -5.55 15.54 22.04
C ASN A 335 -6.90 14.98 22.50
N LEU A 336 -6.93 14.57 23.78
CA LEU A 336 -8.18 14.07 24.35
C LEU A 336 -9.22 15.16 24.54
N ASN A 337 -8.80 16.43 24.56
CA ASN A 337 -9.75 17.52 24.71
C ASN A 337 -10.69 17.63 23.53
N TYR A 338 -10.31 17.08 22.37
CA TYR A 338 -11.18 17.11 21.21
C TYR A 338 -12.22 16.00 21.26
N PHE A 339 -11.79 14.78 21.61
CA PHE A 339 -12.73 13.67 21.66
C PHE A 339 -13.64 13.75 22.88
N SER A 340 -13.17 14.34 23.98
CA SER A 340 -14.03 14.51 25.13
C SER A 340 -15.19 15.46 24.82
N LYS A 341 -14.92 16.52 24.04
CA LYS A 341 -15.97 17.41 23.61
C LYS A 341 -16.84 16.79 22.53
N GLU A 342 -16.25 15.99 21.63
CA GLU A 342 -17.02 15.35 20.57
C GLU A 342 -17.75 14.10 21.03
N PHE A 343 -17.49 13.61 22.24
CA PHE A 343 -18.19 12.45 22.79
C PHE A 343 -18.99 12.76 24.03
N SER A 344 -18.87 13.96 24.60
CA SER A 344 -19.48 14.31 25.88
C SER A 344 -19.05 13.34 26.98
N ILE A 345 -17.74 13.18 27.11
CA ILE A 345 -17.13 12.31 28.12
C ILE A 345 -16.39 13.20 29.10
N MET A 346 -16.71 13.05 30.38
CA MET A 346 -16.06 13.81 31.44
C MET A 346 -14.88 13.03 31.99
N MET A 347 -13.73 13.69 32.09
CA MET A 347 -12.49 13.05 32.48
C MET A 347 -11.67 14.03 33.30
N PRO A 348 -10.73 13.55 34.11
CA PRO A 348 -9.83 14.47 34.82
C PRO A 348 -9.04 15.32 33.84
N ASP A 349 -8.82 16.58 34.22
CA ASP A 349 -8.25 17.56 33.30
C ASP A 349 -6.98 18.21 33.80
N ARG A 350 -6.84 18.43 35.11
CA ARG A 350 -5.68 19.11 35.67
C ARG A 350 -4.75 18.09 36.30
N PHE A 351 -3.49 18.09 35.85
CA PHE A 351 -2.47 17.18 36.36
C PHE A 351 -2.93 15.72 36.27
N ASN A 352 -3.54 15.38 35.13
CA ASN A 352 -4.16 14.07 34.97
C ASN A 352 -3.16 12.93 34.83
N ASN A 353 -1.88 13.24 34.61
CA ASN A 353 -0.85 12.23 34.54
C ASN A 353 -0.08 12.07 35.84
N ALA A 354 -0.56 12.70 36.92
CA ALA A 354 0.09 12.62 38.22
C ALA A 354 -0.93 12.38 39.34
N LEU A 355 -2.10 11.84 39.00
CA LEU A 355 -3.16 11.70 39.99
C LEU A 355 -2.81 10.71 41.09
N LYS A 356 -1.77 9.89 40.89
CA LYS A 356 -1.36 8.95 41.93
C LYS A 356 -0.94 9.68 43.20
N HIS A 357 -0.37 10.87 43.07
CA HIS A 357 0.05 11.63 44.23
C HIS A 357 -1.13 12.28 44.94
N PHE A 358 -2.20 12.61 44.22
CA PHE A 358 -3.28 13.42 44.78
C PHE A 358 -4.24 12.58 45.60
N TYR A 359 -4.85 11.56 45.00
CA TYR A 359 -5.81 10.71 45.70
C TYR A 359 -5.57 9.26 45.33
N ARG A 360 -5.97 8.37 46.24
CA ARG A 360 -5.84 6.94 46.04
C ARG A 360 -7.07 6.41 45.31
N LYS A 361 -6.85 5.59 44.29
CA LYS A 361 -7.93 5.12 43.45
C LYS A 361 -8.75 4.03 44.14
N GLN A 362 -9.95 3.82 43.62
CA GLN A 362 -10.82 2.72 44.02
C GLN A 362 -11.52 2.21 42.77
N TYR A 363 -11.15 1.02 42.32
CA TYR A 363 -11.52 0.53 41.01
C TYR A 363 -12.86 -0.19 41.04
N TYR A 364 -13.54 -0.20 39.90
CA TYR A 364 -14.87 -0.78 39.76
C TYR A 364 -14.87 -1.78 38.61
N LYS A 365 -15.52 -2.91 38.81
CA LYS A 365 -15.59 -3.95 37.80
C LYS A 365 -16.64 -3.59 36.75
N ILE A 366 -16.31 -3.79 35.48
CA ILE A 366 -17.21 -3.48 34.38
C ILE A 366 -17.34 -4.72 33.51
N ASP A 367 -18.56 -5.27 33.43
CA ASP A 367 -18.89 -6.33 32.49
C ASP A 367 -19.51 -5.70 31.26
N TYR A 368 -19.32 -6.35 30.10
CA TYR A 368 -19.67 -5.58 28.91
C TYR A 368 -20.73 -6.21 28.01
N PRO A 369 -21.79 -6.85 28.54
CA PRO A 369 -23.08 -6.77 27.84
C PRO A 369 -24.03 -5.80 28.51
N GLU A 370 -23.73 -5.41 29.74
CA GLU A 370 -24.68 -4.74 30.61
C GLU A 370 -24.22 -3.38 31.10
N ASN A 371 -22.99 -3.28 31.64
CA ASN A 371 -22.50 -2.04 32.19
C ASN A 371 -21.97 -1.08 31.14
N TYR A 372 -21.68 -1.57 29.94
CA TYR A 372 -21.15 -0.73 28.87
C TYR A 372 -21.62 -1.29 27.54
N SER A 373 -21.94 -0.40 26.62
CA SER A 373 -22.52 -0.80 25.34
C SER A 373 -22.00 0.13 24.25
N ILE A 374 -22.55 -0.04 23.05
CA ILE A 374 -22.13 0.77 21.90
C ILE A 374 -22.41 2.24 22.16
N ASN A 375 -23.40 2.55 22.98
CA ASN A 375 -23.71 3.92 23.36
C ASN A 375 -22.92 4.38 24.58
N GLY A 376 -22.02 3.55 25.09
CA GLY A 376 -21.22 3.91 26.24
C GLY A 376 -21.76 3.37 27.53
N PHE A 377 -21.52 4.08 28.63
CA PHE A 377 -22.05 3.67 29.93
C PHE A 377 -23.57 3.62 29.88
N VAL A 378 -24.14 2.53 30.37
CA VAL A 378 -25.58 2.41 30.47
C VAL A 378 -26.09 3.33 31.57
N ASN A 379 -27.11 4.13 31.26
CA ASN A 379 -27.68 5.12 32.17
C ASN A 379 -26.70 6.24 32.50
N GLY A 380 -25.76 6.50 31.61
CA GLY A 380 -24.87 7.64 31.73
C GLY A 380 -23.67 7.35 32.62
N GLN A 381 -22.70 8.26 32.54
CA GLN A 381 -21.50 8.15 33.37
C GLN A 381 -21.82 8.30 34.85
N ILE A 382 -22.67 9.28 35.19
CA ILE A 382 -22.89 9.62 36.59
C ILE A 382 -23.70 8.52 37.29
N ASN A 383 -24.76 8.05 36.65
CA ASN A 383 -25.76 7.22 37.31
C ASN A 383 -25.62 5.74 37.00
N VAL A 384 -24.55 5.32 36.32
CA VAL A 384 -24.37 3.90 36.03
C VAL A 384 -24.10 3.16 37.35
N GLN A 385 -24.76 2.01 37.51
CA GLN A 385 -24.63 1.22 38.72
C GLN A 385 -23.45 0.26 38.55
N LEU A 386 -22.40 0.47 39.34
CA LEU A 386 -21.21 -0.36 39.29
C LEU A 386 -20.88 -0.88 40.69
N SER A 387 -20.16 -1.99 40.73
CA SER A 387 -19.77 -2.63 41.97
C SER A 387 -18.27 -2.54 42.15
N LEU A 388 -17.83 -2.17 43.35
CA LEU A 388 -16.41 -2.08 43.63
C LEU A 388 -15.75 -3.44 43.47
N SER A 389 -14.60 -3.45 42.80
CA SER A 389 -13.91 -4.70 42.54
C SER A 389 -13.32 -5.28 43.81
N ASP A 390 -13.07 -6.58 43.79
CA ASP A 390 -12.45 -7.27 44.91
C ASP A 390 -10.94 -7.09 44.94
N ARG A 391 -10.35 -6.49 43.90
CA ARG A 391 -8.92 -6.28 43.84
C ARG A 391 -8.48 -5.01 44.58
N ASN A 392 -9.41 -4.24 45.12
CA ASN A 392 -9.06 -3.04 45.87
C ASN A 392 -8.23 -3.36 47.11
N GLN A 393 -8.31 -4.59 47.61
CA GLN A 393 -7.47 -5.01 48.72
C GLN A 393 -6.10 -5.51 48.26
N ASP A 394 -5.89 -5.65 46.95
CA ASP A 394 -4.64 -6.12 46.40
C ASP A 394 -3.76 -5.00 45.85
N ILE A 395 -4.10 -3.75 46.15
CA ILE A 395 -3.34 -2.60 45.65
C ILE A 395 -2.03 -2.49 46.42
N ILE A 396 -0.95 -2.25 45.68
CA ILE A 396 0.37 -2.07 46.30
C ILE A 396 0.53 -0.62 46.70
N ASN A 397 0.84 -0.39 47.97
CA ASN A 397 0.98 0.96 48.53
C ASN A 397 2.44 1.16 48.92
N LYS A 398 3.24 1.64 47.96
CA LYS A 398 4.63 1.99 48.21
C LYS A 398 4.72 3.51 48.29
N PRO A 399 4.85 4.09 49.47
CA PRO A 399 4.81 5.55 49.58
C PRO A 399 6.11 6.21 49.13
N GLU A 400 6.14 7.53 49.15
CA GLU A 400 7.35 8.29 48.90
C GLU A 400 7.80 9.08 50.11
N GLU A 401 6.98 9.19 51.15
CA GLU A 401 7.35 9.89 52.37
C GLU A 401 6.42 9.44 53.47
N ILE A 402 6.96 8.75 54.48
CA ILE A 402 6.18 8.23 55.59
C ILE A 402 6.29 9.25 56.72
N ILE A 403 5.38 10.22 56.74
CA ILE A 403 5.38 11.24 57.78
C ILE A 403 5.02 10.60 59.11
N ASN A 404 5.83 10.87 60.13
CA ASN A 404 5.66 10.28 61.46
C ASN A 404 5.59 11.41 62.48
N LEU A 405 4.39 11.83 62.84
CA LEU A 405 4.23 12.85 63.86
C LEU A 405 4.69 12.32 65.21
N LEU A 406 5.38 13.17 65.96
CA LEU A 406 5.93 12.80 67.26
C LEU A 406 5.33 13.67 68.35
N ASN A 407 5.10 13.07 69.51
CA ASN A 407 4.50 13.77 70.63
C ASN A 407 5.41 14.88 71.17
N ASN A 409 7.72 12.80 74.91
CA ASN A 409 7.53 13.62 73.72
C ASN A 409 8.41 13.12 72.58
N ASN A 410 8.52 11.80 72.45
CA ASN A 410 9.30 11.19 71.38
C ASN A 410 8.59 10.06 70.65
N VAL A 411 7.51 9.51 71.19
CA VAL A 411 6.83 8.40 70.55
C VAL A 411 6.12 8.88 69.28
N SER A 412 5.92 7.94 68.35
CA SER A 412 5.26 8.23 67.09
C SER A 412 3.76 8.30 67.31
N LEU A 413 3.18 9.49 67.19
CA LEU A 413 1.74 9.65 67.35
C LEU A 413 0.99 8.96 66.22
N MET A 414 1.37 9.25 64.98
CA MET A 414 0.77 8.63 63.81
C MET A 414 1.84 8.39 62.76
N ARG A 415 1.45 7.67 61.72
CA ARG A 415 2.23 7.54 60.50
C ARG A 415 1.31 7.75 59.31
N SER A 416 1.88 8.22 58.21
CA SER A 416 1.10 8.53 57.03
C SER A 416 1.91 8.18 55.79
N ASN A 417 1.28 8.31 54.63
CA ASN A 417 1.93 8.01 53.36
C ASN A 417 1.72 9.16 52.39
N ILE A 418 2.78 9.54 51.70
CA ILE A 418 2.68 10.48 50.58
C ILE A 418 3.06 9.71 49.32
N TYR A 419 2.07 9.16 48.63
CA TYR A 419 2.34 8.38 47.44
C TYR A 419 2.84 9.28 46.32
N GLY A 420 3.70 8.73 45.48
CA GLY A 420 4.32 9.51 44.43
C GLY A 420 3.60 9.42 43.11
N ASP A 421 3.84 10.41 42.27
CA ASP A 421 3.21 10.48 40.95
C ASP A 421 3.77 9.46 39.98
N GLY A 422 4.85 8.77 40.34
CA GLY A 422 5.47 7.83 39.42
C GLY A 422 6.03 8.46 38.16
N LEU A 423 6.57 9.67 38.27
CA LEU A 423 7.09 10.42 37.14
C LEU A 423 8.59 10.64 37.30
N LYS A 424 9.28 10.74 36.17
CA LYS A 424 10.71 11.01 36.19
C LYS A 424 11.05 12.31 36.90
N SER A 425 12.01 12.24 37.81
CA SER A 425 12.41 13.40 38.59
C SER A 425 13.61 14.15 38.03
N THR A 426 13.82 15.36 38.54
CA THR A 426 14.95 16.18 38.12
C THR A 426 15.25 17.19 39.22
N VAL A 427 16.39 17.03 39.88
CA VAL A 427 16.76 17.96 40.95
C VAL A 427 17.13 19.33 40.37
N ASP A 428 17.83 19.34 39.23
CA ASP A 428 18.22 20.59 38.60
C ASP A 428 16.99 21.40 38.19
N ASP A 429 17.02 22.70 38.47
CA ASP A 429 15.88 23.56 38.16
C ASP A 429 15.82 23.80 36.65
N PHE A 430 14.74 23.34 36.02
CA PHE A 430 14.57 23.56 34.59
C PHE A 430 14.27 25.02 34.27
N TYR A 431 13.57 25.70 35.16
CA TYR A 431 13.10 27.06 34.88
C TYR A 431 14.20 28.10 34.97
N SER A 432 15.30 27.80 35.65
CA SER A 432 16.42 28.73 35.76
C SER A 432 17.55 28.41 34.78
N ASN A 433 17.36 27.43 33.90
CA ASN A 433 18.38 27.05 32.94
C ASN A 433 17.87 27.04 31.51
N TYR A 434 16.68 27.56 31.26
CA TYR A 434 16.10 27.58 29.92
C TYR A 434 16.21 28.99 29.35
N LYS A 435 16.86 29.10 28.19
CA LYS A 435 17.03 30.37 27.52
C LYS A 435 15.91 30.54 26.49
N ILE A 436 15.09 31.56 26.68
CA ILE A 436 13.98 31.82 25.76
C ILE A 436 14.53 32.21 24.39
N PRO A 437 14.10 31.56 23.31
CA PRO A 437 14.64 31.90 21.99
C PRO A 437 14.09 33.22 21.49
N TYR A 438 14.97 34.02 20.87
CA TYR A 438 14.55 35.29 20.29
C TYR A 438 13.93 35.09 18.92
N ASN A 439 14.69 34.52 17.99
CA ASN A 439 14.19 34.26 16.64
C ASN A 439 13.31 33.02 16.67
N ARG A 440 12.06 33.17 16.25
CA ARG A 440 11.11 32.05 16.25
C ARG A 440 11.45 31.05 15.16
N GLU A 443 6.14 27.60 12.79
CA GLU A 443 5.22 27.02 13.76
C GLU A 443 5.76 25.71 14.31
N TYR A 444 6.79 25.79 15.15
CA TYR A 444 7.42 24.60 15.70
C TYR A 444 6.71 24.12 16.96
N HIS A 445 5.38 23.98 16.89
CA HIS A 445 4.60 23.42 17.98
C HIS A 445 3.18 23.13 17.48
N PHE A 446 2.26 22.81 18.41
CA PHE A 446 0.87 22.52 18.05
C PHE A 446 0.18 23.78 17.52
N ASN A 447 0.08 24.81 18.37
CA ASN A 447 -0.60 26.06 18.02
C ASN A 447 -2.01 25.83 17.49
N ASN A 448 -2.88 25.27 18.33
CA ASN A 448 -4.27 25.05 17.94
C ASN A 448 -5.16 24.91 19.17
N ASN A 450 -7.72 24.09 16.78
CA ASN A 450 -8.33 22.94 17.41
C ASN A 450 -9.61 22.54 16.71
N ASP A 451 -10.09 21.33 17.00
CA ASP A 451 -11.31 20.77 16.42
C ASP A 451 -11.25 20.70 14.89
N SER A 452 -10.05 20.71 14.32
CA SER A 452 -9.90 20.65 12.87
C SER A 452 -8.74 19.75 12.47
N SER A 453 -8.39 18.77 13.30
CA SER A 453 -7.23 17.94 13.01
C SER A 453 -7.52 16.87 11.96
N LEU A 454 -8.79 16.46 11.82
CA LEU A 454 -9.14 15.30 11.01
C LEU A 454 -10.02 15.66 9.83
N ASP A 455 -9.94 16.89 9.34
CA ASP A 455 -10.74 17.27 8.17
C ASP A 455 -10.25 16.56 6.91
N ASN A 456 -8.93 16.40 6.77
CA ASN A 456 -8.37 15.76 5.59
C ASN A 456 -8.58 14.25 5.57
N VAL A 457 -9.07 13.66 6.65
CA VAL A 457 -9.32 12.23 6.71
C VAL A 457 -10.65 11.94 6.02
N ASN A 458 -10.60 11.15 4.97
CA ASN A 458 -11.79 10.79 4.19
C ASN A 458 -12.17 9.36 4.54
N ILE A 459 -13.29 9.20 5.24
CA ILE A 459 -13.70 7.89 5.70
C ILE A 459 -14.04 6.98 4.52
N GLY A 460 -14.79 7.50 3.55
CA GLY A 460 -15.18 6.67 2.42
C GLY A 460 -14.01 6.24 1.55
N VAL A 461 -13.11 7.19 1.25
CA VAL A 461 -11.96 6.87 0.40
C VAL A 461 -11.06 5.86 1.09
N ILE A 462 -10.82 6.03 2.40
CA ILE A 462 -10.02 5.08 3.14
C ILE A 462 -10.69 3.71 3.16
N ASP A 463 -12.01 3.69 3.40
CA ASP A 463 -12.74 2.43 3.46
C ASP A 463 -12.81 1.73 2.12
N ASN A 464 -12.63 2.44 1.02
CA ASN A 464 -12.65 1.85 -0.31
C ASN A 464 -11.30 1.29 -0.73
N ILE A 465 -10.29 1.37 0.12
CA ILE A 465 -8.95 0.86 -0.18
C ILE A 465 -8.95 -0.64 0.04
N PRO A 466 -8.58 -1.45 -0.95
CA PRO A 466 -8.52 -2.91 -0.73
C PRO A 466 -7.52 -3.27 0.36
N GLU A 467 -7.84 -4.31 1.11
CA GLU A 467 -6.99 -4.74 2.22
C GLU A 467 -5.68 -5.33 1.69
N ILE A 468 -4.65 -5.26 2.54
CA ILE A 468 -3.34 -5.79 2.19
C ILE A 468 -3.40 -7.30 2.31
N ILE A 469 -3.30 -8.00 1.18
CA ILE A 469 -3.40 -9.45 1.17
C ILE A 469 -2.03 -10.10 1.38
N ASP A 470 -1.05 -9.74 0.57
CA ASP A 470 0.30 -10.29 0.66
C ASP A 470 1.27 -9.21 1.08
N VAL A 471 2.16 -9.56 2.01
CA VAL A 471 3.11 -8.62 2.59
C VAL A 471 4.52 -9.07 2.25
N ASN A 472 5.32 -8.15 1.73
CA ASN A 472 6.74 -8.40 1.51
C ASN A 472 7.49 -7.98 2.76
N PRO A 473 7.88 -8.92 3.62
CA PRO A 473 8.34 -8.56 4.95
C PRO A 473 9.75 -7.98 4.96
N TYR A 474 10.03 -7.23 6.03
CA TYR A 474 11.35 -6.71 6.33
C TYR A 474 11.90 -7.50 7.52
N LYS A 475 13.03 -8.17 7.31
CA LYS A 475 13.50 -9.15 8.30
C LYS A 475 13.94 -8.50 9.61
N GLU A 476 14.17 -7.19 9.63
CA GLU A 476 14.65 -6.50 10.82
C GLU A 476 13.63 -5.49 11.32
N ASN A 477 12.36 -5.89 11.33
CA ASN A 477 11.28 -4.98 11.72
C ASN A 477 11.11 -4.88 13.24
N CYS A 478 11.69 -5.80 14.01
CA CYS A 478 11.62 -5.76 15.46
C CYS A 478 12.99 -6.03 16.03
N ASP A 479 13.25 -5.52 17.23
CA ASP A 479 14.55 -5.70 17.87
C ASP A 479 14.45 -6.55 19.13
N LYS A 480 13.70 -6.10 20.13
CA LYS A 480 13.57 -6.76 21.42
C LYS A 480 12.63 -5.93 22.28
N PHE A 481 12.18 -6.53 23.38
CA PHE A 481 11.43 -5.80 24.40
C PHE A 481 12.20 -5.84 25.72
N SER A 482 12.44 -4.66 26.28
CA SER A 482 13.15 -4.54 27.55
C SER A 482 12.21 -3.98 28.61
N PRO A 483 11.73 -4.80 29.54
CA PRO A 483 10.89 -4.27 30.62
C PRO A 483 11.64 -3.25 31.45
N VAL A 484 10.92 -2.23 31.90
CA VAL A 484 11.51 -1.12 32.65
C VAL A 484 11.26 -1.40 34.13
N GLN A 485 12.20 -2.09 34.76
CA GLN A 485 12.14 -2.32 36.19
C GLN A 485 12.63 -1.09 36.94
N LYS A 486 12.00 -0.80 38.07
CA LYS A 486 12.35 0.39 38.85
C LYS A 486 11.87 0.21 40.28
N ILE A 487 12.77 0.40 41.23
CA ILE A 487 12.42 0.34 42.65
C ILE A 487 11.91 1.70 43.10
N THR A 488 11.04 1.68 44.10
CA THR A 488 10.46 2.90 44.66
C THR A 488 11.08 3.16 46.03
N SER A 489 11.71 4.32 46.19
CA SER A 489 12.38 4.66 47.43
C SER A 489 11.35 5.25 48.41
N THR A 490 11.84 5.77 49.53
CA THR A 490 10.99 6.39 50.53
C THR A 490 11.81 7.38 51.33
N ARG A 491 11.16 8.11 52.21
CA ARG A 491 11.85 9.09 53.05
C ARG A 491 11.00 9.31 54.31
N GLU A 492 11.49 8.79 55.43
CA GLU A 492 10.75 8.87 56.70
C GLU A 492 10.97 10.26 57.30
N ILE A 493 10.22 11.22 56.80
CA ILE A 493 10.30 12.59 57.33
C ILE A 493 9.56 12.65 58.66
N ASN A 494 10.26 13.10 59.70
CA ASN A 494 9.73 13.14 61.05
C ASN A 494 9.45 14.59 61.42
N THR A 495 8.21 14.87 61.83
CA THR A 495 7.78 16.21 62.18
C THR A 495 7.15 16.22 63.57
N ASN A 496 6.96 17.43 64.10
CA ASN A 496 6.28 17.64 65.37
C ASN A 496 4.94 18.33 65.24
N ILE A 497 4.78 19.20 64.26
CA ILE A 497 3.48 19.81 63.94
C ILE A 497 2.81 18.95 62.88
N PRO A 498 1.58 18.49 63.09
CA PRO A 498 0.96 17.55 62.16
C PRO A 498 0.82 18.15 60.75
N TRP A 499 1.10 17.32 59.76
CA TRP A 499 0.88 17.69 58.38
C TRP A 499 -0.60 17.63 58.04
N PRO A 500 -1.02 18.27 56.94
CA PRO A 500 -2.42 18.16 56.53
C PRO A 500 -2.88 16.72 56.29
N ILE A 501 -2.00 15.84 55.81
CA ILE A 501 -2.42 14.46 55.58
C ILE A 501 -2.67 13.74 56.89
N ASN A 502 -1.99 14.13 57.97
CA ASN A 502 -2.34 13.58 59.28
C ASN A 502 -3.75 13.97 59.68
N TYR A 503 -4.13 15.21 59.42
CA TYR A 503 -5.50 15.64 59.67
C TYR A 503 -6.48 14.86 58.78
N LEU A 504 -6.10 14.62 57.53
CA LEU A 504 -6.98 13.90 56.61
C LEU A 504 -7.18 12.46 57.07
N GLN A 505 -6.12 11.80 57.51
CA GLN A 505 -6.21 10.42 57.95
C GLN A 505 -6.86 10.28 59.31
N ALA A 506 -6.80 11.32 60.15
CA ALA A 506 -7.44 11.24 61.46
C ALA A 506 -8.96 11.11 61.35
N GLN A 507 -9.54 11.57 60.24
CA GLN A 507 -10.98 11.49 60.08
C GLN A 507 -11.44 10.14 59.57
N ASN A 508 -10.58 9.41 58.87
CA ASN A 508 -10.94 8.07 58.41
C ASN A 508 -10.85 7.08 59.58
N THR A 509 -11.65 6.03 59.50
CA THR A 509 -11.70 5.02 60.55
C THR A 509 -12.31 3.75 60.01
N ASN A 510 -12.13 2.66 60.76
CA ASN A 510 -12.67 1.36 60.39
C ASN A 510 -13.62 0.77 61.43
N ASN A 511 -13.47 1.11 62.70
CA ASN A 511 -14.35 0.62 63.75
C ASN A 511 -15.61 1.47 63.79
N GLU A 512 -16.76 0.85 63.51
CA GLU A 512 -18.01 1.59 63.39
C GLU A 512 -18.62 1.91 64.76
N LYS A 513 -17.84 2.55 65.63
CA LYS A 513 -18.29 2.98 66.95
C LYS A 513 -17.88 4.42 67.20
N PHE A 514 -18.23 5.31 66.26
CA PHE A 514 -17.72 6.68 66.32
C PHE A 514 -18.11 7.44 67.58
N SER A 515 -17.19 8.26 68.06
CA SER A 515 -17.41 9.20 69.16
C SER A 515 -16.78 10.54 68.82
N LEU A 516 -17.03 11.00 67.58
CA LEU A 516 -16.30 12.11 66.99
C LEU A 516 -16.24 13.32 67.92
N SER A 517 -15.05 13.92 67.99
CA SER A 517 -14.80 15.09 68.83
C SER A 517 -13.93 16.07 68.06
N SER A 518 -13.96 17.32 68.50
CA SER A 518 -13.18 18.39 67.88
C SER A 518 -11.87 18.61 68.64
N ASP A 519 -11.02 17.58 68.64
CA ASP A 519 -9.71 17.66 69.29
C ASP A 519 -8.79 16.66 68.59
N PHE A 520 -7.91 17.17 67.73
CA PHE A 520 -7.00 16.30 67.00
C PHE A 520 -6.04 15.57 67.94
N VAL A 521 -5.54 16.28 68.95
CA VAL A 521 -4.62 15.65 69.90
C VAL A 521 -5.31 14.53 70.66
N GLU A 522 -6.54 14.77 71.10
CA GLU A 522 -7.29 13.73 71.80
C GLU A 522 -7.55 12.54 70.88
N VAL A 523 -7.86 12.81 69.61
CA VAL A 523 -8.12 11.73 68.66
C VAL A 523 -6.88 10.87 68.46
N VAL A 524 -5.72 11.51 68.28
CA VAL A 524 -4.52 10.77 67.94
C VAL A 524 -3.92 10.08 69.18
N SER A 525 -4.09 10.65 70.37
CA SER A 525 -3.51 10.08 71.58
C SER A 525 -4.44 9.14 72.31
N SER A 526 -5.66 8.94 71.81
CA SER A 526 -6.59 8.01 72.45
C SER A 526 -6.15 6.57 72.22
N LYS A 527 -6.41 5.73 73.22
CA LYS A 527 -6.01 4.33 73.16
C LYS A 527 -7.10 3.43 72.60
N ASP A 528 -8.35 3.67 72.99
CA ASP A 528 -9.46 2.83 72.54
C ASP A 528 -9.76 2.99 71.06
N LYS A 529 -9.23 4.02 70.41
CA LYS A 529 -9.47 4.28 68.98
C LYS A 529 -10.95 4.49 68.69
N SER A 530 -11.68 5.06 69.64
CA SER A 530 -13.08 5.40 69.46
C SER A 530 -13.30 6.86 69.11
N LEU A 531 -12.22 7.62 68.93
CA LEU A 531 -12.29 9.04 68.61
C LEU A 531 -12.00 9.25 67.14
N VAL A 532 -12.75 10.16 66.51
CA VAL A 532 -12.53 10.52 65.12
C VAL A 532 -12.61 12.04 65.00
N TYR A 533 -11.61 12.64 64.37
CA TYR A 533 -11.58 14.08 64.20
C TYR A 533 -12.69 14.54 63.26
N SER A 534 -13.31 15.66 63.60
CA SER A 534 -14.32 16.25 62.73
C SER A 534 -14.39 17.74 63.01
N PHE A 535 -14.74 18.52 61.98
CA PHE A 535 -14.88 19.96 62.10
C PHE A 535 -16.33 20.42 62.06
N LEU A 536 -17.29 19.52 61.80
CA LEU A 536 -18.72 19.89 61.72
C LEU A 536 -19.18 20.29 63.11
N SER A 537 -19.29 21.58 63.44
CA SER A 537 -19.55 22.07 64.79
C SER A 537 -20.97 21.78 65.24
N ASN A 538 -21.97 22.16 64.42
CA ASN A 538 -23.36 22.00 64.83
C ASN A 538 -23.77 20.53 64.89
N VAL A 539 -23.24 19.72 63.97
CA VAL A 539 -23.51 18.26 64.09
C VAL A 539 -23.04 17.89 65.50
N MET A 540 -21.76 18.11 65.81
CA MET A 540 -21.25 17.72 67.13
C MET A 540 -22.03 18.39 68.25
N PHE A 541 -22.44 19.64 68.06
CA PHE A 541 -23.17 20.36 69.10
C PHE A 541 -24.53 19.72 69.35
N TYR A 542 -25.29 19.45 68.29
CA TYR A 542 -26.61 18.84 68.46
C TYR A 542 -26.50 17.44 69.03
N LEU A 543 -25.52 16.66 68.57
CA LEU A 543 -25.32 15.33 69.12
C LEU A 543 -24.92 15.37 70.58
N ASP A 544 -24.18 16.40 70.98
CA ASP A 544 -23.79 16.57 72.38
C ASP A 544 -24.87 17.27 73.20
N SER A 545 -25.97 17.69 72.59
CA SER A 545 -27.08 18.30 73.30
C SER A 545 -28.23 17.34 73.55
N ILE A 546 -28.21 16.15 72.95
CA ILE A 546 -29.24 15.14 73.14
C ILE A 546 -28.71 13.93 73.88
N LYS A 547 -27.53 14.04 74.52
CA LYS A 547 -26.96 12.91 75.24
C LYS A 547 -27.86 12.48 76.39
N ASP A 548 -28.39 13.45 77.14
CA ASP A 548 -29.28 13.15 78.26
C ASP A 548 -30.72 13.30 77.77
N ASN A 549 -31.19 12.28 77.06
CA ASN A 549 -32.53 12.28 76.51
C ASN A 549 -32.89 10.81 76.40
N SER A 550 -34.19 10.54 76.39
CA SER A 550 -34.64 9.16 76.25
C SER A 550 -34.39 8.66 74.84
N PRO A 551 -34.23 7.35 74.65
CA PRO A 551 -33.98 6.83 73.30
C PRO A 551 -35.06 7.01 72.24
N ILE A 552 -34.60 6.94 71.00
CA ILE A 552 -35.51 7.14 69.84
C ILE A 552 -36.31 5.85 69.66
N ASP A 553 -37.62 5.92 69.85
CA ASP A 553 -38.49 4.76 69.68
C ASP A 553 -39.52 4.96 68.58
N THR A 554 -40.31 6.04 68.58
CA THR A 554 -41.38 6.20 67.56
C THR A 554 -40.81 6.74 66.27
N ASP A 555 -41.31 6.29 65.12
CA ASP A 555 -40.79 6.73 63.80
C ASP A 555 -40.86 8.25 63.69
N LYS A 556 -41.78 8.89 64.40
CA LYS A 556 -41.75 10.37 64.40
C LYS A 556 -40.37 10.74 64.95
N LYS A 557 -40.05 10.27 66.16
CA LYS A 557 -38.78 10.68 66.79
C LYS A 557 -37.65 10.49 65.78
N TYR A 558 -37.71 9.43 64.98
CA TYR A 558 -36.60 9.17 64.05
C TYR A 558 -36.60 10.31 63.14
N TYR A 559 -37.62 10.42 62.30
CA TYR A 559 -37.68 11.47 61.25
C TYR A 559 -37.16 12.79 61.78
N LEU A 560 -37.62 13.20 62.95
CA LEU A 560 -37.21 14.54 63.43
C LEU A 560 -35.69 14.56 63.57
N TRP A 561 -35.09 13.57 64.19
CA TRP A 561 -33.62 13.48 64.27
C TRP A 561 -33.04 13.53 62.85
N LEU A 562 -33.37 12.58 61.99
CA LEU A 562 -32.75 12.60 60.64
C LEU A 562 -32.98 13.98 60.03
N ARG A 563 -34.02 14.73 60.41
CA ARG A 563 -34.13 16.09 59.89
C ARG A 563 -33.11 17.01 60.54
N GLU A 564 -32.98 16.93 61.86
CA GLU A 564 -32.02 17.78 62.56
C GLU A 564 -30.59 17.47 62.12
N ILE A 565 -30.32 16.21 61.81
CA ILE A 565 -28.90 15.94 61.48
C ILE A 565 -28.60 16.49 60.08
N PHE A 566 -29.49 16.36 59.10
CA PHE A 566 -29.20 16.85 57.72
C PHE A 566 -29.22 18.36 57.70
N ARG A 567 -30.01 18.97 58.58
CA ARG A 567 -30.12 20.45 58.65
C ARG A 567 -29.01 20.98 59.54
N ASN A 568 -28.03 20.15 59.83
CA ASN A 568 -26.88 20.66 60.58
C ASN A 568 -25.70 20.38 59.68
N TYR A 569 -25.75 19.29 58.93
CA TYR A 569 -24.61 18.89 58.09
C TYR A 569 -24.53 19.89 57.03
N SER A 570 -25.65 20.51 56.72
CA SER A 570 -25.67 21.48 55.60
C SER A 570 -25.08 22.80 56.08
N PHE A 571 -25.54 23.30 57.20
CA PHE A 571 -25.03 24.57 57.76
C PHE A 571 -23.64 24.39 58.32
N ASP A 572 -23.03 23.23 58.13
CA ASP A 572 -21.64 23.00 58.60
C ASP A 572 -20.73 22.80 57.40
N ILE A 573 -21.19 22.12 56.39
CA ILE A 573 -20.31 21.80 55.25
C ILE A 573 -20.60 22.80 54.14
N THR A 574 -21.57 23.70 54.28
CA THR A 574 -21.79 24.71 53.26
C THR A 574 -21.71 26.11 53.86
N ALA A 575 -20.70 26.35 54.68
CA ALA A 575 -20.52 27.65 55.32
C ALA A 575 -19.42 28.41 54.60
N THR A 576 -19.74 29.62 54.15
CA THR A 576 -18.78 30.49 53.48
C THR A 576 -18.90 31.91 54.03
N GLN A 577 -17.79 32.63 53.97
CA GLN A 577 -17.75 34.03 54.40
C GLN A 577 -17.23 34.88 53.25
N GLU A 578 -17.88 36.03 53.01
CA GLU A 578 -17.53 36.90 51.91
C GLU A 578 -16.49 37.91 52.40
N ILE A 579 -15.21 37.58 52.19
CA ILE A 579 -14.11 38.44 52.57
C ILE A 579 -13.69 39.28 51.38
N ASN A 580 -13.73 40.60 51.52
CA ASN A 580 -13.42 41.52 50.44
C ASN A 580 -11.92 41.81 50.45
N THR A 581 -11.20 41.23 49.51
CA THR A 581 -9.77 41.46 49.38
C THR A 581 -9.51 42.69 48.51
N ASP A 582 -8.26 43.16 48.56
CA ASP A 582 -7.80 44.20 47.65
C ASP A 582 -7.56 43.69 46.24
N CYS A 583 -8.04 42.48 45.94
CA CYS A 583 -7.75 41.79 44.70
C CYS A 583 -9.01 41.21 44.06
N GLY A 584 -10.15 41.32 44.74
CA GLY A 584 -11.41 40.83 44.25
C GLY A 584 -12.33 40.53 45.40
N ILE A 585 -13.47 39.92 45.08
CA ILE A 585 -14.45 39.50 46.08
C ILE A 585 -14.35 37.99 46.23
N ASN A 586 -14.11 37.53 47.46
CA ASN A 586 -13.85 36.12 47.74
C ASN A 586 -14.86 35.60 48.75
N LYS A 587 -15.29 34.36 48.54
CA LYS A 587 -16.11 33.63 49.49
C LYS A 587 -15.23 32.54 50.10
N VAL A 588 -14.91 32.69 51.39
CA VAL A 588 -13.93 31.84 52.06
C VAL A 588 -14.66 30.75 52.83
N VAL A 589 -14.27 29.51 52.59
CA VAL A 589 -14.85 28.37 53.30
C VAL A 589 -14.30 28.36 54.73
N THR A 590 -15.21 28.49 55.70
CA THR A 590 -14.80 28.74 57.08
C THR A 590 -14.05 27.56 57.69
N TRP A 591 -14.46 26.32 57.38
CA TRP A 591 -13.88 25.16 58.02
C TRP A 591 -12.58 24.70 57.39
N PHE A 592 -12.14 25.33 56.30
CA PHE A 592 -10.96 24.87 55.59
C PHE A 592 -9.71 24.95 56.45
N GLY A 593 -9.67 25.88 57.41
CA GLY A 593 -8.51 25.99 58.27
C GLY A 593 -8.37 24.81 59.22
N LYS A 594 -9.48 24.33 59.77
CA LYS A 594 -9.47 23.24 60.72
C LYS A 594 -9.65 21.88 60.05
N ALA A 595 -9.67 21.85 58.72
CA ALA A 595 -9.74 20.59 58.00
C ALA A 595 -8.38 20.03 57.64
N LEU A 596 -7.39 20.88 57.39
CA LEU A 596 -6.05 20.41 57.01
C LEU A 596 -4.95 21.11 57.79
N ASN A 597 -5.27 21.71 58.95
CA ASN A 597 -4.28 22.38 59.80
C ASN A 597 -3.55 23.49 59.05
N ILE A 598 -4.25 24.19 58.17
CA ILE A 598 -3.67 25.28 57.39
C ILE A 598 -4.16 26.60 57.96
N LEU A 599 -3.24 27.40 58.49
CA LEU A 599 -3.58 28.61 59.22
C LEU A 599 -4.57 28.29 60.33
N ASN A 600 -4.36 27.16 61.01
CA ASN A 600 -5.26 26.67 62.04
C ASN A 600 -4.97 27.27 63.41
N THR A 601 -3.96 28.13 63.51
CA THR A 601 -3.71 28.83 64.75
C THR A 601 -4.84 29.83 65.04
N SER A 602 -4.77 30.45 66.22
CA SER A 602 -5.84 31.34 66.68
C SER A 602 -7.19 30.64 66.66
N ASP A 603 -8.25 31.37 66.41
CA ASP A 603 -9.60 30.79 66.40
C ASP A 603 -10.39 31.30 65.21
N SER A 604 -9.69 31.60 64.11
CA SER A 604 -10.38 32.08 62.90
C SER A 604 -9.49 31.89 61.67
N PHE A 605 -9.92 31.02 60.75
CA PHE A 605 -9.22 30.85 59.48
C PHE A 605 -9.51 31.98 58.51
N VAL A 606 -10.68 32.62 58.61
CA VAL A 606 -11.05 33.71 57.71
C VAL A 606 -10.17 34.93 58.00
N GLU A 607 -9.96 35.21 59.29
CA GLU A 607 -9.19 36.39 59.69
C GLU A 607 -7.76 36.33 59.15
N GLU A 608 -7.09 35.18 59.32
CA GLU A 608 -5.72 35.05 58.83
C GLU A 608 -5.67 35.14 57.32
N PHE A 609 -6.62 34.52 56.63
CA PHE A 609 -6.68 34.65 55.18
C PHE A 609 -7.02 36.07 54.74
N GLN A 610 -7.73 36.83 55.58
CA GLN A 610 -8.02 38.23 55.31
C GLN A 610 -6.98 39.17 55.88
N ASN A 611 -5.97 38.65 56.57
CA ASN A 611 -4.86 39.45 57.06
C ASN A 611 -3.57 39.17 56.30
N LEU A 612 -3.15 37.91 56.22
CA LEU A 612 -2.05 37.53 55.36
C LEU A 612 -2.55 37.40 53.92
N GLY A 613 -1.63 37.18 53.00
CA GLY A 613 -2.00 37.03 51.61
C GLY A 613 -2.61 35.68 51.33
N PRO A 614 -3.19 35.54 50.14
CA PRO A 614 -3.73 34.25 49.72
C PRO A 614 -2.67 33.20 49.46
N ILE A 615 -1.39 33.53 49.64
CA ILE A 615 -0.30 32.57 49.45
C ILE A 615 0.09 31.88 50.75
N SER A 616 -0.39 32.38 51.89
CA SER A 616 -0.02 31.78 53.18
C SER A 616 -0.55 30.36 53.33
N LEU A 617 -1.52 29.96 52.51
CA LEU A 617 -2.04 28.59 52.60
C LEU A 617 -0.97 27.57 52.23
N ILE A 618 -0.18 27.86 51.21
CA ILE A 618 0.76 26.89 50.67
C ILE A 618 2.10 27.01 51.39
N ASN A 619 2.93 25.98 51.25
CA ASN A 619 4.21 25.90 51.94
C ASN A 619 5.40 26.26 51.07
N LYS A 620 5.39 25.85 49.80
CA LYS A 620 6.51 26.11 48.90
C LYS A 620 6.35 27.45 48.19
N LYS A 621 6.30 28.51 49.01
CA LYS A 621 6.19 29.87 48.50
C LYS A 621 7.54 30.38 48.02
N GLU A 622 7.49 31.37 47.15
CA GLU A 622 8.68 32.03 46.58
C GLU A 622 9.56 31.02 45.85
N ASN A 623 8.98 30.39 44.83
CA ASN A 623 9.66 29.41 44.01
C ASN A 623 9.98 29.93 42.61
N LEU A 624 9.82 31.23 42.38
CA LEU A 624 10.04 31.80 41.05
C LEU A 624 11.52 31.78 40.68
N SER A 625 11.78 31.73 39.37
CA SER A 625 13.15 31.74 38.87
C SER A 625 13.13 32.30 37.46
N MET A 626 13.78 33.45 37.26
CA MET A 626 13.79 34.09 35.96
C MET A 626 14.64 33.28 34.98
N PRO A 627 14.18 33.09 33.75
CA PRO A 627 14.95 32.34 32.76
C PRO A 627 16.11 33.18 32.23
N ILE A 628 16.94 32.56 31.40
CA ILE A 628 18.10 33.22 30.82
C ILE A 628 17.60 34.00 29.61
N ILE A 629 17.22 35.25 29.85
CA ILE A 629 16.74 36.11 28.77
C ILE A 629 17.91 36.52 27.89
N GLU A 630 17.61 36.75 26.61
CA GLU A 630 18.63 37.07 25.62
C GLU A 630 18.52 38.49 25.10
N ILE A 631 17.36 38.88 24.58
CA ILE A 631 17.11 40.22 24.05
C ILE A 631 18.18 40.58 23.02
N TYR A 632 18.11 39.96 21.85
CA TYR A 632 19.08 40.21 20.79
C TYR A 632 18.83 41.58 20.15
N ILE A 634 18.29 45.69 17.12
CA ILE A 634 19.18 46.58 16.39
C ILE A 634 20.50 45.89 16.10
N PRO A 635 20.70 45.47 14.84
CA PRO A 635 21.92 44.80 14.40
C PRO A 635 23.18 45.64 14.59
N MET A 638 24.54 48.50 10.24
CA MET A 638 25.06 49.86 10.09
C MET A 638 23.94 50.81 9.69
N LEU A 639 24.21 52.12 9.79
CA LEU A 639 23.23 53.14 9.45
C LEU A 639 23.21 53.33 7.93
N GLY A 640 22.50 54.37 7.47
CA GLY A 640 22.40 54.63 6.06
C GLY A 640 21.04 54.30 5.48
N LEU A 641 19.98 54.69 6.18
CA LEU A 641 18.62 54.44 5.73
C LEU A 641 17.82 55.73 5.74
N PRO A 642 16.88 55.89 4.82
CA PRO A 642 16.03 57.09 4.81
C PRO A 642 14.98 57.05 5.92
N LEU A 643 14.09 58.04 5.93
CA LEU A 643 13.02 58.11 6.93
C LEU A 643 11.92 57.10 6.67
N ASN A 644 12.08 56.18 5.73
CA ASN A 644 11.10 55.13 5.45
C ASN A 644 11.62 53.75 5.81
N ASP A 645 12.81 53.38 5.32
CA ASP A 645 13.38 52.08 5.67
C ASP A 645 13.69 51.99 7.15
N LEU A 646 14.21 53.07 7.74
CA LEU A 646 14.51 53.08 9.16
C LEU A 646 13.25 52.89 9.99
N ASN A 647 12.16 53.53 9.60
CA ASN A 647 10.90 53.36 10.31
C ASN A 647 10.40 51.93 10.24
N GLU A 648 10.49 51.30 9.07
CA GLU A 648 10.07 49.91 8.93
C GLU A 648 10.94 48.98 9.78
N LYS A 649 12.25 49.21 9.77
CA LYS A 649 13.14 48.39 10.61
C LYS A 649 12.81 48.55 12.09
N LEU A 650 12.58 49.79 12.52
CA LEU A 650 12.23 50.03 13.91
C LEU A 650 10.92 49.36 14.27
N PHE A 651 9.94 49.40 13.36
CA PHE A 651 8.67 48.71 13.62
C PHE A 651 8.86 47.21 13.74
N ASN A 652 9.70 46.63 12.88
CA ASN A 652 9.97 45.20 12.95
C ASN A 652 10.63 44.83 14.27
N ILE A 653 11.61 45.62 14.70
CA ILE A 653 12.26 45.35 15.98
C ILE A 653 11.27 45.51 17.14
N TYR A 654 10.38 46.49 17.03
CA TYR A 654 9.33 46.67 18.04
C TYR A 654 8.47 45.42 18.15
N LEU A 655 8.02 44.89 17.01
CA LEU A 655 7.20 43.69 17.01
C LEU A 655 7.96 42.50 17.59
N LYS A 656 9.23 42.34 17.21
CA LYS A 656 10.01 41.23 17.71
C LYS A 656 10.19 41.31 19.22
N ASN A 657 10.46 42.50 19.75
CA ASN A 657 10.64 42.64 21.18
C ASN A 657 9.32 42.43 21.94
N ILE A 658 8.20 42.86 21.35
CA ILE A 658 6.91 42.60 21.97
C ILE A 658 6.65 41.10 22.03
N LEU A 659 6.97 40.39 20.95
CA LEU A 659 6.82 38.94 20.95
C LEU A 659 7.70 38.29 22.01
N TYR A 660 8.94 38.75 22.14
CA TYR A 660 9.83 38.19 23.15
C TYR A 660 9.30 38.43 24.55
N PHE A 661 8.78 39.63 24.82
CA PHE A 661 8.21 39.92 26.13
C PHE A 661 7.01 39.04 26.41
N LYS A 662 6.16 38.82 25.40
CA LYS A 662 5.03 37.91 25.57
C LYS A 662 5.50 36.50 25.88
N LYS A 663 6.58 36.06 25.23
CA LYS A 663 7.12 34.73 25.50
C LYS A 663 7.62 34.61 26.93
N VAL A 664 8.31 35.63 27.42
CA VAL A 664 8.78 35.60 28.81
C VAL A 664 7.59 35.59 29.77
N TYR A 665 6.55 36.37 29.47
CA TYR A 665 5.36 36.38 30.31
C TYR A 665 4.70 35.01 30.33
N PHE A 666 4.66 34.33 29.19
CA PHE A 666 4.10 32.98 29.14
C PHE A 666 4.95 31.99 29.93
N ASN A 667 6.27 32.17 29.88
CA ASN A 667 7.14 31.36 30.73
C ASN A 667 6.81 31.55 32.20
N PHE A 668 6.57 32.80 32.61
CA PHE A 668 6.22 33.04 34.01
C PHE A 668 4.83 32.49 34.35
N LEU A 669 3.90 32.51 33.38
CA LEU A 669 2.61 31.86 33.58
C LEU A 669 2.78 30.36 33.82
N ASP A 670 3.64 29.73 33.03
CA ASP A 670 3.93 28.31 33.24
C ASP A 670 4.57 28.07 34.60
N GLN A 671 5.46 28.98 35.01
CA GLN A 671 6.06 28.87 36.34
C GLN A 671 4.99 28.95 37.43
N TRP A 672 4.03 29.85 37.27
CA TRP A 672 2.92 29.91 38.23
C TRP A 672 2.14 28.60 38.25
N TRP A 673 1.79 28.09 37.07
CA TRP A 673 0.94 26.90 37.00
C TRP A 673 1.63 25.69 37.61
N THR A 674 2.89 25.46 37.23
CA THR A 674 3.58 24.25 37.67
C THR A 674 3.90 24.28 39.16
N GLU A 675 4.35 25.42 39.68
CA GLU A 675 4.87 25.48 41.03
C GLU A 675 3.89 26.02 42.06
N TYR A 676 2.90 26.81 41.65
CA TYR A 676 2.00 27.46 42.59
C TYR A 676 0.58 26.91 42.54
N TYR A 677 0.02 26.74 41.35
CA TYR A 677 -1.33 26.19 41.26
C TYR A 677 -1.38 24.74 41.72
N SER A 678 -0.28 24.00 41.55
CA SER A 678 -0.23 22.63 42.05
C SER A 678 -0.47 22.57 43.55
N GLN A 679 0.04 23.55 44.29
CA GLN A 679 -0.25 23.64 45.72
C GLN A 679 -1.75 23.74 45.96
N TYR A 680 -2.40 24.65 45.25
CA TYR A 680 -3.84 24.85 45.44
C TYR A 680 -4.65 23.68 44.91
N PHE A 681 -4.21 23.04 43.83
CA PHE A 681 -4.91 21.85 43.36
C PHE A 681 -4.81 20.71 44.39
N ASP A 682 -3.63 20.54 44.99
CA ASP A 682 -3.49 19.55 46.05
C ASP A 682 -4.38 19.89 47.24
N LEU A 683 -4.46 21.17 47.59
CA LEU A 683 -5.35 21.58 48.67
C LEU A 683 -6.80 21.28 48.34
N ILE A 684 -7.19 21.50 47.08
CA ILE A 684 -8.54 21.17 46.65
C ILE A 684 -8.80 19.67 46.82
N CYS A 685 -7.84 18.85 46.42
CA CYS A 685 -8.00 17.40 46.55
C CYS A 685 -8.13 16.98 48.01
N MET A 686 -7.30 17.55 48.89
CA MET A 686 -7.39 17.19 50.30
C MET A 686 -8.70 17.65 50.92
N ALA A 687 -9.17 18.85 50.57
CA ALA A 687 -10.47 19.30 51.07
C ALA A 687 -11.60 18.42 50.53
N LYS A 688 -11.50 18.01 49.26
CA LYS A 688 -12.47 17.10 48.69
C LYS A 688 -12.54 15.79 49.47
N GLN A 689 -11.37 15.21 49.75
CA GLN A 689 -11.33 13.98 50.54
C GLN A 689 -11.87 14.19 51.94
N SER A 690 -11.61 15.35 52.53
CA SER A 690 -12.13 15.64 53.87
C SER A 690 -13.66 15.69 53.86
N ILE A 691 -14.27 16.46 52.99
CA ILE A 691 -15.75 16.41 52.90
C ILE A 691 -16.18 14.94 52.69
N LEU A 692 -15.64 14.22 51.70
CA LEU A 692 -16.12 12.85 51.49
C LEU A 692 -16.03 12.03 52.76
N ALA A 693 -14.95 12.17 53.52
CA ALA A 693 -14.80 11.44 54.77
C ALA A 693 -15.87 11.83 55.78
N GLN A 694 -16.09 13.14 55.83
CA GLN A 694 -17.01 13.61 56.88
C GLN A 694 -18.44 13.32 56.43
N GLU A 695 -18.62 12.91 55.18
CA GLU A 695 -19.95 12.50 54.71
C GLU A 695 -20.09 11.08 55.19
N LYS A 696 -19.12 10.27 54.79
CA LYS A 696 -19.16 8.87 55.20
C LYS A 696 -19.40 8.75 56.70
N LEU A 697 -18.81 9.65 57.49
CA LEU A 697 -19.06 9.65 58.93
C LEU A 697 -20.54 9.84 59.24
N ILE A 698 -21.15 10.91 58.78
CA ILE A 698 -22.60 11.02 59.04
C ILE A 698 -23.28 9.75 58.50
N LYS A 699 -23.09 9.40 57.24
CA LYS A 699 -23.84 8.25 56.72
C LYS A 699 -23.78 7.08 57.69
N GLN A 700 -22.60 6.80 58.24
CA GLN A 700 -22.46 5.69 59.18
C GLN A 700 -23.22 5.97 60.48
N ILE A 701 -23.21 7.22 60.94
CA ILE A 701 -23.97 7.56 62.14
C ILE A 701 -25.45 7.30 61.92
N ILE A 702 -26.00 7.72 60.79
CA ILE A 702 -27.47 7.51 60.66
C ILE A 702 -27.70 6.00 60.45
N GLN A 703 -26.85 5.33 59.68
CA GLN A 703 -27.11 3.90 59.51
C GLN A 703 -27.08 3.17 60.85
N ASN A 704 -26.18 3.55 61.75
CA ASN A 704 -26.17 2.97 63.09
C ASN A 704 -27.46 3.28 63.82
N LYS A 705 -28.00 4.50 63.70
CA LYS A 705 -29.30 4.76 64.37
C LYS A 705 -30.34 3.84 63.76
N LEU A 706 -30.47 3.87 62.44
CA LEU A 706 -31.53 3.06 61.83
C LEU A 706 -31.40 1.66 62.44
N GLN A 707 -30.21 1.07 62.33
CA GLN A 707 -30.11 -0.30 62.80
C GLN A 707 -30.57 -0.43 64.25
N ASP A 708 -30.23 0.54 65.08
CA ASP A 708 -30.72 0.53 66.46
C ASP A 708 -32.23 0.68 66.52
N LEU A 709 -32.84 1.37 65.56
CA LEU A 709 -34.32 1.60 65.64
C LEU A 709 -34.99 0.31 65.14
N PHE A 710 -34.36 -0.38 64.20
CA PHE A 710 -35.02 -1.57 63.67
C PHE A 710 -35.42 -2.53 64.79
N LYS A 711 -34.55 -2.70 65.78
CA LYS A 711 -34.85 -3.58 66.92
C LYS A 711 -35.71 -2.85 67.95
N ALA A 712 -36.87 -2.39 67.49
CA ALA A 712 -37.81 -1.68 68.33
C ALA A 712 -39.22 -2.01 67.89
N ASP A 713 -40.19 -1.61 68.72
CA ASP A 713 -41.61 -1.90 68.46
C ASP A 713 -42.15 -0.89 67.46
N ILE A 714 -41.88 -1.15 66.19
CA ILE A 714 -42.35 -0.33 65.08
C ILE A 714 -42.94 -1.27 64.02
N SER A 715 -44.04 -0.84 63.41
CA SER A 715 -44.67 -1.64 62.38
C SER A 715 -43.75 -1.81 61.17
N MET A 716 -43.94 -2.91 60.45
CA MET A 716 -43.09 -3.20 59.30
C MET A 716 -43.25 -2.15 58.21
N ASP A 717 -44.48 -1.71 57.96
CA ASP A 717 -44.70 -0.67 56.95
C ASP A 717 -44.04 0.64 57.35
N LYS A 718 -44.15 1.02 58.63
CA LYS A 718 -43.49 2.23 59.10
C LYS A 718 -41.98 2.10 58.99
N LEU A 719 -41.44 0.92 59.29
CA LEU A 719 -40.00 0.72 59.16
C LEU A 719 -39.54 0.80 57.71
N ASN A 720 -40.34 0.26 56.78
CA ASN A 720 -40.01 0.37 55.37
C ASN A 720 -40.04 1.83 54.91
N LEU A 721 -41.04 2.59 55.36
CA LEU A 721 -41.09 4.01 55.06
C LEU A 721 -39.87 4.74 55.62
N MET A 722 -39.41 4.25 56.77
CA MET A 722 -38.24 4.88 57.43
C MET A 722 -37.06 4.63 56.54
N ASN A 723 -36.91 3.42 56.12
CA ASN A 723 -35.76 3.04 55.30
C ASN A 723 -35.75 3.82 53.99
N LEU A 724 -36.92 3.99 53.37
CA LEU A 724 -37.00 4.78 52.14
C LEU A 724 -36.60 6.23 52.39
N ALA A 725 -37.07 6.80 53.50
CA ALA A 725 -36.71 8.18 53.83
C ALA A 725 -35.21 8.31 54.07
N THR A 726 -34.58 7.34 54.71
CA THR A 726 -33.12 7.37 54.93
C THR A 726 -32.40 7.20 53.61
N GLU A 727 -32.87 6.37 52.72
CA GLU A 727 -32.22 6.24 51.43
C GLU A 727 -32.33 7.53 50.62
N LYS A 728 -33.41 8.29 50.81
CA LYS A 728 -33.54 9.56 50.12
C LYS A 728 -32.66 10.64 50.75
N THR A 729 -32.64 10.71 52.09
CA THR A 729 -31.82 11.71 52.74
C THR A 729 -30.33 11.46 52.53
N PHE A 730 -29.94 10.22 52.21
CA PHE A 730 -28.55 9.98 51.82
C PHE A 730 -28.21 10.71 50.52
N ILE A 731 -29.10 10.66 49.53
CA ILE A 731 -28.88 11.40 48.30
C ILE A 731 -28.90 12.90 48.56
N ASP A 732 -29.75 13.34 49.48
CA ASP A 732 -29.76 14.76 49.85
C ASP A 732 -28.43 15.17 50.48
N LEU A 733 -27.86 14.32 51.32
CA LEU A 733 -26.53 14.59 51.94
C LEU A 733 -25.48 14.61 50.84
N SER A 734 -25.58 13.74 49.85
CA SER A 734 -24.64 13.76 48.75
C SER A 734 -24.73 15.08 47.98
N ASN A 735 -25.94 15.57 47.76
CA ASN A 735 -26.10 16.86 47.07
C ASN A 735 -25.48 17.99 47.87
N GLU A 736 -25.67 18.01 49.18
CA GLU A 736 -25.19 19.16 49.97
C GLU A 736 -23.67 19.08 50.10
N SER A 737 -23.08 17.91 49.87
CA SER A 737 -21.62 17.78 49.92
C SER A 737 -21.07 18.21 48.56
N GLN A 738 -21.78 17.86 47.50
CA GLN A 738 -21.37 18.33 46.18
C GLN A 738 -21.39 19.85 46.15
N ILE A 739 -22.37 20.47 46.80
CA ILE A 739 -22.38 21.93 46.92
C ILE A 739 -21.14 22.41 47.64
N ALA A 740 -20.77 21.73 48.73
CA ALA A 740 -19.55 22.06 49.45
C ALA A 740 -18.32 21.92 48.56
N ILE A 741 -18.30 20.87 47.73
CA ILE A 741 -17.18 20.64 46.82
C ILE A 741 -17.05 21.80 45.86
N ASN A 742 -18.17 22.25 45.30
CA ASN A 742 -18.14 23.38 44.37
C ASN A 742 -17.65 24.64 45.06
N ASN A 743 -18.10 24.88 46.29
CA ASN A 743 -17.64 26.05 47.03
C ASN A 743 -16.13 26.02 47.24
N ILE A 744 -15.61 24.86 47.66
CA ILE A 744 -14.17 24.72 47.88
C ILE A 744 -13.40 24.96 46.59
N ASN A 745 -13.87 24.37 45.49
CA ASN A 745 -13.19 24.52 44.21
C ASN A 745 -13.15 25.98 43.78
N ASP A 746 -14.28 26.67 43.86
CA ASP A 746 -14.33 28.07 43.47
C ASP A 746 -13.41 28.92 44.34
N PHE A 747 -13.47 28.72 45.65
CA PHE A 747 -12.67 29.53 46.57
C PHE A 747 -11.18 29.36 46.29
N LEU A 748 -10.72 28.12 46.15
CA LEU A 748 -9.29 27.90 45.98
C LEU A 748 -8.82 28.30 44.58
N ASN A 749 -9.66 28.14 43.55
CA ASN A 749 -9.28 28.63 42.23
C ASN A 749 -9.16 30.16 42.22
N LYS A 750 -10.09 30.85 42.89
CA LYS A 750 -9.97 32.30 43.00
C LYS A 750 -8.71 32.70 43.76
N SER A 751 -8.39 31.97 44.83
CA SER A 751 -7.17 32.26 45.58
C SER A 751 -5.94 32.09 44.70
N ALA A 752 -5.89 31.01 43.90
CA ALA A 752 -4.74 30.79 43.03
C ALA A 752 -4.62 31.89 41.98
N ILE A 753 -5.75 32.28 41.38
CA ILE A 753 -5.74 33.32 40.37
C ILE A 753 -5.22 34.62 40.96
N CYS A 754 -5.71 34.98 42.15
CA CYS A 754 -5.24 36.18 42.82
C CYS A 754 -3.76 36.10 43.17
N VAL A 755 -3.29 34.92 43.60
CA VAL A 755 -1.88 34.77 43.92
C VAL A 755 -1.01 35.01 42.70
N PHE A 756 -1.46 34.53 41.54
CA PHE A 756 -0.74 34.90 40.31
C PHE A 756 -0.80 36.41 40.08
N ASP A 757 -1.97 37.02 40.28
CA ASP A 757 -2.13 38.43 39.98
C ASP A 757 -1.52 39.36 41.03
N THR A 758 -1.06 38.83 42.15
CA THR A 758 -0.55 39.66 43.23
C THR A 758 0.81 39.22 43.77
N ASN A 759 1.35 38.09 43.32
CA ASN A 759 2.62 37.59 43.83
C ASN A 759 3.61 37.17 42.75
N ILE A 760 3.19 37.10 41.49
CA ILE A 760 4.06 36.70 40.39
C ILE A 760 4.14 37.78 39.32
N TYR A 761 3.01 38.36 38.95
CA TYR A 761 3.00 39.42 37.95
C TYR A 761 3.87 40.60 38.34
N PRO A 762 3.80 41.15 39.57
CA PRO A 762 4.75 42.21 39.93
C PRO A 762 6.19 41.78 39.86
N LYS A 763 6.49 40.53 40.23
CA LYS A 763 7.87 40.05 40.13
C LYS A 763 8.33 39.96 38.69
N PHE A 764 7.46 39.49 37.79
CA PHE A 764 7.81 39.46 36.37
C PHE A 764 8.02 40.87 35.83
N ILE A 765 7.18 41.82 36.24
CA ILE A 765 7.33 43.20 35.79
C ILE A 765 8.66 43.77 36.28
N SER A 766 9.00 43.54 37.55
CA SER A 766 10.26 44.04 38.08
C SER A 766 11.44 43.40 37.37
N PHE A 767 11.36 42.10 37.09
CA PHE A 767 12.45 41.41 36.40
C PHE A 767 12.62 41.94 34.98
N MET A 768 11.52 42.19 34.27
CA MET A 768 11.60 42.65 32.89
C MET A 768 11.83 44.16 32.78
N GLU A 769 11.76 44.90 33.89
CA GLU A 769 12.11 46.31 33.83
C GLU A 769 13.56 46.50 33.41
N GLN A 770 14.47 45.68 33.94
CA GLN A 770 15.88 45.76 33.53
C GLN A 770 16.05 45.42 32.06
N CYS A 771 15.32 44.40 31.58
CA CYS A 771 15.40 44.06 30.16
C CYS A 771 14.88 45.19 29.29
N ILE A 772 13.80 45.85 29.73
CA ILE A 772 13.28 46.99 28.98
C ILE A 772 14.29 48.12 28.95
N ASN A 773 14.96 48.37 30.08
CA ASN A 773 15.98 49.40 30.13
C ASN A 773 17.13 49.08 29.18
N SER A 774 17.55 47.81 29.15
CA SER A 774 18.64 47.41 28.25
C SER A 774 18.23 47.56 26.78
N VAL A 775 16.99 47.17 26.46
CA VAL A 775 16.51 47.31 25.08
C VAL A 775 16.47 48.78 24.68
N ASN A 776 15.97 49.63 25.58
CA ASN A 776 15.92 51.06 25.29
C ASN A 776 17.32 51.63 25.10
N SER A 777 18.27 51.22 25.94
CA SER A 777 19.64 51.70 25.79
C SER A 777 20.24 51.26 24.46
N ASN A 778 20.00 50.01 24.06
CA ASN A 778 20.52 49.53 22.79
C ASN A 778 19.91 50.30 21.62
N VAL A 779 18.59 50.53 21.67
CA VAL A 779 17.93 51.28 20.60
C VAL A 779 18.47 52.70 20.53
N THR A 780 18.64 53.34 21.69
CA THR A 780 19.18 54.70 21.72
C THR A 780 20.58 54.74 21.16
N ALA A 781 21.43 53.78 21.53
CA ALA A 781 22.80 53.76 21.02
C ALA A 781 22.83 53.56 19.51
N PHE A 782 21.99 52.66 19.00
CA PHE A 782 21.96 52.43 17.56
C PHE A 782 21.46 53.66 16.81
N ILE A 783 20.41 54.31 17.32
CA ILE A 783 19.84 55.44 16.59
C ILE A 783 20.74 56.68 16.69
N GLN A 784 21.49 56.80 17.78
CA GLN A 784 22.39 57.94 17.95
C GLN A 784 23.70 57.73 17.21
N ASN A 788 20.56 58.62 5.33
CA ASN A 788 21.62 58.35 6.29
C ASN A 788 21.69 59.43 7.36
N ILE A 789 20.74 60.37 7.29
CA ILE A 789 20.66 61.47 8.24
C ILE A 789 19.22 61.65 8.68
N THR A 790 19.05 62.28 9.83
CA THR A 790 17.74 62.54 10.41
C THR A 790 17.46 64.01 10.64
N GLU A 791 18.46 64.77 11.09
CA GLU A 791 18.34 66.21 11.32
C GLU A 791 17.20 66.52 12.30
N ASP A 792 17.40 66.04 13.53
CA ASP A 792 16.53 66.15 14.69
C ASP A 792 15.30 65.26 14.58
N GLU A 793 15.09 64.56 13.46
CA GLU A 793 14.03 63.56 13.39
C GLU A 793 14.40 62.31 14.17
N LYS A 794 15.69 62.13 14.49
CA LYS A 794 16.10 61.01 15.33
C LYS A 794 15.45 61.06 16.69
N LEU A 795 15.17 62.25 17.21
CA LEU A 795 14.43 62.36 18.47
C LEU A 795 13.02 61.79 18.31
N GLN A 796 12.35 62.12 17.21
CA GLN A 796 11.02 61.57 16.97
C GLN A 796 11.07 60.06 16.83
N LEU A 797 12.06 59.54 16.10
CA LEU A 797 12.18 58.10 15.92
C LEU A 797 12.45 57.39 17.24
N ILE A 798 13.33 57.97 18.08
CA ILE A 798 13.64 57.36 19.37
C ILE A 798 12.43 57.44 20.31
N LYS A 799 11.60 58.47 20.16
CA LYS A 799 10.38 58.55 20.96
C LYS A 799 9.34 57.54 20.49
N LEU A 800 9.33 57.23 19.19
CA LEU A 800 8.33 56.33 18.64
C LEU A 800 8.67 54.85 18.87
N ASN A 801 9.91 54.54 19.25
CA ASN A 801 10.35 53.16 19.42
C ASN A 801 11.05 52.96 20.76
N THR A 802 10.45 53.49 21.82
CA THR A 802 10.93 53.30 23.18
C THR A 802 9.84 52.63 24.00
N PHE A 803 10.18 51.51 24.64
CA PHE A 803 9.21 50.75 25.40
C PHE A 803 8.95 51.39 26.76
N MET A 804 7.74 51.17 27.27
CA MET A 804 7.33 51.66 28.58
C MET A 804 6.80 50.49 29.38
N ASN A 805 6.41 50.76 30.64
CA ASN A 805 5.88 49.70 31.49
C ASN A 805 4.58 49.14 30.93
N ILE A 806 3.78 49.96 30.25
CA ILE A 806 2.52 49.50 29.67
C ILE A 806 2.77 48.64 28.44
N ASP A 807 3.96 48.73 27.84
CA ASP A 807 4.22 48.02 26.59
C ASP A 807 4.15 46.50 26.77
N PHE A 808 4.52 46.01 27.96
CA PHE A 808 4.55 44.58 28.23
C PHE A 808 3.54 44.18 29.30
N GLU A 809 2.32 44.72 29.23
CA GLU A 809 1.25 44.36 30.15
C GLU A 809 0.30 43.43 29.39
N PHE A 810 0.63 42.14 29.40
CA PHE A 810 -0.21 41.12 28.78
C PHE A 810 -1.43 40.61 29.60
N PHE A 811 -1.44 40.98 30.88
CA PHE A 811 -2.44 40.46 31.79
C PHE A 811 -3.91 40.78 31.53
N ASP A 812 -4.75 39.75 31.65
CA ASP A 812 -6.20 39.90 31.55
C ASP A 812 -6.83 38.81 32.40
N ILE A 813 -7.54 39.20 33.47
CA ILE A 813 -8.04 38.23 34.42
C ILE A 813 -9.02 37.27 33.76
N GLN A 814 -9.73 37.74 32.73
CA GLN A 814 -10.64 36.85 32.00
C GLN A 814 -9.87 35.76 31.27
N SER A 815 -8.73 36.11 30.66
CA SER A 815 -7.95 35.13 29.92
C SER A 815 -7.45 34.01 30.83
N ILE A 816 -6.95 34.38 32.01
CA ILE A 816 -6.41 33.36 32.90
C ILE A 816 -7.53 32.60 33.59
N LYS A 817 -8.67 33.24 33.84
CA LYS A 817 -9.81 32.53 34.40
C LYS A 817 -10.36 31.52 33.41
N ASP A 818 -10.32 31.83 32.11
CA ASP A 818 -10.73 30.87 31.08
C ASP A 818 -9.62 29.89 30.73
N LEU A 819 -8.39 30.15 31.16
CA LEU A 819 -7.31 29.19 30.91
C LEU A 819 -7.51 27.91 31.71
N ILE A 820 -8.03 28.02 32.93
CA ILE A 820 -8.14 26.87 33.82
C ILE A 820 -9.53 26.27 33.72
N THR A 821 -10.24 26.58 32.64
CA THR A 821 -11.54 25.99 32.36
C THR A 821 -11.39 24.99 31.23
N SER A 822 -11.83 23.75 31.46
CA SER A 822 -11.65 22.65 30.52
C SER A 822 -12.99 22.20 29.97
N GLU A 823 -12.92 21.25 29.02
CA GLU A 823 -14.14 20.71 28.42
C GLU A 823 -14.99 19.98 29.43
N THR A 824 -14.36 19.38 30.46
CA THR A 824 -15.13 18.73 31.51
C THR A 824 -16.01 19.73 32.26
N ASP A 825 -15.45 20.91 32.58
CA ASP A 825 -16.24 21.94 33.23
C ASP A 825 -17.39 22.40 32.34
N LEU A 826 -17.14 22.56 31.04
CA LEU A 826 -18.19 22.97 30.12
C LEU A 826 -19.30 21.93 30.05
N ILE A 827 -18.93 20.65 29.99
CA ILE A 827 -19.95 19.60 29.94
C ILE A 827 -20.75 19.56 31.24
N LYS A 828 -20.06 19.71 32.38
CA LYS A 828 -20.77 19.74 33.66
C LYS A 828 -21.74 20.91 33.72
N GLU A 829 -21.33 22.07 33.23
CA GLU A 829 -22.22 23.24 33.19
C GLU A 829 -23.41 22.98 32.27
N GLU A 830 -23.18 22.33 31.13
CA GLU A 830 -24.24 22.06 30.18
C GLU A 830 -25.16 20.92 30.60
N LYS A 831 -24.77 20.14 31.60
CA LYS A 831 -25.58 19.01 32.06
C LYS A 831 -25.83 19.09 33.55
N GLU A 832 -26.06 20.31 34.07
CA GLU A 832 -26.40 20.53 35.47
C GLU A 832 -27.63 21.44 35.51
N SER A 833 -28.80 20.83 35.48
CA SER A 833 -30.05 21.57 35.49
C SER A 833 -30.52 21.79 36.92
N ASP A 834 -31.13 22.95 37.15
CA ASP A 834 -31.71 23.30 38.44
C ASP A 834 -33.19 22.94 38.53
N TYR A 835 -33.73 22.28 37.52
CA TYR A 835 -35.14 21.89 37.49
C TYR A 835 -35.23 20.38 37.25
N ASN A 836 -36.08 19.72 38.05
CA ASN A 836 -36.31 18.29 37.85
C ASN A 836 -37.12 18.05 36.58
N LEU A 837 -38.12 18.88 36.32
CA LEU A 837 -38.98 18.74 35.16
C LEU A 837 -39.17 20.12 34.53
N PHE A 838 -39.02 20.18 33.21
CA PHE A 838 -39.22 21.42 32.44
C PHE A 838 -40.04 21.07 31.20
N LEU A 839 -41.34 21.32 31.27
CA LEU A 839 -42.24 20.94 30.19
C LEU A 839 -42.00 21.79 28.95
N PHE A 840 -42.05 21.15 27.78
CA PHE A 840 -41.90 21.82 26.50
C PHE A 840 -43.01 21.37 25.58
N THR A 841 -43.68 22.33 24.95
CA THR A 841 -44.76 22.06 24.00
C THR A 841 -44.45 22.75 22.68
N LEU A 842 -44.76 22.06 21.58
CA LEU A 842 -44.51 22.61 20.24
C LEU A 842 -45.50 21.99 19.28
N GLN A 843 -46.41 22.80 18.74
CA GLN A 843 -47.42 22.34 17.80
C GLN A 843 -46.83 22.38 16.39
N GLU A 844 -46.24 21.27 15.97
CA GLU A 844 -45.66 21.15 14.64
C GLU A 844 -46.17 19.95 13.87
N ASP A 845 -46.44 18.84 14.54
CA ASP A 845 -46.93 17.64 13.88
C ASP A 845 -48.37 17.33 14.29
N LYS A 848 -48.29 17.91 17.53
CA LYS A 848 -48.21 18.19 18.95
C LYS A 848 -47.08 17.42 19.61
N VAL A 849 -46.02 18.12 19.97
CA VAL A 849 -44.84 17.53 20.60
C VAL A 849 -44.75 18.04 22.03
N ILE A 850 -44.76 17.11 22.98
CA ILE A 850 -44.61 17.41 24.40
C ILE A 850 -43.40 16.64 24.92
N GLU A 851 -42.47 17.36 25.55
CA GLU A 851 -41.20 16.76 25.94
C GLU A 851 -40.68 17.46 27.20
N ASP A 852 -39.51 17.00 27.65
CA ASP A 852 -38.84 17.57 28.82
C ASP A 852 -37.36 17.81 28.50
N ILE A 853 -36.85 18.96 28.92
CA ILE A 853 -35.46 19.32 28.67
C ILE A 853 -34.58 19.10 29.90
N SER A 854 -35.16 18.97 31.10
CA SER A 854 -34.38 19.03 32.33
C SER A 854 -33.25 18.01 32.38
N GLY A 855 -33.30 16.98 31.54
CA GLY A 855 -32.26 15.98 31.49
C GLY A 855 -32.54 14.73 32.29
N LYS A 856 -33.50 14.78 33.21
CA LYS A 856 -33.89 13.59 33.95
C LYS A 856 -34.78 12.66 33.13
N ASN A 857 -35.23 13.11 31.95
CA ASN A 857 -36.05 12.31 31.04
C ASN A 857 -37.33 11.84 31.72
N THR A 858 -38.13 12.83 32.14
CA THR A 858 -39.42 12.54 32.75
C THR A 858 -40.35 11.92 31.71
N LEU A 859 -41.05 10.85 32.11
CA LEU A 859 -41.95 10.16 31.21
C LEU A 859 -43.29 10.89 31.19
N VAL A 860 -43.69 11.38 30.01
CA VAL A 860 -44.91 12.16 29.86
C VAL A 860 -45.94 11.30 29.15
N LYS A 861 -47.06 11.05 29.82
CA LYS A 861 -48.18 10.30 29.26
C LYS A 861 -49.35 11.25 29.10
N TYR A 862 -49.73 11.52 27.86
CA TYR A 862 -50.81 12.46 27.55
C TYR A 862 -51.76 11.86 26.54
N SER A 863 -53.05 12.07 26.75
CA SER A 863 -54.06 11.59 25.83
C SER A 863 -54.07 12.43 24.56
N ASP A 864 -54.56 11.83 23.47
CA ASP A 864 -54.63 12.54 22.20
C ASP A 864 -55.67 13.65 22.20
N SER A 865 -56.57 13.66 23.19
CA SER A 865 -57.60 14.69 23.25
C SER A 865 -57.02 16.07 23.54
N ILE A 866 -55.81 16.13 24.11
CA ILE A 866 -55.20 17.43 24.41
C ILE A 866 -54.70 18.08 23.12
N SER A 867 -54.65 19.41 23.14
CA SER A 867 -54.20 20.17 21.97
C SER A 867 -53.13 21.18 22.39
N LEU A 868 -52.72 22.04 21.46
CA LEU A 868 -51.68 23.02 21.73
C LEU A 868 -52.08 24.36 21.13
N VAL A 869 -52.02 25.42 21.93
CA VAL A 869 -52.30 26.78 21.51
C VAL A 869 -51.22 27.69 22.09
N TYR A 870 -51.24 28.95 21.66
CA TYR A 870 -50.30 29.97 22.14
C TYR A 870 -50.91 30.67 23.33
N GLY A 871 -50.44 30.35 24.53
CA GLY A 871 -51.00 30.92 25.73
C GLY A 871 -50.40 32.24 26.17
N VAL A 872 -49.10 32.27 26.46
CA VAL A 872 -48.45 33.49 26.92
C VAL A 872 -47.21 33.77 26.09
N ASN A 873 -46.28 32.81 26.04
CA ASN A 873 -45.01 33.01 25.35
C ASN A 873 -44.63 31.78 24.54
N GLY A 874 -45.60 30.93 24.24
CA GLY A 874 -45.33 29.73 23.48
C GLY A 874 -46.52 28.79 23.53
N ASP A 875 -46.29 27.57 23.05
CA ASP A 875 -47.34 26.56 23.06
C ASP A 875 -47.72 26.19 24.48
N ALA A 876 -49.02 26.05 24.73
CA ALA A 876 -49.54 25.74 26.04
C ALA A 876 -50.51 24.56 25.96
N LEU A 877 -50.44 23.68 26.95
CA LEU A 877 -51.35 22.54 27.00
C LEU A 877 -52.78 23.03 27.18
N TYR A 878 -53.66 22.63 26.27
CA TYR A 878 -55.06 23.02 26.29
C TYR A 878 -55.89 21.77 26.50
N LEU A 879 -56.50 21.65 27.68
CA LEU A 879 -57.31 20.47 28.02
C LEU A 879 -58.77 20.79 27.75
N LYS A 880 -59.11 20.86 26.45
CA LYS A 880 -60.48 21.17 26.05
C LYS A 880 -61.43 20.04 26.44
N GLU A 881 -61.08 18.82 26.08
CA GLU A 881 -61.96 17.69 26.33
C GLU A 881 -62.01 17.40 27.83
N PRO A 882 -63.20 17.27 28.42
CA PRO A 882 -63.28 16.92 29.85
C PRO A 882 -62.79 15.51 30.10
N ASP A 883 -62.40 15.26 31.35
CA ASP A 883 -61.84 13.98 31.78
C ASP A 883 -60.61 13.61 30.96
N GLU A 884 -59.77 14.59 30.69
CA GLU A 884 -58.49 14.40 30.01
C GLU A 884 -57.38 14.70 31.00
N SER A 885 -56.43 13.77 31.14
CA SER A 885 -55.38 13.87 32.14
C SER A 885 -54.01 13.69 31.48
N VAL A 886 -53.02 14.37 32.05
CA VAL A 886 -51.63 14.27 31.62
C VAL A 886 -50.78 13.97 32.84
N SER A 887 -49.93 12.95 32.74
CA SER A 887 -49.14 12.48 33.86
C SER A 887 -47.66 12.57 33.54
N PHE A 888 -46.87 12.89 34.56
CA PHE A 888 -45.42 12.92 34.46
C PHE A 888 -44.83 11.99 35.52
N SER A 889 -43.96 11.09 35.10
CA SER A 889 -43.37 10.08 35.97
C SER A 889 -41.86 10.28 36.02
N ASN A 890 -41.33 10.43 37.23
CA ASN A 890 -39.89 10.54 37.44
C ASN A 890 -39.59 10.10 38.87
N LYS A 891 -38.41 9.52 39.05
CA LYS A 891 -38.02 9.04 40.38
C LYS A 891 -37.91 10.19 41.38
N ALA A 892 -37.35 11.32 40.96
CA ALA A 892 -37.12 12.43 41.87
C ALA A 892 -38.41 12.96 42.47
N PHE A 893 -39.55 12.78 41.79
CA PHE A 893 -40.82 13.24 42.33
C PHE A 893 -41.26 12.46 43.56
N GLU A 894 -40.62 11.32 43.85
CA GLU A 894 -40.99 10.56 45.04
C GLU A 894 -40.75 11.32 46.33
N ASN A 895 -39.86 12.32 46.31
CA ASN A 895 -39.59 13.19 47.44
C ASN A 895 -39.11 12.38 48.65
N GLY A 896 -39.16 12.98 49.83
CA GLY A 896 -38.67 12.33 51.01
C GLY A 896 -38.78 13.21 52.23
N LEU A 897 -37.99 12.89 53.25
CA LEU A 897 -38.04 13.65 54.50
C LEU A 897 -37.38 15.01 54.34
N THR A 898 -36.22 15.07 53.68
CA THR A 898 -35.40 16.27 53.63
C THR A 898 -34.98 16.53 52.18
N ASN A 899 -35.79 17.30 51.46
CA ASN A 899 -35.41 17.79 50.14
C ASN A 899 -36.34 18.94 49.78
N SER A 900 -35.78 20.04 49.30
CA SER A 900 -36.55 21.20 48.91
C SER A 900 -36.92 21.11 47.44
N PHE A 901 -38.07 21.69 47.09
CA PHE A 901 -38.50 21.68 45.70
C PHE A 901 -39.46 22.84 45.46
N SER A 902 -39.88 22.99 44.20
CA SER A 902 -40.71 24.12 43.81
C SER A 902 -41.49 23.76 42.57
N ILE A 903 -42.71 24.28 42.49
CA ILE A 903 -43.61 24.10 41.35
C ILE A 903 -43.95 25.47 40.79
N CYS A 904 -43.72 25.67 39.49
CA CYS A 904 -44.01 26.94 38.85
C CYS A 904 -44.77 26.69 37.55
N PHE A 905 -45.89 27.38 37.37
CA PHE A 905 -46.62 27.21 36.11
C PHE A 905 -47.57 28.38 35.88
N TRP A 906 -48.08 28.44 34.65
CA TRP A 906 -49.08 29.42 34.23
C TRP A 906 -50.40 28.70 34.01
N LEU A 907 -51.45 29.20 34.66
CA LEU A 907 -52.77 28.59 34.61
C LEU A 907 -53.79 29.59 34.06
N ARG A 908 -54.62 29.11 33.14
CA ARG A 908 -55.75 29.87 32.63
C ARG A 908 -56.99 28.99 32.67
N ASN A 909 -57.96 29.36 33.50
CA ASN A 909 -59.15 28.55 33.73
C ASN A 909 -60.34 29.14 32.97
N LEU A 910 -60.93 28.34 32.08
CA LEU A 910 -62.09 28.81 31.33
C LEU A 910 -63.39 28.57 32.08
N GLY A 911 -63.51 27.44 32.76
CA GLY A 911 -64.73 27.11 33.44
C GLY A 911 -64.99 28.01 34.64
N GLU A 912 -66.26 28.09 35.02
CA GLU A 912 -66.66 28.92 36.14
C GLU A 912 -66.59 28.15 37.45
N ILE A 915 -66.06 23.91 41.21
CA ILE A 915 -65.35 23.72 42.47
C ILE A 915 -64.85 22.28 42.56
N THR A 916 -63.69 22.10 43.20
CA THR A 916 -63.07 20.79 43.39
C THR A 916 -62.85 20.08 42.07
N SER A 917 -62.00 20.69 41.24
CA SER A 917 -61.68 20.14 39.92
C SER A 917 -60.40 19.31 39.91
N LYS A 918 -59.64 19.28 41.01
CA LYS A 918 -58.46 18.44 41.14
C LYS A 918 -57.44 18.72 40.03
N LEU A 919 -56.89 19.93 40.09
CA LEU A 919 -55.94 20.40 39.08
C LEU A 919 -54.70 19.50 39.00
N ILE A 920 -53.89 19.48 40.06
CA ILE A 920 -52.67 18.68 40.07
C ILE A 920 -52.49 18.08 41.45
N GLU A 921 -51.92 16.88 41.50
CA GLU A 921 -51.71 16.21 42.77
C GLU A 921 -50.67 15.12 42.60
N ASN A 922 -49.72 15.08 43.53
CA ASN A 922 -48.80 13.96 43.71
C ASN A 922 -49.13 13.41 45.09
N LYS A 923 -50.04 12.44 45.14
CA LYS A 923 -50.59 11.96 46.40
C LYS A 923 -50.63 10.44 46.40
N ALA A 924 -50.38 9.86 47.57
CA ALA A 924 -50.51 8.43 47.82
C ALA A 924 -51.36 8.28 49.07
N ASP A 925 -52.65 7.98 48.87
CA ASP A 925 -53.61 7.88 49.96
C ASP A 925 -53.65 9.17 50.77
N ASN A 926 -52.70 9.33 51.70
CA ASN A 926 -52.63 10.52 52.53
C ASN A 926 -51.38 11.35 52.26
N CYS A 927 -50.20 10.74 52.29
CA CYS A 927 -48.96 11.48 52.10
C CYS A 927 -48.88 12.04 50.67
N GLY A 928 -48.50 13.30 50.57
CA GLY A 928 -48.32 13.92 49.27
C GLY A 928 -48.63 15.40 49.32
N TRP A 929 -48.79 15.97 48.13
CA TRP A 929 -49.15 17.36 47.97
C TRP A 929 -50.14 17.48 46.82
N GLU A 930 -50.92 18.55 46.83
CA GLU A 930 -51.92 18.77 45.80
C GLU A 930 -52.26 20.25 45.70
N ILE A 931 -52.55 20.70 44.49
CA ILE A 931 -53.13 22.01 44.23
C ILE A 931 -54.42 21.78 43.45
N TYR A 932 -55.54 22.18 44.04
CA TYR A 932 -56.84 21.89 43.46
C TYR A 932 -57.76 23.09 43.59
N PHE A 933 -58.69 23.20 42.66
CA PHE A 933 -59.67 24.29 42.69
C PHE A 933 -60.63 24.10 43.86
N GLU A 934 -61.09 25.23 44.41
CA GLU A 934 -62.04 25.22 45.51
C GLU A 934 -62.63 26.63 45.62
N ASN A 935 -63.93 26.71 45.84
CA ASN A 935 -64.62 27.99 45.85
C ASN A 935 -64.35 28.76 44.57
N ASN A 936 -63.50 29.77 44.64
CA ASN A 936 -63.11 30.56 43.47
C ASN A 936 -61.60 30.75 43.42
N GLY A 937 -60.84 29.74 43.82
CA GLY A 937 -59.39 29.85 43.76
C GLY A 937 -58.74 28.50 44.03
N LEU A 938 -57.44 28.45 43.75
CA LEU A 938 -56.67 27.24 44.01
C LEU A 938 -56.35 27.12 45.50
N VAL A 939 -56.19 25.88 45.94
CA VAL A 939 -55.83 25.56 47.31
C VAL A 939 -54.68 24.57 47.28
N PHE A 940 -53.66 24.82 48.10
CA PHE A 940 -52.49 23.94 48.20
C PHE A 940 -52.54 23.18 49.51
N SER A 941 -52.53 21.85 49.43
CA SER A 941 -52.57 20.99 50.60
C SER A 941 -51.34 20.09 50.59
N ILE A 942 -50.68 19.97 51.74
CA ILE A 942 -49.53 19.10 51.90
C ILE A 942 -49.76 18.24 53.14
N VAL A 943 -49.73 16.93 52.97
CA VAL A 943 -50.01 15.99 54.05
C VAL A 943 -48.85 15.01 54.16
N ASP A 944 -48.46 14.68 55.39
CA ASP A 944 -47.37 13.75 55.62
C ASP A 944 -47.93 12.37 55.94
N CYS A 945 -47.02 11.43 56.20
CA CYS A 945 -47.37 10.07 56.60
C CYS A 945 -47.60 9.95 58.09
N ASN A 946 -47.82 11.07 58.79
CA ASN A 946 -48.03 11.06 60.22
C ASN A 946 -49.24 11.88 60.65
N GLY A 947 -50.11 12.27 59.73
CA GLY A 947 -51.33 12.99 60.05
C GLY A 947 -51.22 14.50 59.92
N ASN A 948 -50.07 15.07 60.23
CA ASN A 948 -49.90 16.51 60.16
C ASN A 948 -50.04 17.00 58.73
N GLU A 949 -50.72 18.13 58.54
CA GLU A 949 -50.94 18.66 57.20
C GLU A 949 -51.05 20.18 57.27
N GLU A 950 -50.81 20.80 56.12
CA GLU A 950 -50.91 22.25 55.97
C GLU A 950 -51.75 22.57 54.74
N ASN A 951 -52.74 23.44 54.92
CA ASN A 951 -53.62 23.86 53.85
C ASN A 951 -53.54 25.38 53.70
N ILE A 952 -53.33 25.83 52.46
CA ILE A 952 -53.22 27.25 52.14
C ILE A 952 -54.25 27.57 51.06
N TYR A 953 -55.08 28.57 51.32
CA TYR A 953 -56.07 29.05 50.37
C TYR A 953 -55.55 30.33 49.75
N LEU A 954 -55.05 30.24 48.51
CA LEU A 954 -54.63 31.41 47.75
C LEU A 954 -55.83 31.89 46.95
N SER A 955 -56.50 32.92 47.46
CA SER A 955 -57.76 33.38 46.88
C SER A 955 -57.53 34.24 45.65
N ASP A 956 -58.62 34.77 45.11
CA ASP A 956 -58.60 35.70 43.98
C ASP A 956 -57.96 35.06 42.76
N VAL A 957 -58.55 33.95 42.32
CA VAL A 957 -58.18 33.34 41.05
C VAL A 957 -59.45 33.22 40.21
N ILE A 958 -59.72 34.23 39.39
CA ILE A 958 -60.95 34.30 38.62
C ILE A 958 -60.79 33.47 37.34
N SER A 959 -61.89 33.24 36.64
CA SER A 959 -61.86 32.50 35.39
C SER A 959 -61.09 33.30 34.34
N LYS A 960 -60.81 32.67 33.20
CA LYS A 960 -59.92 33.21 32.17
C LYS A 960 -58.66 33.75 32.82
N ASN A 961 -58.32 35.01 32.55
CA ASN A 961 -57.09 35.63 33.06
C ASN A 961 -55.86 34.79 32.72
N TRP A 962 -54.76 35.05 33.41
CA TRP A 962 -53.55 34.25 33.24
C TRP A 962 -52.74 34.39 34.53
N TYR A 963 -52.63 33.31 35.28
CA TYR A 963 -52.01 33.35 36.60
C TYR A 963 -50.66 32.62 36.57
N TYR A 964 -49.70 33.16 37.32
CA TYR A 964 -48.39 32.56 37.48
C TYR A 964 -48.26 32.11 38.93
N ILE A 965 -48.25 30.80 39.14
CA ILE A 965 -48.20 30.22 40.48
C ILE A 965 -46.80 29.67 40.72
N SER A 966 -46.20 30.03 41.86
CA SER A 966 -44.89 29.54 42.25
C SER A 966 -44.95 29.11 43.71
N ILE A 967 -44.79 27.82 43.96
CA ILE A 967 -44.82 27.25 45.30
C ILE A 967 -43.42 26.70 45.60
N SER A 968 -42.90 27.04 46.77
CA SER A 968 -41.56 26.62 47.17
C SER A 968 -41.62 26.01 48.56
N ILE A 969 -41.08 24.80 48.70
CA ILE A 969 -40.95 24.14 50.00
C ILE A 969 -39.46 23.95 50.26
N ASP A 970 -38.99 24.48 51.38
CA ASP A 970 -37.58 24.40 51.76
C ASP A 970 -37.48 23.71 53.11
N ARG A 971 -36.88 22.52 53.11
CA ARG A 971 -36.66 21.78 54.34
C ARG A 971 -35.42 22.23 55.10
N LEU A 972 -34.52 22.98 54.46
CA LEU A 972 -33.35 23.49 55.16
C LEU A 972 -33.75 24.57 56.16
N ARG A 973 -34.67 25.45 55.78
CA ARG A 973 -35.22 26.45 56.68
C ARG A 973 -36.63 26.14 57.12
N ASN A 974 -37.25 25.08 56.60
CA ASN A 974 -38.60 24.68 56.94
C ASN A 974 -39.59 25.82 56.68
N GLN A 975 -39.67 26.22 55.40
CA GLN A 975 -40.52 27.33 54.99
C GLN A 975 -41.28 26.98 53.72
N LEU A 976 -42.53 27.41 53.67
CA LEU A 976 -43.40 27.23 52.49
C LEU A 976 -43.76 28.62 51.98
N LEU A 977 -43.26 28.95 50.79
CA LEU A 977 -43.46 30.26 50.18
C LEU A 977 -44.39 30.11 48.99
N ILE A 978 -45.48 30.85 48.99
CA ILE A 978 -46.48 30.82 47.93
C ILE A 978 -46.52 32.18 47.28
N PHE A 979 -46.21 32.23 45.98
CA PHE A 979 -46.22 33.45 45.18
C PHE A 979 -47.27 33.31 44.09
N ILE A 980 -48.09 34.33 43.94
CA ILE A 980 -49.04 34.42 42.83
C ILE A 980 -48.60 35.58 41.94
N ASN A 981 -48.46 35.30 40.65
CA ASN A 981 -47.94 36.27 39.69
C ASN A 981 -46.56 36.74 40.11
N ASP A 982 -46.49 37.88 40.82
CA ASP A 982 -45.20 38.40 41.27
C ASP A 982 -45.25 38.87 42.72
N LYS A 983 -46.27 38.51 43.48
CA LYS A 983 -46.43 38.96 44.85
C LYS A 983 -46.48 37.75 45.79
N LEU A 984 -45.93 37.94 46.98
CA LEU A 984 -45.96 36.88 47.99
C LEU A 984 -47.38 36.71 48.50
N ILE A 985 -47.89 35.47 48.46
CA ILE A 985 -49.24 35.18 48.90
C ILE A 985 -49.19 34.52 50.28
N ALA A 986 -48.13 33.76 50.53
CA ALA A 986 -48.02 33.08 51.82
C ALA A 986 -46.56 32.82 52.16
N ASN A 987 -46.26 32.87 53.46
CA ASN A 987 -44.92 32.63 53.99
C ASN A 987 -44.99 31.70 55.20
N GLN A 988 -45.67 30.57 55.04
CA GLN A 988 -45.98 29.71 56.16
C GLN A 988 -44.77 28.87 56.56
N SER A 989 -44.90 28.17 57.68
CA SER A 989 -43.84 27.30 58.20
C SER A 989 -44.28 25.85 58.15
N ILE A 990 -43.41 25.00 57.63
CA ILE A 990 -43.66 23.57 57.51
C ILE A 990 -42.81 22.76 58.48
N GLU A 991 -42.40 23.36 59.60
CA GLU A 991 -41.59 22.64 60.58
C GLU A 991 -42.33 21.49 61.24
N GLN A 992 -43.66 21.43 61.10
CA GLN A 992 -44.45 20.34 61.67
C GLN A 992 -44.77 19.26 60.66
N ILE A 993 -44.15 19.28 59.48
CA ILE A 993 -44.41 18.32 58.42
C ILE A 993 -43.20 17.40 58.30
N LEU A 994 -43.42 16.11 58.52
CA LEU A 994 -42.39 15.10 58.40
C LEU A 994 -42.41 14.52 56.99
N ASN A 995 -41.79 13.35 56.79
CA ASN A 995 -41.73 12.69 55.50
C ASN A 995 -43.06 12.75 54.77
N ILE A 996 -42.99 13.11 53.48
CA ILE A 996 -44.17 13.20 52.62
C ILE A 996 -43.97 12.33 51.40
N TYR A 997 -43.20 11.25 51.55
CA TYR A 997 -42.89 10.34 50.45
C TYR A 997 -44.16 9.89 49.73
N SER A 998 -44.20 10.13 48.42
CA SER A 998 -45.37 9.80 47.62
C SER A 998 -44.96 9.00 46.39
N SER A 999 -45.90 8.81 45.47
CA SER A 999 -45.63 8.05 44.26
C SER A 999 -44.63 8.79 43.36
N ASN A 1000 -44.20 8.10 42.31
CA ASN A 1000 -43.22 8.64 41.37
C ASN A 1000 -43.87 9.39 40.22
N THR A 1001 -45.18 9.61 40.26
CA THR A 1001 -45.91 10.23 39.16
C THR A 1001 -46.64 11.47 39.66
N ILE A 1002 -46.68 12.50 38.82
CA ILE A 1002 -47.44 13.72 39.06
C ILE A 1002 -48.54 13.79 38.03
N SER A 1003 -49.79 13.95 38.49
CA SER A 1003 -50.96 13.91 37.63
C SER A 1003 -51.52 15.30 37.42
N LEU A 1004 -51.95 15.58 36.19
CA LEU A 1004 -52.60 16.83 35.82
C LEU A 1004 -53.96 16.47 35.23
N VAL A 1005 -55.03 16.72 35.98
CA VAL A 1005 -56.37 16.30 35.61
C VAL A 1005 -57.26 17.54 35.51
N ASN A 1006 -57.97 17.66 34.39
CA ASN A 1006 -58.87 18.78 34.18
C ASN A 1006 -60.29 18.53 34.67
N GLU A 1007 -60.62 17.28 35.00
CA GLU A 1007 -61.98 16.91 35.39
C GLU A 1007 -62.97 17.34 34.31
N ASN A 1008 -63.81 18.32 34.63
CA ASN A 1008 -64.64 19.00 33.62
C ASN A 1008 -64.40 20.49 33.81
N ASN A 1009 -63.29 20.97 33.25
CA ASN A 1009 -62.85 22.35 33.36
C ASN A 1009 -61.80 22.63 32.30
N PRO A 1010 -62.18 23.13 31.13
CA PRO A 1010 -61.17 23.43 30.09
C PRO A 1010 -60.17 24.45 30.59
N ILE A 1011 -58.89 24.08 30.57
CA ILE A 1011 -57.81 24.91 31.11
C ILE A 1011 -56.64 24.96 30.15
N TYR A 1012 -55.78 25.95 30.37
CA TYR A 1012 -54.50 26.09 29.71
C TYR A 1012 -53.41 26.05 30.77
N ILE A 1013 -52.43 25.17 30.57
CA ILE A 1013 -51.26 25.04 31.45
C ILE A 1013 -50.02 25.34 30.61
N GLU A 1014 -49.23 26.30 31.07
CA GLU A 1014 -48.06 26.75 30.31
C GLU A 1014 -46.82 26.74 31.20
N GLY A 1015 -45.71 26.26 30.64
CA GLY A 1015 -44.43 26.34 31.31
C GLY A 1015 -44.38 25.67 32.66
N LEU A 1016 -45.05 24.54 32.82
CA LEU A 1016 -45.03 23.84 34.09
C LEU A 1016 -43.63 23.29 34.36
N SER A 1017 -43.13 23.56 35.56
CA SER A 1017 -41.76 23.20 35.90
C SER A 1017 -41.66 22.82 37.36
N ILE A 1018 -40.87 21.78 37.64
CA ILE A 1018 -40.57 21.33 38.98
C ILE A 1018 -39.07 21.47 39.19
N LEU A 1019 -38.67 22.19 40.21
CA LEU A 1019 -37.26 22.44 40.51
C LEU A 1019 -36.79 21.51 41.61
N ASN A 1020 -35.47 21.32 41.67
CA ASN A 1020 -34.85 20.47 42.67
C ASN A 1020 -34.38 21.24 43.89
N ARG A 1021 -34.69 22.52 43.98
CA ARG A 1021 -34.28 23.34 45.12
C ARG A 1021 -35.30 24.44 45.32
N SER A 1022 -35.27 25.03 46.51
CA SER A 1022 -36.17 26.13 46.82
C SER A 1022 -35.78 27.38 46.03
N ILE A 1023 -36.72 28.32 45.95
CA ILE A 1023 -36.51 29.53 45.18
C ILE A 1023 -36.70 30.74 46.10
N THR A 1024 -36.54 31.94 45.54
CA THR A 1024 -36.64 33.18 46.28
C THR A 1024 -37.53 34.16 45.52
N SER A 1025 -37.98 35.20 46.22
CA SER A 1025 -38.89 36.16 45.63
C SER A 1025 -38.25 36.87 44.44
N GLU A 1026 -36.96 37.20 44.54
CA GLU A 1026 -36.29 37.88 43.44
C GLU A 1026 -36.28 37.02 42.18
N GLU A 1027 -36.00 35.73 42.33
CA GLU A 1027 -36.02 34.83 41.18
C GLU A 1027 -37.40 34.74 40.57
N VAL A 1028 -38.44 34.68 41.41
CA VAL A 1028 -39.81 34.59 40.92
C VAL A 1028 -40.16 35.84 40.12
N VAL A 1029 -39.84 37.01 40.66
CA VAL A 1029 -40.15 38.27 39.98
C VAL A 1029 -39.39 38.35 38.66
N ASN A 1030 -38.10 37.99 38.68
CA ASN A 1030 -37.30 38.05 37.46
C ASN A 1030 -37.88 37.13 36.40
N ASN A 1031 -38.22 35.90 36.78
CA ASN A 1031 -38.78 34.95 35.82
C ASN A 1031 -40.11 35.45 35.27
N TYR A 1032 -40.97 35.98 36.15
CA TYR A 1032 -42.28 36.45 35.71
C TYR A 1032 -42.14 37.58 34.68
N PHE A 1033 -41.33 38.58 35.00
CA PHE A 1033 -41.23 39.73 34.12
C PHE A 1033 -40.47 39.38 32.83
N SER A 1034 -39.46 38.52 32.92
CA SER A 1034 -38.74 38.11 31.73
C SER A 1034 -39.58 37.21 30.82
N TYR A 1035 -40.54 36.47 31.38
CA TYR A 1035 -41.42 35.66 30.55
C TYR A 1035 -42.55 36.48 29.94
N LEU A 1036 -43.07 37.46 30.68
CA LEU A 1036 -44.17 38.26 30.18
C LEU A 1036 -43.74 39.23 29.08
N ASN A 1037 -42.45 39.47 28.90
CA ASN A 1037 -41.96 40.39 27.88
C ASN A 1037 -41.62 39.60 26.62
N ASN A 1038 -42.59 39.53 25.70
CA ASN A 1038 -42.42 38.75 24.48
C ASN A 1038 -42.82 39.53 23.24
N SER A 1039 -42.82 40.87 23.30
CA SER A 1039 -43.17 41.72 22.16
C SER A 1039 -44.58 41.43 21.66
N TYR A 1040 -45.55 41.52 22.56
CA TYR A 1040 -46.96 41.29 22.21
C TYR A 1040 -47.82 42.09 23.16
N ILE A 1041 -48.82 42.79 22.59
CA ILE A 1041 -49.78 43.51 23.43
C ILE A 1041 -50.82 42.53 23.95
N ARG A 1042 -51.18 42.69 25.22
CA ARG A 1042 -52.12 41.79 25.88
C ARG A 1042 -53.33 42.58 26.37
N ASP A 1043 -54.44 41.87 26.54
CA ASP A 1043 -55.66 42.46 27.07
C ASP A 1043 -55.53 42.60 28.58
N ILE A 1044 -56.62 42.97 29.25
CA ILE A 1044 -56.60 43.08 30.70
C ILE A 1044 -56.43 41.72 31.36
N SER A 1045 -56.76 40.63 30.66
CA SER A 1045 -56.64 39.29 31.20
C SER A 1045 -55.26 38.69 30.95
N GLY A 1046 -54.75 38.82 29.73
CA GLY A 1046 -53.45 38.27 29.40
C GLY A 1046 -53.40 37.72 27.98
N GLU A 1047 -54.56 37.56 27.35
CA GLU A 1047 -54.60 37.11 25.97
C GLU A 1047 -54.03 38.17 25.04
N ARG A 1048 -53.24 37.74 24.07
CA ARG A 1048 -52.60 38.67 23.14
C ARG A 1048 -53.63 39.31 22.20
N THR B 22 31.27 -52.42 -6.07
CA THR B 22 30.30 -51.58 -6.76
C THR B 22 30.85 -50.18 -7.02
N ILE B 23 32.14 -50.00 -6.74
CA ILE B 23 32.80 -48.72 -6.93
C ILE B 23 34.28 -48.97 -7.16
N ASP B 24 34.87 -48.22 -8.09
CA ASP B 24 36.29 -48.30 -8.39
C ASP B 24 37.10 -47.25 -7.63
N LEU B 25 36.58 -46.76 -6.50
CA LEU B 25 37.24 -45.73 -5.72
C LEU B 25 38.13 -46.37 -4.66
N ALA B 26 38.63 -45.57 -3.73
CA ALA B 26 39.42 -46.03 -2.61
C ALA B 26 38.64 -45.82 -1.31
N ASP B 27 39.23 -46.28 -0.21
CA ASP B 27 38.60 -46.12 1.09
C ASP B 27 38.61 -44.65 1.51
N GLY B 28 37.49 -44.19 2.06
CA GLY B 28 37.39 -42.83 2.52
C GLY B 28 36.06 -42.17 2.20
N ASN B 29 35.94 -40.89 2.52
CA ASN B 29 34.72 -40.14 2.27
C ASN B 29 34.84 -39.35 0.98
N TYR B 30 33.79 -39.37 0.16
CA TYR B 30 33.79 -38.72 -1.13
C TYR B 30 32.53 -37.86 -1.28
N VAL B 31 32.67 -36.76 -2.01
CA VAL B 31 31.58 -35.85 -2.31
C VAL B 31 31.33 -35.92 -3.81
N VAL B 32 30.10 -36.26 -4.19
CA VAL B 32 29.75 -36.53 -5.58
C VAL B 32 28.58 -35.64 -5.98
N SER B 33 28.65 -35.09 -7.18
CA SER B 33 27.54 -34.40 -7.81
C SER B 33 27.02 -35.24 -8.97
N ARG B 34 25.72 -35.47 -8.99
CA ARG B 34 25.07 -36.19 -10.08
C ARG B 34 24.43 -35.26 -11.11
N GLY B 35 24.67 -33.95 -10.99
CA GLY B 35 24.13 -33.00 -11.93
C GLY B 35 22.67 -32.70 -11.67
N ASP B 36 22.17 -31.70 -12.39
CA ASP B 36 20.77 -31.31 -12.29
C ASP B 36 19.91 -32.29 -13.09
N GLY B 37 18.62 -32.00 -13.20
CA GLY B 37 17.72 -32.88 -13.91
C GLY B 37 17.17 -34.02 -13.10
N TRP B 38 17.28 -33.95 -11.78
CA TRP B 38 16.74 -35.00 -10.92
C TRP B 38 15.30 -34.66 -10.56
N ILE B 39 14.40 -35.60 -10.82
CA ILE B 39 12.98 -35.44 -10.54
C ILE B 39 12.64 -36.24 -9.29
N LEU B 40 12.05 -35.57 -8.31
CA LEU B 40 11.66 -36.23 -7.08
C LEU B 40 10.42 -37.09 -7.29
N SER B 41 10.17 -37.99 -6.35
CA SER B 41 9.06 -38.93 -6.45
C SER B 41 7.80 -38.34 -5.85
N ARG B 42 6.66 -38.71 -6.44
CA ARG B 42 5.31 -38.34 -5.99
C ARG B 42 5.05 -36.85 -6.05
N GLN B 43 5.93 -36.06 -6.66
CA GLN B 43 5.80 -34.62 -6.71
C GLN B 43 5.52 -34.09 -8.11
N ASN B 44 5.01 -34.94 -8.99
CA ASN B 44 4.83 -34.56 -10.39
C ASN B 44 3.85 -33.39 -10.53
N GLN B 45 2.59 -33.62 -10.17
CA GLN B 45 1.55 -32.60 -10.34
C GLN B 45 1.25 -31.91 -9.02
N ILE B 46 2.26 -31.30 -8.42
CA ILE B 46 2.08 -30.49 -7.22
C ILE B 46 2.14 -29.00 -7.51
N LEU B 47 2.51 -28.60 -8.73
CA LEU B 47 2.51 -27.20 -9.13
C LEU B 47 1.33 -26.86 -10.02
N GLY B 48 0.62 -27.84 -10.54
CA GLY B 48 -0.52 -27.61 -11.41
C GLY B 48 -0.22 -28.01 -12.84
N GLY B 49 -1.23 -27.81 -13.69
CA GLY B 49 -1.11 -28.12 -15.11
C GLY B 49 -2.02 -27.23 -15.92
N SER B 50 -1.78 -27.25 -17.23
CA SER B 50 -2.51 -26.41 -18.17
C SER B 50 -3.13 -27.28 -19.27
N VAL B 51 -4.35 -26.93 -19.65
CA VAL B 51 -5.07 -27.61 -20.72
C VAL B 51 -5.30 -26.61 -21.83
N ILE B 52 -4.85 -26.95 -23.04
CA ILE B 52 -4.99 -26.10 -24.22
C ILE B 52 -5.66 -26.92 -25.31
N SER B 53 -6.20 -26.21 -26.31
CA SER B 53 -7.03 -26.89 -27.30
C SER B 53 -6.98 -26.16 -28.63
N ASN B 54 -7.04 -26.95 -29.71
CA ASN B 54 -7.28 -26.49 -31.07
C ASN B 54 -6.41 -25.33 -31.51
N GLY B 55 -5.09 -25.54 -31.59
CA GLY B 55 -4.16 -24.57 -32.13
C GLY B 55 -3.71 -23.51 -31.15
N SER B 56 -4.31 -23.46 -29.96
CA SER B 56 -3.86 -22.53 -28.94
C SER B 56 -2.47 -22.94 -28.45
N THR B 57 -1.69 -21.94 -28.04
CA THR B 57 -0.34 -22.15 -27.56
C THR B 57 -0.31 -21.92 -26.05
N GLY B 58 0.11 -22.93 -25.31
CA GLY B 58 0.20 -22.84 -23.86
C GLY B 58 1.65 -22.65 -23.43
N ILE B 59 1.86 -21.62 -22.61
CA ILE B 59 3.19 -21.27 -22.11
C ILE B 59 3.11 -21.28 -20.58
N VAL B 60 3.90 -22.16 -19.96
CA VAL B 60 3.95 -22.25 -18.50
C VAL B 60 5.39 -22.17 -18.06
N GLY B 61 5.63 -21.51 -16.94
CA GLY B 61 6.99 -21.36 -16.47
C GLY B 61 7.02 -20.90 -15.03
N ASP B 62 8.20 -20.49 -14.60
CA ASP B 62 8.41 -20.04 -13.23
C ASP B 62 9.43 -18.90 -13.22
N LEU B 63 9.31 -18.06 -12.20
CA LEU B 63 10.20 -16.92 -12.00
C LEU B 63 10.35 -16.71 -10.50
N ARG B 64 11.52 -17.03 -9.96
CA ARG B 64 11.75 -16.98 -8.53
C ARG B 64 12.86 -16.00 -8.21
N VAL B 65 12.66 -15.21 -7.15
CA VAL B 65 13.67 -14.28 -6.69
C VAL B 65 14.65 -14.92 -5.71
N ASN B 66 14.26 -16.01 -5.07
CA ASN B 66 15.14 -16.69 -4.12
C ASN B 66 15.61 -18.04 -4.66
N ILE B 70 15.57 -23.36 -0.52
CA ILE B 70 15.10 -24.39 0.40
C ILE B 70 15.48 -25.77 -0.12
N PRO B 71 16.67 -26.25 0.25
CA PRO B 71 17.13 -27.57 -0.18
C PRO B 71 16.43 -28.66 0.62
N TYR B 72 16.77 -29.90 0.29
CA TYR B 72 16.22 -31.08 0.95
C TYR B 72 17.38 -31.94 1.45
N TYR B 73 17.47 -32.14 2.75
CA TYR B 73 18.55 -32.90 3.35
C TYR B 73 18.08 -34.32 3.68
N TYR B 74 18.98 -35.29 3.50
CA TYR B 74 18.74 -36.67 3.89
C TYR B 74 20.07 -37.17 4.45
N PRO B 75 20.29 -37.01 5.75
CA PRO B 75 21.60 -37.29 6.32
C PRO B 75 21.79 -38.72 6.80
N THR B 76 22.96 -38.99 7.36
CA THR B 76 23.31 -40.25 7.98
C THR B 76 23.96 -39.93 9.31
N PRO B 77 24.08 -40.92 10.21
CA PRO B 77 24.72 -40.64 11.51
C PRO B 77 26.10 -40.02 11.41
N SER B 78 26.93 -40.46 10.46
CA SER B 78 28.24 -39.85 10.30
C SER B 78 28.17 -38.50 9.60
N PHE B 79 27.28 -38.38 8.61
CA PHE B 79 27.17 -37.17 7.79
C PHE B 79 25.98 -36.35 8.29
N ASN B 80 26.25 -35.46 9.25
CA ASN B 80 25.23 -34.54 9.73
C ASN B 80 24.98 -33.44 8.71
N GLU B 81 23.90 -32.69 8.93
CA GLU B 81 23.48 -31.69 7.95
C GLU B 81 24.54 -30.62 7.75
N GLU B 82 25.15 -30.13 8.85
CA GLU B 82 26.21 -29.15 8.72
C GLU B 82 27.41 -29.72 7.98
N TYR B 83 27.75 -30.98 8.25
CA TYR B 83 28.86 -31.63 7.55
C TYR B 83 28.59 -31.69 6.05
N ILE B 84 27.38 -32.10 5.67
CA ILE B 84 27.03 -32.18 4.25
C ILE B 84 27.10 -30.80 3.61
N LYS B 85 26.50 -29.80 4.27
CA LYS B 85 26.48 -28.46 3.69
C LYS B 85 27.88 -27.92 3.48
N ASN B 86 28.74 -28.06 4.50
CA ASN B 86 30.10 -27.55 4.39
C ASN B 86 30.86 -28.27 3.29
N ASN B 87 30.77 -29.60 3.25
CA ASN B 87 31.55 -30.36 2.27
C ASN B 87 31.09 -30.08 0.85
N ILE B 88 29.77 -29.94 0.63
CA ILE B 88 29.29 -29.65 -0.70
C ILE B 88 29.66 -28.23 -1.13
N GLN B 89 29.47 -27.25 -0.22
CA GLN B 89 29.79 -25.88 -0.58
C GLN B 89 31.28 -25.63 -0.72
N THR B 90 32.12 -26.51 -0.16
CA THR B 90 33.56 -26.35 -0.35
C THR B 90 33.97 -26.52 -1.80
N VAL B 91 33.35 -27.47 -2.51
CA VAL B 91 33.78 -27.84 -3.86
C VAL B 91 32.83 -27.26 -4.90
N PHE B 92 31.55 -27.60 -4.81
CA PHE B 92 30.60 -27.26 -5.84
C PHE B 92 29.98 -25.90 -5.56
N ALA B 93 28.98 -25.52 -6.36
CA ALA B 93 28.38 -24.21 -6.24
C ALA B 93 27.66 -24.03 -4.91
N ASN B 94 27.87 -22.89 -4.28
CA ASN B 94 27.21 -22.59 -3.02
C ASN B 94 25.71 -22.42 -3.22
N PHE B 95 24.94 -22.70 -2.17
CA PHE B 95 23.50 -22.56 -2.22
C PHE B 95 22.89 -21.84 -1.02
N THR B 96 23.57 -21.80 0.12
CA THR B 96 23.03 -21.10 1.28
C THR B 96 23.00 -19.60 1.06
N GLU B 97 24.10 -19.03 0.60
CA GLU B 97 24.20 -17.60 0.35
C GLU B 97 24.06 -17.24 -1.13
N ALA B 98 24.11 -18.22 -2.02
CA ALA B 98 23.99 -17.97 -3.45
C ALA B 98 22.55 -18.10 -3.95
N ASN B 99 21.58 -18.30 -3.06
CA ASN B 99 20.18 -18.34 -3.45
C ASN B 99 19.63 -16.96 -3.78
N GLN B 100 20.40 -15.90 -3.56
CA GLN B 100 19.92 -14.55 -3.80
C GLN B 100 19.62 -14.32 -5.29
N ILE B 101 20.41 -14.92 -6.16
CA ILE B 101 20.26 -14.67 -7.60
C ILE B 101 18.93 -15.24 -8.08
N PRO B 102 18.09 -14.45 -8.74
CA PRO B 102 16.81 -14.96 -9.24
C PRO B 102 17.00 -15.78 -10.51
N ILE B 103 16.02 -16.64 -10.76
CA ILE B 103 16.01 -17.51 -11.93
C ILE B 103 14.64 -17.47 -12.59
N GLY B 104 14.60 -17.87 -13.86
CA GLY B 104 13.33 -18.08 -14.51
C GLY B 104 13.46 -19.05 -15.67
N PHE B 105 12.37 -19.74 -15.95
CA PHE B 105 12.34 -20.65 -17.09
C PHE B 105 10.92 -20.73 -17.62
N GLU B 106 10.80 -21.19 -18.86
CA GLU B 106 9.53 -21.17 -19.58
C GLU B 106 9.49 -22.30 -20.59
N PHE B 107 8.32 -22.92 -20.73
CA PHE B 107 8.07 -23.96 -21.72
C PHE B 107 6.85 -23.62 -22.55
N SER B 108 6.98 -23.75 -23.86
CA SER B 108 5.91 -23.44 -24.80
C SER B 108 5.53 -24.64 -25.66
N LYS B 109 4.23 -24.89 -25.76
CA LYS B 109 3.72 -26.02 -26.54
C LYS B 109 2.44 -25.65 -27.26
N THR B 110 2.33 -26.10 -28.52
CA THR B 110 1.18 -25.78 -29.36
C THR B 110 0.28 -27.01 -29.47
N ALA B 111 -1.02 -26.79 -29.30
CA ALA B 111 -1.98 -27.88 -29.42
C ALA B 111 -2.12 -28.33 -30.88
N PRO B 112 -2.52 -29.58 -31.10
CA PRO B 112 -2.80 -30.02 -32.48
C PRO B 112 -4.04 -29.35 -33.05
N SER B 113 -4.43 -29.75 -34.27
CA SER B 113 -5.51 -29.07 -34.97
C SER B 113 -6.84 -29.20 -34.22
N ASN B 114 -7.23 -30.42 -33.90
CA ASN B 114 -8.54 -30.69 -33.30
C ASN B 114 -8.43 -31.67 -32.15
N LYS B 115 -7.48 -31.43 -31.25
CA LYS B 115 -7.35 -32.26 -30.06
C LYS B 115 -6.83 -31.40 -28.91
N ASN B 116 -7.11 -31.86 -27.69
CA ASN B 116 -6.68 -31.14 -26.50
C ASN B 116 -5.34 -31.67 -26.02
N LEU B 117 -4.57 -30.79 -25.38
CA LEU B 117 -3.24 -31.10 -24.88
C LEU B 117 -3.14 -30.67 -23.43
N TYR B 118 -2.68 -31.57 -22.56
CA TYR B 118 -2.49 -31.29 -21.15
C TYR B 118 -1.01 -31.38 -20.82
N MET B 119 -0.48 -30.32 -20.20
CA MET B 119 0.94 -30.24 -19.89
C MET B 119 1.12 -29.79 -18.45
N TYR B 120 1.97 -30.49 -17.70
CA TYR B 120 2.18 -30.19 -16.30
C TYR B 120 3.66 -30.00 -16.01
N LEU B 121 3.95 -29.22 -14.98
CA LEU B 121 5.29 -28.75 -14.67
C LEU B 121 5.74 -29.27 -13.31
N GLN B 122 7.00 -29.67 -13.22
CA GLN B 122 7.61 -30.05 -11.95
C GLN B 122 9.00 -29.44 -11.89
N TYR B 123 9.61 -29.54 -10.71
CA TYR B 123 10.94 -28.99 -10.48
C TYR B 123 11.99 -30.07 -10.67
N THR B 124 13.09 -29.73 -11.33
CA THR B 124 14.26 -30.59 -11.35
C THR B 124 15.25 -30.12 -10.28
N TYR B 125 16.10 -31.04 -9.85
CA TYR B 125 16.99 -30.79 -8.73
C TYR B 125 18.40 -31.25 -9.05
N ILE B 126 19.36 -30.69 -8.32
CA ILE B 126 20.74 -31.14 -8.33
C ILE B 126 20.92 -32.08 -7.16
N ARG B 127 21.48 -33.27 -7.42
CA ARG B 127 21.70 -34.28 -6.39
C ARG B 127 23.16 -34.25 -5.97
N TYR B 128 23.39 -34.05 -4.67
CA TYR B 128 24.72 -33.97 -4.09
C TYR B 128 24.81 -35.09 -3.05
N GLU B 129 25.53 -36.15 -3.38
CA GLU B 129 25.73 -37.26 -2.45
C GLU B 129 27.06 -37.11 -1.73
N ILE B 130 27.09 -37.60 -0.49
CA ILE B 130 28.33 -37.71 0.27
C ILE B 130 28.38 -39.12 0.82
N ILE B 131 29.41 -39.87 0.44
CA ILE B 131 29.44 -41.31 0.66
C ILE B 131 30.72 -41.68 1.39
N LYS B 132 30.69 -42.86 2.02
CA LYS B 132 31.86 -43.46 2.66
C LYS B 132 32.10 -44.81 1.99
N VAL B 133 33.31 -45.00 1.47
CA VAL B 133 33.66 -46.19 0.71
C VAL B 133 34.65 -47.01 1.52
N LEU B 134 34.31 -48.27 1.77
CA LEU B 134 35.19 -49.22 2.43
C LEU B 134 35.26 -50.49 1.59
N GLN B 135 36.48 -50.96 1.33
CA GLN B 135 36.70 -52.14 0.51
C GLN B 135 36.03 -51.99 -0.86
N HIS B 136 36.17 -50.80 -1.45
CA HIS B 136 35.62 -50.49 -2.77
C HIS B 136 34.12 -50.75 -2.82
N GLU B 137 33.41 -50.39 -1.75
CA GLU B 137 31.97 -50.55 -1.68
C GLU B 137 31.36 -49.36 -0.95
N ILE B 138 30.25 -48.85 -1.46
CA ILE B 138 29.56 -47.71 -0.86
C ILE B 138 28.76 -48.24 0.33
N ILE B 139 29.26 -48.01 1.54
CA ILE B 139 28.61 -48.49 2.76
C ILE B 139 27.77 -47.42 3.43
N GLU B 140 27.83 -46.18 2.97
CA GLU B 140 27.08 -45.09 3.59
C GLU B 140 26.88 -44.00 2.55
N ARG B 141 25.75 -43.32 2.63
CA ARG B 141 25.43 -42.29 1.64
C ARG B 141 24.39 -41.34 2.21
N ALA B 142 24.68 -40.04 2.16
CA ALA B 142 23.72 -39.00 2.49
C ALA B 142 23.47 -38.17 1.24
N VAL B 143 22.24 -37.68 1.09
CA VAL B 143 21.80 -37.07 -0.16
C VAL B 143 21.22 -35.68 0.11
N LEU B 144 21.68 -34.70 -0.64
CA LEU B 144 21.14 -33.34 -0.62
C LEU B 144 20.56 -33.01 -1.98
N TYR B 145 19.38 -32.39 -1.98
CA TYR B 145 18.71 -31.96 -3.20
C TYR B 145 18.65 -30.45 -3.22
N VAL B 146 19.19 -29.85 -4.26
CA VAL B 146 19.22 -28.40 -4.43
C VAL B 146 18.25 -28.02 -5.55
N PRO B 147 17.35 -27.07 -5.32
CA PRO B 147 16.39 -26.70 -6.37
C PRO B 147 17.09 -26.18 -7.62
N SER B 148 16.50 -26.50 -8.77
CA SER B 148 17.05 -26.13 -10.07
C SER B 148 15.88 -25.76 -10.98
N LEU B 149 16.14 -25.74 -12.29
CA LEU B 149 15.11 -25.42 -13.26
C LEU B 149 14.03 -26.50 -13.28
N GLY B 150 13.04 -26.32 -14.16
CA GLY B 150 11.87 -27.16 -14.19
C GLY B 150 11.85 -28.12 -15.36
N TYR B 151 10.74 -28.84 -15.46
CA TYR B 151 10.52 -29.86 -16.48
C TYR B 151 9.03 -29.97 -16.75
N VAL B 152 8.66 -29.99 -18.03
CA VAL B 152 7.27 -30.01 -18.45
C VAL B 152 7.01 -31.31 -19.20
N LYS B 153 5.97 -32.03 -18.78
CA LYS B 153 5.52 -33.24 -19.46
C LYS B 153 4.13 -32.99 -20.02
N SER B 154 3.95 -33.33 -21.30
CA SER B 154 2.71 -33.05 -22.00
C SER B 154 2.19 -34.30 -22.68
N ILE B 155 0.86 -34.35 -22.86
CA ILE B 155 0.21 -35.44 -23.57
C ILE B 155 -0.99 -34.88 -24.32
N GLU B 156 -1.19 -35.36 -25.54
CA GLU B 156 -2.36 -35.02 -26.34
C GLU B 156 -3.42 -36.07 -26.10
N PHE B 157 -4.59 -35.65 -25.62
CA PHE B 157 -5.65 -36.56 -25.21
C PHE B 157 -6.97 -36.16 -25.85
N ASN B 158 -7.81 -37.14 -26.06
CA ASN B 158 -9.20 -37.04 -26.47
C ASN B 158 -10.11 -37.29 -25.29
N PRO B 159 -11.31 -36.69 -25.27
CA PRO B 159 -12.20 -36.88 -24.12
C PRO B 159 -12.56 -38.34 -23.93
N GLY B 160 -12.59 -38.77 -22.67
CA GLY B 160 -12.91 -40.14 -22.31
C GLY B 160 -11.75 -41.10 -22.36
N GLU B 161 -10.62 -40.71 -22.95
CA GLU B 161 -9.49 -41.61 -23.06
C GLU B 161 -8.83 -41.82 -21.71
N LYS B 162 -8.35 -43.05 -21.47
CA LYS B 162 -7.63 -43.39 -20.26
C LYS B 162 -6.14 -43.31 -20.53
N ILE B 163 -5.41 -42.63 -19.66
CA ILE B 163 -3.99 -42.39 -19.82
C ILE B 163 -3.22 -43.22 -18.81
N ASN B 164 -2.12 -43.83 -19.26
CA ASN B 164 -1.34 -44.70 -18.40
C ASN B 164 -0.85 -43.95 -17.16
N LYS B 165 -0.93 -44.62 -16.01
CA LYS B 165 -0.66 -43.97 -14.73
C LYS B 165 0.79 -43.53 -14.59
N ASP B 166 1.71 -44.19 -15.32
CA ASP B 166 3.12 -43.81 -15.22
C ASP B 166 3.37 -42.40 -15.76
N PHE B 167 2.45 -41.86 -16.55
CA PHE B 167 2.61 -40.49 -17.03
C PHE B 167 2.44 -39.48 -15.91
N TYR B 168 1.52 -39.73 -14.98
CA TYR B 168 1.24 -38.79 -13.91
C TYR B 168 2.07 -39.04 -12.66
N PHE B 169 2.40 -40.30 -12.36
CA PHE B 169 3.01 -40.65 -11.09
C PHE B 169 4.42 -41.16 -11.28
N LEU B 170 5.34 -40.69 -10.43
CA LEU B 170 6.72 -41.15 -10.39
C LEU B 170 6.96 -41.77 -9.02
N THR B 171 7.19 -43.08 -8.99
CA THR B 171 7.33 -43.82 -7.75
C THR B 171 8.77 -43.89 -7.24
N ASN B 172 9.73 -43.35 -7.99
CA ASN B 172 11.12 -43.39 -7.58
C ASN B 172 11.85 -42.20 -8.17
N ASP B 173 12.78 -41.64 -7.40
CA ASP B 173 13.57 -40.52 -7.90
C ASP B 173 14.35 -40.93 -9.14
N LYS B 174 14.24 -40.14 -10.20
CA LYS B 174 14.88 -40.45 -11.47
C LYS B 174 15.46 -39.18 -12.05
N CYS B 175 16.48 -39.36 -12.90
CA CYS B 175 17.08 -38.25 -13.65
C CYS B 175 16.64 -38.35 -15.10
N ILE B 176 16.16 -37.23 -15.64
CA ILE B 176 15.71 -37.18 -17.02
C ILE B 176 16.67 -36.32 -17.81
N LEU B 177 17.91 -36.23 -17.33
CA LEU B 177 18.91 -35.35 -17.91
C LEU B 177 20.18 -36.16 -18.13
N ASN B 178 21.25 -35.46 -18.52
CA ASN B 178 22.54 -36.12 -18.77
C ASN B 178 23.11 -36.63 -17.45
N GLU B 179 23.14 -37.96 -17.30
CA GLU B 179 23.69 -38.56 -16.10
C GLU B 179 25.18 -38.26 -15.99
N GLN B 180 25.63 -37.99 -14.78
CA GLN B 180 27.03 -37.69 -14.53
C GLN B 180 27.40 -38.09 -13.12
N PHE B 181 28.70 -38.18 -12.86
CA PHE B 181 29.22 -38.58 -11.56
C PHE B 181 30.55 -37.83 -11.37
N LEU B 182 30.46 -36.67 -10.73
CA LEU B 182 31.64 -35.82 -10.50
C LEU B 182 32.02 -35.91 -9.04
N TYR B 183 33.14 -36.56 -8.74
CA TYR B 183 33.51 -36.90 -7.38
C TYR B 183 34.79 -36.20 -6.96
N LYS B 184 34.91 -35.96 -5.65
CA LYS B 184 36.11 -35.41 -5.05
C LYS B 184 36.32 -36.05 -3.69
N LYS B 185 37.54 -36.47 -3.41
CA LYS B 185 37.84 -37.13 -2.14
C LYS B 185 37.83 -36.12 -1.01
N ILE B 186 37.01 -36.37 0.00
CA ILE B 186 36.92 -35.49 1.16
C ILE B 186 38.00 -35.90 2.15
N LEU B 187 38.98 -35.03 2.37
CA LEU B 187 40.07 -35.32 3.28
C LEU B 187 40.08 -34.36 4.47
N ARG B 208 55.30 -13.98 -22.24
CA ARG B 208 56.23 -13.48 -23.25
C ARG B 208 56.91 -12.20 -22.77
N VAL B 209 57.46 -11.44 -23.72
CA VAL B 209 58.12 -10.18 -23.42
C VAL B 209 57.13 -9.05 -23.61
N LEU B 210 56.95 -8.23 -22.58
CA LEU B 210 56.03 -7.11 -22.63
C LEU B 210 56.81 -5.82 -22.80
N PRO B 211 56.76 -5.18 -23.97
CA PRO B 211 57.48 -3.91 -24.18
C PRO B 211 56.75 -2.70 -23.61
N TYR B 212 56.30 -2.82 -22.37
CA TYR B 212 55.52 -1.77 -21.73
C TYR B 212 56.44 -0.80 -20.97
N SER B 213 55.87 0.32 -20.58
CA SER B 213 56.57 1.32 -19.79
C SER B 213 56.06 1.28 -18.34
N ASN B 214 56.84 1.85 -17.45
CA ASN B 214 56.49 1.85 -16.04
C ASN B 214 55.21 2.64 -15.81
N GLY B 215 54.20 1.97 -15.26
CA GLY B 215 52.93 2.60 -15.01
C GLY B 215 51.82 1.57 -14.91
N LEU B 216 50.66 2.05 -14.50
CA LEU B 216 49.50 1.17 -14.37
C LEU B 216 48.94 0.81 -15.73
N TYR B 217 48.35 -0.38 -15.82
CA TYR B 217 47.72 -0.85 -17.04
C TYR B 217 46.47 -1.63 -16.69
N VAL B 218 45.46 -1.52 -17.56
CA VAL B 218 44.23 -2.30 -17.44
C VAL B 218 44.08 -3.10 -18.72
N ILE B 219 43.95 -4.41 -18.58
CA ILE B 219 43.87 -5.33 -19.72
C ILE B 219 42.53 -6.04 -19.66
N ASN B 220 41.71 -5.82 -20.69
CA ASN B 220 40.50 -6.61 -20.89
C ASN B 220 40.91 -7.92 -21.54
N LYS B 221 40.74 -9.03 -20.81
CA LYS B 221 41.18 -10.33 -21.28
C LYS B 221 40.09 -11.11 -22.00
N GLY B 222 38.86 -10.60 -22.05
CA GLY B 222 37.83 -11.21 -22.85
C GLY B 222 36.55 -11.41 -22.07
N ASP B 223 35.66 -12.20 -22.65
CA ASP B 223 34.33 -12.47 -22.11
C ASP B 223 34.09 -13.97 -22.10
N GLY B 224 32.99 -14.37 -21.47
CA GLY B 224 32.62 -15.76 -21.43
C GLY B 224 33.33 -16.59 -20.38
N TYR B 225 33.99 -15.96 -19.42
CA TYR B 225 34.66 -16.72 -18.36
C TYR B 225 33.64 -17.36 -17.44
N ILE B 226 33.79 -18.65 -17.17
CA ILE B 226 32.95 -19.37 -16.23
C ILE B 226 33.83 -20.09 -15.24
N ARG B 227 33.34 -20.22 -14.01
CA ARG B 227 34.09 -20.91 -12.98
C ARG B 227 34.09 -22.42 -13.23
N THR B 228 35.11 -23.09 -12.70
CA THR B 228 35.24 -24.53 -12.88
C THR B 228 34.22 -25.28 -12.03
N ASN B 229 34.05 -26.55 -12.34
CA ASN B 229 33.16 -27.46 -11.60
C ASN B 229 31.72 -26.99 -11.60
N ASP B 230 31.30 -26.33 -12.68
CA ASP B 230 29.91 -25.89 -12.86
C ASP B 230 29.43 -25.03 -11.69
N LYS B 231 30.31 -24.14 -11.21
CA LYS B 231 29.93 -23.23 -10.13
C LYS B 231 29.11 -22.05 -10.61
N ASP B 232 29.11 -21.79 -11.92
CA ASP B 232 28.33 -20.70 -12.50
C ASP B 232 27.17 -21.23 -13.34
N LEU B 233 26.76 -22.46 -13.12
CA LEU B 233 25.74 -23.10 -13.94
C LEU B 233 24.35 -22.60 -13.55
N ILE B 234 23.69 -21.89 -14.47
CA ILE B 234 22.28 -21.56 -14.26
C ILE B 234 21.44 -22.84 -14.25
N GLY B 235 21.66 -23.68 -15.23
CA GLY B 235 21.01 -24.99 -15.23
C GLY B 235 20.70 -25.46 -16.63
N THR B 236 20.06 -26.63 -16.70
CA THR B 236 19.75 -27.28 -17.96
C THR B 236 18.25 -27.49 -18.08
N LEU B 237 17.72 -27.24 -19.28
CA LEU B 237 16.33 -27.47 -19.62
C LEU B 237 16.26 -28.54 -20.70
N LEU B 238 15.40 -29.54 -20.49
CA LEU B 238 15.13 -30.56 -21.49
C LEU B 238 13.81 -30.22 -22.17
N ILE B 239 13.83 -30.09 -23.49
CA ILE B 239 12.66 -29.71 -24.28
C ILE B 239 12.31 -30.89 -25.17
N GLU B 240 11.06 -31.34 -25.08
CA GLU B 240 10.59 -32.46 -25.87
C GLU B 240 10.38 -32.02 -27.33
N ALA B 241 10.21 -33.02 -28.19
CA ALA B 241 10.04 -32.74 -29.61
C ALA B 241 8.79 -31.92 -29.87
N GLY B 242 8.93 -30.90 -30.72
CA GLY B 242 7.81 -30.05 -31.08
C GLY B 242 7.55 -28.98 -30.04
N SER B 243 8.35 -28.90 -28.99
CA SER B 243 8.19 -27.89 -27.95
C SER B 243 9.34 -26.91 -28.14
N SER B 244 9.34 -25.86 -27.31
CA SER B 244 10.42 -24.90 -27.24
C SER B 244 10.58 -24.50 -25.80
N GLY B 245 11.79 -24.16 -25.38
CA GLY B 245 12.05 -23.83 -24.00
C GLY B 245 12.98 -22.65 -23.86
N SER B 246 12.83 -21.89 -22.78
CA SER B 246 13.61 -20.68 -22.58
C SER B 246 14.10 -20.61 -21.14
N ILE B 247 15.33 -20.14 -20.99
CA ILE B 247 15.94 -19.87 -19.69
C ILE B 247 16.19 -18.38 -19.59
N ILE B 248 15.65 -17.76 -18.54
CA ILE B 248 15.70 -16.31 -18.36
C ILE B 248 16.46 -16.01 -17.08
N GLN B 249 17.40 -15.07 -17.15
CA GLN B 249 18.15 -14.65 -15.98
C GLN B 249 17.75 -13.23 -15.59
N PRO B 250 16.74 -13.06 -14.74
CA PRO B 250 16.44 -11.73 -14.21
C PRO B 250 17.60 -11.23 -13.35
N ARG B 251 17.74 -9.90 -13.30
CA ARG B 251 18.78 -9.26 -12.50
C ARG B 251 18.14 -8.16 -11.68
N LEU B 252 18.08 -8.35 -10.37
CA LEU B 252 17.59 -7.30 -9.49
C LEU B 252 18.57 -6.13 -9.47
N ARG B 253 18.03 -4.93 -9.34
CA ARG B 253 18.87 -3.74 -9.35
C ARG B 253 19.84 -3.74 -8.17
N ASN B 254 21.10 -3.45 -8.46
CA ASN B 254 22.17 -3.44 -7.46
C ASN B 254 22.26 -4.78 -6.73
N THR B 255 22.14 -5.87 -7.50
CA THR B 255 22.22 -7.22 -6.95
C THR B 255 23.18 -8.09 -7.76
N THR B 256 24.18 -7.48 -8.36
CA THR B 256 25.20 -8.20 -9.12
C THR B 256 26.52 -8.17 -8.36
N ARG B 257 27.15 -9.33 -8.25
CA ARG B 257 28.37 -9.48 -7.46
C ARG B 257 29.55 -9.80 -8.36
N PRO B 258 30.56 -8.94 -8.45
CA PRO B 258 31.78 -9.28 -9.19
C PRO B 258 32.71 -10.11 -8.33
N LEU B 259 33.74 -10.66 -8.98
CA LEU B 259 34.74 -11.48 -8.30
C LEU B 259 36.08 -10.76 -8.34
N PHE B 260 36.63 -10.46 -7.17
CA PHE B 260 37.88 -9.73 -7.07
C PHE B 260 38.96 -10.59 -6.43
N THR B 261 40.11 -10.69 -7.08
CA THR B 261 41.27 -11.36 -6.52
C THR B 261 42.47 -10.44 -6.67
N THR B 262 42.94 -9.86 -5.57
CA THR B 262 44.06 -8.94 -5.60
C THR B 262 45.39 -9.52 -5.15
N SER B 263 46.47 -9.03 -5.77
CA SER B 263 47.82 -9.38 -5.35
C SER B 263 48.36 -8.68 -4.09
N ASN B 264 47.84 -7.46 -3.85
CA ASN B 264 48.21 -6.70 -2.65
C ASN B 264 47.05 -5.77 -2.31
N ASP B 265 46.35 -6.08 -1.22
CA ASP B 265 45.21 -5.28 -0.82
C ASP B 265 45.59 -3.90 -0.30
N ALA B 266 46.88 -3.66 -0.04
CA ALA B 266 47.31 -2.35 0.44
C ALA B 266 47.12 -1.29 -0.64
N LYS B 267 47.57 -1.58 -1.86
CA LYS B 267 47.45 -0.65 -2.97
C LYS B 267 46.29 -1.00 -3.90
N PHE B 268 46.27 -2.22 -4.42
CA PHE B 268 45.25 -2.64 -5.38
C PHE B 268 44.02 -3.17 -4.63
N SER B 269 43.33 -2.26 -3.97
CA SER B 269 42.09 -2.60 -3.29
C SER B 269 40.97 -2.76 -4.31
N GLN B 270 39.77 -3.10 -3.83
CA GLN B 270 38.64 -3.24 -4.73
C GLN B 270 38.15 -1.89 -5.22
N GLN B 271 38.07 -0.90 -4.33
CA GLN B 271 37.68 0.44 -4.76
C GLN B 271 38.70 1.05 -5.71
N TYR B 272 39.99 0.84 -5.43
CA TYR B 272 41.04 1.33 -6.31
C TYR B 272 40.94 0.68 -7.70
N THR B 273 40.72 -0.64 -7.73
CA THR B 273 40.60 -1.33 -9.01
C THR B 273 39.37 -0.86 -9.77
N GLU B 274 38.25 -0.63 -9.06
CA GLU B 274 37.06 -0.13 -9.71
C GLU B 274 37.28 1.26 -10.29
N GLU B 275 37.97 2.13 -9.55
CA GLU B 275 38.27 3.47 -10.05
C GLU B 275 39.17 3.41 -11.28
N ARG B 276 40.17 2.53 -11.25
CA ARG B 276 41.05 2.41 -12.42
C ARG B 276 40.32 1.80 -13.62
N LEU B 277 39.39 0.89 -13.38
CA LEU B 277 38.58 0.36 -14.47
C LEU B 277 37.70 1.45 -15.07
N LYS B 278 37.16 2.33 -14.22
CA LYS B 278 36.39 3.46 -14.73
C LYS B 278 37.28 4.42 -15.52
N ASP B 279 38.51 4.62 -15.07
CA ASP B 279 39.44 5.47 -15.80
C ASP B 279 39.77 4.87 -17.17
N ALA B 280 39.94 3.55 -17.22
CA ALA B 280 40.35 2.91 -18.47
C ALA B 280 39.19 2.78 -19.45
N PHE B 281 38.14 2.05 -19.07
CA PHE B 281 37.03 1.75 -19.97
C PHE B 281 35.72 2.38 -19.55
N ASN B 282 35.70 3.16 -18.46
CA ASN B 282 34.45 3.67 -17.88
C ASN B 282 33.55 2.52 -17.43
N VAL B 283 34.14 1.54 -16.76
CA VAL B 283 33.41 0.40 -16.24
C VAL B 283 32.74 0.79 -14.93
N GLN B 284 31.43 0.59 -14.85
CA GLN B 284 30.68 0.78 -13.62
C GLN B 284 29.81 -0.45 -13.38
N LEU B 285 29.65 -0.80 -12.11
CA LEU B 285 28.90 -2.01 -11.77
C LEU B 285 27.40 -1.80 -11.95
N PHE B 286 26.90 -0.62 -11.59
CA PHE B 286 25.46 -0.42 -11.51
C PHE B 286 24.76 -0.57 -12.86
N ASN B 287 25.49 -0.44 -13.96
CA ASN B 287 24.87 -0.58 -15.27
C ASN B 287 24.77 -2.03 -15.73
N THR B 288 25.32 -2.98 -14.97
CA THR B 288 25.14 -4.39 -15.28
C THR B 288 23.93 -5.00 -14.59
N SER B 289 23.34 -4.30 -13.62
CA SER B 289 22.19 -4.80 -12.88
C SER B 289 20.86 -4.47 -13.54
N THR B 290 20.85 -3.61 -14.56
CA THR B 290 19.63 -3.30 -15.29
C THR B 290 19.45 -4.15 -16.53
N SER B 291 20.43 -4.98 -16.89
CA SER B 291 20.36 -5.80 -18.07
C SER B 291 19.64 -7.11 -17.76
N LEU B 292 19.52 -7.96 -18.78
CA LEU B 292 18.89 -9.26 -18.65
C LEU B 292 19.22 -10.05 -19.91
N PHE B 293 19.34 -11.37 -19.76
CA PHE B 293 19.55 -12.24 -20.90
C PHE B 293 18.64 -13.46 -20.81
N LYS B 294 18.44 -14.09 -21.96
CA LYS B 294 17.41 -15.09 -22.15
C LYS B 294 17.81 -15.95 -23.33
N PHE B 295 17.76 -17.26 -23.14
CA PHE B 295 18.14 -18.22 -24.18
C PHE B 295 16.92 -19.05 -24.55
N VAL B 296 16.62 -19.08 -25.85
CA VAL B 296 15.44 -19.77 -26.37
C VAL B 296 15.89 -20.86 -27.32
N GLU B 297 15.31 -22.06 -27.18
CA GLU B 297 15.62 -23.17 -28.06
C GLU B 297 14.33 -23.87 -28.44
N GLU B 298 14.15 -24.10 -29.74
CA GLU B 298 12.99 -24.82 -30.25
C GLU B 298 13.44 -26.21 -30.68
N ALA B 299 13.05 -27.22 -29.91
CA ALA B 299 13.46 -28.58 -30.20
C ALA B 299 12.82 -29.04 -31.51
N PRO B 300 13.54 -29.80 -32.33
CA PRO B 300 12.95 -30.30 -33.58
C PRO B 300 11.84 -31.29 -33.31
N SER B 301 11.01 -31.50 -34.33
CA SER B 301 9.86 -32.38 -34.19
C SER B 301 10.24 -33.85 -34.02
N ASN B 302 11.50 -34.20 -34.23
CA ASN B 302 11.95 -35.58 -34.15
C ASN B 302 12.63 -35.94 -32.83
N LYS B 303 13.51 -35.09 -32.32
CA LYS B 303 14.29 -35.40 -31.13
C LYS B 303 14.19 -34.28 -30.11
N ASN B 304 14.43 -34.65 -28.85
CA ASN B 304 14.46 -33.70 -27.74
C ASN B 304 15.79 -32.96 -27.73
N ILE B 305 15.78 -31.76 -27.17
CA ILE B 305 16.97 -30.92 -27.11
C ILE B 305 17.22 -30.51 -25.66
N CYS B 306 18.45 -30.68 -25.20
CA CYS B 306 18.85 -30.22 -23.87
C CYS B 306 19.70 -28.96 -24.04
N ILE B 307 19.30 -27.89 -23.36
CA ILE B 307 19.98 -26.60 -23.44
C ILE B 307 20.51 -26.24 -22.05
N LYS B 308 21.79 -25.90 -21.98
CA LYS B 308 22.47 -25.65 -20.72
C LYS B 308 22.94 -24.20 -20.68
N ALA B 309 22.67 -23.51 -19.59
CA ALA B 309 22.97 -22.10 -19.46
C ALA B 309 23.83 -21.85 -18.23
N TYR B 310 24.84 -21.00 -18.41
CA TYR B 310 25.74 -20.54 -17.36
C TYR B 310 25.70 -19.02 -17.28
N ASN B 311 26.05 -18.51 -16.11
CA ASN B 311 26.46 -17.12 -16.01
C ASN B 311 27.90 -16.98 -16.50
N THR B 312 28.29 -15.74 -16.81
CA THR B 312 29.62 -15.48 -17.33
C THR B 312 30.24 -14.29 -16.64
N TYR B 313 31.51 -14.04 -16.94
CA TYR B 313 32.25 -12.93 -16.38
C TYR B 313 33.18 -12.36 -17.44
N GLU B 314 33.49 -11.08 -17.28
CA GLU B 314 34.51 -10.40 -18.08
C GLU B 314 35.71 -10.15 -17.19
N LYS B 315 36.89 -10.47 -17.69
CA LYS B 315 38.12 -10.42 -16.89
C LYS B 315 38.87 -9.13 -17.19
N TYR B 316 39.19 -8.38 -16.14
CA TYR B 316 40.01 -7.18 -16.24
C TYR B 316 41.20 -7.34 -15.32
N GLU B 317 42.40 -7.23 -15.87
CA GLU B 317 43.63 -7.36 -15.11
C GLU B 317 44.26 -5.99 -14.95
N LEU B 318 44.37 -5.52 -13.71
CA LEU B 318 45.03 -4.27 -13.38
C LEU B 318 46.44 -4.62 -12.93
N ILE B 319 47.42 -4.26 -13.76
CA ILE B 319 48.82 -4.60 -13.51
C ILE B 319 49.61 -3.31 -13.32
N ASP B 320 50.78 -3.47 -12.70
CA ASP B 320 51.66 -2.36 -12.32
C ASP B 320 53.06 -2.60 -12.84
N TYR B 321 53.17 -2.91 -14.13
CA TYR B 321 54.43 -3.14 -14.81
C TYR B 321 55.48 -2.11 -14.44
N GLN B 322 56.62 -2.58 -13.94
CA GLN B 322 57.70 -1.70 -13.52
C GLN B 322 59.03 -2.41 -13.75
N ASN B 323 59.92 -1.78 -14.51
CA ASN B 323 61.26 -2.31 -14.80
C ASN B 323 61.20 -3.68 -15.45
N GLY B 324 60.13 -3.96 -16.20
CA GLY B 324 59.99 -5.20 -16.93
C GLY B 324 59.29 -6.31 -16.18
N SER B 325 59.03 -6.14 -14.88
CA SER B 325 58.39 -7.16 -14.06
C SER B 325 57.09 -6.63 -13.48
N ILE B 326 56.07 -7.49 -13.48
CA ILE B 326 54.77 -7.12 -12.92
C ILE B 326 54.88 -7.14 -11.40
N VAL B 327 54.90 -5.96 -10.79
CA VAL B 327 55.03 -5.86 -9.34
C VAL B 327 53.71 -5.97 -8.60
N ASN B 328 52.58 -5.83 -9.30
CA ASN B 328 51.27 -5.92 -8.68
C ASN B 328 50.25 -6.32 -9.72
N LYS B 329 49.25 -7.08 -9.30
CA LYS B 329 48.21 -7.55 -10.22
C LYS B 329 46.90 -7.69 -9.46
N ALA B 330 45.81 -7.40 -10.14
CA ALA B 330 44.47 -7.59 -9.60
C ALA B 330 43.56 -8.08 -10.71
N GLU B 331 42.72 -9.06 -10.41
CA GLU B 331 41.78 -9.62 -11.36
C GLU B 331 40.36 -9.26 -10.92
N TYR B 332 39.61 -8.68 -11.85
CA TYR B 332 38.24 -8.23 -11.61
C TYR B 332 37.33 -8.93 -12.62
N TYR B 333 36.36 -9.67 -12.12
CA TYR B 333 35.44 -10.44 -12.96
C TYR B 333 34.07 -9.77 -12.83
N LEU B 334 33.68 -9.06 -13.88
CA LEU B 334 32.44 -8.29 -13.99
C LEU B 334 31.34 -9.18 -14.57
N PRO B 335 30.17 -9.24 -13.94
CA PRO B 335 29.10 -10.13 -14.42
C PRO B 335 28.70 -9.79 -15.86
N SER B 336 28.79 -10.80 -16.72
CA SER B 336 28.48 -10.67 -18.14
C SER B 336 27.09 -11.23 -18.42
N LEU B 337 26.76 -11.38 -19.70
CA LEU B 337 25.41 -11.70 -20.14
C LEU B 337 25.24 -13.16 -20.53
N GLY B 338 25.89 -14.08 -19.82
CA GLY B 338 25.56 -15.49 -19.89
C GLY B 338 26.27 -16.25 -21.01
N TYR B 339 26.15 -17.57 -20.93
CA TYR B 339 26.71 -18.49 -21.91
C TYR B 339 25.73 -19.63 -22.13
N CYS B 340 25.57 -20.03 -23.39
CA CYS B 340 24.61 -21.05 -23.77
C CYS B 340 25.31 -22.22 -24.45
N GLU B 341 24.77 -23.42 -24.25
CA GLU B 341 25.29 -24.63 -24.84
C GLU B 341 24.12 -25.53 -25.23
N VAL B 342 24.25 -26.23 -26.35
CA VAL B 342 23.23 -27.15 -26.84
C VAL B 342 23.82 -28.56 -26.84
N THR B 343 23.11 -29.49 -26.21
CA THR B 343 23.59 -30.86 -26.10
C THR B 343 22.51 -31.84 -26.56
N ASN B 344 22.77 -33.13 -26.36
CA ASN B 344 21.82 -34.17 -26.76
C ASN B 344 21.98 -35.36 -25.82
N ALA B 345 20.95 -36.20 -25.79
CA ALA B 345 20.95 -37.38 -24.94
C ALA B 345 22.02 -38.38 -25.36
N VAL B 352 28.07 -43.86 -17.65
CA VAL B 352 28.33 -43.04 -16.48
C VAL B 352 29.77 -43.22 -16.01
N VAL B 353 30.69 -42.55 -16.69
CA VAL B 353 32.11 -42.63 -16.35
C VAL B 353 32.36 -41.70 -15.18
N LYS B 354 32.79 -42.26 -14.05
CA LYS B 354 33.07 -41.47 -12.87
C LYS B 354 34.27 -40.56 -13.13
N THR B 355 34.03 -39.25 -13.08
CA THR B 355 35.05 -38.25 -13.36
C THR B 355 35.34 -37.43 -12.11
N GLN B 356 36.61 -37.05 -11.96
CA GLN B 356 37.03 -36.22 -10.84
C GLN B 356 36.80 -34.75 -11.17
N VAL B 357 36.55 -33.96 -10.13
CA VAL B 357 36.33 -32.53 -10.32
C VAL B 357 37.63 -31.85 -10.73
N ALA B 358 37.50 -30.81 -11.56
CA ALA B 358 38.66 -30.05 -11.96
C ALA B 358 39.09 -29.09 -10.85
N GLU B 359 40.33 -28.63 -10.93
CA GLU B 359 40.83 -27.66 -9.97
C GLU B 359 40.11 -26.33 -10.12
N ASP B 360 40.06 -25.57 -9.03
CA ASP B 360 39.40 -24.28 -9.04
C ASP B 360 40.05 -23.34 -10.04
N GLY B 361 39.24 -22.69 -10.85
CA GLY B 361 39.77 -21.81 -11.88
C GLY B 361 38.66 -21.34 -12.80
N PHE B 362 39.08 -20.76 -13.92
CA PHE B 362 38.16 -20.21 -14.91
C PHE B 362 38.43 -20.80 -16.29
N ILE B 363 37.37 -20.92 -17.07
CA ILE B 363 37.44 -21.37 -18.46
C ILE B 363 36.84 -20.29 -19.33
N GLN B 364 37.54 -19.93 -20.40
CA GLN B 364 37.08 -18.88 -21.31
C GLN B 364 36.27 -19.51 -22.44
N ASN B 365 34.97 -19.23 -22.46
CA ASN B 365 34.10 -19.67 -23.54
C ASN B 365 33.92 -18.61 -24.61
N GLY B 366 34.42 -17.40 -24.39
CA GLY B 366 34.32 -16.34 -25.37
C GLY B 366 35.56 -16.25 -26.25
N PRO B 367 35.51 -15.39 -27.25
CA PRO B 367 36.66 -15.26 -28.16
C PRO B 367 37.86 -14.66 -27.45
N GLU B 368 39.04 -14.98 -27.99
CA GLU B 368 40.28 -14.50 -27.42
C GLU B 368 40.35 -12.98 -27.50
N GLU B 369 40.77 -12.35 -26.41
CA GLU B 369 40.82 -10.90 -26.32
C GLU B 369 41.98 -10.48 -25.44
N GLU B 370 42.64 -9.39 -25.83
CA GLU B 370 43.66 -8.76 -25.00
C GLU B 370 43.71 -7.28 -25.39
N ILE B 371 43.04 -6.44 -24.61
CA ILE B 371 43.01 -5.00 -24.86
C ILE B 371 43.74 -4.31 -23.72
N VAL B 372 44.84 -3.64 -24.04
CA VAL B 372 45.70 -3.02 -23.04
C VAL B 372 45.49 -1.51 -23.11
N VAL B 373 45.16 -0.91 -21.97
CA VAL B 373 44.95 0.53 -21.88
C VAL B 373 45.78 1.05 -20.70
N GLY B 374 46.64 2.03 -20.97
CA GLY B 374 47.38 2.67 -19.90
C GLY B 374 46.54 3.77 -19.25
N VAL B 375 46.62 3.85 -17.93
CA VAL B 375 45.84 4.81 -17.18
C VAL B 375 46.77 5.72 -16.39
N ILE B 376 46.25 6.91 -16.06
CA ILE B 376 47.02 7.88 -15.30
C ILE B 376 47.13 7.42 -13.85
N ASP B 377 48.34 7.44 -13.32
CA ASP B 377 48.54 7.09 -11.92
C ASP B 377 47.92 8.16 -11.04
N PRO B 378 46.94 7.83 -10.20
CA PRO B 378 46.30 8.87 -9.37
C PRO B 378 47.25 9.53 -8.39
N SER B 379 48.37 8.89 -8.04
CA SER B 379 49.32 9.50 -7.11
C SER B 379 49.94 10.75 -7.70
N GLU B 380 50.31 10.71 -8.98
CA GLU B 380 50.93 11.87 -9.61
C GLU B 380 49.91 12.95 -9.91
N ASN B 381 50.31 14.20 -9.71
CA ASN B 381 49.45 15.34 -9.98
C ASN B 381 49.56 15.75 -11.44
N ILE B 382 48.53 16.47 -11.90
CA ILE B 382 48.42 16.90 -13.29
C ILE B 382 48.43 18.41 -13.33
N GLN B 383 49.36 18.98 -14.11
CA GLN B 383 49.40 20.40 -14.41
C GLN B 383 49.09 20.61 -15.88
N GLU B 384 48.24 21.59 -16.18
CA GLU B 384 47.73 21.80 -17.53
C GLU B 384 48.28 23.09 -18.11
N ILE B 385 48.57 23.05 -19.40
CA ILE B 385 48.97 24.23 -20.17
C ILE B 385 47.77 24.65 -21.00
N ASN B 386 47.14 25.77 -20.63
CA ASN B 386 45.89 26.15 -21.26
C ASN B 386 46.10 26.64 -22.69
N THR B 387 47.11 27.48 -22.91
CA THR B 387 47.35 27.99 -24.25
C THR B 387 47.94 26.91 -25.12
N ALA B 388 47.37 26.73 -26.32
CA ALA B 388 47.88 25.74 -27.25
C ALA B 388 49.25 26.13 -27.75
N ILE B 389 50.14 25.15 -27.87
CA ILE B 389 51.50 25.38 -28.35
C ILE B 389 51.44 25.53 -29.86
N SER B 390 52.07 26.58 -30.38
CA SER B 390 52.02 26.88 -31.81
C SER B 390 53.36 26.65 -32.50
N ASP B 391 54.42 27.34 -32.08
CA ASP B 391 55.74 27.10 -32.64
C ASP B 391 56.85 26.96 -31.61
N ASN B 392 56.73 27.58 -30.44
CA ASN B 392 57.72 27.46 -29.38
C ASN B 392 57.02 27.60 -28.04
N TYR B 393 57.63 27.02 -27.00
CA TYR B 393 57.12 27.18 -25.64
C TYR B 393 58.22 26.81 -24.67
N THR B 394 58.08 27.31 -23.44
CA THR B 394 59.03 27.04 -22.36
C THR B 394 58.24 26.92 -21.07
N TYR B 395 57.85 25.69 -20.72
CA TYR B 395 57.10 25.45 -19.50
C TYR B 395 58.07 25.32 -18.33
N ASN B 396 57.84 26.12 -17.29
CA ASN B 396 58.66 26.11 -16.09
C ASN B 396 57.99 25.23 -15.05
N ILE B 397 58.60 24.08 -14.75
CA ILE B 397 58.05 23.14 -13.79
C ILE B 397 58.09 23.77 -12.40
N PRO B 398 56.96 23.89 -11.71
CA PRO B 398 56.89 24.48 -10.37
C PRO B 398 57.30 23.50 -9.27
N ASN B 402 58.45 20.26 -6.89
CA ASN B 402 58.15 19.28 -5.85
C ASN B 402 59.09 18.08 -5.94
N ASN B 403 59.89 18.06 -7.01
CA ASN B 403 60.84 16.97 -7.26
C ASN B 403 60.14 15.61 -7.27
N ASN B 404 58.94 15.58 -7.83
CA ASN B 404 58.14 14.37 -7.92
C ASN B 404 57.61 14.22 -9.34
N PRO B 405 57.36 12.98 -9.79
CA PRO B 405 56.79 12.79 -11.13
C PRO B 405 55.40 13.41 -11.22
N PHE B 406 55.09 13.96 -12.39
CA PHE B 406 53.79 14.58 -12.60
C PHE B 406 53.49 14.59 -14.10
N TYR B 407 52.22 14.86 -14.42
CA TYR B 407 51.72 14.80 -15.79
C TYR B 407 51.39 16.21 -16.26
N ILE B 408 52.03 16.63 -17.36
CA ILE B 408 51.73 17.90 -18.01
C ILE B 408 50.77 17.62 -19.16
N LEU B 409 49.58 18.22 -19.09
CA LEU B 409 48.57 18.06 -20.13
C LEU B 409 48.63 19.25 -21.07
N PHE B 410 48.73 18.98 -22.37
CA PHE B 410 48.88 20.07 -23.33
C PHE B 410 48.34 19.63 -24.68
N THR B 411 48.12 20.62 -25.54
CA THR B 411 47.70 20.39 -26.92
C THR B 411 48.43 21.38 -27.82
N VAL B 412 48.53 21.02 -29.09
CA VAL B 412 49.24 21.84 -30.07
C VAL B 412 48.23 22.63 -30.89
N ASN B 413 48.67 23.79 -31.40
CA ASN B 413 47.81 24.62 -32.22
C ASN B 413 47.77 24.18 -33.67
N THR B 414 48.70 23.33 -34.10
CA THR B 414 48.70 22.81 -35.46
C THR B 414 49.52 21.52 -35.49
N THR B 415 49.20 20.67 -36.46
CA THR B 415 49.90 19.40 -36.59
C THR B 415 51.33 19.62 -37.05
N GLY B 416 52.25 18.90 -36.43
CA GLY B 416 53.65 19.00 -36.80
C GLY B 416 54.50 18.15 -35.88
N ILE B 417 55.74 17.93 -36.31
CA ILE B 417 56.71 17.16 -35.54
C ILE B 417 57.43 18.11 -34.60
N TYR B 418 57.25 17.90 -33.30
CA TYR B 418 57.84 18.77 -32.30
C TYR B 418 59.12 18.14 -31.74
N LYS B 419 59.76 18.87 -30.82
CA LYS B 419 61.00 18.41 -30.18
C LYS B 419 60.96 18.88 -28.74
N ILE B 420 60.62 17.97 -27.83
CA ILE B 420 60.44 18.28 -26.41
C ILE B 420 61.66 17.80 -25.65
N ASN B 421 62.22 18.67 -24.81
CA ASN B 421 63.36 18.30 -23.98
C ASN B 421 63.40 19.21 -22.76
N ALA B 422 64.00 18.70 -21.69
CA ALA B 422 64.20 19.48 -20.47
C ALA B 422 65.49 20.28 -20.59
N GLN B 423 65.82 21.01 -19.51
CA GLN B 423 67.07 21.76 -19.48
C GLN B 423 68.25 20.80 -19.49
N ASN B 424 69.14 20.98 -20.47
CA ASN B 424 70.29 20.10 -20.69
C ASN B 424 69.87 18.66 -20.93
N ASN B 425 68.67 18.44 -21.46
CA ASN B 425 68.10 17.13 -21.79
C ASN B 425 67.93 16.24 -20.57
N LEU B 426 67.91 16.81 -19.36
CA LEU B 426 67.80 16.04 -18.13
C LEU B 426 66.73 16.67 -17.26
N PRO B 427 65.78 15.88 -16.75
CA PRO B 427 65.61 14.42 -16.88
C PRO B 427 65.01 14.01 -18.22
N SER B 428 64.88 12.71 -18.46
CA SER B 428 64.27 12.20 -19.69
C SER B 428 62.76 12.08 -19.50
N LEU B 429 62.01 12.54 -20.48
CA LEU B 429 60.56 12.65 -20.39
C LEU B 429 59.88 11.51 -21.15
N LYS B 430 58.65 11.23 -20.73
CA LYS B 430 57.78 10.28 -21.42
C LYS B 430 56.51 11.00 -21.85
N ILE B 431 56.11 10.80 -23.10
CA ILE B 431 54.95 11.49 -23.67
C ILE B 431 53.89 10.45 -23.98
N TYR B 432 52.67 10.70 -23.53
CA TYR B 432 51.52 9.85 -23.76
C TYR B 432 50.51 10.58 -24.65
N GLU B 433 49.36 9.95 -24.85
CA GLU B 433 48.29 10.55 -25.64
C GLU B 433 46.95 10.10 -25.06
N ALA B 434 46.08 11.07 -24.78
CA ALA B 434 44.75 10.75 -24.27
C ALA B 434 43.93 10.06 -25.34
N ILE B 435 43.33 8.93 -24.99
CA ILE B 435 42.58 8.14 -25.95
C ILE B 435 41.18 8.71 -26.09
N GLY B 436 40.78 8.99 -27.33
CA GLY B 436 39.46 9.50 -27.61
C GLY B 436 39.33 11.01 -27.59
N SER B 437 40.35 11.74 -27.18
CA SER B 437 40.29 13.18 -27.16
C SER B 437 40.38 13.75 -28.57
N GLY B 438 39.67 14.85 -28.79
CA GLY B 438 39.67 15.52 -30.07
C GLY B 438 38.33 15.61 -30.78
N ASN B 439 37.25 15.16 -30.14
CA ASN B 439 35.91 15.28 -30.72
C ASN B 439 34.89 15.93 -29.79
N ARG B 440 35.17 16.01 -28.50
CA ARG B 440 34.28 16.64 -27.53
C ARG B 440 34.59 18.13 -27.47
N ASN B 441 34.16 18.80 -26.40
CA ASN B 441 34.30 20.26 -26.24
C ASN B 441 35.63 20.77 -26.75
N PHE B 442 35.57 21.89 -27.47
CA PHE B 442 36.73 22.40 -28.20
C PHE B 442 36.62 23.92 -28.27
N GLN B 443 37.71 24.60 -27.95
CA GLN B 443 37.83 26.04 -28.15
C GLN B 443 39.11 26.32 -28.92
N SER B 444 39.01 27.13 -29.97
CA SER B 444 40.16 27.38 -30.83
C SER B 444 41.23 28.16 -30.08
N GLY B 445 42.47 27.69 -30.17
CA GLY B 445 43.59 28.37 -29.56
C GLY B 445 43.78 28.12 -28.08
N ASN B 446 42.98 27.26 -27.47
CA ASN B 446 43.09 26.99 -26.04
C ASN B 446 42.95 25.48 -25.82
N LEU B 447 43.20 25.07 -24.57
CA LEU B 447 43.09 23.67 -24.16
C LEU B 447 41.79 23.48 -23.40
N CYS B 448 40.96 22.55 -23.86
CA CYS B 448 39.73 22.16 -23.18
C CYS B 448 39.91 20.73 -22.71
N ASP B 449 40.05 20.55 -21.40
CA ASP B 449 40.28 19.22 -20.85
C ASP B 449 39.01 18.39 -20.94
N ASP B 450 39.14 17.18 -21.47
CA ASP B 450 38.02 16.24 -21.55
C ASP B 450 38.00 15.27 -20.38
N ASP B 451 38.89 15.44 -19.40
CA ASP B 451 38.99 14.56 -18.23
C ASP B 451 39.20 13.10 -18.65
N ILE B 452 40.03 12.91 -19.66
CA ILE B 452 40.37 11.58 -20.14
C ILE B 452 41.66 11.14 -19.46
N LYS B 453 41.60 9.99 -18.77
CA LYS B 453 42.74 9.47 -18.03
C LYS B 453 43.19 8.12 -18.58
N ALA B 454 42.78 7.76 -19.79
CA ALA B 454 43.22 6.54 -20.46
C ALA B 454 44.27 6.94 -21.49
N ILE B 455 45.53 6.75 -21.15
CA ILE B 455 46.64 7.24 -21.95
C ILE B 455 47.22 6.11 -22.78
N ASN B 456 47.68 6.45 -23.98
CA ASN B 456 48.34 5.52 -24.88
C ASN B 456 49.79 5.96 -25.04
N TYR B 457 50.72 5.11 -24.61
CA TYR B 457 52.13 5.46 -24.62
C TYR B 457 52.62 5.66 -26.05
N ILE B 458 53.48 6.67 -26.24
CA ILE B 458 54.03 7.00 -27.55
C ILE B 458 55.53 6.73 -27.60
N THR B 459 56.31 7.43 -26.75
CA THR B 459 57.75 7.25 -26.74
C THR B 459 58.31 7.81 -25.45
N GLY B 460 59.54 7.41 -25.13
CA GLY B 460 60.20 7.90 -23.94
C GLY B 460 60.92 6.80 -23.17
N PHE B 461 61.79 7.20 -22.24
CA PHE B 461 62.53 6.27 -21.40
C PHE B 461 62.21 6.54 -19.94
N ASP B 462 62.17 5.47 -19.14
CA ASP B 462 61.94 5.57 -17.71
C ASP B 462 63.23 5.48 -16.90
N SER B 463 64.32 6.00 -17.45
CA SER B 463 65.63 6.01 -16.77
C SER B 463 66.06 7.45 -16.62
N PRO B 464 65.74 8.10 -15.50
CA PRO B 464 66.09 9.52 -15.35
C PRO B 464 67.58 9.81 -15.34
N ASN B 465 68.41 8.80 -15.08
CA ASN B 465 69.86 9.01 -15.09
C ASN B 465 70.34 9.42 -16.49
N ALA B 466 69.82 8.77 -17.52
CA ALA B 466 70.18 9.11 -18.88
C ALA B 466 69.53 10.42 -19.30
N LYS B 467 70.14 11.08 -20.28
CA LYS B 467 69.65 12.33 -20.83
C LYS B 467 69.24 12.11 -22.28
N SER B 468 68.05 12.59 -22.64
CA SER B 468 67.52 12.36 -23.97
C SER B 468 66.48 13.43 -24.29
N TYR B 469 66.11 13.50 -25.56
CA TYR B 469 65.04 14.38 -26.02
C TYR B 469 64.14 13.63 -26.97
N LEU B 470 62.87 14.03 -27.01
CA LEU B 470 61.85 13.34 -27.78
C LEU B 470 61.51 14.13 -29.04
N VAL B 471 61.32 13.41 -30.15
CA VAL B 471 60.86 13.98 -31.40
C VAL B 471 59.61 13.20 -31.80
N VAL B 472 58.44 13.80 -31.59
CA VAL B 472 57.17 13.12 -31.76
C VAL B 472 56.24 14.01 -32.58
N LEU B 473 55.56 13.40 -33.54
CA LEU B 473 54.54 14.10 -34.31
C LEU B 473 53.26 14.23 -33.47
N LEU B 474 52.75 15.45 -33.35
CA LEU B 474 51.58 15.73 -32.53
C LEU B 474 50.45 16.25 -33.41
N ASN B 475 49.25 15.71 -33.20
CA ASN B 475 48.09 16.10 -33.98
C ASN B 475 47.39 17.29 -33.31
N LYS B 476 46.82 18.16 -34.16
CA LYS B 476 46.17 19.37 -33.65
C LYS B 476 44.95 19.04 -32.80
N ASP B 477 44.13 18.08 -33.25
CA ASP B 477 42.90 17.74 -32.57
C ASP B 477 43.12 16.53 -31.65
N LYS B 478 43.93 16.75 -30.62
CA LYS B 478 44.23 15.71 -29.65
C LYS B 478 44.83 16.36 -28.40
N ASN B 479 44.82 15.61 -27.32
CA ASN B 479 45.41 16.02 -26.06
C ASN B 479 46.54 15.05 -25.68
N TYR B 480 47.64 15.60 -25.18
CA TYR B 480 48.82 14.79 -24.89
C TYR B 480 49.28 15.03 -23.46
N TYR B 481 49.86 13.99 -22.88
CA TYR B 481 50.42 14.02 -21.54
C TYR B 481 51.93 13.84 -21.62
N ILE B 482 52.66 14.54 -20.77
CA ILE B 482 54.10 14.38 -20.65
C ILE B 482 54.40 14.07 -19.19
N ARG B 483 55.07 12.95 -18.94
CA ARG B 483 55.38 12.52 -17.58
C ARG B 483 56.79 12.96 -17.22
N VAL B 484 56.90 13.82 -16.22
CA VAL B 484 58.19 14.24 -15.67
C VAL B 484 58.50 13.33 -14.48
N PRO B 485 59.61 12.58 -14.51
CA PRO B 485 59.91 11.64 -13.44
C PRO B 485 60.43 12.36 -12.20
N GLN B 486 60.83 11.56 -11.21
CA GLN B 486 61.38 12.09 -9.96
C GLN B 486 62.73 12.73 -10.24
N THR B 487 62.79 14.05 -10.15
CA THR B 487 64.02 14.79 -10.42
C THR B 487 65.07 14.53 -9.33
N SER B 489 65.89 16.93 -7.28
CA SER B 489 66.74 18.12 -7.28
C SER B 489 65.90 19.38 -7.28
N ASN B 490 66.56 20.53 -7.12
CA ASN B 490 65.92 21.84 -7.10
C ASN B 490 66.70 22.82 -7.98
N ILE B 491 67.06 22.37 -9.17
CA ILE B 491 67.85 23.19 -10.10
C ILE B 491 66.91 23.97 -11.01
N GLU B 492 65.60 23.84 -10.78
CA GLU B 492 64.57 24.56 -11.52
C GLU B 492 64.67 24.28 -13.03
N ASN B 493 64.47 23.01 -13.36
CA ASN B 493 64.45 22.61 -14.77
C ASN B 493 63.17 23.10 -15.44
N GLN B 494 63.17 23.11 -16.77
CA GLN B 494 62.03 23.58 -17.53
C GLN B 494 61.90 22.76 -18.80
N ILE B 495 60.65 22.52 -19.20
CA ILE B 495 60.35 21.73 -20.39
C ILE B 495 60.17 22.68 -21.57
N LYS B 496 60.87 22.41 -22.66
CA LYS B 496 60.89 23.28 -23.83
C LYS B 496 60.22 22.55 -25.00
N PHE B 497 59.22 23.20 -25.60
CA PHE B 497 58.58 22.71 -26.82
C PHE B 497 59.03 23.56 -27.99
N LYS B 498 59.42 22.91 -29.08
CA LYS B 498 59.86 23.63 -30.27
C LYS B 498 59.42 22.88 -31.51
N ARG B 499 58.74 23.59 -32.41
CA ARG B 499 58.36 23.01 -33.69
C ARG B 499 59.60 22.74 -34.53
N GLU B 500 59.58 21.61 -35.24
CA GLU B 500 60.73 21.17 -36.04
C GLU B 500 60.28 20.97 -37.48
N GLU B 501 60.54 21.98 -38.32
CA GLU B 501 60.26 21.91 -39.74
C GLU B 501 61.48 21.51 -40.56
N GLY B 502 62.61 21.21 -39.91
CA GLY B 502 63.83 20.88 -40.59
C GLY B 502 64.02 19.40 -40.81
N ASP B 503 65.27 18.97 -40.84
CA ASP B 503 65.60 17.57 -41.09
C ASP B 503 65.29 16.66 -39.91
N LEU B 504 64.93 17.21 -38.75
CA LEU B 504 64.60 16.39 -37.58
C LEU B 504 63.32 15.60 -37.77
N ARG B 505 62.53 15.90 -38.81
CA ARG B 505 61.30 15.16 -39.03
C ARG B 505 61.54 13.70 -39.38
N ASN B 506 62.77 13.33 -39.73
CA ASN B 506 63.07 11.94 -40.02
C ASN B 506 62.90 11.06 -38.78
N LEU B 507 63.30 11.57 -37.60
CA LEU B 507 63.19 10.82 -36.37
C LEU B 507 61.81 10.96 -35.76
N MET B 508 60.77 10.64 -36.53
CA MET B 508 59.40 10.77 -36.05
C MET B 508 59.10 9.69 -35.01
N ASN B 509 58.54 10.11 -33.88
CA ASN B 509 58.11 9.20 -32.82
C ASN B 509 59.27 8.34 -32.32
N SER B 510 60.30 9.00 -31.83
CA SER B 510 61.50 8.30 -31.36
C SER B 510 62.27 9.19 -30.41
N SER B 511 62.52 8.68 -29.21
CA SER B 511 63.41 9.37 -28.27
C SER B 511 64.85 9.30 -28.79
N VAL B 512 65.61 10.35 -28.49
CA VAL B 512 66.98 10.48 -28.99
C VAL B 512 67.91 10.61 -27.78
N ASN B 513 68.79 9.63 -27.60
CA ASN B 513 69.77 9.66 -26.53
C ASN B 513 71.01 10.41 -27.01
N ILE B 514 71.66 11.11 -26.08
CA ILE B 514 72.77 12.00 -26.44
C ILE B 514 74.06 11.58 -25.74
N ILE B 515 74.22 10.29 -25.47
CA ILE B 515 75.40 9.77 -24.80
C ILE B 515 76.65 10.20 -25.55
N ASP B 516 77.52 10.95 -24.88
CA ASP B 516 78.72 11.50 -25.49
C ASP B 516 79.95 11.22 -24.66
N ASN B 517 80.04 10.02 -24.07
CA ASN B 517 81.18 9.60 -23.27
C ASN B 517 82.23 8.86 -24.09
N LEU B 518 82.08 8.81 -25.40
CA LEU B 518 82.99 8.06 -26.27
C LEU B 518 84.36 8.71 -26.25
N ASN B 519 85.31 8.10 -25.54
CA ASN B 519 86.69 8.57 -25.52
C ASN B 519 87.57 7.36 -25.23
N SER B 520 88.14 6.80 -26.30
CA SER B 520 89.01 5.62 -26.18
C SER B 520 89.84 5.43 -27.44
N ALA B 523 84.87 -1.35 -26.59
CA ALA B 523 83.67 -0.84 -27.22
C ALA B 523 82.60 -0.51 -26.18
N HIS B 524 82.20 0.76 -26.14
CA HIS B 524 81.19 1.20 -25.20
C HIS B 524 79.83 0.60 -25.55
N TYR B 525 79.03 0.35 -24.52
CA TYR B 525 77.69 -0.19 -24.69
C TYR B 525 76.71 0.58 -23.83
N TYR B 526 75.49 0.74 -24.34
CA TYR B 526 74.44 1.48 -23.66
C TYR B 526 73.15 0.67 -23.69
N THR B 527 72.49 0.56 -22.55
CA THR B 527 71.28 -0.25 -22.40
C THR B 527 70.09 0.66 -22.09
N ARG B 528 69.00 0.46 -22.84
CA ARG B 528 67.77 1.20 -22.63
C ARG B 528 66.61 0.22 -22.72
N GLN B 529 65.39 0.73 -22.65
CA GLN B 529 64.21 -0.11 -22.78
C GLN B 529 63.95 -0.25 -24.28
N SER B 530 63.91 -1.47 -24.77
CA SER B 530 63.71 -1.70 -26.19
C SER B 530 62.28 -1.37 -26.56
N PRO B 531 62.03 -0.56 -27.59
CA PRO B 531 60.66 -0.30 -28.01
C PRO B 531 59.96 -1.50 -28.63
N ASP B 532 58.64 -1.43 -28.67
CA ASP B 532 57.84 -2.47 -29.28
C ASP B 532 58.15 -2.55 -30.79
N VAL B 533 57.65 -3.62 -31.42
CA VAL B 533 57.88 -3.81 -32.84
C VAL B 533 57.31 -2.64 -33.63
N HIS B 534 57.97 -2.31 -34.75
CA HIS B 534 57.63 -1.21 -35.64
C HIS B 534 57.82 0.16 -35.01
N ASP B 535 58.39 0.24 -33.81
CA ASP B 535 58.68 1.52 -33.18
C ASP B 535 60.09 1.96 -33.56
N TYR B 536 60.59 3.02 -32.91
CA TYR B 536 61.88 3.58 -33.24
C TYR B 536 62.62 3.99 -31.97
N ILE B 537 63.94 4.02 -32.07
CA ILE B 537 64.80 4.53 -31.01
C ILE B 537 66.07 5.07 -31.68
N SER B 538 66.57 6.19 -31.16
CA SER B 538 67.68 6.89 -31.79
C SER B 538 68.77 7.20 -30.78
N TYR B 539 69.99 7.38 -31.28
CA TYR B 539 71.13 7.71 -30.46
C TYR B 539 71.94 8.82 -31.13
N GLU B 540 72.38 9.79 -30.33
CA GLU B 540 73.25 10.85 -30.79
C GLU B 540 74.61 10.68 -30.12
N PHE B 541 75.68 10.63 -30.93
CA PHE B 541 77.01 10.45 -30.35
C PHE B 541 78.01 11.31 -31.10
N THR B 542 79.18 11.48 -30.49
CA THR B 542 80.28 12.23 -31.05
C THR B 542 81.50 11.34 -31.17
N ILE B 543 82.07 11.27 -32.37
CA ILE B 543 83.27 10.45 -32.59
C ILE B 543 84.45 11.06 -31.84
N PRO B 544 85.19 10.31 -31.04
CA PRO B 544 86.34 10.87 -30.34
C PRO B 544 87.41 11.36 -31.31
N GLY B 545 88.08 12.44 -30.92
CA GLY B 545 89.09 13.04 -31.77
C GLY B 545 88.66 14.38 -32.31
N ASN B 546 89.55 15.37 -32.27
CA ASN B 546 89.23 16.70 -32.74
C ASN B 546 88.97 16.67 -34.25
N PHE B 547 88.01 17.47 -34.69
CA PHE B 547 87.57 17.42 -36.08
C PHE B 547 88.64 17.95 -37.03
N ASN B 548 88.96 17.16 -38.05
CA ASN B 548 89.91 17.56 -39.07
C ASN B 548 89.49 17.21 -40.48
N ASN B 549 88.30 16.63 -40.68
CA ASN B 549 87.81 16.22 -41.98
C ASN B 549 88.79 15.31 -42.71
N SER B 553 88.33 6.37 -38.11
CA SER B 553 87.98 5.52 -36.99
C SER B 553 86.84 4.58 -37.35
N ASN B 554 87.14 3.28 -37.47
CA ASN B 554 86.13 2.29 -37.83
C ASN B 554 85.27 2.00 -36.61
N ILE B 555 84.00 2.37 -36.68
CA ILE B 555 83.04 2.17 -35.61
C ILE B 555 82.11 1.01 -35.98
N ARG B 556 81.98 0.05 -35.08
CA ARG B 556 81.08 -1.08 -35.26
C ARG B 556 79.85 -0.87 -34.38
N LEU B 557 78.68 -0.89 -35.01
CA LEU B 557 77.41 -0.68 -34.33
C LEU B 557 76.61 -1.98 -34.37
N TYR B 558 76.21 -2.49 -33.21
CA TYR B 558 75.40 -3.69 -33.20
C TYR B 558 74.56 -3.75 -31.92
N THR B 559 73.75 -4.80 -31.82
CA THR B 559 72.89 -5.04 -30.68
C THR B 559 73.11 -6.46 -30.16
N SER B 560 72.73 -6.67 -28.90
CA SER B 560 72.98 -7.94 -28.24
C SER B 560 71.88 -8.96 -28.49
N TYR B 561 70.67 -8.68 -28.00
CA TYR B 561 69.52 -9.54 -28.09
C TYR B 561 68.41 -9.27 -29.17
N ASN B 562 68.07 -8.00 -29.28
CA ASN B 562 67.07 -7.55 -30.24
C ASN B 562 67.49 -7.19 -31.66
N GLN B 563 66.61 -7.48 -32.61
CA GLN B 563 66.86 -7.18 -34.02
C GLN B 563 66.90 -5.67 -34.25
N ILE B 565 66.19 -3.12 -38.27
CA ILE B 565 66.68 -2.14 -39.21
C ILE B 565 67.34 -0.97 -38.47
N GLY B 566 68.29 -0.32 -39.12
CA GLY B 566 68.98 0.80 -38.52
C GLY B 566 69.41 1.79 -39.58
N THR B 567 69.41 3.07 -39.20
CA THR B 567 69.75 4.16 -40.10
C THR B 567 70.71 5.11 -39.40
N LEU B 568 71.63 5.67 -40.16
CA LEU B 568 72.66 6.56 -39.64
C LEU B 568 72.58 7.92 -40.32
N PHE B 569 72.66 8.98 -39.52
CA PHE B 569 72.66 10.35 -40.02
C PHE B 569 73.90 11.07 -39.50
N ARG B 570 74.34 12.06 -40.26
CA ARG B 570 75.45 12.93 -39.87
C ARG B 570 74.89 14.32 -39.55
N VAL B 571 75.17 14.79 -38.34
CA VAL B 571 74.69 16.10 -37.92
C VAL B 571 75.61 17.16 -38.51
N THR B 572 75.03 18.06 -39.31
CA THR B 572 75.77 19.14 -39.97
C THR B 572 75.16 20.46 -39.52
N GLU B 573 75.71 21.02 -38.44
CA GLU B 573 75.23 22.29 -37.93
C GLU B 573 75.74 23.45 -38.79
N TYR B 578 70.32 21.72 -37.07
CA TYR B 578 69.90 20.35 -37.35
C TYR B 578 69.67 20.15 -38.85
N ASN B 579 70.71 19.71 -39.54
CA ASN B 579 70.70 19.48 -40.98
C ASN B 579 71.24 18.08 -41.29
N LEU B 580 70.67 17.09 -40.62
CA LEU B 580 71.16 15.71 -40.70
C LEU B 580 71.27 15.24 -42.15
N ILE B 581 72.36 14.53 -42.43
CA ILE B 581 72.64 14.01 -43.77
C ILE B 581 72.52 12.49 -43.72
N ASN B 582 71.65 11.94 -44.54
CA ASN B 582 71.40 10.51 -44.56
C ASN B 582 72.55 9.77 -45.21
N ILE B 583 73.01 8.68 -44.58
CA ILE B 583 74.17 7.95 -45.07
C ILE B 583 73.86 6.48 -45.32
N GLN B 584 73.52 5.74 -44.26
CA GLN B 584 73.38 4.28 -44.34
C GLN B 584 72.00 3.86 -43.89
N GLN B 585 71.40 2.92 -44.62
CA GLN B 585 70.04 2.48 -44.37
C GLN B 585 70.00 0.95 -44.33
N ASN B 586 68.98 0.44 -43.64
CA ASN B 586 68.65 -0.99 -43.65
C ASN B 586 69.83 -1.85 -43.19
N LEU B 587 70.20 -1.67 -41.93
CA LEU B 587 71.32 -2.39 -41.33
C LEU B 587 70.77 -3.34 -40.27
N ASN B 588 71.10 -4.62 -40.39
CA ASN B 588 70.73 -5.62 -39.40
C ASN B 588 71.72 -5.54 -38.24
N LEU B 589 71.24 -5.08 -37.09
CA LEU B 589 72.12 -4.76 -35.97
C LEU B 589 72.28 -6.00 -35.08
N LEU B 590 71.67 -7.11 -35.49
CA LEU B 590 71.84 -8.35 -34.70
C LEU B 590 73.29 -8.83 -34.68
N ASN B 591 74.09 -8.27 -33.77
CA ASN B 591 75.52 -8.68 -33.60
C ASN B 591 76.27 -8.17 -34.83
N SER B 592 75.63 -8.15 -36.00
CA SER B 592 76.37 -7.79 -37.24
C SER B 592 77.36 -6.66 -36.93
N THR B 593 78.66 -6.97 -37.02
CA THR B 593 79.70 -5.97 -36.67
C THR B 593 80.17 -5.26 -37.92
N LYS B 594 79.49 -5.43 -39.05
CA LYS B 594 79.86 -4.65 -40.26
C LYS B 594 80.21 -3.23 -39.77
N SER B 595 81.49 -2.88 -39.73
CA SER B 595 81.90 -1.57 -39.15
C SER B 595 81.84 -0.45 -40.19
N ILE B 596 81.94 0.80 -39.72
CA ILE B 596 81.92 1.97 -40.64
C ILE B 596 82.93 3.00 -40.12
N ARG B 597 83.76 3.55 -41.01
CA ARG B 597 84.73 4.57 -40.62
C ARG B 597 84.07 5.94 -40.75
N LEU B 598 84.02 6.68 -39.64
CA LEU B 598 83.39 7.98 -39.60
C LEU B 598 84.42 9.04 -39.20
N LEU B 599 84.21 10.26 -39.68
CA LEU B 599 85.11 11.36 -39.37
C LEU B 599 85.09 11.67 -37.88
N ASN B 600 86.29 11.82 -37.31
CA ASN B 600 86.40 12.13 -35.89
C ASN B 600 85.92 13.55 -35.62
N GLY B 601 85.22 13.73 -34.50
CA GLY B 601 84.70 15.03 -34.12
C GLY B 601 83.39 15.41 -34.76
N ALA B 602 82.76 14.52 -35.51
CA ALA B 602 81.49 14.80 -36.16
C ALA B 602 80.36 14.11 -35.40
N ILE B 603 79.32 14.86 -35.09
CA ILE B 603 78.16 14.32 -34.39
C ILE B 603 77.35 13.47 -35.36
N TYR B 604 76.91 12.31 -34.88
CA TYR B 604 76.19 11.35 -35.71
C TYR B 604 74.90 10.91 -35.02
N ILE B 605 73.87 10.69 -35.83
CA ILE B 605 72.56 10.24 -35.39
C ILE B 605 72.37 8.81 -35.86
N LEU B 606 72.07 7.90 -34.93
CA LEU B 606 71.85 6.50 -35.25
C LEU B 606 70.44 6.14 -34.82
N LYS B 607 69.57 5.92 -35.80
CA LYS B 607 68.18 5.54 -35.55
C LYS B 607 68.01 4.05 -35.77
N VAL B 608 67.34 3.38 -34.82
CA VAL B 608 67.15 1.94 -34.87
C VAL B 608 65.67 1.65 -34.69
N GLU B 609 65.10 0.86 -35.60
CA GLU B 609 63.75 0.35 -35.46
C GLU B 609 63.78 -1.04 -34.84
N VAL B 610 62.64 -1.45 -34.28
CA VAL B 610 62.51 -2.74 -33.62
C VAL B 610 61.66 -3.64 -34.50
N THR B 611 62.22 -4.77 -34.91
CA THR B 611 61.53 -5.75 -35.73
C THR B 611 61.35 -7.10 -35.07
N GLU B 612 62.17 -7.43 -34.07
CA GLU B 612 62.04 -8.69 -33.35
C GLU B 612 62.51 -8.44 -31.91
N LEU B 613 61.56 -8.20 -31.01
CA LEU B 613 61.87 -7.90 -29.62
C LEU B 613 61.98 -9.21 -28.84
N ASN B 614 63.22 -9.69 -28.67
CA ASN B 614 63.49 -10.90 -27.92
C ASN B 614 63.87 -10.63 -26.47
N ASN B 615 63.84 -9.37 -26.04
CA ASN B 615 64.19 -9.02 -24.68
C ASN B 615 63.50 -7.71 -24.30
N TYR B 616 63.28 -7.53 -23.01
CA TYR B 616 62.67 -6.30 -22.52
C TYR B 616 63.62 -5.12 -22.70
N ASN B 617 64.90 -5.32 -22.46
CA ASN B 617 65.92 -4.30 -22.66
C ASN B 617 66.52 -4.42 -24.05
N ILE B 618 67.17 -3.34 -24.48
CA ILE B 618 67.93 -3.32 -25.73
C ILE B 618 69.31 -2.73 -25.42
N LYS B 619 70.33 -3.33 -26.02
CA LYS B 619 71.72 -2.92 -25.80
C LYS B 619 72.34 -2.54 -27.13
N LEU B 620 72.93 -1.35 -27.19
CA LEU B 620 73.64 -0.88 -28.36
C LEU B 620 75.13 -0.86 -28.05
N HIS B 621 75.89 -1.60 -28.83
CA HIS B 621 77.35 -1.65 -28.73
C HIS B 621 77.95 -0.82 -29.85
N ILE B 622 78.82 0.13 -29.48
CA ILE B 622 79.49 1.01 -30.42
C ILE B 622 80.99 0.80 -30.29
N ASP B 623 81.64 0.56 -31.42
CA ASP B 623 83.09 0.32 -31.43
C ASP B 623 83.81 1.36 -32.27
N THR C 22 -40.70 -7.84 -22.75
CA THR C 22 -41.40 -9.03 -23.20
C THR C 22 -40.55 -10.28 -22.99
N ILE C 23 -40.79 -10.97 -21.86
CA ILE C 23 -40.05 -12.18 -21.52
C ILE C 23 -41.04 -13.33 -21.41
N ASP C 24 -40.49 -14.53 -21.25
CA ASP C 24 -41.27 -15.76 -21.11
C ASP C 24 -40.97 -16.44 -19.78
N LEU C 25 -40.88 -15.66 -18.71
CA LEU C 25 -40.58 -16.17 -17.38
C LEU C 25 -41.76 -15.89 -16.45
N ALA C 26 -41.56 -16.19 -15.17
CA ALA C 26 -42.58 -15.95 -14.15
C ALA C 26 -42.34 -14.59 -13.49
N ASP C 27 -43.36 -14.14 -12.77
CA ASP C 27 -43.25 -12.85 -12.08
C ASP C 27 -42.26 -12.94 -10.94
N GLY C 28 -41.45 -11.89 -10.79
CA GLY C 28 -40.45 -11.84 -9.74
C GLY C 28 -39.13 -11.27 -10.21
N ASN C 29 -38.14 -11.24 -9.32
CA ASN C 29 -36.83 -10.72 -9.67
C ASN C 29 -35.94 -11.84 -10.21
N TYR C 30 -35.02 -11.45 -11.07
CA TYR C 30 -34.10 -12.39 -11.72
C TYR C 30 -32.72 -11.76 -11.81
N VAL C 31 -31.70 -12.61 -11.79
CA VAL C 31 -30.32 -12.21 -12.06
C VAL C 31 -29.90 -12.83 -13.38
N VAL C 32 -29.46 -11.99 -14.32
CA VAL C 32 -29.13 -12.42 -15.67
C VAL C 32 -27.71 -12.02 -15.98
N SER C 33 -26.96 -12.91 -16.61
CA SER C 33 -25.66 -12.61 -17.18
C SER C 33 -25.81 -12.59 -18.70
N ARG C 34 -25.46 -11.47 -19.31
CA ARG C 34 -25.53 -11.33 -20.76
C ARG C 34 -24.25 -11.77 -21.45
N GLY C 35 -23.25 -12.22 -20.68
CA GLY C 35 -22.01 -12.70 -21.24
C GLY C 35 -20.90 -11.67 -21.12
N ASP C 36 -19.75 -12.06 -21.67
CA ASP C 36 -18.58 -11.21 -21.71
C ASP C 36 -18.41 -10.66 -23.13
N GLY C 37 -17.72 -9.53 -23.24
CA GLY C 37 -17.49 -8.92 -24.53
C GLY C 37 -18.40 -7.75 -24.80
N TRP C 38 -18.66 -6.94 -23.79
CA TRP C 38 -19.50 -5.76 -23.92
C TRP C 38 -18.60 -4.53 -23.96
N ILE C 39 -18.73 -3.74 -25.03
CA ILE C 39 -17.98 -2.51 -25.21
C ILE C 39 -18.90 -1.33 -24.96
N LEU C 40 -18.45 -0.40 -24.11
CA LEU C 40 -19.28 0.74 -23.75
C LEU C 40 -19.31 1.76 -24.89
N SER C 41 -20.27 2.68 -24.80
CA SER C 41 -20.46 3.68 -25.83
C SER C 41 -19.55 4.88 -25.61
N ARG C 42 -19.01 5.40 -26.71
CA ARG C 42 -18.18 6.60 -26.75
C ARG C 42 -16.81 6.39 -26.09
N GLN C 43 -16.63 5.26 -25.41
CA GLN C 43 -15.35 4.92 -24.80
C GLN C 43 -14.55 3.98 -25.72
N ASN C 44 -14.18 4.52 -26.88
CA ASN C 44 -13.46 3.73 -27.88
C ASN C 44 -11.98 4.09 -27.96
N GLN C 45 -11.67 5.36 -28.21
CA GLN C 45 -10.30 5.82 -28.40
C GLN C 45 -9.76 6.53 -27.16
N ILE C 46 -10.44 6.43 -26.02
CA ILE C 46 -10.02 7.16 -24.84
C ILE C 46 -8.72 6.61 -24.25
N LEU C 47 -8.32 5.41 -24.64
CA LEU C 47 -7.08 4.82 -24.15
C LEU C 47 -5.90 5.09 -25.07
N GLY C 48 -6.15 5.27 -26.36
CA GLY C 48 -5.10 5.55 -27.32
C GLY C 48 -4.97 4.45 -28.35
N GLY C 49 -4.19 4.77 -29.39
CA GLY C 49 -3.94 3.83 -30.46
C GLY C 49 -2.49 3.89 -30.89
N SER C 50 -2.10 2.88 -31.65
CA SER C 50 -0.73 2.74 -32.14
C SER C 50 -0.74 2.66 -33.66
N VAL C 51 0.24 3.34 -34.26
CA VAL C 51 0.43 3.34 -35.72
C VAL C 51 1.73 2.63 -36.03
N ILE C 52 1.67 1.66 -36.92
CA ILE C 52 2.84 0.88 -37.34
C ILE C 52 2.91 0.90 -38.85
N SER C 53 4.11 0.63 -39.38
CA SER C 53 4.31 0.75 -40.81
C SER C 53 5.50 -0.09 -41.25
N ASN C 54 5.56 -0.34 -42.56
CA ASN C 54 6.70 -0.99 -43.22
C ASN C 54 7.03 -2.34 -42.59
N GLY C 55 6.00 -3.15 -42.33
CA GLY C 55 6.21 -4.49 -41.83
C GLY C 55 6.55 -4.59 -40.37
N SER C 56 6.49 -3.49 -39.62
CA SER C 56 6.77 -3.54 -38.20
C SER C 56 5.61 -4.21 -37.46
N THR C 57 5.93 -4.74 -36.29
CA THR C 57 4.95 -5.42 -35.44
C THR C 57 4.64 -4.54 -34.24
N GLY C 58 3.35 -4.33 -33.99
CA GLY C 58 2.89 -3.53 -32.87
C GLY C 58 2.14 -4.40 -31.88
N ILE C 59 2.50 -4.25 -30.61
CA ILE C 59 1.90 -5.01 -29.51
C ILE C 59 1.35 -3.98 -28.52
N VAL C 60 0.05 -4.05 -28.26
CA VAL C 60 -0.59 -3.22 -27.25
C VAL C 60 -1.25 -4.13 -26.22
N GLY C 61 -1.02 -3.85 -24.95
CA GLY C 61 -1.56 -4.70 -23.90
C GLY C 61 -1.93 -3.88 -22.69
N ASP C 62 -2.46 -4.58 -21.70
CA ASP C 62 -2.86 -3.95 -20.45
C ASP C 62 -2.81 -4.96 -19.33
N LEU C 63 -2.83 -4.45 -18.10
CA LEU C 63 -2.72 -5.25 -16.89
C LEU C 63 -3.90 -4.87 -15.98
N ARG C 64 -4.94 -5.69 -15.97
CA ARG C 64 -6.07 -5.49 -15.10
C ARG C 64 -5.65 -5.79 -13.67
N VAL C 65 -5.24 -4.75 -12.94
CA VAL C 65 -4.89 -4.88 -11.53
C VAL C 65 -5.61 -3.84 -10.68
N ASN C 66 -5.44 -2.56 -10.99
CA ASN C 66 -5.92 -1.47 -10.15
C ASN C 66 -6.47 -0.35 -11.01
N ASP C 67 -7.57 0.24 -10.56
CA ASP C 67 -8.23 1.41 -11.14
C ASP C 67 -8.84 1.13 -12.50
N ASN C 68 -8.63 -0.07 -13.06
CA ASN C 68 -9.33 -0.49 -14.27
C ASN C 68 -10.09 -1.79 -14.03
N ALA C 69 -10.18 -2.25 -12.79
CA ALA C 69 -10.96 -3.42 -12.42
C ALA C 69 -12.07 -3.05 -11.43
N ILE C 70 -12.47 -1.80 -11.43
CA ILE C 70 -13.53 -1.30 -10.55
C ILE C 70 -14.85 -1.40 -11.32
N PRO C 71 -15.83 -2.15 -10.83
CA PRO C 71 -17.07 -2.31 -11.59
C PRO C 71 -17.87 -1.02 -11.65
N TYR C 72 -18.67 -0.90 -12.70
CA TYR C 72 -19.55 0.24 -12.91
C TYR C 72 -20.97 -0.17 -12.57
N TYR C 73 -21.55 0.48 -11.57
CA TYR C 73 -22.92 0.19 -11.14
C TYR C 73 -23.90 1.17 -11.77
N TYR C 74 -25.07 0.65 -12.14
CA TYR C 74 -26.18 1.46 -12.62
C TYR C 74 -27.41 0.93 -11.90
N PRO C 75 -27.68 1.41 -10.70
CA PRO C 75 -28.74 0.84 -9.87
C PRO C 75 -30.09 1.50 -10.06
N THR C 76 -31.11 0.66 -10.19
CA THR C 76 -32.49 1.08 -10.13
C THR C 76 -32.90 1.31 -8.67
N PRO C 77 -33.98 2.06 -8.43
CA PRO C 77 -34.36 2.33 -7.03
C PRO C 77 -34.53 1.08 -6.16
N SER C 78 -35.11 0.01 -6.70
CA SER C 78 -35.33 -1.18 -5.88
C SER C 78 -34.04 -1.98 -5.68
N PHE C 79 -33.20 -2.06 -6.71
CA PHE C 79 -31.96 -2.83 -6.66
C PHE C 79 -30.81 -1.87 -6.46
N ASN C 80 -30.35 -1.75 -5.21
CA ASN C 80 -29.24 -0.86 -4.88
C ASN C 80 -27.92 -1.59 -5.18
N GLU C 81 -26.80 -0.94 -4.84
CA GLU C 81 -25.49 -1.52 -5.12
C GLU C 81 -25.27 -2.80 -4.33
N GLU C 82 -25.63 -2.80 -3.04
CA GLU C 82 -25.42 -3.99 -2.22
C GLU C 82 -26.23 -5.17 -2.71
N TYR C 83 -27.50 -4.92 -3.04
CA TYR C 83 -28.36 -5.99 -3.57
C TYR C 83 -27.79 -6.55 -4.85
N ILE C 84 -27.38 -5.68 -5.77
CA ILE C 84 -26.81 -6.10 -7.04
C ILE C 84 -25.58 -6.96 -6.80
N LYS C 85 -24.65 -6.46 -5.99
CA LYS C 85 -23.39 -7.17 -5.77
C LYS C 85 -23.63 -8.54 -5.13
N ASN C 86 -24.49 -8.59 -4.10
CA ASN C 86 -24.72 -9.85 -3.41
C ASN C 86 -25.41 -10.86 -4.33
N ASN C 87 -26.51 -10.45 -4.97
CA ASN C 87 -27.26 -11.38 -5.80
C ASN C 87 -26.55 -11.77 -7.08
N ILE C 88 -25.50 -11.04 -7.47
CA ILE C 88 -24.71 -11.41 -8.62
C ILE C 88 -23.51 -12.27 -8.24
N GLN C 89 -22.84 -11.95 -7.13
CA GLN C 89 -21.70 -12.74 -6.70
C GLN C 89 -22.13 -14.07 -6.08
N THR C 90 -23.38 -14.20 -5.64
CA THR C 90 -23.85 -15.49 -5.15
C THR C 90 -23.93 -16.51 -6.27
N VAL C 91 -24.43 -16.10 -7.44
CA VAL C 91 -24.67 -17.04 -8.52
C VAL C 91 -23.48 -17.09 -9.48
N PHE C 92 -22.90 -15.95 -9.80
CA PHE C 92 -21.86 -15.85 -10.81
C PHE C 92 -20.50 -15.60 -10.16
N ALA C 93 -19.50 -15.33 -10.99
CA ALA C 93 -18.14 -15.20 -10.52
C ALA C 93 -18.00 -14.06 -9.53
N ASN C 94 -17.18 -14.28 -8.50
CA ASN C 94 -16.93 -13.28 -7.46
C ASN C 94 -15.82 -12.35 -7.95
N PHE C 95 -16.21 -11.20 -8.50
CA PHE C 95 -15.23 -10.27 -9.05
C PHE C 95 -14.48 -9.51 -7.97
N THR C 96 -15.05 -9.39 -6.77
CA THR C 96 -14.37 -8.66 -5.70
C THR C 96 -13.06 -9.35 -5.31
N GLU C 97 -13.10 -10.67 -5.15
CA GLU C 97 -11.89 -11.41 -4.78
C GLU C 97 -10.90 -11.47 -5.93
N ALA C 98 -11.40 -11.60 -7.16
CA ALA C 98 -10.55 -11.75 -8.33
C ALA C 98 -9.98 -10.43 -8.83
N ASN C 99 -10.42 -9.30 -8.29
CA ASN C 99 -9.92 -8.01 -8.76
C ASN C 99 -8.56 -7.65 -8.18
N GLN C 100 -8.14 -8.33 -7.11
CA GLN C 100 -6.86 -8.02 -6.47
C GLN C 100 -5.68 -8.72 -7.14
N ILE C 101 -5.93 -9.67 -8.03
CA ILE C 101 -4.88 -10.42 -8.70
C ILE C 101 -4.73 -9.84 -10.11
N PRO C 102 -3.57 -9.29 -10.46
CA PRO C 102 -3.40 -8.74 -11.82
C PRO C 102 -3.53 -9.82 -12.88
N ILE C 103 -4.13 -9.44 -14.00
CA ILE C 103 -4.24 -10.33 -15.16
C ILE C 103 -3.88 -9.52 -16.40
N GLY C 104 -2.93 -10.01 -17.18
CA GLY C 104 -2.46 -9.28 -18.34
C GLY C 104 -3.08 -9.80 -19.63
N PHE C 105 -3.32 -8.90 -20.57
CA PHE C 105 -3.71 -9.30 -21.91
C PHE C 105 -2.96 -8.45 -22.92
N GLU C 106 -2.78 -9.01 -24.12
CA GLU C 106 -1.98 -8.35 -25.14
C GLU C 106 -2.51 -8.73 -26.52
N PHE C 107 -2.39 -7.78 -27.45
CA PHE C 107 -2.74 -7.98 -28.85
C PHE C 107 -1.53 -7.51 -29.65
N SER C 108 -1.21 -8.25 -30.71
CA SER C 108 -0.09 -7.94 -31.58
C SER C 108 -0.56 -8.05 -33.02
N LYS C 109 -0.08 -7.14 -33.86
CA LYS C 109 -0.46 -7.16 -35.27
C LYS C 109 0.71 -6.63 -36.07
N THR C 110 0.91 -7.19 -37.26
CA THR C 110 1.99 -6.80 -38.16
C THR C 110 1.42 -6.04 -39.35
N ALA C 111 2.00 -4.89 -39.65
CA ALA C 111 1.54 -4.08 -40.76
C ALA C 111 2.02 -4.66 -42.09
N PRO C 112 1.28 -4.44 -43.17
CA PRO C 112 1.80 -4.81 -44.49
C PRO C 112 3.02 -3.97 -44.84
N SER C 113 3.93 -4.58 -45.59
CA SER C 113 5.24 -3.95 -45.82
C SER C 113 5.17 -2.97 -47.00
N ASN C 114 3.97 -2.40 -47.19
CA ASN C 114 3.77 -1.29 -48.10
C ASN C 114 3.00 -0.14 -47.44
N LYS C 115 2.02 -0.47 -46.61
CA LYS C 115 1.09 0.51 -46.08
C LYS C 115 1.35 0.79 -44.60
N ASN C 116 0.43 1.52 -43.98
CA ASN C 116 0.41 1.80 -42.56
C ASN C 116 -0.84 1.22 -41.93
N LEU C 117 -0.73 0.83 -40.66
CA LEU C 117 -1.82 0.24 -39.91
C LEU C 117 -2.02 1.01 -38.61
N TYR C 118 -3.27 1.32 -38.31
CA TYR C 118 -3.64 1.98 -37.06
C TYR C 118 -4.54 1.05 -36.27
N MET C 119 -4.22 0.86 -34.98
CA MET C 119 -4.93 -0.10 -34.16
C MET C 119 -5.06 0.40 -32.73
N TYR C 120 -6.28 0.38 -32.21
CA TYR C 120 -6.57 0.97 -30.91
C TYR C 120 -7.28 -0.04 -30.03
N LEU C 121 -7.12 0.15 -28.71
CA LEU C 121 -7.56 -0.79 -27.70
C LEU C 121 -8.66 -0.18 -26.84
N GLN C 122 -9.64 -1.02 -26.46
CA GLN C 122 -10.72 -0.60 -25.58
C GLN C 122 -11.09 -1.76 -24.67
N TYR C 123 -11.46 -1.43 -23.43
CA TYR C 123 -11.83 -2.46 -22.47
C TYR C 123 -13.17 -3.08 -22.84
N THR C 124 -13.30 -4.38 -22.59
CA THR C 124 -14.58 -5.08 -22.67
C THR C 124 -15.08 -5.40 -21.26
N TYR C 125 -16.39 -5.59 -21.14
CA TYR C 125 -17.01 -5.75 -19.84
C TYR C 125 -17.97 -6.93 -19.86
N ILE C 126 -18.23 -7.46 -18.67
CA ILE C 126 -19.27 -8.46 -18.45
C ILE C 126 -20.51 -7.73 -17.95
N ARG C 127 -21.64 -8.00 -18.58
CA ARG C 127 -22.89 -7.31 -18.26
C ARG C 127 -23.78 -8.21 -17.42
N TYR C 128 -24.19 -7.71 -16.26
CA TYR C 128 -25.12 -8.39 -15.38
C TYR C 128 -26.35 -7.50 -15.20
N GLU C 129 -27.53 -8.09 -15.27
CA GLU C 129 -28.78 -7.36 -15.17
C GLU C 129 -29.63 -7.97 -14.06
N ILE C 130 -29.96 -7.15 -13.07
CA ILE C 130 -30.98 -7.51 -12.09
C ILE C 130 -32.30 -6.98 -12.61
N ILE C 131 -33.19 -7.89 -13.00
CA ILE C 131 -34.43 -7.51 -13.67
C ILE C 131 -35.61 -7.91 -12.81
N LYS C 132 -36.76 -7.32 -13.12
CA LYS C 132 -38.01 -7.58 -12.40
C LYS C 132 -39.10 -7.83 -13.45
N VAL C 133 -39.49 -9.09 -13.61
CA VAL C 133 -40.46 -9.47 -14.62
C VAL C 133 -41.85 -9.45 -14.00
N LEU C 134 -42.79 -8.77 -14.67
CA LEU C 134 -44.16 -8.69 -14.21
C LEU C 134 -45.07 -8.87 -15.41
N GLN C 135 -45.92 -9.89 -15.37
CA GLN C 135 -46.86 -10.18 -16.46
C GLN C 135 -46.13 -10.32 -17.79
N HIS C 136 -45.06 -11.11 -17.79
CA HIS C 136 -44.26 -11.39 -18.99
C HIS C 136 -43.71 -10.11 -19.60
N GLU C 137 -43.28 -9.17 -18.75
CA GLU C 137 -42.73 -7.91 -19.22
C GLU C 137 -41.67 -7.44 -18.25
N ILE C 138 -40.50 -7.10 -18.77
CA ILE C 138 -39.42 -6.54 -17.96
C ILE C 138 -39.78 -5.09 -17.65
N ILE C 139 -40.10 -4.81 -16.39
CA ILE C 139 -40.56 -3.48 -16.00
C ILE C 139 -39.51 -2.69 -15.24
N GLU C 140 -38.34 -3.29 -14.98
CA GLU C 140 -37.34 -2.59 -14.18
C GLU C 140 -36.01 -3.35 -14.28
N ARG C 141 -34.93 -2.61 -14.46
CA ARG C 141 -33.62 -3.19 -14.71
C ARG C 141 -32.53 -2.40 -14.01
N ALA C 142 -31.54 -3.12 -13.47
CA ALA C 142 -30.32 -2.53 -12.95
C ALA C 142 -29.13 -3.24 -13.58
N VAL C 143 -28.09 -2.49 -13.94
CA VAL C 143 -27.04 -3.01 -14.79
C VAL C 143 -25.68 -2.83 -14.13
N LEU C 144 -24.91 -3.91 -14.06
CA LEU C 144 -23.55 -3.89 -13.54
C LEU C 144 -22.59 -4.29 -14.66
N TYR C 145 -21.55 -3.48 -14.86
CA TYR C 145 -20.52 -3.73 -15.85
C TYR C 145 -19.23 -4.06 -15.11
N VAL C 146 -18.80 -5.31 -15.18
CA VAL C 146 -17.59 -5.78 -14.52
C VAL C 146 -16.45 -5.76 -15.53
N PRO C 147 -15.32 -5.11 -15.22
CA PRO C 147 -14.24 -5.00 -16.21
C PRO C 147 -13.62 -6.35 -16.57
N SER C 148 -13.83 -6.77 -17.80
CA SER C 148 -13.21 -7.97 -18.37
C SER C 148 -11.94 -7.56 -19.12
N LEU C 149 -11.43 -8.44 -19.96
CA LEU C 149 -10.25 -8.16 -20.76
C LEU C 149 -10.60 -7.12 -21.84
N GLY C 150 -9.66 -6.85 -22.73
CA GLY C 150 -9.80 -5.81 -23.73
C GLY C 150 -10.09 -6.34 -25.13
N TYR C 151 -10.05 -5.41 -26.08
CA TYR C 151 -10.36 -5.69 -27.47
C TYR C 151 -9.70 -4.64 -28.34
N VAL C 152 -9.05 -5.08 -29.42
CA VAL C 152 -8.27 -4.19 -30.28
C VAL C 152 -8.87 -4.20 -31.67
N LYS C 153 -9.14 -3.00 -32.20
CA LYS C 153 -9.63 -2.83 -33.56
C LYS C 153 -8.55 -2.19 -34.41
N SER C 154 -8.29 -2.77 -35.57
CA SER C 154 -7.21 -2.35 -36.44
C SER C 154 -7.73 -2.09 -37.85
N ILE C 155 -7.03 -1.20 -38.56
CA ILE C 155 -7.36 -0.90 -39.95
C ILE C 155 -6.08 -0.53 -40.68
N GLU C 156 -5.95 -1.02 -41.90
CA GLU C 156 -4.84 -0.66 -42.77
C GLU C 156 -5.28 0.50 -43.64
N PHE C 157 -4.60 1.64 -43.50
CA PHE C 157 -5.03 2.87 -44.15
C PHE C 157 -3.92 3.44 -45.02
N ASN C 158 -4.28 4.46 -45.79
CA ASN C 158 -3.40 5.22 -46.65
C ASN C 158 -3.59 6.70 -46.37
N PRO C 159 -2.58 7.53 -46.63
CA PRO C 159 -2.72 8.97 -46.37
C PRO C 159 -3.87 9.56 -47.17
N GLY C 160 -4.77 10.23 -46.46
CA GLY C 160 -5.92 10.85 -47.07
C GLY C 160 -7.14 9.95 -47.23
N GLU C 161 -7.03 8.68 -46.88
CA GLU C 161 -8.16 7.76 -47.01
C GLU C 161 -9.25 8.12 -46.01
N LYS C 162 -10.50 7.96 -46.44
CA LYS C 162 -11.66 8.25 -45.62
C LYS C 162 -12.13 6.96 -44.93
N ILE C 163 -12.20 6.98 -43.61
CA ILE C 163 -12.60 5.83 -42.81
C ILE C 163 -13.99 6.09 -42.25
N ASN C 164 -14.85 5.07 -42.33
CA ASN C 164 -16.21 5.19 -41.85
C ASN C 164 -16.24 5.56 -40.38
N LYS C 165 -17.17 6.46 -40.02
CA LYS C 165 -17.25 6.94 -38.64
C LYS C 165 -17.60 5.83 -37.66
N ASP C 166 -18.20 4.73 -38.13
CA ASP C 166 -18.53 3.63 -37.24
C ASP C 166 -17.28 2.92 -36.71
N PHE C 167 -16.12 3.12 -37.34
CA PHE C 167 -14.91 2.48 -36.86
C PHE C 167 -14.38 3.14 -35.60
N TYR C 168 -14.46 4.47 -35.53
CA TYR C 168 -13.94 5.20 -34.38
C TYR C 168 -14.94 5.33 -33.25
N PHE C 169 -16.21 5.54 -33.58
CA PHE C 169 -17.22 5.93 -32.61
C PHE C 169 -18.29 4.85 -32.48
N LEU C 170 -18.63 4.51 -31.24
CA LEU C 170 -19.71 3.59 -30.94
C LEU C 170 -20.81 4.34 -30.20
N THR C 171 -22.02 4.28 -30.73
CA THR C 171 -23.13 5.04 -30.16
C THR C 171 -23.85 4.30 -29.05
N ASN C 172 -24.04 2.99 -29.18
CA ASN C 172 -24.73 2.20 -28.18
C ASN C 172 -23.87 1.01 -27.78
N ASP C 173 -24.02 0.57 -26.53
CA ASP C 173 -23.26 -0.57 -26.04
C ASP C 173 -23.58 -1.81 -26.87
N LYS C 174 -22.54 -2.56 -27.20
CA LYS C 174 -22.66 -3.71 -28.08
C LYS C 174 -21.95 -4.90 -27.46
N CYS C 175 -22.36 -6.09 -27.88
CA CYS C 175 -21.75 -7.35 -27.46
C CYS C 175 -20.99 -7.90 -28.67
N ILE C 176 -19.66 -7.76 -28.65
CA ILE C 176 -18.85 -8.23 -29.77
C ILE C 176 -18.86 -9.74 -29.84
N LEU C 177 -19.08 -10.42 -28.72
CA LEU C 177 -19.12 -11.87 -28.69
C LEU C 177 -20.55 -12.37 -28.82
N ASN C 178 -20.72 -13.68 -28.72
CA ASN C 178 -22.05 -14.27 -28.86
C ASN C 178 -22.93 -13.89 -27.68
N GLU C 179 -24.20 -13.57 -27.98
CA GLU C 179 -25.13 -13.16 -26.94
C GLU C 179 -25.54 -14.35 -26.08
N GLN C 180 -25.92 -14.04 -24.84
CA GLN C 180 -26.38 -15.06 -23.90
C GLN C 180 -27.28 -14.39 -22.88
N PHE C 181 -28.15 -15.19 -22.27
CA PHE C 181 -29.12 -14.69 -21.29
C PHE C 181 -29.19 -15.63 -20.09
N LEU C 182 -28.03 -15.98 -19.53
CA LEU C 182 -28.00 -16.96 -18.44
C LEU C 182 -28.67 -16.37 -17.21
N TYR C 183 -29.89 -16.83 -16.91
CA TYR C 183 -30.70 -16.21 -15.86
C TYR C 183 -30.95 -17.18 -14.71
N LYS C 184 -31.34 -16.61 -13.57
CA LYS C 184 -31.66 -17.38 -12.38
C LYS C 184 -32.61 -16.56 -11.52
N LYS C 185 -33.70 -17.18 -11.10
CA LYS C 185 -34.67 -16.49 -10.25
C LYS C 185 -34.14 -16.32 -8.84
N ILE C 186 -34.65 -15.30 -8.15
CA ILE C 186 -34.27 -15.01 -6.78
C ILE C 186 -35.40 -15.46 -5.86
N LEU C 187 -35.06 -16.30 -4.88
CA LEU C 187 -36.05 -16.80 -3.94
C LEU C 187 -36.15 -15.89 -2.72
N ARG C 208 -17.62 -48.30 -8.21
CA ARG C 208 -17.73 -49.74 -8.24
C ARG C 208 -17.21 -50.36 -6.94
N VAL C 209 -16.55 -51.50 -7.06
CA VAL C 209 -15.98 -52.20 -5.92
C VAL C 209 -14.51 -51.80 -5.80
N LEU C 210 -14.14 -51.25 -4.65
CA LEU C 210 -12.76 -50.82 -4.42
C LEU C 210 -12.06 -51.82 -3.53
N PRO C 211 -11.10 -52.58 -4.03
CA PRO C 211 -10.40 -53.60 -3.23
C PRO C 211 -9.28 -53.02 -2.36
N TYR C 212 -9.59 -51.97 -1.61
CA TYR C 212 -8.61 -51.31 -0.78
C TYR C 212 -8.58 -51.96 0.60
N SER C 213 -7.70 -51.45 1.46
CA SER C 213 -7.60 -51.90 2.84
C SER C 213 -7.95 -50.75 3.77
N ASN C 214 -8.33 -51.09 4.99
CA ASN C 214 -8.75 -50.08 5.96
C ASN C 214 -7.62 -49.09 6.21
N GLY C 215 -7.92 -47.82 6.05
CA GLY C 215 -6.92 -46.78 6.24
C GLY C 215 -7.30 -45.53 5.46
N LEU C 216 -6.33 -44.62 5.39
CA LEU C 216 -6.50 -43.33 4.73
C LEU C 216 -5.88 -43.37 3.34
N TYR C 217 -6.62 -42.86 2.36
CA TYR C 217 -6.14 -42.76 1.00
C TYR C 217 -6.30 -41.34 0.49
N VAL C 218 -5.39 -40.93 -0.40
CA VAL C 218 -5.51 -39.68 -1.13
C VAL C 218 -5.58 -40.03 -2.61
N ILE C 219 -6.61 -39.53 -3.29
CA ILE C 219 -6.87 -39.87 -4.68
C ILE C 219 -6.75 -38.60 -5.51
N ASN C 220 -5.73 -38.55 -6.35
CA ASN C 220 -5.64 -37.52 -7.38
C ASN C 220 -6.66 -37.83 -8.47
N LYS C 221 -7.71 -37.03 -8.53
CA LYS C 221 -8.84 -37.29 -9.42
C LYS C 221 -8.72 -36.57 -10.76
N GLY C 222 -7.70 -35.77 -10.97
CA GLY C 222 -7.46 -35.14 -12.23
C GLY C 222 -7.20 -33.66 -12.10
N ASP C 223 -6.91 -33.04 -13.25
CA ASP C 223 -6.62 -31.62 -13.35
C ASP C 223 -7.51 -31.01 -14.42
N GLY C 224 -7.78 -29.71 -14.27
CA GLY C 224 -8.59 -29.02 -15.25
C GLY C 224 -10.06 -28.94 -14.86
N TYR C 225 -10.31 -28.73 -13.58
CA TYR C 225 -11.68 -28.62 -13.07
C TYR C 225 -12.07 -27.15 -13.03
N ILE C 226 -13.22 -26.84 -13.63
CA ILE C 226 -13.77 -25.48 -13.62
C ILE C 226 -15.16 -25.52 -13.01
N ARG C 227 -15.48 -24.51 -12.22
CA ARG C 227 -16.82 -24.41 -11.67
C ARG C 227 -17.82 -24.03 -12.74
N THR C 228 -19.09 -24.30 -12.47
CA THR C 228 -20.14 -24.07 -13.44
C THR C 228 -20.48 -22.57 -13.53
N ASN C 229 -21.26 -22.23 -14.55
CA ASN C 229 -21.75 -20.87 -14.76
C ASN C 229 -20.61 -19.87 -14.97
N ASP C 230 -19.52 -20.32 -15.57
CA ASP C 230 -18.36 -19.47 -15.85
C ASP C 230 -17.87 -18.78 -14.59
N LYS C 231 -17.89 -19.51 -13.47
CA LYS C 231 -17.46 -18.94 -12.20
C LYS C 231 -15.95 -18.86 -12.07
N ASP C 232 -15.19 -19.49 -12.97
CA ASP C 232 -13.74 -19.47 -12.94
C ASP C 232 -13.15 -18.89 -14.22
N LEU C 233 -13.96 -18.19 -15.02
CA LEU C 233 -13.50 -17.65 -16.29
C LEU C 233 -12.62 -16.44 -16.06
N ILE C 234 -11.34 -16.55 -16.47
CA ILE C 234 -10.46 -15.38 -16.43
C ILE C 234 -10.97 -14.33 -17.42
N GLY C 235 -11.30 -14.76 -18.63
CA GLY C 235 -11.89 -13.83 -19.57
C GLY C 235 -11.72 -14.28 -21.00
N THR C 236 -12.38 -13.55 -21.90
CA THR C 236 -12.44 -13.88 -23.32
C THR C 236 -11.78 -12.79 -24.15
N LEU C 237 -11.03 -13.21 -25.16
CA LEU C 237 -10.41 -12.31 -26.13
C LEU C 237 -10.93 -12.64 -27.52
N LEU C 238 -11.33 -11.60 -28.25
CA LEU C 238 -11.74 -11.72 -29.64
C LEU C 238 -10.59 -11.25 -30.52
N ILE C 239 -9.91 -12.18 -31.17
CA ILE C 239 -8.78 -11.88 -32.04
C ILE C 239 -9.30 -11.80 -33.47
N GLU C 240 -9.13 -10.63 -34.09
CA GLU C 240 -9.54 -10.44 -35.47
C GLU C 240 -8.57 -11.15 -36.41
N ALA C 241 -8.99 -11.26 -37.68
CA ALA C 241 -8.19 -11.94 -38.67
C ALA C 241 -6.84 -11.25 -38.85
N GLY C 242 -5.77 -12.03 -38.83
CA GLY C 242 -4.43 -11.51 -39.01
C GLY C 242 -3.75 -11.04 -37.75
N SER C 243 -4.45 -11.01 -36.62
CA SER C 243 -3.89 -10.55 -35.36
C SER C 243 -3.58 -11.75 -34.46
N SER C 244 -3.00 -11.46 -33.31
CA SER C 244 -2.72 -12.47 -32.30
C SER C 244 -3.09 -11.93 -30.93
N GLY C 245 -3.63 -12.80 -30.09
CA GLY C 245 -4.02 -12.40 -28.74
C GLY C 245 -3.39 -13.34 -27.75
N SER C 246 -3.23 -12.86 -26.53
CA SER C 246 -2.62 -13.65 -25.47
C SER C 246 -3.16 -13.16 -24.14
N ILE C 247 -3.49 -14.11 -23.26
CA ILE C 247 -3.93 -13.83 -21.90
C ILE C 247 -2.93 -14.48 -20.96
N ILE C 248 -2.43 -13.73 -19.98
CA ILE C 248 -1.37 -14.19 -19.12
C ILE C 248 -1.73 -13.95 -17.67
N GLN C 249 -1.51 -14.96 -16.83
CA GLN C 249 -1.42 -14.78 -15.40
C GLN C 249 0.05 -14.81 -15.05
N PRO C 250 0.65 -13.68 -14.69
CA PRO C 250 2.10 -13.62 -14.44
C PRO C 250 2.52 -13.79 -13.00
N ARG C 251 1.60 -14.15 -12.09
CA ARG C 251 1.91 -14.38 -10.69
C ARG C 251 2.56 -13.14 -10.06
N LEU C 252 2.10 -11.96 -10.46
CA LEU C 252 2.55 -10.75 -9.79
C LEU C 252 2.08 -10.74 -8.34
N ARG C 253 0.87 -11.20 -8.09
CA ARG C 253 0.40 -11.56 -6.77
C ARG C 253 0.33 -13.08 -6.69
N ASN C 254 0.99 -13.65 -5.68
CA ASN C 254 1.16 -15.09 -5.60
C ASN C 254 -0.02 -15.80 -4.96
N THR C 255 -1.02 -15.07 -4.46
CA THR C 255 -2.12 -15.68 -3.74
C THR C 255 -2.99 -16.51 -4.68
N THR C 256 -3.51 -17.62 -4.16
CA THR C 256 -4.46 -18.47 -4.87
C THR C 256 -5.55 -18.88 -3.89
N ARG C 257 -6.70 -19.27 -4.45
CA ARG C 257 -7.89 -19.58 -3.68
C ARG C 257 -8.27 -21.05 -3.87
N PRO C 258 -7.85 -21.94 -2.98
CA PRO C 258 -8.29 -23.33 -3.03
C PRO C 258 -9.72 -23.49 -2.52
N LEU C 259 -10.34 -24.59 -2.91
CA LEU C 259 -11.71 -24.91 -2.53
C LEU C 259 -11.73 -26.20 -1.72
N PHE C 260 -12.52 -26.22 -0.66
CA PHE C 260 -12.59 -27.36 0.24
C PHE C 260 -14.04 -27.75 0.48
N THR C 261 -14.26 -29.06 0.66
CA THR C 261 -15.60 -29.57 0.93
C THR C 261 -15.43 -30.90 1.66
N THR C 262 -15.76 -30.92 2.96
CA THR C 262 -15.58 -32.10 3.79
C THR C 262 -16.92 -32.66 4.23
N SER C 263 -16.96 -33.99 4.38
CA SER C 263 -18.14 -34.66 4.89
C SER C 263 -18.23 -34.61 6.41
N ASN C 264 -17.16 -34.23 7.09
CA ASN C 264 -17.17 -34.11 8.54
C ASN C 264 -16.06 -33.14 8.94
N ASP C 265 -16.45 -32.01 9.54
CA ASP C 265 -15.45 -31.05 10.00
C ASP C 265 -14.54 -31.67 11.06
N ALA C 266 -15.08 -32.55 11.89
CA ALA C 266 -14.27 -33.32 12.82
C ALA C 266 -13.41 -34.30 12.03
N LYS C 267 -12.18 -34.51 12.51
CA LYS C 267 -11.21 -35.40 11.88
C LYS C 267 -10.73 -34.80 10.55
N PHE C 268 -11.54 -34.89 9.51
CA PHE C 268 -11.17 -34.37 8.19
C PHE C 268 -11.46 -32.88 8.14
N SER C 269 -10.55 -32.10 8.71
CA SER C 269 -10.63 -30.65 8.70
C SER C 269 -9.84 -30.11 7.51
N GLN C 270 -9.75 -28.78 7.42
CA GLN C 270 -8.99 -28.18 6.33
C GLN C 270 -7.49 -28.38 6.53
N GLN C 271 -7.00 -28.19 7.74
CA GLN C 271 -5.58 -28.42 8.01
C GLN C 271 -5.23 -29.90 7.97
N TYR C 272 -6.15 -30.76 8.40
CA TYR C 272 -5.90 -32.20 8.35
C TYR C 272 -5.76 -32.68 6.92
N THR C 273 -6.65 -32.22 6.03
CA THR C 273 -6.57 -32.62 4.63
C THR C 273 -5.30 -32.09 3.99
N GLU C 274 -4.89 -30.87 4.33
CA GLU C 274 -3.64 -30.33 3.81
C GLU C 274 -2.45 -31.15 4.30
N GLU C 275 -2.47 -31.56 5.57
CA GLU C 275 -1.39 -32.39 6.09
C GLU C 275 -1.34 -33.73 5.38
N ARG C 276 -2.50 -34.35 5.11
CA ARG C 276 -2.49 -35.62 4.41
C ARG C 276 -2.07 -35.46 2.95
N LEU C 277 -2.39 -34.34 2.32
CA LEU C 277 -1.90 -34.08 0.96
C LEU C 277 -0.39 -33.90 0.96
N LYS C 278 0.15 -33.23 1.98
CA LYS C 278 1.60 -33.08 2.08
C LYS C 278 2.27 -34.42 2.39
N ASP C 279 1.56 -35.32 3.07
CA ASP C 279 2.12 -36.64 3.35
C ASP C 279 2.06 -37.54 2.11
N ALA C 280 1.04 -37.40 1.27
CA ALA C 280 0.86 -38.28 0.12
C ALA C 280 1.67 -37.83 -1.08
N PHE C 281 1.46 -36.61 -1.55
CA PHE C 281 2.11 -36.10 -2.75
C PHE C 281 3.17 -35.05 -2.45
N ASN C 282 3.48 -34.82 -1.18
CA ASN C 282 4.49 -33.83 -0.77
C ASN C 282 4.14 -32.43 -1.27
N VAL C 283 2.85 -32.10 -1.24
CA VAL C 283 2.41 -30.76 -1.63
C VAL C 283 2.83 -29.78 -0.55
N GLN C 284 3.56 -28.75 -0.94
CA GLN C 284 4.10 -27.77 0.01
C GLN C 284 3.36 -26.44 0.00
N LEU C 285 2.91 -25.97 -1.16
CA LEU C 285 2.24 -24.69 -1.29
C LEU C 285 0.79 -24.91 -1.72
N PHE C 286 -0.14 -24.36 -0.94
CA PHE C 286 -1.57 -24.50 -1.21
C PHE C 286 -2.21 -23.18 -1.66
N ASN C 287 -2.05 -22.12 -0.89
CA ASN C 287 -2.60 -20.82 -1.22
C ASN C 287 -1.58 -19.91 -1.90
N THR C 288 -0.43 -20.44 -2.29
CA THR C 288 0.61 -19.66 -2.93
C THR C 288 1.10 -20.42 -4.16
N SER C 289 1.51 -19.65 -5.17
CA SER C 289 2.05 -20.25 -6.39
C SER C 289 2.88 -19.22 -7.13
N THR C 290 4.01 -19.65 -7.69
CA THR C 290 4.87 -18.79 -8.47
C THR C 290 4.98 -19.24 -9.91
N SER C 291 4.04 -20.06 -10.37
CA SER C 291 4.06 -20.61 -11.73
C SER C 291 3.20 -19.75 -12.64
N LEU C 292 3.85 -18.97 -13.49
CA LEU C 292 3.13 -18.16 -14.47
C LEU C 292 2.53 -19.05 -15.55
N PHE C 293 1.45 -18.57 -16.16
CA PHE C 293 0.96 -19.26 -17.35
C PHE C 293 0.39 -18.23 -18.32
N LYS C 294 0.31 -18.63 -19.59
CA LYS C 294 -0.02 -17.70 -20.65
C LYS C 294 -0.52 -18.47 -21.86
N PHE C 295 -1.64 -18.03 -22.42
CA PHE C 295 -2.23 -18.64 -23.61
C PHE C 295 -2.18 -17.65 -24.75
N VAL C 296 -1.64 -18.09 -25.89
CA VAL C 296 -1.47 -17.27 -27.08
C VAL C 296 -2.19 -17.95 -28.24
N GLU C 297 -3.02 -17.19 -28.94
CA GLU C 297 -3.72 -17.69 -30.11
C GLU C 297 -3.56 -16.70 -31.26
N GLU C 298 -3.17 -17.21 -32.42
CA GLU C 298 -3.02 -16.40 -33.63
C GLU C 298 -4.17 -16.76 -34.56
N ALA C 299 -5.05 -15.79 -34.80
CA ALA C 299 -6.18 -16.02 -35.68
C ALA C 299 -5.72 -16.16 -37.13
N PRO C 300 -6.43 -16.93 -37.94
CA PRO C 300 -6.07 -17.06 -39.35
C PRO C 300 -6.31 -15.77 -40.12
N SER C 301 -5.99 -15.77 -41.41
CA SER C 301 -6.18 -14.59 -42.25
C SER C 301 -7.56 -14.53 -42.88
N ASN C 302 -8.44 -15.47 -42.58
CA ASN C 302 -9.76 -15.53 -43.18
C ASN C 302 -10.92 -15.29 -42.21
N LYS C 303 -10.74 -15.58 -40.93
CA LYS C 303 -11.82 -15.46 -39.95
C LYS C 303 -11.26 -14.97 -38.63
N ASN C 304 -12.15 -14.74 -37.68
CA ASN C 304 -11.80 -14.33 -36.33
C ASN C 304 -11.86 -15.51 -35.37
N ILE C 305 -11.24 -15.35 -34.22
CA ILE C 305 -11.20 -16.39 -33.19
C ILE C 305 -11.61 -15.77 -31.86
N CYS C 306 -12.21 -16.58 -30.99
CA CYS C 306 -12.51 -16.15 -29.62
C CYS C 306 -11.92 -17.19 -28.68
N ILE C 307 -11.05 -16.74 -27.78
CA ILE C 307 -10.39 -17.64 -26.85
C ILE C 307 -10.79 -17.25 -25.42
N LYS C 308 -11.20 -18.24 -24.64
CA LYS C 308 -11.64 -18.03 -23.27
C LYS C 308 -10.66 -18.72 -22.33
N ALA C 309 -10.16 -17.98 -21.35
CA ALA C 309 -9.25 -18.50 -20.34
C ALA C 309 -10.00 -18.64 -19.03
N TYR C 310 -9.89 -19.82 -18.43
CA TYR C 310 -10.46 -20.15 -17.13
C TYR C 310 -9.35 -20.50 -16.14
N ASN C 311 -9.62 -20.22 -14.87
CA ASN C 311 -8.83 -20.81 -13.80
C ASN C 311 -9.28 -22.25 -13.57
N THR C 312 -8.32 -23.14 -13.38
CA THR C 312 -8.63 -24.55 -13.20
C THR C 312 -8.20 -25.02 -11.82
N TYR C 313 -8.58 -26.26 -11.51
CA TYR C 313 -8.27 -26.87 -10.24
C TYR C 313 -7.85 -28.32 -10.46
N GLU C 314 -7.12 -28.85 -9.48
CA GLU C 314 -6.75 -30.25 -9.42
C GLU C 314 -7.49 -30.87 -8.24
N LYS C 315 -8.22 -31.95 -8.50
CA LYS C 315 -9.12 -32.52 -7.49
C LYS C 315 -8.40 -33.61 -6.70
N TYR C 316 -8.46 -33.49 -5.38
CA TYR C 316 -7.94 -34.48 -4.47
C TYR C 316 -9.07 -34.97 -3.57
N GLU C 317 -9.17 -36.29 -3.41
CA GLU C 317 -10.19 -36.90 -2.57
C GLU C 317 -9.49 -37.66 -1.45
N LEU C 318 -9.80 -37.29 -0.21
CA LEU C 318 -9.22 -37.93 0.97
C LEU C 318 -10.29 -38.81 1.59
N ILE C 319 -10.36 -40.06 1.14
CA ILE C 319 -11.34 -41.01 1.64
C ILE C 319 -10.82 -41.67 2.89
N ASP C 320 -11.70 -42.36 3.61
CA ASP C 320 -11.38 -43.09 4.83
C ASP C 320 -11.93 -44.52 4.75
N TYR C 321 -11.62 -45.19 3.64
CA TYR C 321 -12.12 -46.52 3.34
C TYR C 321 -12.02 -47.46 4.54
N GLN C 322 -13.17 -47.97 4.96
CA GLN C 322 -13.24 -48.88 6.10
C GLN C 322 -14.25 -49.98 5.77
N ASN C 323 -13.79 -51.23 5.79
CA ASN C 323 -14.66 -52.40 5.60
C ASN C 323 -15.47 -52.31 4.31
N GLY C 324 -14.82 -51.88 3.23
CA GLY C 324 -15.41 -51.89 1.91
C GLY C 324 -16.26 -50.68 1.55
N SER C 325 -16.44 -49.73 2.47
CA SER C 325 -17.24 -48.55 2.20
C SER C 325 -16.54 -47.33 2.77
N ILE C 326 -16.71 -46.20 2.09
CA ILE C 326 -16.12 -44.95 2.53
C ILE C 326 -16.92 -44.40 3.70
N VAL C 327 -16.24 -44.14 4.82
CA VAL C 327 -16.90 -43.59 6.00
C VAL C 327 -16.67 -42.09 6.14
N ASN C 328 -15.68 -41.53 5.48
CA ASN C 328 -15.43 -40.09 5.50
C ASN C 328 -14.74 -39.71 4.20
N LYS C 329 -15.12 -38.56 3.65
CA LYS C 329 -14.57 -38.12 2.37
C LYS C 329 -14.50 -36.61 2.34
N ALA C 330 -13.32 -36.08 2.01
CA ALA C 330 -13.10 -34.66 1.83
C ALA C 330 -12.54 -34.41 0.43
N GLU C 331 -13.01 -33.35 -0.20
CA GLU C 331 -12.58 -32.98 -1.54
C GLU C 331 -11.80 -31.68 -1.49
N TYR C 332 -10.57 -31.71 -1.98
CA TYR C 332 -9.69 -30.55 -2.00
C TYR C 332 -9.35 -30.22 -3.44
N TYR C 333 -9.53 -28.95 -3.81
CA TYR C 333 -9.26 -28.48 -5.17
C TYR C 333 -8.08 -27.51 -5.11
N LEU C 334 -6.92 -27.99 -5.51
CA LEU C 334 -5.70 -27.20 -5.51
C LEU C 334 -5.62 -26.36 -6.78
N PRO C 335 -5.37 -25.05 -6.68
CA PRO C 335 -5.37 -24.20 -7.88
C PRO C 335 -4.33 -24.64 -8.90
N SER C 336 -4.81 -25.01 -10.09
CA SER C 336 -3.96 -25.46 -11.18
C SER C 336 -3.61 -24.27 -12.08
N LEU C 337 -3.16 -24.53 -13.30
CA LEU C 337 -2.59 -23.52 -14.18
C LEU C 337 -3.44 -23.25 -15.42
N GLY C 338 -4.75 -23.16 -15.27
CA GLY C 338 -5.61 -22.57 -16.27
C GLY C 338 -6.05 -23.53 -17.36
N TYR C 339 -7.00 -23.04 -18.16
CA TYR C 339 -7.56 -23.78 -19.29
C TYR C 339 -7.92 -22.79 -20.38
N CYS C 340 -7.61 -23.14 -21.63
CA CYS C 340 -7.86 -22.28 -22.78
C CYS C 340 -8.82 -22.99 -23.73
N GLU C 341 -9.93 -22.34 -24.04
CA GLU C 341 -10.92 -22.85 -24.99
C GLU C 341 -10.96 -21.94 -26.21
N VAL C 342 -10.78 -22.53 -27.38
CA VAL C 342 -10.77 -21.79 -28.65
C VAL C 342 -12.07 -22.07 -29.38
N THR C 343 -12.71 -21.01 -29.86
CA THR C 343 -14.00 -21.15 -30.53
C THR C 343 -14.09 -20.12 -31.65
N ASN C 344 -15.07 -20.32 -32.52
CA ASN C 344 -15.38 -19.39 -33.60
C ASN C 344 -16.76 -18.78 -33.36
N ALA C 345 -16.93 -17.56 -33.83
CA ALA C 345 -18.19 -16.85 -33.63
C ALA C 345 -19.32 -17.57 -34.36
N PRO C 346 -20.49 -17.69 -33.74
CA PRO C 346 -21.61 -18.36 -34.41
C PRO C 346 -22.24 -17.49 -35.49
N SER C 347 -23.35 -17.95 -36.06
CA SER C 347 -24.03 -17.18 -37.08
C SER C 347 -24.50 -15.85 -36.50
N PRO C 348 -24.49 -14.78 -37.28
CA PRO C 348 -24.83 -13.45 -36.73
C PRO C 348 -26.27 -13.37 -36.25
N GLU C 349 -26.45 -13.24 -34.95
CA GLU C 349 -27.77 -13.15 -34.32
C GLU C 349 -28.67 -14.31 -34.74
N SER C 350 -28.11 -15.52 -34.65
CA SER C 350 -28.86 -16.72 -35.03
C SER C 350 -30.09 -16.90 -34.14
N GLU C 351 -29.86 -17.12 -32.84
CA GLU C 351 -30.95 -17.29 -31.89
C GLU C 351 -30.43 -17.06 -30.49
N VAL C 352 -30.94 -16.04 -29.82
CA VAL C 352 -30.60 -15.78 -28.42
C VAL C 352 -31.66 -16.46 -27.56
N VAL C 353 -31.26 -17.50 -26.83
CA VAL C 353 -32.18 -18.32 -26.05
C VAL C 353 -31.93 -18.04 -24.57
N LYS C 354 -32.99 -17.69 -23.86
CA LYS C 354 -32.91 -17.48 -22.42
C LYS C 354 -32.73 -18.83 -21.74
N THR C 355 -31.52 -19.10 -21.25
CA THR C 355 -31.18 -20.38 -20.65
C THR C 355 -30.90 -20.20 -19.17
N GLN C 356 -31.46 -21.09 -18.36
CA GLN C 356 -31.23 -21.03 -16.92
C GLN C 356 -29.82 -21.49 -16.59
N VAL C 357 -29.33 -21.06 -15.42
CA VAL C 357 -27.99 -21.43 -14.99
C VAL C 357 -27.97 -22.88 -14.56
N ALA C 358 -26.83 -23.55 -14.79
CA ALA C 358 -26.65 -24.91 -14.34
C ALA C 358 -26.44 -24.95 -12.83
N GLU C 359 -26.66 -26.13 -12.26
CA GLU C 359 -26.45 -26.32 -10.83
C GLU C 359 -24.98 -26.19 -10.48
N ASP C 360 -24.71 -25.75 -9.25
CA ASP C 360 -23.34 -25.58 -8.80
C ASP C 360 -22.60 -26.91 -8.83
N GLY C 361 -21.47 -26.94 -9.53
CA GLY C 361 -20.72 -28.16 -9.67
C GLY C 361 -19.37 -27.91 -10.32
N PHE C 362 -18.80 -28.98 -10.84
CA PHE C 362 -17.49 -28.93 -11.49
C PHE C 362 -17.53 -29.67 -12.81
N ILE C 363 -16.73 -29.20 -13.76
CA ILE C 363 -16.55 -29.84 -15.05
C ILE C 363 -15.06 -30.05 -15.26
N GLN C 364 -14.68 -31.27 -15.64
CA GLN C 364 -13.28 -31.61 -15.86
C GLN C 364 -12.98 -31.51 -17.36
N ASN C 365 -12.18 -30.51 -17.73
CA ASN C 365 -11.75 -30.36 -19.12
C ASN C 365 -10.44 -31.07 -19.39
N GLY C 366 -9.69 -31.42 -18.36
CA GLY C 366 -8.43 -32.11 -18.51
C GLY C 366 -8.61 -33.60 -18.71
N PRO C 367 -7.51 -34.34 -18.77
CA PRO C 367 -7.59 -35.78 -18.97
C PRO C 367 -8.12 -36.48 -17.73
N GLU C 368 -8.70 -37.66 -17.96
CA GLU C 368 -9.26 -38.46 -16.88
C GLU C 368 -8.12 -39.12 -16.10
N GLU C 369 -7.98 -38.75 -14.83
CA GLU C 369 -7.02 -39.34 -13.94
C GLU C 369 -7.51 -39.79 -12.60
N GLU C 370 -6.85 -40.81 -12.03
CA GLU C 370 -7.19 -41.30 -10.70
C GLU C 370 -6.01 -42.07 -10.14
N ILE C 371 -5.35 -41.51 -9.13
CA ILE C 371 -4.19 -42.12 -8.51
C ILE C 371 -4.46 -42.24 -7.02
N VAL C 372 -4.37 -43.45 -6.50
CA VAL C 372 -4.65 -43.73 -5.09
C VAL C 372 -3.33 -43.94 -4.36
N VAL C 373 -3.12 -43.20 -3.29
CA VAL C 373 -1.91 -43.30 -2.48
C VAL C 373 -2.32 -43.46 -1.03
N GLY C 374 -1.91 -44.56 -0.40
CA GLY C 374 -2.17 -44.74 1.01
C GLY C 374 -1.35 -43.78 1.86
N VAL C 375 -1.87 -43.45 3.03
CA VAL C 375 -1.23 -42.52 3.94
C VAL C 375 -1.20 -43.13 5.33
N ILE C 376 -0.07 -42.97 6.02
CA ILE C 376 0.03 -43.41 7.41
C ILE C 376 -0.95 -42.61 8.25
N ASP C 377 -1.73 -43.32 9.07
CA ASP C 377 -2.67 -42.66 9.95
C ASP C 377 -1.91 -41.93 11.05
N PRO C 378 -2.08 -40.61 11.20
CA PRO C 378 -1.31 -39.89 12.22
C PRO C 378 -1.80 -40.39 13.55
N SER C 379 -2.99 -41.01 13.61
CA SER C 379 -3.45 -41.58 14.87
C SER C 379 -2.42 -42.54 15.54
N GLU C 380 -2.05 -43.57 14.78
CA GLU C 380 -1.06 -44.52 15.23
C GLU C 380 0.40 -44.10 15.39
N ASN C 381 1.09 -44.73 16.33
CA ASN C 381 2.50 -44.50 16.56
C ASN C 381 3.34 -45.41 15.68
N ILE C 382 4.48 -44.89 15.23
CA ILE C 382 5.35 -45.64 14.32
C ILE C 382 6.63 -46.03 15.03
N GLN C 383 6.67 -47.25 15.57
CA GLN C 383 7.90 -47.77 16.15
C GLN C 383 8.89 -48.12 15.04
N GLU C 384 10.18 -48.08 15.38
CA GLU C 384 11.23 -48.30 14.40
C GLU C 384 12.16 -49.41 14.87
N ILE C 385 12.55 -50.26 13.93
CA ILE C 385 13.56 -51.29 14.16
C ILE C 385 14.85 -50.76 13.56
N ASN C 386 15.76 -50.28 14.42
CA ASN C 386 16.93 -49.55 13.96
C ASN C 386 17.98 -50.43 13.32
N THR C 387 17.86 -51.75 13.42
CA THR C 387 18.82 -52.68 12.86
C THR C 387 18.19 -53.45 11.71
N ALA C 388 18.90 -53.56 10.60
CA ALA C 388 18.41 -54.30 9.45
C ALA C 388 18.29 -55.78 9.76
N ILE C 389 17.10 -56.29 9.50
CA ILE C 389 16.81 -57.71 9.80
C ILE C 389 17.77 -58.54 8.95
N SER C 390 18.53 -59.42 9.58
CA SER C 390 19.56 -60.18 8.83
C SER C 390 18.90 -61.42 8.21
N ASP C 391 18.81 -62.49 9.00
CA ASP C 391 18.24 -63.77 8.48
C ASP C 391 17.14 -64.24 9.42
N ASN C 392 17.04 -63.59 10.56
CA ASN C 392 16.03 -63.97 11.54
C ASN C 392 15.95 -62.87 12.59
N TYR C 393 14.73 -62.51 12.98
CA TYR C 393 14.54 -61.48 13.99
C TYR C 393 13.26 -61.77 14.76
N THR C 394 13.23 -61.36 16.02
CA THR C 394 12.08 -61.55 16.89
C THR C 394 11.81 -60.22 17.60
N TYR C 395 10.97 -59.38 16.98
CA TYR C 395 10.61 -58.10 17.57
C TYR C 395 9.56 -58.33 18.66
N ASN C 396 9.89 -57.95 19.88
CA ASN C 396 8.95 -58.06 21.00
C ASN C 396 8.08 -56.80 21.04
N ILE C 397 6.78 -56.97 20.86
CA ILE C 397 5.85 -55.85 20.82
C ILE C 397 5.75 -55.24 22.21
N PRO C 398 6.07 -53.95 22.37
CA PRO C 398 6.01 -53.26 23.66
C PRO C 398 4.61 -52.72 23.96
N ASN C 402 1.17 -49.83 24.35
CA ASN C 402 -0.25 -49.93 24.68
C ASN C 402 -0.92 -51.05 23.89
N ASN C 403 -2.24 -51.04 23.85
CA ASN C 403 -3.03 -52.04 23.15
C ASN C 403 -3.66 -51.49 21.87
N ASN C 404 -3.12 -50.39 21.34
CA ASN C 404 -3.68 -49.78 20.14
C ASN C 404 -2.90 -50.23 18.91
N PRO C 405 -3.58 -50.29 17.75
CA PRO C 405 -2.86 -50.62 16.51
C PRO C 405 -1.79 -49.58 16.20
N PHE C 406 -0.68 -50.05 15.63
CA PHE C 406 0.45 -49.17 15.40
C PHE C 406 1.28 -49.70 14.23
N TYR C 407 2.37 -48.98 13.93
CA TYR C 407 3.24 -49.29 12.81
C TYR C 407 4.65 -49.57 13.31
N ILE C 408 5.32 -50.52 12.65
CA ILE C 408 6.73 -50.82 12.89
C ILE C 408 7.46 -50.65 11.58
N LEU C 409 8.46 -49.77 11.55
CA LEU C 409 9.23 -49.49 10.35
C LEU C 409 10.52 -50.29 10.39
N PHE C 410 10.86 -50.93 9.27
CA PHE C 410 12.04 -51.78 9.24
C PHE C 410 12.53 -51.91 7.81
N THR C 411 13.77 -52.37 7.68
CA THR C 411 14.37 -52.68 6.38
C THR C 411 15.19 -53.96 6.53
N VAL C 412 15.29 -54.71 5.44
CA VAL C 412 16.03 -55.97 5.46
C VAL C 412 17.46 -55.72 5.00
N ASN C 413 18.35 -56.64 5.39
CA ASN C 413 19.75 -56.55 5.02
C ASN C 413 20.05 -57.17 3.66
N THR C 414 19.12 -57.95 3.10
CA THR C 414 19.31 -58.58 1.80
C THR C 414 17.95 -58.83 1.18
N THR C 415 17.82 -58.47 -0.10
CA THR C 415 16.56 -58.64 -0.81
C THR C 415 16.17 -60.12 -0.86
N GLY C 416 15.06 -60.46 -0.21
CA GLY C 416 14.66 -61.86 -0.15
C GLY C 416 13.23 -62.00 0.32
N ILE C 417 12.78 -63.24 0.38
CA ILE C 417 11.42 -63.56 0.77
C ILE C 417 11.39 -63.85 2.27
N TYR C 418 10.53 -63.16 2.99
CA TYR C 418 10.46 -63.23 4.44
C TYR C 418 9.07 -63.64 4.89
N LYS C 419 9.03 -64.41 5.98
CA LYS C 419 7.79 -64.78 6.66
C LYS C 419 7.69 -63.96 7.94
N ILE C 420 6.56 -63.28 8.13
CA ILE C 420 6.42 -62.30 9.19
C ILE C 420 5.33 -62.73 10.15
N ASN C 421 5.23 -64.03 10.39
CA ASN C 421 4.25 -64.56 11.33
C ASN C 421 4.43 -63.94 12.72
N ALA C 422 3.35 -63.91 13.48
CA ALA C 422 3.33 -63.41 14.84
C ALA C 422 3.30 -64.59 15.82
N GLN C 423 3.20 -64.26 17.11
CA GLN C 423 3.13 -65.29 18.15
C GLN C 423 1.83 -66.07 17.99
N ASN C 424 1.95 -67.32 17.54
CA ASN C 424 0.81 -68.21 17.30
C ASN C 424 -0.15 -67.66 16.24
N ASN C 425 0.31 -66.67 15.47
CA ASN C 425 -0.47 -66.07 14.39
C ASN C 425 -1.82 -65.54 14.88
N LEU C 426 -1.86 -65.03 16.11
CA LEU C 426 -3.11 -64.54 16.66
C LEU C 426 -3.45 -63.16 16.09
N PRO C 427 -2.53 -62.19 16.08
CA PRO C 427 -2.82 -60.92 15.40
C PRO C 427 -2.47 -61.03 13.93
N SER C 428 -3.43 -60.72 13.06
CA SER C 428 -3.19 -60.70 11.63
C SER C 428 -2.61 -59.34 11.26
N LEU C 429 -1.34 -59.32 10.85
CA LEU C 429 -0.64 -58.08 10.56
C LEU C 429 -0.84 -57.68 9.10
N LYS C 430 -0.60 -56.40 8.82
CA LYS C 430 -0.61 -55.88 7.46
C LYS C 430 0.77 -55.33 7.14
N ILE C 431 1.14 -55.32 5.86
CA ILE C 431 2.44 -54.82 5.44
C ILE C 431 2.26 -53.82 4.31
N TYR C 432 2.97 -52.70 4.42
CA TYR C 432 2.98 -51.64 3.42
C TYR C 432 4.41 -51.34 3.00
N GLU C 433 4.57 -50.89 1.76
CA GLU C 433 5.85 -50.45 1.24
C GLU C 433 5.87 -48.93 1.15
N ALA C 434 6.91 -48.32 1.72
CA ALA C 434 7.05 -46.87 1.64
C ALA C 434 7.44 -46.47 0.21
N ILE C 435 6.60 -45.67 -0.43
CA ILE C 435 6.81 -45.30 -1.81
C ILE C 435 7.99 -44.35 -1.91
N GLY C 436 8.92 -44.66 -2.82
CA GLY C 436 10.06 -43.80 -3.08
C GLY C 436 11.23 -43.97 -2.14
N SER C 437 11.12 -44.83 -1.13
CA SER C 437 12.23 -45.06 -0.23
C SER C 437 13.31 -45.89 -0.91
N GLY C 438 14.53 -45.77 -0.40
CA GLY C 438 15.65 -46.51 -0.95
C GLY C 438 16.37 -45.82 -2.10
N ASN C 439 15.98 -44.59 -2.44
CA ASN C 439 16.67 -43.81 -3.46
C ASN C 439 17.33 -42.57 -2.86
N ARG C 440 17.65 -42.62 -1.58
CA ARG C 440 18.16 -41.48 -0.83
C ARG C 440 19.10 -42.02 0.24
N ASN C 441 19.31 -41.24 1.31
CA ASN C 441 20.21 -41.60 2.40
C ASN C 441 20.27 -43.10 2.69
N PHE C 442 21.48 -43.66 2.60
CA PHE C 442 21.72 -45.07 2.79
C PHE C 442 22.83 -45.49 3.74
N GLN C 443 22.51 -46.33 4.71
CA GLN C 443 23.49 -46.83 5.68
C GLN C 443 23.42 -48.34 5.72
N SER C 444 24.54 -48.99 5.41
CA SER C 444 24.58 -50.45 5.38
C SER C 444 24.36 -51.02 6.77
N GLY C 445 23.49 -52.03 6.86
CA GLY C 445 23.21 -52.67 8.13
C GLY C 445 22.53 -51.79 9.15
N ASN C 446 21.68 -50.87 8.71
CA ASN C 446 20.95 -50.01 9.63
C ASN C 446 19.72 -49.46 8.90
N LEU C 447 18.79 -48.92 9.69
CA LEU C 447 17.57 -48.33 9.15
C LEU C 447 17.73 -46.81 9.14
N CYS C 448 17.78 -46.23 7.95
CA CYS C 448 17.80 -44.77 7.79
C CYS C 448 16.37 -44.31 7.56
N ASP C 449 15.74 -43.78 8.60
CA ASP C 449 14.35 -43.38 8.54
C ASP C 449 14.20 -42.20 7.58
N ASP C 450 13.63 -42.45 6.40
CA ASP C 450 13.40 -41.42 5.41
C ASP C 450 12.05 -40.73 5.58
N ASP C 451 11.44 -40.85 6.76
CA ASP C 451 10.17 -40.24 7.16
C ASP C 451 9.18 -40.13 6.01
N ILE C 452 8.96 -41.22 5.30
CA ILE C 452 8.02 -41.27 4.19
C ILE C 452 6.70 -41.82 4.73
N LYS C 453 5.62 -41.06 4.56
CA LYS C 453 4.31 -41.46 5.04
C LYS C 453 3.39 -41.93 3.92
N ALA C 454 3.86 -41.94 2.68
CA ALA C 454 3.06 -42.42 1.55
C ALA C 454 3.34 -43.91 1.39
N ILE C 455 2.47 -44.74 1.93
CA ILE C 455 2.66 -46.18 1.97
C ILE C 455 1.83 -46.84 0.87
N ASN C 456 2.36 -47.94 0.35
CA ASN C 456 1.68 -48.74 -0.67
C ASN C 456 1.39 -50.11 -0.08
N TYR C 457 0.11 -50.48 -0.04
CA TYR C 457 -0.30 -51.72 0.61
C TYR C 457 0.19 -52.92 -0.18
N ILE C 458 0.77 -53.90 0.54
CA ILE C 458 1.27 -55.11 -0.11
C ILE C 458 0.31 -56.27 0.15
N THR C 459 0.14 -56.65 1.41
CA THR C 459 -0.75 -57.75 1.75
C THR C 459 -1.02 -57.73 3.24
N GLY C 460 -2.11 -58.41 3.62
CA GLY C 460 -2.51 -58.49 5.02
C GLY C 460 -3.99 -58.24 5.21
N PHE C 461 -4.66 -59.13 5.94
CA PHE C 461 -6.07 -58.95 6.23
C PHE C 461 -6.28 -57.98 7.38
N ASP C 462 -7.45 -57.35 7.40
CA ASP C 462 -7.84 -56.47 8.48
C ASP C 462 -8.64 -57.18 9.56
N SER C 463 -8.87 -58.47 9.41
CA SER C 463 -9.64 -59.21 10.41
C SER C 463 -8.80 -59.39 11.68
N PRO C 464 -9.32 -59.01 12.85
CA PRO C 464 -8.54 -59.17 14.09
C PRO C 464 -8.65 -60.56 14.71
N ASN C 465 -9.52 -61.43 14.20
CA ASN C 465 -9.69 -62.76 14.74
C ASN C 465 -9.14 -63.87 13.87
N ALA C 466 -8.92 -63.62 12.58
CA ALA C 466 -8.37 -64.62 11.69
C ALA C 466 -6.89 -64.85 12.00
N LYS C 467 -6.46 -66.10 11.90
CA LYS C 467 -5.07 -66.48 12.11
C LYS C 467 -4.38 -66.61 10.76
N SER C 468 -3.34 -65.81 10.56
CA SER C 468 -2.67 -65.77 9.27
C SER C 468 -1.24 -65.27 9.46
N TYR C 469 -0.42 -65.52 8.43
CA TYR C 469 0.94 -65.01 8.38
C TYR C 469 1.26 -64.58 6.96
N LEU C 470 2.17 -63.61 6.84
CA LEU C 470 2.52 -63.03 5.56
C LEU C 470 3.80 -63.64 5.01
N VAL C 471 3.89 -63.72 3.69
CA VAL C 471 5.10 -64.14 2.99
C VAL C 471 5.33 -63.11 1.90
N VAL C 472 6.34 -62.27 2.08
CA VAL C 472 6.52 -61.08 1.25
C VAL C 472 7.96 -60.99 0.78
N LEU C 473 8.15 -60.54 -0.45
CA LEU C 473 9.48 -60.26 -0.98
C LEU C 473 9.86 -58.83 -0.59
N LEU C 474 10.96 -58.68 0.13
CA LEU C 474 11.41 -57.39 0.63
C LEU C 474 12.76 -57.05 0.02
N ASN C 475 12.88 -55.81 -0.46
CA ASN C 475 14.10 -55.33 -1.08
C ASN C 475 15.02 -54.73 -0.01
N LYS C 476 16.32 -54.82 -0.25
CA LYS C 476 17.29 -54.29 0.70
C LYS C 476 17.19 -52.78 0.83
N ASP C 477 17.00 -52.08 -0.29
CA ASP C 477 16.98 -50.62 -0.24
C ASP C 477 15.70 -50.08 0.37
N LYS C 478 14.55 -50.65 -0.01
CA LYS C 478 13.27 -50.09 0.39
C LYS C 478 13.02 -50.28 1.89
N ASN C 479 12.17 -49.42 2.43
CA ASN C 479 11.72 -49.49 3.82
C ASN C 479 10.26 -49.94 3.84
N TYR C 480 9.92 -50.75 4.84
CA TYR C 480 8.59 -51.34 4.92
C TYR C 480 7.98 -51.07 6.29
N TYR C 481 6.67 -50.85 6.29
CA TYR C 481 5.89 -50.69 7.52
C TYR C 481 5.06 -51.94 7.76
N ILE C 482 4.95 -52.32 9.03
CA ILE C 482 4.07 -53.42 9.44
C ILE C 482 3.04 -52.83 10.40
N ARG C 483 1.77 -52.92 10.02
CA ARG C 483 0.69 -52.47 10.87
C ARG C 483 0.20 -53.63 11.73
N VAL C 484 0.35 -53.48 13.04
CA VAL C 484 -0.19 -54.42 14.02
C VAL C 484 -1.54 -53.90 14.48
N PRO C 485 -2.61 -54.69 14.36
CA PRO C 485 -3.95 -54.21 14.72
C PRO C 485 -4.15 -54.09 16.22
N GLN C 486 -5.38 -53.78 16.63
CA GLN C 486 -5.70 -53.62 18.04
C GLN C 486 -5.41 -54.90 18.81
N THR C 487 -4.44 -54.83 19.73
CA THR C 487 -4.06 -55.98 20.53
C THR C 487 -5.10 -56.27 21.61
N SER C 489 -5.59 -57.25 25.39
CA SER C 489 -4.72 -58.42 25.43
C SER C 489 -3.65 -58.28 26.50
N ASN C 490 -3.13 -59.40 26.97
CA ASN C 490 -2.09 -59.40 28.00
C ASN C 490 -0.85 -60.12 27.50
N ILE C 491 -1.00 -60.95 26.48
CA ILE C 491 0.12 -61.69 25.90
C ILE C 491 1.09 -60.69 25.27
N GLU C 492 2.38 -60.85 25.55
CA GLU C 492 3.38 -59.94 25.01
C GLU C 492 3.45 -60.00 23.50
N ASN C 493 3.37 -61.22 22.94
CA ASN C 493 3.42 -61.46 21.50
C ASN C 493 4.78 -61.09 20.90
N GLN C 494 5.08 -61.63 19.72
CA GLN C 494 6.36 -61.36 19.09
C GLN C 494 6.21 -61.53 17.58
N ILE C 495 6.73 -60.57 16.83
CA ILE C 495 6.73 -60.64 15.37
C ILE C 495 8.04 -61.28 14.93
N LYS C 496 7.94 -62.37 14.18
CA LYS C 496 9.10 -63.18 13.82
C LYS C 496 9.36 -63.05 12.31
N PHE C 497 10.49 -62.46 11.97
CA PHE C 497 10.98 -62.45 10.60
C PHE C 497 11.95 -63.59 10.39
N LYS C 498 11.81 -64.28 9.26
CA LYS C 498 12.68 -65.41 8.95
C LYS C 498 13.02 -65.53 7.47
N ARG C 499 14.29 -65.69 7.15
CA ARG C 499 14.67 -65.83 5.72
C ARG C 499 14.14 -67.16 5.19
N GLU C 500 13.30 -67.16 4.17
CA GLU C 500 12.66 -68.31 3.55
C GLU C 500 13.31 -68.54 2.19
N GLU C 501 14.21 -69.53 2.13
CA GLU C 501 14.87 -69.91 0.88
C GLU C 501 14.27 -71.21 0.41
N GLY C 502 13.51 -71.16 -0.69
CA GLY C 502 12.82 -72.33 -1.19
C GLY C 502 11.58 -72.64 -0.40
N ASP C 503 10.87 -73.69 -0.84
CA ASP C 503 9.66 -74.16 -0.18
C ASP C 503 8.61 -73.06 -0.14
N LEU C 504 8.48 -72.39 1.01
CA LEU C 504 7.50 -71.31 1.16
C LEU C 504 7.84 -70.09 0.32
N ARG C 505 8.92 -70.12 -0.45
CA ARG C 505 9.32 -69.00 -1.29
C ARG C 505 8.47 -68.93 -2.55
N ASN C 506 7.44 -69.78 -2.64
CA ASN C 506 6.54 -69.79 -3.78
C ASN C 506 5.29 -68.94 -3.58
N LEU C 507 4.85 -68.77 -2.35
CA LEU C 507 3.70 -67.91 -2.04
C LEU C 507 4.14 -66.48 -1.76
N MET C 508 4.89 -65.91 -2.70
CA MET C 508 5.45 -64.58 -2.50
C MET C 508 4.34 -63.52 -2.53
N ASN C 509 4.52 -62.51 -1.68
CA ASN C 509 3.58 -61.39 -1.57
C ASN C 509 2.15 -61.89 -1.34
N SER C 510 2.01 -62.85 -0.43
CA SER C 510 0.70 -63.43 -0.14
C SER C 510 0.54 -63.66 1.34
N SER C 511 -0.69 -63.53 1.81
CA SER C 511 -1.04 -63.85 3.19
C SER C 511 -1.74 -65.20 3.23
N VAL C 512 -1.29 -66.07 4.12
CA VAL C 512 -1.83 -67.42 4.26
C VAL C 512 -2.53 -67.49 5.61
N ASN C 513 -3.82 -67.83 5.56
CA ASN C 513 -4.64 -67.95 6.77
C ASN C 513 -4.68 -69.41 7.20
N ILE C 514 -4.39 -69.64 8.47
CA ILE C 514 -4.31 -70.99 9.02
C ILE C 514 -5.71 -71.38 9.50
N ILE C 515 -6.43 -72.11 8.67
CA ILE C 515 -7.76 -72.61 9.03
C ILE C 515 -7.58 -73.90 9.82
N ASP C 516 -7.98 -73.88 11.09
CA ASP C 516 -7.80 -75.02 11.98
C ASP C 516 -9.15 -75.54 12.48
N ASN C 517 -10.14 -75.59 11.59
CA ASN C 517 -11.45 -76.08 11.95
C ASN C 517 -12.07 -77.00 10.90
N LEU C 518 -11.36 -77.32 9.83
CA LEU C 518 -11.89 -78.18 8.78
C LEU C 518 -11.96 -79.63 9.24
N HIS C 524 -18.86 -75.76 5.43
CA HIS C 524 -17.80 -74.93 6.00
C HIS C 524 -17.26 -73.95 4.96
N TYR C 525 -17.18 -72.68 5.34
CA TYR C 525 -16.68 -71.65 4.45
C TYR C 525 -16.03 -70.54 5.27
N TYR C 526 -15.16 -69.78 4.60
CA TYR C 526 -14.43 -68.69 5.25
C TYR C 526 -14.44 -67.48 4.33
N THR C 527 -14.68 -66.30 4.91
CA THR C 527 -14.75 -65.06 4.17
C THR C 527 -13.60 -64.15 4.59
N ARG C 528 -12.93 -63.55 3.60
CA ARG C 528 -11.78 -62.68 3.85
C ARG C 528 -11.87 -61.48 2.93
N GLN C 529 -11.06 -60.46 3.24
CA GLN C 529 -10.98 -59.28 2.39
C GLN C 529 -10.35 -59.66 1.06
N SER C 530 -11.14 -59.67 0.00
CA SER C 530 -10.65 -60.12 -1.30
C SER C 530 -9.58 -59.18 -1.81
N PRO C 531 -8.43 -59.69 -2.24
CA PRO C 531 -7.41 -58.83 -2.83
C PRO C 531 -7.78 -58.41 -4.25
N ASP C 532 -6.99 -57.49 -4.79
CA ASP C 532 -7.24 -56.93 -6.11
C ASP C 532 -6.85 -57.94 -7.18
N VAL C 533 -7.11 -57.59 -8.45
CA VAL C 533 -6.75 -58.44 -9.56
C VAL C 533 -5.23 -58.63 -9.60
N HIS C 534 -4.80 -59.85 -9.92
CA HIS C 534 -3.39 -60.22 -9.98
C HIS C 534 -2.72 -60.11 -8.62
N ASP C 535 -3.46 -60.39 -7.56
CA ASP C 535 -2.93 -60.50 -6.21
C ASP C 535 -3.11 -61.93 -5.72
N TYR C 536 -2.60 -62.22 -4.52
CA TYR C 536 -2.54 -63.59 -4.03
C TYR C 536 -3.11 -63.69 -2.62
N ILE C 537 -3.81 -64.79 -2.36
CA ILE C 537 -4.28 -65.15 -1.03
C ILE C 537 -3.98 -66.64 -0.85
N SER C 538 -3.92 -67.10 0.40
CA SER C 538 -3.64 -68.50 0.63
C SER C 538 -4.37 -68.98 1.87
N TYR C 539 -4.73 -70.27 1.86
CA TYR C 539 -5.38 -70.92 2.99
C TYR C 539 -4.68 -72.22 3.29
N GLU C 540 -4.28 -72.41 4.55
CA GLU C 540 -3.62 -73.63 5.00
C GLU C 540 -4.60 -74.42 5.86
N PHE C 541 -4.83 -75.68 5.50
CA PHE C 541 -5.77 -76.53 6.21
C PHE C 541 -5.16 -77.91 6.46
N THR C 542 -5.66 -78.57 7.50
CA THR C 542 -5.19 -79.90 7.85
C THR C 542 -5.69 -80.93 6.84
N ILE C 555 -12.87 -83.83 -2.23
CA ILE C 555 -12.90 -82.52 -1.58
C ILE C 555 -13.26 -81.44 -2.59
N ARG C 556 -14.28 -80.65 -2.28
CA ARG C 556 -14.74 -79.57 -3.15
C ARG C 556 -14.18 -78.25 -2.65
N LEU C 557 -13.45 -77.56 -3.52
CA LEU C 557 -12.87 -76.26 -3.20
C LEU C 557 -13.25 -75.28 -4.29
N TYR C 558 -13.95 -74.21 -3.92
CA TYR C 558 -14.28 -73.16 -4.89
C TYR C 558 -14.59 -71.87 -4.14
N THR C 559 -15.14 -70.89 -4.85
CA THR C 559 -15.47 -69.60 -4.28
C THR C 559 -16.87 -69.19 -4.71
N SER C 560 -17.49 -68.31 -3.92
CA SER C 560 -18.90 -67.99 -4.13
C SER C 560 -19.08 -66.88 -5.16
N TYR C 561 -18.56 -65.69 -4.88
CA TYR C 561 -18.74 -64.53 -5.73
C TYR C 561 -17.65 -64.31 -6.78
N ASN C 562 -16.40 -64.25 -6.33
CA ASN C 562 -15.29 -63.94 -7.21
C ASN C 562 -14.95 -64.98 -8.28
N GLN C 563 -14.05 -64.59 -9.19
CA GLN C 563 -13.64 -65.46 -10.28
C GLN C 563 -12.27 -66.06 -10.00
N ILE C 565 -7.26 -67.85 -10.69
CA ILE C 565 -6.69 -69.18 -10.82
C ILE C 565 -6.61 -69.86 -9.46
N GLY C 566 -5.84 -70.94 -9.38
CA GLY C 566 -5.69 -71.66 -8.13
C GLY C 566 -4.61 -72.71 -8.24
N THR C 567 -4.06 -73.07 -7.07
CA THR C 567 -3.01 -74.08 -7.01
C THR C 567 -3.00 -74.67 -5.60
N LEU C 568 -2.95 -75.99 -5.51
CA LEU C 568 -2.98 -76.70 -4.24
C LEU C 568 -1.64 -77.38 -4.05
N PHE C 569 -0.97 -77.05 -2.95
CA PHE C 569 0.33 -77.62 -2.59
C PHE C 569 0.17 -78.48 -1.35
N ARG C 570 0.97 -79.55 -1.29
CA ARG C 570 1.06 -80.42 -0.13
C ARG C 570 2.35 -80.13 0.61
N VAL C 571 2.26 -79.94 1.93
CA VAL C 571 3.39 -79.63 2.78
C VAL C 571 3.93 -80.92 3.39
N THR C 572 5.26 -81.01 3.50
CA THR C 572 5.92 -82.18 4.04
C THR C 572 6.65 -81.89 5.34
N GLU C 573 6.30 -80.80 6.01
CA GLU C 573 6.92 -80.40 7.29
C GLU C 573 8.44 -80.29 7.17
N TYR C 578 9.27 -76.99 5.03
CA TYR C 578 7.93 -77.24 4.54
C TYR C 578 7.96 -78.13 3.30
N ASN C 579 8.70 -77.70 2.28
CA ASN C 579 8.87 -78.43 1.03
C ASN C 579 7.51 -78.69 0.36
N LEU C 580 6.86 -77.60 -0.02
CA LEU C 580 5.56 -77.68 -0.69
C LEU C 580 5.72 -78.29 -2.07
N ILE C 581 4.83 -79.22 -2.41
CA ILE C 581 4.82 -79.88 -3.71
C ILE C 581 3.48 -79.63 -4.37
N ASN C 582 3.51 -79.15 -5.61
CA ASN C 582 2.28 -78.82 -6.32
C ASN C 582 1.53 -80.10 -6.72
N ILE C 583 0.21 -80.05 -6.60
CA ILE C 583 -0.64 -81.19 -6.97
C ILE C 583 -1.55 -80.81 -8.13
N GLN C 584 -1.92 -79.54 -8.21
CA GLN C 584 -2.84 -79.08 -9.25
C GLN C 584 -2.53 -77.64 -9.58
N GLN C 585 -3.03 -77.20 -10.73
CA GLN C 585 -2.82 -75.84 -11.20
C GLN C 585 -3.94 -75.44 -12.15
N ASN C 586 -4.06 -74.13 -12.37
CA ASN C 586 -5.08 -73.56 -13.26
C ASN C 586 -6.49 -74.01 -12.85
N LEU C 587 -6.76 -73.99 -11.55
CA LEU C 587 -8.06 -74.40 -11.03
C LEU C 587 -8.94 -73.16 -10.92
N ASN C 588 -9.94 -73.07 -11.80
CA ASN C 588 -10.89 -71.96 -11.79
C ASN C 588 -11.89 -72.23 -10.67
N LEU C 589 -11.80 -71.44 -9.60
CA LEU C 589 -12.64 -71.64 -8.42
C LEU C 589 -13.99 -70.95 -8.53
N LEU C 590 -14.27 -70.25 -9.63
CA LEU C 590 -15.53 -69.52 -9.78
C LEU C 590 -16.67 -70.52 -9.93
N ASN C 591 -17.39 -70.77 -8.84
CA ASN C 591 -18.52 -71.70 -8.83
C ASN C 591 -18.12 -73.07 -9.34
N SER C 592 -16.92 -73.52 -8.96
CA SER C 592 -16.42 -74.81 -9.40
C SER C 592 -17.16 -75.95 -8.71
N THR C 593 -17.18 -77.10 -9.37
CA THR C 593 -17.85 -78.29 -8.84
C THR C 593 -16.95 -79.53 -8.88
N LYS C 594 -15.66 -79.36 -9.16
CA LYS C 594 -14.75 -80.50 -9.23
C LYS C 594 -14.39 -80.98 -7.83
N SER C 595 -13.69 -82.11 -7.77
CA SER C 595 -13.28 -82.72 -6.52
C SER C 595 -11.78 -82.98 -6.55
N ILE C 596 -11.19 -83.06 -5.36
CA ILE C 596 -9.76 -83.29 -5.19
C ILE C 596 -9.49 -84.63 -4.51
N ARG C 597 -10.21 -84.92 -3.43
CA ARG C 597 -10.04 -86.14 -2.64
C ARG C 597 -8.59 -86.29 -2.15
N LEU C 598 -8.17 -85.32 -1.36
CA LEU C 598 -6.82 -85.31 -0.82
C LEU C 598 -6.67 -86.35 0.27
N LEU C 599 -5.42 -86.69 0.58
CA LEU C 599 -5.14 -87.66 1.62
C LEU C 599 -5.43 -87.09 2.99
N ASN C 600 -6.12 -87.85 3.83
CA ASN C 600 -6.48 -87.40 5.17
C ASN C 600 -5.24 -87.31 6.06
N ILE C 603 -2.03 -81.84 5.68
CA ILE C 603 -1.82 -80.39 5.68
C ILE C 603 -1.49 -79.92 4.26
N TYR C 604 -2.36 -79.06 3.73
CA TYR C 604 -2.19 -78.55 2.38
C TYR C 604 -2.51 -77.06 2.35
N ILE C 605 -1.89 -76.36 1.40
CA ILE C 605 -2.03 -74.92 1.24
C ILE C 605 -2.59 -74.64 -0.16
N LEU C 606 -3.70 -73.91 -0.21
CA LEU C 606 -4.33 -73.53 -1.47
C LEU C 606 -4.03 -72.06 -1.71
N LYS C 607 -3.42 -71.75 -2.85
CA LYS C 607 -3.10 -70.39 -3.23
C LYS C 607 -4.05 -69.96 -4.35
N VAL C 608 -4.71 -68.82 -4.15
CA VAL C 608 -5.72 -68.31 -5.07
C VAL C 608 -5.27 -66.94 -5.56
N GLU C 609 -5.37 -66.72 -6.87
CA GLU C 609 -5.11 -65.43 -7.49
C GLU C 609 -6.41 -64.88 -8.05
N VAL C 610 -6.76 -63.67 -7.66
CA VAL C 610 -8.02 -63.07 -8.07
C VAL C 610 -7.86 -62.54 -9.50
N THR C 611 -8.75 -62.98 -10.39
CA THR C 611 -8.75 -62.53 -11.77
C THR C 611 -9.90 -61.58 -12.10
N GLU C 612 -10.92 -61.50 -11.26
CA GLU C 612 -12.03 -60.57 -11.49
C GLU C 612 -12.66 -60.29 -10.14
N LEU C 613 -12.46 -59.06 -9.63
CA LEU C 613 -12.97 -58.67 -8.32
C LEU C 613 -14.41 -58.20 -8.48
N ASN C 614 -15.34 -59.14 -8.33
CA ASN C 614 -16.77 -58.85 -8.42
C ASN C 614 -17.41 -58.63 -7.05
N ASN C 615 -16.64 -58.70 -5.98
CA ASN C 615 -17.17 -58.46 -4.64
C ASN C 615 -16.03 -58.00 -3.75
N TYR C 616 -16.40 -57.27 -2.69
CA TYR C 616 -15.40 -56.81 -1.73
C TYR C 616 -14.76 -57.98 -1.00
N ASN C 617 -15.56 -58.96 -0.61
CA ASN C 617 -15.06 -60.12 0.11
C ASN C 617 -14.87 -61.31 -0.83
N ILE C 618 -14.13 -62.30 -0.36
CA ILE C 618 -13.95 -63.57 -1.04
C ILE C 618 -14.30 -64.68 -0.08
N LYS C 619 -15.10 -65.64 -0.54
CA LYS C 619 -15.55 -66.75 0.28
C LYS C 619 -14.91 -68.04 -0.23
N LEU C 620 -14.28 -68.78 0.68
CA LEU C 620 -13.59 -70.02 0.34
C LEU C 620 -14.51 -71.18 0.72
N HIS C 621 -15.32 -71.63 -0.25
CA HIS C 621 -16.19 -72.77 -0.04
C HIS C 621 -15.37 -74.05 -0.06
N ILE C 622 -15.24 -74.69 1.09
CA ILE C 622 -14.47 -75.92 1.26
C ILE C 622 -15.40 -76.97 1.86
N ASP C 623 -15.79 -77.95 1.05
CA ASP C 623 -16.70 -79.01 1.46
C ASP C 623 -15.96 -80.34 1.43
N ILE C 624 -16.10 -81.12 2.49
CA ILE C 624 -15.46 -82.43 2.58
C ILE C 624 -16.17 -83.42 1.65
N THR D 22 34.87 24.25 -40.75
CA THR D 22 34.34 25.25 -41.66
C THR D 22 32.86 25.01 -41.94
N ILE D 23 32.06 26.07 -41.94
CA ILE D 23 30.62 25.98 -42.18
C ILE D 23 30.21 27.18 -43.02
N ASP D 24 29.04 27.08 -43.65
CA ASP D 24 28.50 28.13 -44.49
C ASP D 24 27.45 28.98 -43.76
N LEU D 25 27.40 28.89 -42.44
CA LEU D 25 26.44 29.65 -41.66
C LEU D 25 26.95 31.09 -41.48
N ALA D 26 26.27 31.85 -40.63
CA ALA D 26 26.66 33.21 -40.32
C ALA D 26 27.27 33.28 -38.93
N ASP D 27 27.86 34.44 -38.62
CA ASP D 27 28.47 34.64 -37.32
C ASP D 27 27.42 34.58 -36.23
N GLY D 28 27.72 33.82 -35.16
CA GLY D 28 26.78 33.70 -34.05
C GLY D 28 26.80 32.33 -33.42
N ASN D 29 25.92 32.11 -32.45
CA ASN D 29 25.83 30.84 -31.74
C ASN D 29 24.72 29.99 -32.34
N TYR D 30 24.97 28.68 -32.42
CA TYR D 30 24.05 27.74 -33.03
C TYR D 30 23.91 26.52 -32.13
N VAL D 31 22.71 25.95 -32.13
CA VAL D 31 22.42 24.68 -31.47
C VAL D 31 22.23 23.62 -32.54
N VAL D 32 22.97 22.53 -32.44
CA VAL D 32 23.03 21.51 -33.48
C VAL D 32 22.74 20.15 -32.88
N SER D 33 21.91 19.38 -33.58
CA SER D 33 21.65 17.98 -33.24
C SER D 33 22.20 17.10 -34.34
N ARG D 34 23.02 16.12 -33.98
CA ARG D 34 23.63 15.19 -34.91
C ARG D 34 22.88 13.87 -35.00
N GLY D 35 21.76 13.75 -34.33
CA GLY D 35 20.93 12.56 -34.41
C GLY D 35 21.24 11.54 -33.33
N ASP D 36 20.68 10.36 -33.52
CA ASP D 36 20.81 9.26 -32.59
C ASP D 36 21.73 8.21 -33.21
N GLY D 37 22.49 7.53 -32.36
CA GLY D 37 23.37 6.47 -32.81
C GLY D 37 24.84 6.77 -32.61
N TRP D 38 25.16 7.52 -31.57
CA TRP D 38 26.54 7.85 -31.25
C TRP D 38 27.02 6.93 -30.13
N ILE D 39 28.09 6.18 -30.40
CA ILE D 39 28.69 5.27 -29.43
C ILE D 39 30.00 5.87 -28.96
N LEU D 40 30.23 5.86 -27.66
CA LEU D 40 31.39 6.51 -27.08
C LEU D 40 32.62 5.60 -27.17
N SER D 41 33.79 6.22 -27.05
CA SER D 41 35.04 5.49 -27.15
C SER D 41 35.35 4.76 -25.85
N ARG D 42 36.05 3.62 -25.98
CA ARG D 42 36.48 2.79 -24.87
C ARG D 42 35.33 2.24 -24.03
N GLN D 43 34.11 2.30 -24.54
CA GLN D 43 32.92 1.94 -23.78
C GLN D 43 32.11 0.88 -24.51
N ASN D 44 32.78 -0.10 -25.10
CA ASN D 44 32.11 -1.12 -25.90
C ASN D 44 31.59 -2.28 -25.06
N GLN D 45 32.46 -2.89 -24.25
CA GLN D 45 32.11 -4.08 -23.48
C GLN D 45 31.83 -3.75 -22.03
N ILE D 46 31.22 -2.61 -21.76
CA ILE D 46 30.91 -2.23 -20.39
C ILE D 46 29.80 -3.10 -19.82
N LEU D 47 28.74 -3.33 -20.60
CA LEU D 47 27.59 -4.07 -20.12
C LEU D 47 27.79 -5.58 -20.19
N GLY D 48 28.73 -6.05 -21.00
CA GLY D 48 28.97 -7.48 -21.12
C GLY D 48 28.58 -8.03 -22.47
N GLY D 49 28.45 -9.35 -22.56
CA GLY D 49 28.10 -9.97 -23.82
C GLY D 49 27.65 -11.40 -23.58
N SER D 50 27.16 -12.01 -24.66
CA SER D 50 26.61 -13.35 -24.62
C SER D 50 27.26 -14.20 -25.70
N VAL D 51 27.34 -15.51 -25.43
CA VAL D 51 27.88 -16.49 -26.36
C VAL D 51 26.80 -17.52 -26.62
N ILE D 52 26.51 -17.75 -27.90
CA ILE D 52 25.51 -18.73 -28.32
C ILE D 52 26.19 -19.70 -29.28
N SER D 53 25.61 -20.89 -29.41
CA SER D 53 26.21 -21.91 -30.26
C SER D 53 25.15 -22.89 -30.73
N ASN D 54 25.34 -23.40 -31.95
CA ASN D 54 24.56 -24.51 -32.49
C ASN D 54 23.07 -24.21 -32.50
N GLY D 55 22.71 -23.10 -33.13
CA GLY D 55 21.32 -22.76 -33.35
C GLY D 55 20.61 -22.14 -32.16
N SER D 56 21.28 -21.98 -31.04
CA SER D 56 20.65 -21.34 -29.88
C SER D 56 20.39 -19.87 -30.15
N THR D 57 19.28 -19.37 -29.64
CA THR D 57 18.90 -17.97 -29.80
C THR D 57 19.16 -17.23 -28.50
N GLY D 58 19.91 -16.14 -28.59
CA GLY D 58 20.24 -15.32 -27.44
C GLY D 58 19.54 -13.98 -27.51
N ILE D 59 18.91 -13.61 -26.41
CA ILE D 59 18.19 -12.34 -26.29
C ILE D 59 18.85 -11.54 -25.17
N VAL D 60 19.29 -10.33 -25.49
CA VAL D 60 19.79 -9.39 -24.51
C VAL D 60 18.79 -8.26 -24.37
N GLY D 61 18.73 -7.67 -23.18
CA GLY D 61 17.81 -6.58 -22.95
C GLY D 61 18.36 -5.64 -21.89
N ASP D 62 17.85 -4.41 -21.93
CA ASP D 62 18.26 -3.43 -20.93
C ASP D 62 17.15 -2.41 -20.74
N LEU D 63 17.21 -1.71 -19.62
CA LEU D 63 16.21 -0.74 -19.21
C LEU D 63 16.92 0.54 -18.77
N ARG D 64 16.49 1.67 -19.33
CA ARG D 64 17.14 2.96 -19.10
C ARG D 64 16.31 3.75 -18.09
N VAL D 65 16.73 3.76 -16.83
CA VAL D 65 15.87 4.36 -15.80
C VAL D 65 16.46 5.62 -15.15
N ASN D 66 17.53 5.48 -14.36
CA ASN D 66 18.03 6.65 -13.64
C ASN D 66 19.55 6.68 -13.46
N ASP D 67 20.28 5.69 -13.93
CA ASP D 67 21.73 5.69 -13.75
C ASP D 67 22.47 5.50 -15.06
N ASN D 68 21.94 4.69 -15.97
CA ASN D 68 22.40 4.63 -17.35
C ASN D 68 21.71 5.67 -18.22
N ALA D 69 21.09 6.68 -17.61
CA ALA D 69 20.41 7.74 -18.32
C ALA D 69 20.95 9.12 -17.93
N ILE D 70 22.14 9.18 -17.33
CA ILE D 70 22.74 10.44 -16.91
C ILE D 70 23.48 11.02 -18.11
N PRO D 71 23.14 12.21 -18.58
CA PRO D 71 23.84 12.79 -19.72
C PRO D 71 25.25 13.21 -19.36
N TYR D 72 26.09 13.34 -20.39
CA TYR D 72 27.48 13.74 -20.24
C TYR D 72 27.66 15.13 -20.85
N TYR D 73 28.15 16.06 -20.04
CA TYR D 73 28.38 17.42 -20.48
C TYR D 73 29.85 17.66 -20.74
N TYR D 74 30.16 18.32 -21.85
CA TYR D 74 31.51 18.74 -22.20
C TYR D 74 31.41 20.20 -22.57
N PRO D 75 31.50 21.09 -21.59
CA PRO D 75 31.26 22.51 -21.83
C PRO D 75 32.54 23.27 -22.15
N THR D 76 32.35 24.53 -22.53
CA THR D 76 33.40 25.51 -22.79
C THR D 76 33.10 26.75 -21.97
N PRO D 77 34.07 27.64 -21.80
CA PRO D 77 33.80 28.86 -21.01
C PRO D 77 32.60 29.65 -21.47
N SER D 78 32.36 29.75 -22.78
CA SER D 78 31.18 30.46 -23.26
C SER D 78 29.90 29.67 -22.97
N PHE D 79 29.95 28.35 -23.11
CA PHE D 79 28.77 27.49 -23.00
C PHE D 79 28.92 26.64 -21.74
N ASN D 80 28.39 27.13 -20.63
CA ASN D 80 28.42 26.36 -19.39
C ASN D 80 27.37 25.26 -19.43
N GLU D 81 27.29 24.48 -18.35
CA GLU D 81 26.38 23.35 -18.31
C GLU D 81 24.92 23.80 -18.40
N GLU D 82 24.57 24.86 -17.66
CA GLU D 82 23.20 25.36 -17.72
C GLU D 82 22.87 25.90 -19.11
N TYR D 83 23.82 26.59 -19.74
CA TYR D 83 23.59 27.11 -21.08
C TYR D 83 23.35 25.97 -22.07
N ILE D 84 24.08 24.87 -21.93
CA ILE D 84 23.87 23.71 -22.80
C ILE D 84 22.51 23.08 -22.53
N LYS D 85 22.18 22.87 -21.26
CA LYS D 85 20.93 22.19 -20.93
C LYS D 85 19.72 22.99 -21.38
N ASN D 86 19.76 24.31 -21.21
CA ASN D 86 18.58 25.12 -21.51
C ASN D 86 18.33 25.20 -23.02
N ASN D 87 19.38 25.38 -23.82
CA ASN D 87 19.20 25.65 -25.24
C ASN D 87 18.75 24.43 -26.03
N ILE D 88 19.35 23.26 -25.78
CA ILE D 88 18.95 22.06 -26.52
C ILE D 88 17.53 21.64 -26.14
N GLN D 89 17.18 21.71 -24.86
CA GLN D 89 15.84 21.33 -24.44
C GLN D 89 14.76 22.23 -25.02
N THR D 90 15.11 23.46 -25.40
CA THR D 90 14.14 24.36 -26.00
C THR D 90 13.84 23.97 -27.44
N VAL D 91 14.86 23.63 -28.21
CA VAL D 91 14.69 23.34 -29.63
C VAL D 91 14.42 21.86 -29.88
N PHE D 92 15.04 20.98 -29.11
CA PHE D 92 14.95 19.55 -29.33
C PHE D 92 14.28 18.87 -28.15
N ALA D 93 14.29 17.54 -28.15
CA ALA D 93 13.57 16.77 -27.15
C ALA D 93 14.07 17.08 -25.74
N ASN D 94 13.13 17.23 -24.81
CA ASN D 94 13.45 17.50 -23.42
C ASN D 94 13.93 16.21 -22.78
N PHE D 95 15.24 16.02 -22.71
CA PHE D 95 15.79 14.77 -22.19
C PHE D 95 15.66 14.67 -20.67
N THR D 96 15.51 15.79 -19.97
CA THR D 96 15.33 15.73 -18.52
C THR D 96 14.02 15.05 -18.16
N GLU D 97 12.93 15.44 -18.81
CA GLU D 97 11.63 14.83 -18.56
C GLU D 97 11.41 13.54 -19.32
N ALA D 98 12.26 13.22 -20.29
CA ALA D 98 12.11 11.99 -21.06
C ALA D 98 12.88 10.82 -20.46
N ASN D 99 14.01 11.10 -19.80
CA ASN D 99 14.80 10.04 -19.18
C ASN D 99 14.22 9.57 -17.86
N GLN D 100 13.23 10.28 -17.32
CA GLN D 100 12.62 9.87 -16.06
C GLN D 100 11.70 8.67 -16.23
N ILE D 101 11.24 8.40 -17.45
CA ILE D 101 10.33 7.30 -17.74
C ILE D 101 11.17 6.10 -18.18
N PRO D 102 11.14 4.98 -17.46
CA PRO D 102 11.90 3.80 -17.89
C PRO D 102 11.46 3.35 -19.27
N ILE D 103 12.44 3.07 -20.12
CA ILE D 103 12.22 2.55 -21.47
C ILE D 103 13.11 1.34 -21.64
N GLY D 104 12.55 0.26 -22.15
CA GLY D 104 13.29 -0.98 -22.36
C GLY D 104 13.63 -1.18 -23.81
N PHE D 105 14.72 -1.91 -24.06
CA PHE D 105 15.05 -2.32 -25.41
C PHE D 105 15.67 -3.70 -25.36
N GLU D 106 15.54 -4.43 -26.47
CA GLU D 106 15.98 -5.81 -26.51
C GLU D 106 16.45 -6.16 -27.92
N PHE D 107 17.48 -7.00 -27.98
CA PHE D 107 17.99 -7.54 -29.23
C PHE D 107 17.99 -9.06 -29.15
N SER D 108 17.83 -9.69 -30.30
CA SER D 108 17.79 -11.15 -30.39
C SER D 108 18.61 -11.60 -31.59
N LYS D 109 19.54 -12.52 -31.36
CA LYS D 109 20.38 -13.06 -32.41
C LYS D 109 20.42 -14.57 -32.32
N THR D 110 20.32 -15.24 -33.46
CA THR D 110 20.34 -16.69 -33.52
C THR D 110 21.70 -17.16 -34.05
N ALA D 111 22.38 -17.98 -33.27
CA ALA D 111 23.67 -18.50 -33.69
C ALA D 111 23.47 -19.46 -34.86
N PRO D 112 24.39 -19.48 -35.83
CA PRO D 112 24.26 -20.42 -36.95
C PRO D 112 24.48 -21.85 -36.53
N SER D 113 24.30 -22.79 -37.46
CA SER D 113 24.44 -24.20 -37.15
C SER D 113 25.92 -24.58 -37.03
N ASN D 114 26.26 -25.28 -35.95
CA ASN D 114 27.62 -25.77 -35.70
C ASN D 114 28.65 -24.65 -35.65
N LYS D 115 28.26 -23.47 -35.19
CA LYS D 115 29.16 -22.34 -35.07
C LYS D 115 28.84 -21.59 -33.78
N ASN D 116 29.79 -20.74 -33.36
CA ASN D 116 29.65 -19.96 -32.15
C ASN D 116 29.54 -18.48 -32.49
N LEU D 117 28.72 -17.77 -31.72
CA LEU D 117 28.49 -16.34 -31.91
C LEU D 117 28.72 -15.62 -30.59
N TYR D 118 29.53 -14.58 -30.63
CA TYR D 118 29.71 -13.69 -29.49
C TYR D 118 29.11 -12.33 -29.82
N MET D 119 28.21 -11.86 -28.97
CA MET D 119 27.49 -10.62 -29.24
C MET D 119 27.40 -9.79 -27.97
N TYR D 120 27.85 -8.54 -28.05
CA TYR D 120 27.93 -7.67 -26.88
C TYR D 120 27.14 -6.39 -27.12
N LEU D 121 26.71 -5.78 -26.02
CA LEU D 121 25.78 -4.66 -26.03
C LEU D 121 26.44 -3.43 -25.44
N GLN D 122 26.30 -2.29 -26.13
CA GLN D 122 26.78 -1.00 -25.67
C GLN D 122 25.63 -0.01 -25.72
N TYR D 123 25.89 1.21 -25.28
CA TYR D 123 24.89 2.27 -25.25
C TYR D 123 25.06 3.20 -26.45
N THR D 124 23.95 3.63 -27.03
CA THR D 124 23.95 4.66 -28.05
C THR D 124 23.52 5.99 -27.43
N TYR D 125 23.98 7.08 -28.03
CA TYR D 125 23.76 8.41 -27.48
C TYR D 125 23.33 9.36 -28.59
N ILE D 126 22.60 10.40 -28.19
CA ILE D 126 22.29 11.54 -29.04
C ILE D 126 23.30 12.63 -28.73
N ARG D 127 23.95 13.14 -29.77
CA ARG D 127 25.03 14.10 -29.63
C ARG D 127 24.52 15.48 -30.03
N TYR D 128 24.39 16.36 -29.04
CA TYR D 128 24.05 17.76 -29.26
C TYR D 128 25.30 18.60 -29.12
N GLU D 129 25.34 19.72 -29.85
CA GLU D 129 26.41 20.68 -29.68
C GLU D 129 25.86 22.09 -29.66
N ILE D 130 26.60 22.97 -28.99
CA ILE D 130 26.44 24.41 -29.11
C ILE D 130 27.74 24.96 -29.67
N ILE D 131 27.66 25.60 -30.83
CA ILE D 131 28.85 26.03 -31.54
C ILE D 131 28.80 27.54 -31.75
N LYS D 132 29.97 28.12 -31.94
CA LYS D 132 30.12 29.54 -32.25
C LYS D 132 30.81 29.67 -33.60
N VAL D 133 30.18 30.40 -34.52
CA VAL D 133 30.68 30.55 -35.88
C VAL D 133 31.16 31.98 -36.07
N LEU D 134 32.39 32.13 -36.55
CA LEU D 134 32.96 33.44 -36.84
C LEU D 134 33.72 33.33 -38.14
N GLN D 135 33.30 34.10 -39.14
CA GLN D 135 33.94 34.12 -40.47
C GLN D 135 33.95 32.72 -41.09
N HIS D 136 32.78 32.07 -41.09
CA HIS D 136 32.60 30.76 -41.73
C HIS D 136 33.55 29.72 -41.17
N GLU D 137 33.76 29.74 -39.86
CA GLU D 137 34.63 28.78 -39.21
C GLU D 137 34.20 28.62 -37.75
N ILE D 138 33.98 27.37 -37.33
CA ILE D 138 33.58 27.11 -35.96
C ILE D 138 34.79 27.29 -35.05
N ILE D 139 34.70 28.26 -34.14
CA ILE D 139 35.80 28.59 -33.24
C ILE D 139 35.56 28.09 -31.82
N GLU D 140 34.46 27.39 -31.57
CA GLU D 140 34.13 26.93 -30.23
C GLU D 140 33.00 25.92 -30.34
N ARG D 141 33.05 24.88 -29.51
CA ARG D 141 32.03 23.84 -29.57
C ARG D 141 31.92 23.16 -28.21
N ALA D 142 30.70 23.03 -27.71
CA ALA D 142 30.40 22.29 -26.49
C ALA D 142 29.47 21.14 -26.84
N VAL D 143 29.69 19.98 -26.22
CA VAL D 143 29.04 18.74 -26.64
C VAL D 143 28.31 18.11 -25.47
N LEU D 144 27.05 17.75 -25.70
CA LEU D 144 26.22 17.05 -24.72
C LEU D 144 25.84 15.69 -25.29
N TYR D 145 25.97 14.65 -24.47
CA TYR D 145 25.60 13.29 -24.86
C TYR D 145 24.42 12.84 -24.01
N VAL D 146 23.35 12.41 -24.68
CA VAL D 146 22.13 11.97 -24.01
C VAL D 146 21.95 10.48 -24.29
N PRO D 147 21.91 9.62 -23.28
CA PRO D 147 21.77 8.18 -23.53
C PRO D 147 20.41 7.86 -24.15
N SER D 148 20.42 7.39 -25.40
CA SER D 148 19.15 7.19 -26.07
C SER D 148 18.64 5.76 -25.98
N LEU D 149 19.24 4.81 -26.71
CA LEU D 149 18.80 3.44 -26.56
C LEU D 149 19.90 2.43 -26.28
N GLY D 150 20.85 2.28 -27.21
CA GLY D 150 21.77 1.16 -27.15
C GLY D 150 21.98 0.46 -28.48
N TYR D 151 22.93 -0.48 -28.53
CA TYR D 151 23.36 -1.10 -29.77
C TYR D 151 23.98 -2.46 -29.45
N VAL D 152 23.87 -3.39 -30.40
CA VAL D 152 24.41 -4.74 -30.25
C VAL D 152 25.33 -5.04 -31.42
N LYS D 153 26.53 -5.55 -31.12
CA LYS D 153 27.51 -5.92 -32.12
C LYS D 153 27.87 -7.38 -31.94
N SER D 154 27.84 -8.15 -33.03
CA SER D 154 28.01 -9.58 -32.98
C SER D 154 29.08 -10.04 -33.95
N ILE D 155 29.65 -11.21 -33.67
CA ILE D 155 30.66 -11.82 -34.53
C ILE D 155 30.56 -13.32 -34.41
N GLU D 156 30.94 -14.03 -35.47
CA GLU D 156 31.03 -15.48 -35.49
C GLU D 156 32.50 -15.87 -35.39
N PHE D 157 32.85 -16.56 -34.31
CA PHE D 157 34.23 -16.88 -34.02
C PHE D 157 34.39 -18.39 -33.81
N ASN D 158 35.59 -18.88 -34.09
CA ASN D 158 36.01 -20.23 -33.80
C ASN D 158 36.99 -20.23 -32.64
N PRO D 159 37.04 -21.29 -31.84
CA PRO D 159 37.95 -21.32 -30.69
C PRO D 159 39.40 -21.24 -31.14
N GLY D 160 40.13 -20.28 -30.56
CA GLY D 160 41.52 -20.04 -30.89
C GLY D 160 41.76 -18.98 -31.94
N GLU D 161 40.72 -18.60 -32.68
CA GLU D 161 40.88 -17.58 -33.71
C GLU D 161 41.14 -16.21 -33.09
N LYS D 162 41.98 -15.43 -33.76
CA LYS D 162 42.32 -14.08 -33.33
C LYS D 162 41.43 -13.08 -34.06
N ILE D 163 40.83 -12.17 -33.30
CA ILE D 163 39.90 -11.18 -33.83
C ILE D 163 40.54 -9.80 -33.72
N ASN D 164 40.38 -8.99 -34.78
CA ASN D 164 40.98 -7.67 -34.82
C ASN D 164 40.50 -6.82 -33.63
N LYS D 165 41.42 -6.05 -33.06
CA LYS D 165 41.11 -5.25 -31.89
C LYS D 165 40.05 -4.18 -32.18
N ASP D 166 39.86 -3.81 -33.44
CA ASP D 166 38.85 -2.81 -33.77
C ASP D 166 37.46 -3.27 -33.40
N PHE D 167 37.20 -4.58 -33.45
CA PHE D 167 35.89 -5.10 -33.05
C PHE D 167 35.62 -4.86 -31.58
N TYR D 168 36.64 -5.04 -30.73
CA TYR D 168 36.46 -4.92 -29.29
C TYR D 168 36.56 -3.47 -28.83
N PHE D 169 37.46 -2.70 -29.41
CA PHE D 169 37.84 -1.38 -28.90
C PHE D 169 37.45 -0.29 -29.88
N LEU D 170 36.97 0.82 -29.35
CA LEU D 170 36.67 2.02 -30.13
C LEU D 170 37.51 3.16 -29.57
N THR D 171 38.32 3.78 -30.42
CA THR D 171 39.23 4.83 -30.01
C THR D 171 38.68 6.23 -30.28
N ASN D 172 37.48 6.35 -30.85
CA ASN D 172 36.91 7.65 -31.15
C ASN D 172 35.41 7.50 -31.32
N ASP D 173 34.66 8.53 -30.91
CA ASP D 173 33.22 8.49 -31.03
C ASP D 173 32.81 8.37 -32.49
N LYS D 174 31.76 7.59 -32.74
CA LYS D 174 31.31 7.31 -34.09
C LYS D 174 29.80 7.29 -34.14
N CYS D 175 29.27 7.63 -35.32
CA CYS D 175 27.84 7.55 -35.58
C CYS D 175 27.54 6.31 -36.40
N ILE D 176 26.49 5.58 -36.01
CA ILE D 176 26.15 4.32 -36.66
C ILE D 176 24.75 4.30 -37.25
N LEU D 177 23.84 5.18 -36.81
CA LEU D 177 22.45 5.11 -37.23
C LEU D 177 22.06 6.25 -38.16
N ASN D 178 22.25 7.50 -37.74
CA ASN D 178 21.80 8.65 -38.51
C ASN D 178 22.91 9.68 -38.58
N GLU D 179 23.39 9.95 -39.80
CA GLU D 179 24.33 11.04 -40.05
C GLU D 179 23.49 12.24 -40.44
N GLN D 180 23.41 13.23 -39.56
CA GLN D 180 22.58 14.38 -39.72
C GLN D 180 23.22 15.58 -39.06
N PHE D 181 22.80 16.78 -39.44
CA PHE D 181 23.27 18.00 -38.79
C PHE D 181 22.09 18.96 -38.87
N LEU D 182 21.40 19.16 -37.75
CA LEU D 182 20.22 20.02 -37.67
C LEU D 182 20.57 21.21 -36.80
N TYR D 183 20.59 22.41 -37.39
CA TYR D 183 21.06 23.60 -36.71
C TYR D 183 19.95 24.62 -36.54
N LYS D 184 20.06 25.41 -35.48
CA LYS D 184 19.19 26.56 -35.25
C LYS D 184 19.99 27.66 -34.58
N LYS D 185 19.91 28.87 -35.13
CA LYS D 185 20.61 30.00 -34.52
C LYS D 185 19.97 30.37 -33.20
N ILE D 186 20.82 30.67 -32.21
CA ILE D 186 20.35 31.08 -30.89
C ILE D 186 20.22 32.61 -30.92
N LEU D 187 18.99 33.08 -31.12
CA LEU D 187 18.73 34.52 -31.15
C LEU D 187 18.67 35.04 -29.72
N GLU D 188 19.59 35.94 -29.39
CA GLU D 188 19.64 36.51 -28.04
C GLU D 188 18.54 37.56 -27.85
N GLN D 207 -11.89 27.24 -44.58
CA GLN D 207 -13.18 27.91 -44.58
C GLN D 207 -14.27 26.99 -45.12
N ARG D 208 -14.65 26.00 -44.30
CA ARG D 208 -15.68 25.04 -44.66
C ARG D 208 -16.98 25.36 -43.94
N VAL D 209 -18.09 25.02 -44.59
CA VAL D 209 -19.41 25.24 -44.01
C VAL D 209 -19.67 24.16 -42.96
N LEU D 210 -19.78 24.58 -41.70
CA LEU D 210 -20.04 23.65 -40.61
C LEU D 210 -21.46 23.85 -40.09
N PRO D 211 -22.39 22.94 -40.36
CA PRO D 211 -23.78 23.13 -39.92
C PRO D 211 -24.00 22.71 -38.47
N TYR D 212 -23.28 23.37 -37.57
CA TYR D 212 -23.34 23.09 -36.15
C TYR D 212 -24.15 24.17 -35.46
N SER D 213 -25.07 23.76 -34.60
CA SER D 213 -25.76 24.72 -33.76
C SER D 213 -24.79 25.28 -32.71
N ASN D 214 -25.11 26.47 -32.21
CA ASN D 214 -24.23 27.14 -31.26
C ASN D 214 -24.13 26.33 -29.97
N GLY D 215 -22.90 26.18 -29.49
CA GLY D 215 -22.64 25.39 -28.31
C GLY D 215 -21.26 24.77 -28.37
N LEU D 216 -20.84 24.20 -27.24
CA LEU D 216 -19.53 23.61 -27.14
C LEU D 216 -19.50 22.26 -27.86
N TYR D 217 -18.36 21.99 -28.52
CA TYR D 217 -18.15 20.73 -29.20
C TYR D 217 -16.75 20.22 -28.87
N VAL D 218 -16.62 18.90 -28.82
CA VAL D 218 -15.34 18.25 -28.59
C VAL D 218 -15.10 17.34 -29.81
N ILE D 219 -14.25 17.78 -30.71
CA ILE D 219 -13.98 17.07 -31.96
C ILE D 219 -12.75 16.20 -31.78
N ASN D 220 -12.86 14.93 -32.12
CA ASN D 220 -11.73 14.01 -32.09
C ASN D 220 -11.02 14.12 -33.43
N LYS D 221 -9.97 14.95 -33.46
CA LYS D 221 -9.30 15.22 -34.73
C LYS D 221 -8.44 14.08 -35.21
N GLY D 222 -8.07 13.15 -34.33
CA GLY D 222 -7.32 11.99 -34.77
C GLY D 222 -6.17 11.57 -33.87
N ASP D 223 -5.61 10.41 -34.15
CA ASP D 223 -4.56 9.81 -33.34
C ASP D 223 -3.25 9.77 -34.13
N GLY D 224 -2.14 9.75 -33.40
CA GLY D 224 -0.84 9.64 -34.00
C GLY D 224 -0.16 10.96 -34.31
N TYR D 225 -0.35 11.97 -33.48
CA TYR D 225 0.29 13.27 -33.68
C TYR D 225 1.65 13.28 -32.98
N ILE D 226 2.67 13.71 -33.71
CA ILE D 226 4.03 13.81 -33.17
C ILE D 226 4.52 15.24 -33.35
N ARG D 227 5.35 15.68 -32.42
CA ARG D 227 5.92 17.01 -32.52
C ARG D 227 7.06 17.04 -33.53
N THR D 228 7.33 18.22 -34.06
CA THR D 228 8.40 18.38 -35.03
C THR D 228 9.76 18.38 -34.33
N ASN D 229 10.81 18.33 -35.14
CA ASN D 229 12.19 18.34 -34.66
C ASN D 229 12.50 17.15 -33.76
N ASP D 230 11.74 16.06 -33.92
CA ASP D 230 11.96 14.82 -33.18
C ASP D 230 11.94 15.07 -31.67
N LYS D 231 11.01 15.92 -31.21
CA LYS D 231 10.86 16.17 -29.79
C LYS D 231 10.16 15.03 -29.06
N ASP D 232 9.56 14.08 -29.78
CA ASP D 232 8.83 12.97 -29.18
C ASP D 232 9.46 11.63 -29.49
N LEU D 233 10.72 11.62 -29.94
CA LEU D 233 11.39 10.38 -30.34
C LEU D 233 11.78 9.60 -29.10
N ILE D 234 11.17 8.42 -28.92
CA ILE D 234 11.64 7.50 -27.89
C ILE D 234 13.06 7.06 -28.20
N GLY D 235 13.31 6.70 -29.45
CA GLY D 235 14.68 6.42 -29.85
C GLY D 235 14.77 5.57 -31.09
N THR D 236 16.01 5.33 -31.50
CA THR D 236 16.32 4.58 -32.71
C THR D 236 17.14 3.35 -32.37
N LEU D 237 16.84 2.24 -33.04
CA LEU D 237 17.57 0.99 -32.91
C LEU D 237 18.04 0.53 -34.27
N LEU D 238 19.31 0.14 -34.36
CA LEU D 238 19.89 -0.40 -35.59
C LEU D 238 19.94 -1.91 -35.46
N ILE D 239 19.00 -2.60 -36.10
CA ILE D 239 18.95 -4.05 -36.10
C ILE D 239 19.78 -4.55 -37.28
N GLU D 240 20.81 -5.33 -36.99
CA GLU D 240 21.66 -5.88 -38.02
C GLU D 240 20.94 -7.00 -38.77
N ALA D 241 21.49 -7.36 -39.93
CA ALA D 241 20.88 -8.40 -40.76
C ALA D 241 20.84 -9.73 -40.01
N GLY D 242 19.69 -10.39 -40.06
CA GLY D 242 19.52 -11.66 -39.39
C GLY D 242 19.21 -11.58 -37.91
N SER D 243 19.10 -10.37 -37.36
CA SER D 243 18.81 -10.17 -35.95
C SER D 243 17.41 -9.57 -35.80
N SER D 244 17.02 -9.31 -34.55
CA SER D 244 15.74 -8.70 -34.26
C SER D 244 15.92 -7.70 -33.13
N GLY D 245 15.10 -6.64 -33.15
CA GLY D 245 15.17 -5.61 -32.14
C GLY D 245 13.77 -5.23 -31.69
N SER D 246 13.72 -4.64 -30.50
CA SER D 246 12.43 -4.25 -29.92
C SER D 246 12.62 -3.09 -28.95
N ILE D 247 11.71 -2.12 -29.05
CA ILE D 247 11.62 -1.01 -28.11
C ILE D 247 10.31 -1.16 -27.33
N ILE D 248 10.41 -1.12 -26.01
CA ILE D 248 9.30 -1.44 -25.13
C ILE D 248 9.02 -0.25 -24.22
N GLN D 249 7.75 0.14 -24.11
CA GLN D 249 7.31 1.02 -23.05
C GLN D 249 6.77 0.15 -21.94
N PRO D 250 7.57 -0.17 -20.91
CA PRO D 250 7.11 -1.13 -19.90
C PRO D 250 6.05 -0.58 -18.97
N ARG D 251 5.77 0.72 -19.02
CA ARG D 251 4.79 1.35 -18.14
C ARG D 251 5.09 1.04 -16.68
N LEU D 252 6.38 1.10 -16.32
CA LEU D 252 6.75 0.99 -14.92
C LEU D 252 6.40 2.26 -14.14
N ARG D 253 6.08 3.34 -14.84
CA ARG D 253 5.59 4.57 -14.24
C ARG D 253 4.34 5.04 -14.96
N ASN D 254 3.38 5.54 -14.19
CA ASN D 254 2.13 6.02 -14.78
C ASN D 254 2.31 7.34 -15.53
N THR D 255 3.40 8.06 -15.28
CA THR D 255 3.51 9.45 -15.72
C THR D 255 3.42 9.58 -17.23
N THR D 256 2.53 10.45 -17.68
CA THR D 256 2.44 10.87 -19.07
C THR D 256 2.27 12.38 -19.11
N ARG D 257 2.64 12.98 -20.24
CA ARG D 257 2.61 14.44 -20.38
C ARG D 257 1.65 14.85 -21.48
N PRO D 258 0.44 15.29 -21.13
CA PRO D 258 -0.45 15.85 -22.15
C PRO D 258 -0.06 17.28 -22.51
N LEU D 259 -0.59 17.74 -23.64
CA LEU D 259 -0.29 19.07 -24.15
C LEU D 259 -1.58 19.89 -24.25
N PHE D 260 -1.50 21.18 -23.97
CA PHE D 260 -2.66 22.04 -23.95
C PHE D 260 -2.33 23.36 -24.63
N THR D 261 -3.13 23.73 -25.65
CA THR D 261 -2.97 25.01 -26.34
C THR D 261 -4.34 25.68 -26.42
N THR D 262 -4.57 26.71 -25.63
CA THR D 262 -5.84 27.40 -25.60
C THR D 262 -5.72 28.76 -26.29
N SER D 263 -6.87 29.25 -26.77
CA SER D 263 -6.94 30.58 -27.36
C SER D 263 -7.49 31.62 -26.39
N ASN D 264 -8.14 31.21 -25.31
CA ASN D 264 -8.63 32.13 -24.30
C ASN D 264 -8.63 31.39 -22.97
N ASP D 265 -7.57 31.58 -22.18
CA ASP D 265 -7.43 30.87 -20.91
C ASP D 265 -8.48 31.29 -19.89
N ALA D 266 -9.17 32.41 -20.10
CA ALA D 266 -10.21 32.83 -19.17
C ALA D 266 -11.37 31.82 -19.16
N LYS D 267 -11.77 31.34 -20.34
CA LYS D 267 -12.86 30.38 -20.45
C LYS D 267 -12.36 28.95 -20.61
N PHE D 268 -11.51 28.72 -21.61
CA PHE D 268 -11.02 27.37 -21.92
C PHE D 268 -9.71 27.10 -21.18
N SER D 269 -9.83 26.94 -19.87
CA SER D 269 -8.69 26.54 -19.06
C SER D 269 -8.39 25.05 -19.27
N GLN D 270 -7.25 24.61 -18.76
CA GLN D 270 -6.87 23.20 -18.89
C GLN D 270 -7.85 22.30 -18.16
N GLN D 271 -8.21 22.66 -16.92
CA GLN D 271 -9.18 21.88 -16.18
C GLN D 271 -10.55 21.91 -16.86
N TYR D 272 -10.96 23.08 -17.35
CA TYR D 272 -12.23 23.19 -18.05
C TYR D 272 -12.26 22.31 -19.29
N THR D 273 -11.18 22.33 -20.07
CA THR D 273 -11.12 21.48 -21.26
C THR D 273 -11.12 20.00 -20.88
N GLU D 274 -10.44 19.66 -19.78
CA GLU D 274 -10.41 18.27 -19.34
C GLU D 274 -11.80 17.79 -18.93
N GLU D 275 -12.57 18.65 -18.26
CA GLU D 275 -13.94 18.27 -17.88
C GLU D 275 -14.80 18.01 -19.10
N ARG D 276 -14.69 18.84 -20.13
CA ARG D 276 -15.47 18.63 -21.34
C ARG D 276 -14.98 17.42 -22.14
N LEU D 277 -13.75 16.98 -21.92
CA LEU D 277 -13.30 15.73 -22.51
C LEU D 277 -13.92 14.53 -21.81
N LYS D 278 -14.06 14.61 -20.49
CA LYS D 278 -14.74 13.56 -19.73
C LYS D 278 -16.25 13.56 -19.97
N ASP D 279 -16.79 14.58 -20.61
CA ASP D 279 -18.21 14.63 -20.91
C ASP D 279 -18.54 14.03 -22.26
N ALA D 280 -17.73 14.32 -23.28
CA ALA D 280 -18.00 13.81 -24.62
C ALA D 280 -17.63 12.34 -24.75
N PHE D 281 -16.34 12.03 -24.56
CA PHE D 281 -15.84 10.67 -24.75
C PHE D 281 -15.57 9.95 -23.44
N ASN D 282 -15.91 10.57 -22.30
CA ASN D 282 -15.75 9.95 -20.98
C ASN D 282 -14.29 9.59 -20.70
N VAL D 283 -13.37 10.47 -21.11
CA VAL D 283 -11.96 10.27 -20.83
C VAL D 283 -11.71 10.54 -19.35
N GLN D 284 -11.14 9.56 -18.66
CA GLN D 284 -10.95 9.65 -17.21
C GLN D 284 -9.50 9.88 -16.80
N LEU D 285 -8.55 9.20 -17.43
CA LEU D 285 -7.14 9.33 -17.09
C LEU D 285 -6.46 10.26 -18.07
N PHE D 286 -5.88 11.34 -17.56
CA PHE D 286 -5.23 12.35 -18.39
C PHE D 286 -3.72 12.38 -18.21
N ASN D 287 -3.23 12.54 -16.99
CA ASN D 287 -1.81 12.61 -16.72
C ASN D 287 -1.18 11.25 -16.47
N THR D 288 -1.98 10.18 -16.37
CA THR D 288 -1.48 8.85 -16.10
C THR D 288 -2.00 7.88 -17.15
N SER D 289 -1.25 6.79 -17.34
CA SER D 289 -1.63 5.75 -18.28
C SER D 289 -1.12 4.41 -17.76
N THR D 290 -1.76 3.34 -18.23
CA THR D 290 -1.38 1.99 -17.83
C THR D 290 -1.30 1.03 -19.02
N SER D 291 -1.38 1.54 -20.24
CA SER D 291 -1.34 0.70 -21.43
C SER D 291 0.07 0.64 -21.98
N LEU D 292 0.57 -0.58 -22.19
CA LEU D 292 1.91 -0.81 -22.69
C LEU D 292 1.90 -0.87 -24.21
N PHE D 293 3.06 -0.59 -24.80
CA PHE D 293 3.23 -0.81 -26.23
C PHE D 293 4.66 -1.22 -26.55
N LYS D 294 4.76 -2.24 -27.40
CA LYS D 294 6.03 -2.75 -27.91
C LYS D 294 6.13 -2.44 -29.40
N PHE D 295 7.36 -2.31 -29.89
CA PHE D 295 7.64 -2.19 -31.32
C PHE D 295 8.77 -3.16 -31.63
N VAL D 296 8.47 -4.21 -32.39
CA VAL D 296 9.40 -5.28 -32.67
C VAL D 296 9.64 -5.32 -34.18
N GLU D 297 10.90 -5.32 -34.58
CA GLU D 297 11.26 -5.41 -35.99
C GLU D 297 12.34 -6.47 -36.17
N GLU D 298 12.10 -7.39 -37.09
CA GLU D 298 13.07 -8.44 -37.44
C GLU D 298 13.69 -8.07 -38.78
N ALA D 299 14.96 -7.71 -38.76
CA ALA D 299 15.63 -7.31 -39.98
C ALA D 299 15.80 -8.51 -40.91
N PRO D 300 15.79 -8.28 -42.22
CA PRO D 300 15.99 -9.38 -43.17
C PRO D 300 17.41 -9.92 -43.09
N SER D 301 17.62 -11.05 -43.77
CA SER D 301 18.92 -11.72 -43.75
C SER D 301 19.93 -11.06 -44.67
N ASN D 302 19.54 -10.07 -45.46
CA ASN D 302 20.43 -9.42 -46.42
C ASN D 302 20.87 -8.04 -45.99
N LYS D 303 19.94 -7.17 -45.62
CA LYS D 303 20.24 -5.78 -45.31
C LYS D 303 19.85 -5.44 -43.88
N ASN D 304 20.62 -4.55 -43.27
CA ASN D 304 20.33 -4.06 -41.94
C ASN D 304 19.19 -3.06 -41.99
N ILE D 305 18.47 -2.93 -40.88
CA ILE D 305 17.29 -2.09 -40.79
C ILE D 305 17.50 -1.26 -39.53
N CYS D 306 16.88 -0.08 -39.46
CA CYS D 306 16.83 0.70 -38.24
C CYS D 306 15.38 1.07 -38.01
N ILE D 307 14.99 1.19 -36.76
CA ILE D 307 13.60 1.44 -36.37
C ILE D 307 13.58 2.63 -35.43
N LYS D 308 12.57 3.49 -35.60
CA LYS D 308 12.42 4.70 -34.81
C LYS D 308 11.09 4.65 -34.08
N ALA D 309 11.13 4.86 -32.77
CA ALA D 309 9.95 4.86 -31.93
C ALA D 309 9.72 6.27 -31.40
N TYR D 310 8.49 6.76 -31.59
CA TYR D 310 8.05 8.07 -31.16
C TYR D 310 6.89 7.94 -30.19
N ASN D 311 6.73 8.95 -29.32
CA ASN D 311 5.52 9.09 -28.53
C ASN D 311 4.50 9.91 -29.31
N THR D 312 3.24 9.46 -29.30
CA THR D 312 2.19 10.09 -30.07
C THR D 312 1.17 10.75 -29.17
N TYR D 313 0.31 11.54 -29.80
CA TYR D 313 -0.77 12.24 -29.12
C TYR D 313 -2.05 12.11 -29.94
N GLU D 314 -3.17 12.20 -29.25
CA GLU D 314 -4.49 12.26 -29.87
C GLU D 314 -5.02 13.68 -29.70
N LYS D 315 -5.54 14.25 -30.78
CA LYS D 315 -5.91 15.66 -30.83
C LYS D 315 -7.39 15.81 -30.58
N TYR D 316 -7.75 16.55 -29.53
CA TYR D 316 -9.14 16.88 -29.21
C TYR D 316 -9.30 18.39 -29.35
N GLU D 317 -10.26 18.81 -30.16
CA GLU D 317 -10.54 20.22 -30.38
C GLU D 317 -11.82 20.58 -29.65
N LEU D 318 -11.71 21.46 -28.66
CA LEU D 318 -12.87 21.99 -27.93
C LEU D 318 -13.16 23.37 -28.48
N ILE D 319 -14.19 23.47 -29.31
CA ILE D 319 -14.54 24.71 -29.98
C ILE D 319 -15.80 25.28 -29.34
N ASP D 320 -16.10 26.52 -29.69
CA ASP D 320 -17.29 27.24 -29.21
C ASP D 320 -17.93 27.89 -30.43
N TYR D 321 -18.86 27.18 -31.06
CA TYR D 321 -19.49 27.65 -32.28
C TYR D 321 -20.54 28.72 -31.95
N GLN D 322 -20.54 29.80 -32.71
CA GLN D 322 -21.51 30.88 -32.52
C GLN D 322 -21.83 31.48 -33.88
N ASN D 323 -23.04 31.23 -34.37
CA ASN D 323 -23.55 31.83 -35.61
C ASN D 323 -22.63 31.55 -36.79
N GLY D 324 -22.16 30.31 -36.90
CA GLY D 324 -21.38 29.88 -38.04
C GLY D 324 -19.90 30.14 -37.97
N SER D 325 -19.40 30.72 -36.86
CA SER D 325 -17.99 31.03 -36.73
C SER D 325 -17.49 30.58 -35.37
N ILE D 326 -16.27 30.06 -35.33
CA ILE D 326 -15.64 29.65 -34.08
C ILE D 326 -15.17 30.89 -33.34
N VAL D 327 -15.62 31.05 -32.11
CA VAL D 327 -15.25 32.20 -31.29
C VAL D 327 -14.28 31.84 -30.17
N ASN D 328 -14.02 30.56 -29.94
CA ASN D 328 -13.09 30.14 -28.89
C ASN D 328 -12.71 28.69 -29.18
N LYS D 329 -11.42 28.42 -29.27
CA LYS D 329 -10.92 27.09 -29.58
C LYS D 329 -9.80 26.71 -28.64
N ALA D 330 -9.78 25.44 -28.24
CA ALA D 330 -8.69 24.88 -27.46
C ALA D 330 -8.32 23.53 -28.04
N GLU D 331 -7.04 23.18 -27.93
CA GLU D 331 -6.52 21.91 -28.42
C GLU D 331 -5.87 21.16 -27.27
N TYR D 332 -6.25 19.89 -27.13
CA TYR D 332 -5.71 19.01 -26.10
C TYR D 332 -5.09 17.80 -26.76
N TYR D 333 -3.80 17.59 -26.53
CA TYR D 333 -3.07 16.44 -27.06
C TYR D 333 -2.91 15.45 -25.92
N LEU D 334 -3.73 14.40 -25.95
CA LEU D 334 -3.73 13.33 -24.95
C LEU D 334 -2.70 12.29 -25.33
N PRO D 335 -1.82 11.87 -24.40
CA PRO D 335 -0.77 10.91 -24.76
C PRO D 335 -1.42 9.62 -25.24
N SER D 336 -0.81 9.02 -26.26
CA SER D 336 -1.30 7.84 -26.93
C SER D 336 -0.23 6.77 -26.93
N LEU D 337 -0.41 5.73 -27.75
CA LEU D 337 0.45 4.55 -27.74
C LEU D 337 1.55 4.47 -28.80
N GLY D 338 2.20 5.59 -29.12
CA GLY D 338 3.43 5.57 -29.87
C GLY D 338 3.26 5.41 -31.37
N TYR D 339 4.37 5.60 -32.07
CA TYR D 339 4.43 5.47 -33.52
C TYR D 339 5.76 4.84 -33.90
N CYS D 340 5.73 3.94 -34.88
CA CYS D 340 6.91 3.18 -35.29
C CYS D 340 7.20 3.44 -36.76
N GLU D 341 8.43 3.82 -37.06
CA GLU D 341 8.88 4.05 -38.43
C GLU D 341 10.06 3.13 -38.73
N VAL D 342 9.95 2.38 -39.83
CA VAL D 342 11.00 1.43 -40.23
C VAL D 342 11.66 2.00 -41.48
N THR D 343 12.99 2.12 -41.44
CA THR D 343 13.74 2.69 -42.55
C THR D 343 14.98 1.86 -42.84
N ASN D 344 15.27 1.67 -44.12
CA ASN D 344 16.50 1.01 -44.52
C ASN D 344 17.68 1.90 -44.16
N ALA D 345 18.69 1.33 -43.53
CA ALA D 345 19.85 2.09 -43.09
C ALA D 345 20.65 2.58 -44.29
N PRO D 346 20.90 3.89 -44.43
CA PRO D 346 21.65 4.44 -45.56
C PRO D 346 23.16 4.21 -45.42
N GLU D 351 26.70 11.97 -48.02
CA GLU D 351 27.24 13.17 -47.39
C GLU D 351 26.16 13.92 -46.61
N VAL D 352 26.54 14.47 -45.46
CA VAL D 352 25.59 15.19 -44.64
C VAL D 352 25.31 16.57 -45.23
N VAL D 353 24.11 17.08 -44.97
CA VAL D 353 23.73 18.42 -45.39
C VAL D 353 23.19 19.19 -44.19
N LYS D 354 23.80 20.34 -43.91
CA LYS D 354 23.35 21.18 -42.80
C LYS D 354 21.94 21.70 -43.07
N THR D 355 20.97 21.24 -42.30
CA THR D 355 19.58 21.60 -42.50
C THR D 355 19.03 22.29 -41.26
N GLN D 356 18.24 23.34 -41.48
CA GLN D 356 17.60 24.05 -40.39
C GLN D 356 16.44 23.23 -39.83
N VAL D 357 16.09 23.53 -38.59
CA VAL D 357 15.00 22.81 -37.93
C VAL D 357 13.66 23.41 -38.36
N ALA D 358 12.68 22.54 -38.54
CA ALA D 358 11.35 23.00 -38.91
C ALA D 358 10.70 23.76 -37.75
N GLU D 359 9.71 24.57 -38.09
CA GLU D 359 9.02 25.35 -37.08
C GLU D 359 8.22 24.45 -36.16
N ASP D 360 7.88 24.98 -34.99
CA ASP D 360 7.11 24.21 -34.01
C ASP D 360 5.74 23.86 -34.57
N GLY D 361 5.32 22.62 -34.36
CA GLY D 361 4.06 22.16 -34.88
C GLY D 361 3.93 20.67 -34.69
N PHE D 362 2.86 20.12 -35.27
CA PHE D 362 2.55 18.71 -35.14
C PHE D 362 2.35 18.10 -36.53
N ILE D 363 2.70 16.81 -36.64
CA ILE D 363 2.51 16.03 -37.84
C ILE D 363 1.66 14.83 -37.48
N GLN D 364 0.60 14.59 -38.26
CA GLN D 364 -0.31 13.47 -38.01
C GLN D 364 0.12 12.27 -38.84
N ASN D 365 0.38 11.16 -38.17
CA ASN D 365 0.76 9.92 -38.83
C ASN D 365 -0.36 8.89 -38.86
N GLY D 366 -1.43 9.10 -38.09
CA GLY D 366 -2.55 8.19 -38.07
C GLY D 366 -3.54 8.47 -39.17
N PRO D 367 -4.67 7.76 -39.15
CA PRO D 367 -5.67 7.94 -40.21
C PRO D 367 -6.45 9.24 -40.03
N GLU D 368 -7.09 9.65 -41.12
CA GLU D 368 -7.94 10.83 -41.08
C GLU D 368 -9.19 10.54 -40.25
N GLU D 369 -9.47 11.39 -39.28
CA GLU D 369 -10.57 11.15 -38.34
C GLU D 369 -11.21 12.48 -37.98
N GLU D 370 -12.54 12.48 -37.89
CA GLU D 370 -13.27 13.66 -37.43
C GLU D 370 -14.58 13.18 -36.81
N ILE D 371 -14.61 13.11 -35.48
CA ILE D 371 -15.79 12.74 -34.72
C ILE D 371 -16.22 13.96 -33.92
N VAL D 372 -17.39 14.50 -34.23
CA VAL D 372 -17.91 15.69 -33.58
C VAL D 372 -19.00 15.28 -32.62
N VAL D 373 -18.81 15.60 -31.33
CA VAL D 373 -19.76 15.26 -30.29
C VAL D 373 -20.06 16.53 -29.51
N GLY D 374 -21.31 16.98 -29.57
CA GLY D 374 -21.72 18.12 -28.78
C GLY D 374 -21.80 17.77 -27.31
N VAL D 375 -21.55 18.77 -26.46
CA VAL D 375 -21.57 18.57 -25.01
C VAL D 375 -22.49 19.60 -24.38
N ILE D 376 -23.04 19.25 -23.21
CA ILE D 376 -23.86 20.18 -22.45
C ILE D 376 -22.99 21.33 -21.98
N ASP D 377 -23.36 22.54 -22.34
CA ASP D 377 -22.59 23.71 -21.93
C ASP D 377 -22.83 23.94 -20.44
N PRO D 378 -21.79 23.93 -19.60
CA PRO D 378 -22.00 24.19 -18.18
C PRO D 378 -22.46 25.62 -17.91
N SER D 379 -22.70 25.94 -16.64
CA SER D 379 -23.28 27.24 -16.26
C SER D 379 -24.66 27.44 -16.88
N GLU D 380 -25.30 26.33 -17.24
CA GLU D 380 -26.68 26.34 -17.76
C GLU D 380 -27.42 25.22 -17.03
N ASN D 381 -28.26 25.60 -16.07
CA ASN D 381 -28.88 24.62 -15.19
C ASN D 381 -29.74 23.64 -15.99
N ILE D 382 -29.74 22.39 -15.54
CA ILE D 382 -30.49 21.32 -16.17
C ILE D 382 -31.69 20.98 -15.28
N GLN D 383 -32.88 21.23 -15.79
CA GLN D 383 -34.11 20.83 -15.11
C GLN D 383 -34.53 19.44 -15.59
N GLU D 384 -35.20 18.70 -14.72
CA GLU D 384 -35.58 17.33 -15.02
C GLU D 384 -37.06 17.13 -14.77
N ILE D 385 -37.69 16.30 -15.60
CA ILE D 385 -39.06 15.86 -15.38
C ILE D 385 -38.98 14.39 -15.00
N ASN D 386 -39.33 14.07 -13.76
CA ASN D 386 -39.19 12.71 -13.24
C ASN D 386 -40.43 11.86 -13.53
N THR D 387 -40.85 11.86 -14.80
CA THR D 387 -41.98 11.05 -15.24
C THR D 387 -41.99 11.00 -16.76
N ALA D 388 -42.08 9.80 -17.33
CA ALA D 388 -42.13 9.67 -18.78
C ALA D 388 -43.38 10.33 -19.33
N ILE D 389 -43.21 11.11 -20.40
CA ILE D 389 -44.34 11.80 -21.01
C ILE D 389 -45.19 10.76 -21.72
N SER D 390 -46.45 10.63 -21.30
CA SER D 390 -47.30 9.57 -21.85
C SER D 390 -47.93 9.98 -23.18
N ASP D 391 -48.81 10.97 -23.16
CA ASP D 391 -49.41 11.47 -24.39
C ASP D 391 -49.55 12.98 -24.46
N ASN D 392 -49.48 13.70 -23.34
CA ASN D 392 -49.65 15.15 -23.34
C ASN D 392 -49.11 15.68 -22.03
N TYR D 393 -48.16 16.62 -22.10
CA TYR D 393 -47.53 17.15 -20.91
C TYR D 393 -47.38 18.66 -21.05
N THR D 394 -47.48 19.35 -19.90
CA THR D 394 -47.24 20.78 -19.82
C THR D 394 -46.22 21.03 -18.72
N TYR D 395 -45.19 21.81 -19.04
CA TYR D 395 -44.11 22.11 -18.12
C TYR D 395 -44.04 23.62 -17.91
N ASN D 396 -44.22 24.06 -16.68
CA ASN D 396 -44.16 25.47 -16.34
C ASN D 396 -42.73 25.84 -16.00
N ILE D 397 -42.16 26.77 -16.76
CA ILE D 397 -40.77 27.20 -16.57
C ILE D 397 -40.65 27.87 -15.21
N PRO D 398 -39.79 27.39 -14.33
CA PRO D 398 -39.66 28.01 -13.00
C PRO D 398 -38.85 29.30 -13.03
N GLY D 399 -38.59 29.86 -11.86
CA GLY D 399 -37.82 31.09 -11.76
C GLY D 399 -36.43 30.87 -11.16
N VAL D 401 -35.49 29.82 -16.05
CA VAL D 401 -35.35 30.43 -14.75
C VAL D 401 -34.82 31.85 -14.88
N ASN D 402 -35.71 32.81 -15.13
CA ASN D 402 -35.38 34.22 -15.29
C ASN D 402 -34.35 34.39 -16.41
N ASN D 403 -34.81 34.09 -17.63
CA ASN D 403 -33.96 34.03 -18.82
C ASN D 403 -32.95 32.90 -18.58
N ASN D 404 -31.65 33.12 -18.78
CA ASN D 404 -30.62 32.12 -18.50
C ASN D 404 -30.95 30.80 -19.19
N PRO D 405 -30.72 30.72 -20.52
CA PRO D 405 -31.08 29.50 -21.28
C PRO D 405 -30.73 28.21 -20.55
N PHE D 406 -31.69 27.28 -20.46
CA PHE D 406 -31.53 26.13 -19.60
C PHE D 406 -32.00 24.87 -20.31
N TYR D 407 -31.72 23.72 -19.69
CA TYR D 407 -32.01 22.41 -20.25
C TYR D 407 -33.10 21.72 -19.43
N ILE D 408 -34.03 21.09 -20.14
CA ILE D 408 -35.05 20.24 -19.55
C ILE D 408 -34.74 18.81 -19.98
N LEU D 409 -34.54 17.92 -19.02
CA LEU D 409 -34.24 16.52 -19.29
C LEU D 409 -35.51 15.70 -19.13
N PHE D 410 -35.81 14.86 -20.11
CA PHE D 410 -37.05 14.11 -20.11
C PHE D 410 -36.92 12.87 -20.98
N THR D 411 -37.90 11.99 -20.86
CA THR D 411 -38.06 10.84 -21.74
C THR D 411 -39.55 10.55 -21.89
N VAL D 412 -39.88 9.78 -22.92
CA VAL D 412 -41.27 9.47 -23.20
C VAL D 412 -41.58 8.06 -22.71
N ASN D 413 -42.87 7.77 -22.57
CA ASN D 413 -43.32 6.45 -22.14
C ASN D 413 -43.53 5.49 -23.29
N THR D 414 -43.56 5.98 -24.53
CA THR D 414 -43.77 5.13 -25.69
C THR D 414 -43.16 5.80 -26.90
N THR D 415 -42.48 5.01 -27.73
CA THR D 415 -41.86 5.54 -28.93
C THR D 415 -42.91 6.15 -29.85
N GLY D 416 -42.64 7.34 -30.34
CA GLY D 416 -43.59 8.00 -31.23
C GLY D 416 -43.09 9.37 -31.63
N ILE D 417 -43.86 10.00 -32.52
CA ILE D 417 -43.55 11.32 -33.02
C ILE D 417 -44.31 12.35 -32.19
N TYR D 418 -43.58 13.24 -31.53
CA TYR D 418 -44.13 14.23 -30.63
C TYR D 418 -43.97 15.62 -31.22
N LYS D 419 -44.82 16.53 -30.75
CA LYS D 419 -44.77 17.94 -31.11
C LYS D 419 -44.50 18.73 -29.83
N ILE D 420 -43.41 19.51 -29.84
CA ILE D 420 -42.98 20.30 -28.70
C ILE D 420 -43.03 21.76 -29.09
N ASN D 421 -43.68 22.57 -28.25
CA ASN D 421 -43.78 24.00 -28.54
C ASN D 421 -43.80 24.78 -27.23
N ALA D 422 -43.87 26.09 -27.35
CA ALA D 422 -44.01 27.00 -26.22
C ALA D 422 -45.29 27.80 -26.40
N GLN D 423 -45.52 28.74 -25.47
CA GLN D 423 -46.70 29.60 -25.55
C GLN D 423 -46.59 30.51 -26.76
N ASN D 424 -47.59 30.45 -27.64
CA ASN D 424 -47.62 31.23 -28.87
C ASN D 424 -46.40 30.94 -29.76
N ASN D 425 -45.88 29.71 -29.66
CA ASN D 425 -44.77 29.25 -30.49
C ASN D 425 -43.51 30.10 -30.29
N LEU D 426 -43.36 30.72 -29.12
CA LEU D 426 -42.19 31.53 -28.85
C LEU D 426 -41.77 31.32 -27.41
N PRO D 427 -40.46 31.19 -27.13
CA PRO D 427 -39.33 31.20 -28.07
C PRO D 427 -39.20 29.84 -28.72
N SER D 428 -38.41 29.72 -29.79
CA SER D 428 -38.15 28.43 -30.40
C SER D 428 -37.17 27.65 -29.53
N LEU D 429 -37.37 26.34 -29.45
CA LEU D 429 -36.60 25.47 -28.58
C LEU D 429 -35.66 24.59 -29.39
N LYS D 430 -34.60 24.11 -28.74
CA LYS D 430 -33.62 23.25 -29.40
C LYS D 430 -33.59 21.89 -28.72
N ILE D 431 -33.88 20.83 -29.46
CA ILE D 431 -33.96 19.50 -28.87
C ILE D 431 -32.66 18.74 -29.14
N TYR D 432 -32.21 17.98 -28.14
CA TYR D 432 -30.98 17.21 -28.20
C TYR D 432 -31.25 15.79 -27.72
N GLU D 433 -30.48 14.85 -28.27
CA GLU D 433 -30.55 13.45 -27.87
C GLU D 433 -29.24 13.07 -27.20
N ALA D 434 -29.33 12.54 -25.98
CA ALA D 434 -28.14 12.06 -25.29
C ALA D 434 -27.66 10.76 -25.93
N ILE D 435 -26.37 10.69 -26.23
CA ILE D 435 -25.81 9.54 -26.93
C ILE D 435 -25.66 8.39 -25.93
N GLY D 436 -26.10 7.20 -26.34
CA GLY D 436 -25.97 6.02 -25.50
C GLY D 436 -26.81 6.03 -24.24
N SER D 437 -28.07 6.44 -24.35
CA SER D 437 -28.99 6.43 -23.24
C SER D 437 -30.04 5.34 -23.45
N GLY D 438 -30.49 4.74 -22.36
CA GLY D 438 -31.44 3.65 -22.42
C GLY D 438 -30.84 2.27 -22.60
N ASN D 439 -29.51 2.16 -22.70
CA ASN D 439 -28.84 0.88 -22.80
C ASN D 439 -28.49 0.29 -21.44
N ARG D 440 -28.92 0.93 -20.36
CA ARG D 440 -28.49 0.59 -19.01
C ARG D 440 -29.73 0.67 -18.11
N ASN D 441 -29.50 0.80 -16.80
CA ASN D 441 -30.54 0.78 -15.79
C ASN D 441 -31.86 1.41 -16.23
N PHE D 442 -32.96 0.72 -15.96
CA PHE D 442 -34.25 1.00 -16.57
C PHE D 442 -35.36 0.83 -15.54
N GLN D 443 -36.12 1.90 -15.30
CA GLN D 443 -37.32 1.84 -14.49
C GLN D 443 -38.51 2.32 -15.32
N SER D 444 -39.54 1.48 -15.42
CA SER D 444 -40.70 1.83 -16.22
C SER D 444 -41.46 3.01 -15.61
N GLY D 445 -41.89 3.94 -16.46
CA GLY D 445 -42.64 5.08 -16.00
C GLY D 445 -41.79 6.24 -15.56
N ASN D 446 -40.93 6.00 -14.56
CA ASN D 446 -40.07 7.06 -14.06
C ASN D 446 -38.91 7.32 -15.03
N LEU D 447 -38.22 8.43 -14.80
CA LEU D 447 -37.07 8.82 -15.60
C LEU D 447 -35.79 8.38 -14.91
N CYS D 448 -34.93 7.69 -15.66
CA CYS D 448 -33.62 7.28 -15.17
C CYS D 448 -32.59 8.25 -15.75
N ASP D 449 -32.17 9.21 -14.94
CA ASP D 449 -31.18 10.20 -15.38
C ASP D 449 -29.84 9.52 -15.52
N ASP D 450 -29.45 9.22 -16.75
CA ASP D 450 -28.18 8.54 -17.01
C ASP D 450 -26.98 9.46 -16.80
N ASP D 451 -27.20 10.76 -16.61
CA ASP D 451 -26.13 11.73 -16.39
C ASP D 451 -25.15 11.78 -17.56
N ILE D 452 -25.66 11.62 -18.78
CA ILE D 452 -24.84 11.71 -19.98
C ILE D 452 -24.88 13.16 -20.45
N LYS D 453 -23.70 13.78 -20.57
CA LYS D 453 -23.59 15.15 -21.04
C LYS D 453 -23.21 15.24 -22.52
N ALA D 454 -23.01 14.11 -23.19
CA ALA D 454 -22.73 14.11 -24.62
C ALA D 454 -24.04 14.05 -25.38
N ILE D 455 -24.34 15.11 -26.13
CA ILE D 455 -25.63 15.25 -26.79
C ILE D 455 -25.43 15.30 -28.30
N ASN D 456 -26.42 14.80 -29.02
CA ASN D 456 -26.44 14.80 -30.47
C ASN D 456 -27.60 15.68 -30.92
N TYR D 457 -27.30 16.81 -31.54
CA TYR D 457 -28.32 17.77 -31.90
C TYR D 457 -29.31 17.18 -32.90
N ILE D 458 -30.60 17.37 -32.64
CA ILE D 458 -31.65 16.83 -33.51
C ILE D 458 -32.19 17.95 -34.38
N THR D 459 -32.78 18.97 -33.76
CA THR D 459 -33.39 20.06 -34.50
C THR D 459 -33.64 21.23 -33.57
N GLY D 460 -34.07 22.34 -34.16
CA GLY D 460 -34.36 23.57 -33.45
C GLY D 460 -33.71 24.76 -34.12
N PHE D 461 -33.98 25.93 -33.56
CA PHE D 461 -33.41 27.19 -34.02
C PHE D 461 -32.82 27.95 -32.85
N ASP D 462 -31.87 28.83 -33.15
CA ASP D 462 -31.16 29.59 -32.12
C ASP D 462 -31.69 31.00 -31.93
N SER D 463 -32.34 31.59 -32.92
CA SER D 463 -32.89 32.93 -32.75
C SER D 463 -34.13 32.87 -31.87
N PRO D 464 -34.15 33.54 -30.71
CA PRO D 464 -35.34 33.47 -29.85
C PRO D 464 -36.49 34.31 -30.33
N ASN D 465 -36.26 35.28 -31.23
CA ASN D 465 -37.34 36.12 -31.72
C ASN D 465 -38.20 35.43 -32.78
N ALA D 466 -37.77 34.27 -33.29
CA ALA D 466 -38.54 33.55 -34.28
C ALA D 466 -39.70 32.81 -33.61
N LYS D 467 -40.58 32.27 -34.45
CA LYS D 467 -41.73 31.51 -33.98
C LYS D 467 -41.74 30.16 -34.70
N SER D 468 -41.61 29.08 -33.95
CA SER D 468 -41.55 27.75 -34.53
C SER D 468 -41.81 26.72 -33.45
N TYR D 469 -42.16 25.51 -33.89
CA TYR D 469 -42.31 24.36 -33.01
C TYR D 469 -41.58 23.16 -33.62
N LEU D 470 -41.40 22.11 -32.83
CA LEU D 470 -40.61 20.96 -33.23
C LEU D 470 -41.50 19.74 -33.36
N VAL D 471 -41.26 18.94 -34.40
CA VAL D 471 -41.89 17.64 -34.57
C VAL D 471 -40.77 16.61 -34.67
N VAL D 472 -40.63 15.79 -33.64
CA VAL D 472 -39.46 14.92 -33.51
C VAL D 472 -39.89 13.54 -33.08
N LEU D 473 -39.19 12.52 -33.59
CA LEU D 473 -39.42 11.14 -33.20
C LEU D 473 -38.57 10.81 -31.97
N LEU D 474 -39.23 10.31 -30.92
CA LEU D 474 -38.56 9.98 -29.67
C LEU D 474 -38.80 8.51 -29.34
N ASN D 475 -37.74 7.84 -28.91
CA ASN D 475 -37.79 6.42 -28.59
C ASN D 475 -38.21 6.21 -27.14
N LYS D 476 -38.67 4.99 -26.86
CA LYS D 476 -39.30 4.71 -25.56
C LYS D 476 -38.34 4.93 -24.41
N ASP D 477 -37.10 4.44 -24.54
CA ASP D 477 -36.11 4.55 -23.47
C ASP D 477 -34.89 5.25 -24.03
N LYS D 478 -34.92 6.59 -24.03
CA LYS D 478 -33.80 7.41 -24.47
C LYS D 478 -33.92 8.77 -23.80
N ASN D 479 -32.85 9.22 -23.17
CA ASN D 479 -32.86 10.53 -22.53
C ASN D 479 -32.81 11.63 -23.59
N TYR D 480 -33.55 12.71 -23.35
CA TYR D 480 -33.60 13.83 -24.27
C TYR D 480 -33.51 15.14 -23.50
N TYR D 481 -32.91 16.13 -24.13
CA TYR D 481 -32.77 17.47 -23.58
C TYR D 481 -33.52 18.46 -24.45
N ILE D 482 -34.05 19.51 -23.82
CA ILE D 482 -34.61 20.65 -24.53
C ILE D 482 -33.96 21.90 -23.98
N ARG D 483 -33.33 22.68 -24.86
CA ARG D 483 -32.71 23.94 -24.50
C ARG D 483 -33.67 25.06 -24.81
N VAL D 484 -34.00 25.84 -23.78
CA VAL D 484 -34.81 27.04 -23.89
C VAL D 484 -33.88 28.24 -23.80
N PRO D 485 -33.92 29.18 -24.75
CA PRO D 485 -32.97 30.31 -24.74
C PRO D 485 -33.31 31.34 -23.67
N GLN D 486 -32.57 32.46 -23.68
CA GLN D 486 -32.79 33.53 -22.72
C GLN D 486 -34.05 34.32 -23.08
N THR D 487 -35.19 33.89 -22.56
CA THR D 487 -36.46 34.56 -22.83
C THR D 487 -36.49 35.96 -22.23
N SER D 489 -37.96 38.57 -21.07
CA SER D 489 -39.40 38.57 -20.82
C SER D 489 -39.68 38.43 -19.33
N ASN D 490 -40.92 38.74 -18.94
CA ASN D 490 -41.36 38.66 -17.56
C ASN D 490 -42.73 37.98 -17.48
N ILE D 491 -42.92 36.92 -18.25
CA ILE D 491 -44.18 36.20 -18.26
C ILE D 491 -43.93 34.75 -17.87
N GLU D 492 -44.97 33.93 -17.85
CA GLU D 492 -44.88 32.53 -17.47
C GLU D 492 -45.10 31.68 -18.72
N ASN D 493 -44.02 31.42 -19.45
CA ASN D 493 -44.09 30.56 -20.62
C ASN D 493 -44.18 29.09 -20.18
N GLN D 494 -44.71 28.26 -21.08
CA GLN D 494 -44.91 26.84 -20.79
C GLN D 494 -44.48 26.03 -22.00
N ILE D 495 -43.80 24.91 -21.72
CA ILE D 495 -43.41 23.96 -22.76
C ILE D 495 -44.47 22.88 -22.86
N LYS D 496 -45.04 22.72 -24.05
CA LYS D 496 -46.12 21.76 -24.27
C LYS D 496 -45.62 20.63 -25.16
N PHE D 497 -45.83 19.40 -24.70
CA PHE D 497 -45.54 18.19 -25.44
C PHE D 497 -46.86 17.52 -25.79
N LYS D 498 -47.06 17.21 -27.07
CA LYS D 498 -48.27 16.55 -27.54
C LYS D 498 -47.89 15.37 -28.42
N ARG D 499 -48.45 14.20 -28.12
CA ARG D 499 -48.17 13.00 -28.90
C ARG D 499 -49.01 13.04 -30.17
N GLU D 500 -48.35 13.14 -31.33
CA GLU D 500 -49.02 13.20 -32.62
C GLU D 500 -49.24 11.78 -33.14
N GLU D 501 -50.50 11.38 -33.25
CA GLU D 501 -50.84 10.01 -33.63
C GLU D 501 -50.98 9.82 -35.14
N GLY D 502 -50.96 10.89 -35.93
CA GLY D 502 -51.08 10.74 -37.36
C GLY D 502 -51.09 12.09 -38.05
N ASP D 503 -51.15 12.03 -39.39
CA ASP D 503 -51.23 13.21 -40.25
C ASP D 503 -49.98 14.07 -40.12
N LEU D 504 -49.81 14.74 -38.98
CA LEU D 504 -48.62 15.55 -38.75
C LEU D 504 -47.35 14.72 -38.66
N ARG D 505 -47.46 13.40 -38.51
CA ARG D 505 -46.28 12.54 -38.43
C ARG D 505 -45.45 12.60 -39.71
N ASN D 506 -46.02 13.03 -40.82
CA ASN D 506 -45.26 13.16 -42.06
C ASN D 506 -44.14 14.18 -41.94
N LEU D 507 -44.26 15.14 -41.02
CA LEU D 507 -43.20 16.12 -40.77
C LEU D 507 -42.27 15.65 -39.66
N MET D 508 -41.75 14.44 -39.79
CA MET D 508 -40.92 13.86 -38.73
C MET D 508 -39.55 14.52 -38.70
N ASN D 509 -39.11 14.88 -37.50
CA ASN D 509 -37.80 15.47 -37.26
C ASN D 509 -37.61 16.74 -38.08
N SER D 510 -38.44 17.73 -37.78
CA SER D 510 -38.37 19.02 -38.47
C SER D 510 -38.84 20.13 -37.54
N SER D 511 -38.27 21.31 -37.73
CA SER D 511 -38.64 22.49 -36.98
C SER D 511 -39.58 23.31 -37.85
N VAL D 512 -40.88 23.13 -37.64
CA VAL D 512 -41.88 23.85 -38.42
C VAL D 512 -41.88 25.22 -37.76
N ASN D 513 -41.60 26.25 -38.54
CA ASN D 513 -41.61 27.64 -38.05
C ASN D 513 -42.80 28.30 -38.73
N ILE D 514 -43.60 29.03 -37.95
CA ILE D 514 -44.83 29.63 -38.45
C ILE D 514 -44.50 30.99 -39.06
N ILE D 515 -44.35 31.01 -40.38
CA ILE D 515 -44.01 32.24 -41.11
C ILE D 515 -45.33 32.94 -41.41
N ASP D 516 -45.77 33.79 -40.48
CA ASP D 516 -47.00 34.56 -40.63
C ASP D 516 -46.61 36.04 -40.69
N ASN D 517 -46.23 36.49 -41.89
CA ASN D 517 -45.94 37.90 -42.12
C ASN D 517 -46.48 38.43 -43.44
N LEU D 518 -46.75 37.58 -44.42
CA LEU D 518 -47.23 38.06 -45.72
C LEU D 518 -48.63 38.65 -45.59
N ASN D 519 -48.85 39.77 -46.26
CA ASN D 519 -50.14 40.44 -46.23
C ASN D 519 -50.33 41.32 -47.46
N HIS D 524 -41.31 38.07 -50.49
CA HIS D 524 -40.67 38.10 -49.18
C HIS D 524 -39.65 36.99 -49.05
N TYR D 525 -38.77 37.10 -48.05
CA TYR D 525 -37.74 36.10 -47.82
C TYR D 525 -37.52 35.94 -46.33
N TYR D 526 -37.17 34.71 -45.94
CA TYR D 526 -36.89 34.39 -44.54
C TYR D 526 -35.61 33.56 -44.48
N THR D 527 -34.71 33.92 -43.57
CA THR D 527 -33.43 33.25 -43.42
C THR D 527 -33.34 32.63 -42.04
N ARG D 528 -32.97 31.35 -41.99
CA ARG D 528 -32.75 30.62 -40.75
C ARG D 528 -31.42 29.89 -40.84
N GLN D 529 -31.09 29.13 -39.79
CA GLN D 529 -29.90 28.30 -39.82
C GLN D 529 -30.16 27.09 -40.71
N SER D 530 -29.30 26.91 -41.70
CA SER D 530 -29.51 25.81 -42.65
C SER D 530 -29.18 24.48 -41.98
N PRO D 531 -30.11 23.53 -41.98
CA PRO D 531 -29.80 22.20 -41.45
C PRO D 531 -28.78 21.48 -42.32
N ASP D 532 -28.19 20.44 -41.76
CA ASP D 532 -27.16 19.68 -42.45
C ASP D 532 -27.77 18.92 -43.63
N VAL D 533 -26.92 18.18 -44.35
CA VAL D 533 -27.38 17.42 -45.49
C VAL D 533 -28.34 16.33 -45.05
N HIS D 534 -29.39 16.12 -45.84
CA HIS D 534 -30.41 15.10 -45.59
C HIS D 534 -31.23 15.37 -44.33
N ASP D 535 -31.29 16.62 -43.89
CA ASP D 535 -32.12 17.01 -42.75
C ASP D 535 -33.40 17.67 -43.28
N TYR D 536 -34.21 18.19 -42.37
CA TYR D 536 -35.49 18.78 -42.73
C TYR D 536 -35.67 20.13 -42.04
N ILE D 537 -36.35 21.03 -42.72
CA ILE D 537 -36.77 22.31 -42.13
C ILE D 537 -38.10 22.70 -42.76
N SER D 538 -39.06 23.08 -41.92
CA SER D 538 -40.42 23.29 -42.39
C SER D 538 -40.86 24.72 -42.12
N TYR D 539 -41.65 25.27 -43.05
CA TYR D 539 -42.24 26.59 -42.93
C TYR D 539 -43.74 26.47 -43.15
N GLU D 540 -44.52 26.96 -42.19
CA GLU D 540 -45.97 26.99 -42.30
C GLU D 540 -46.41 28.43 -42.54
N PHE D 541 -47.16 28.66 -43.61
CA PHE D 541 -47.57 30.01 -43.98
C PHE D 541 -49.04 30.00 -44.39
N THR D 542 -49.66 31.17 -44.29
CA THR D 542 -51.03 31.39 -44.73
C THR D 542 -51.03 32.35 -45.90
N ILE D 543 -51.63 31.94 -47.01
CA ILE D 543 -51.67 32.79 -48.20
C ILE D 543 -52.58 33.98 -47.94
N PRO D 544 -52.11 35.22 -48.16
CA PRO D 544 -52.92 36.42 -47.93
C PRO D 544 -54.10 36.54 -48.89
N ASN D 546 -58.76 36.00 -47.49
CA ASN D 546 -60.13 35.77 -47.90
C ASN D 546 -60.29 34.37 -48.49
N PHE D 547 -60.87 33.46 -47.70
CA PHE D 547 -61.09 32.09 -48.14
C PHE D 547 -62.35 32.02 -48.98
N ASN D 548 -62.18 31.68 -50.26
CA ASN D 548 -63.33 31.58 -51.16
C ASN D 548 -63.25 30.36 -52.08
N ASN D 549 -62.27 29.49 -51.89
CA ASN D 549 -62.08 28.30 -52.73
C ASN D 549 -61.97 28.67 -54.20
N LYS D 550 -61.32 29.79 -54.48
CA LYS D 550 -61.15 30.28 -55.84
C LYS D 550 -59.98 31.25 -55.94
N THR D 552 -57.17 32.56 -55.12
CA THR D 552 -56.09 31.81 -55.74
C THR D 552 -55.03 32.75 -56.31
N SER D 553 -53.80 32.62 -55.82
CA SER D 553 -52.68 33.42 -56.26
C SER D 553 -51.52 32.53 -56.67
N ASN D 554 -50.65 33.06 -57.51
CA ASN D 554 -49.47 32.35 -57.98
C ASN D 554 -48.34 32.59 -57.00
N ILE D 555 -47.87 31.51 -56.37
CA ILE D 555 -46.82 31.57 -55.35
C ILE D 555 -45.61 30.81 -55.89
N ARG D 556 -44.44 31.44 -55.81
CA ARG D 556 -43.19 30.83 -56.25
C ARG D 556 -42.24 30.76 -55.08
N LEU D 557 -41.72 29.57 -54.80
CA LEU D 557 -40.82 29.32 -53.69
C LEU D 557 -39.47 28.88 -54.20
N TYR D 558 -38.40 29.49 -53.67
CA TYR D 558 -37.07 29.06 -54.07
C TYR D 558 -36.05 29.40 -53.01
N THR D 559 -35.02 28.57 -52.92
CA THR D 559 -33.91 28.79 -51.99
C THR D 559 -32.78 29.52 -52.72
N SER D 560 -32.08 30.38 -51.98
CA SER D 560 -31.06 31.22 -52.59
C SER D 560 -29.81 30.42 -52.94
N TYR D 561 -29.19 29.80 -51.94
CA TYR D 561 -27.89 29.14 -52.13
C TYR D 561 -27.97 27.63 -51.96
N ASN D 562 -28.47 27.15 -50.82
CA ASN D 562 -28.49 25.71 -50.58
C ASN D 562 -29.57 25.04 -51.41
N GLN D 563 -29.27 23.84 -51.89
CA GLN D 563 -30.19 23.10 -52.75
C GLN D 563 -30.87 22.00 -51.93
N GLY D 564 -32.19 21.92 -52.03
CA GLY D 564 -32.93 20.95 -51.25
C GLY D 564 -34.25 20.58 -51.90
N ILE D 565 -34.70 19.37 -51.63
CA ILE D 565 -35.98 18.90 -52.12
C ILE D 565 -37.10 19.45 -51.25
N GLY D 566 -38.21 19.84 -51.89
CA GLY D 566 -39.32 20.42 -51.16
C GLY D 566 -40.61 19.69 -51.45
N THR D 567 -41.59 19.95 -50.59
CA THR D 567 -42.92 19.36 -50.73
C THR D 567 -43.93 20.28 -50.06
N LEU D 568 -45.11 20.40 -50.67
CA LEU D 568 -46.15 21.30 -50.20
C LEU D 568 -47.31 20.47 -49.66
N PHE D 569 -47.71 20.76 -48.43
CA PHE D 569 -48.85 20.11 -47.78
C PHE D 569 -49.92 21.15 -47.50
N ARG D 570 -51.18 20.75 -47.67
CA ARG D 570 -52.32 21.62 -47.42
C ARG D 570 -52.96 21.25 -46.09
N VAL D 571 -53.11 22.24 -45.22
CA VAL D 571 -53.67 22.01 -43.89
C VAL D 571 -55.19 21.98 -43.98
N THR D 572 -55.80 20.97 -43.38
CA THR D 572 -57.25 20.83 -43.33
C THR D 572 -57.85 21.28 -42.00
N GLU D 573 -57.03 21.44 -40.96
CA GLU D 573 -57.47 21.92 -39.65
C GLU D 573 -58.56 21.01 -39.08
N THR D 574 -58.20 19.75 -38.87
CA THR D 574 -59.13 18.77 -38.31
C THR D 574 -59.07 18.78 -36.78
N TYR D 578 -54.71 16.24 -38.96
CA TYR D 578 -54.91 17.66 -39.22
C TYR D 578 -54.71 17.98 -40.70
N ASN D 579 -53.69 17.37 -41.31
CA ASN D 579 -53.39 17.62 -42.70
C ASN D 579 -52.77 16.38 -43.33
N LEU D 580 -53.24 16.04 -44.54
CA LEU D 580 -52.67 14.93 -45.27
C LEU D 580 -52.60 15.17 -46.78
N ILE D 581 -52.96 16.35 -47.27
CA ILE D 581 -53.05 16.62 -48.69
C ILE D 581 -51.73 17.23 -49.15
N ASN D 582 -50.98 16.47 -49.95
CA ASN D 582 -49.71 16.95 -50.50
C ASN D 582 -49.96 17.44 -51.93
N ILE D 583 -49.83 18.75 -52.13
CA ILE D 583 -50.09 19.34 -53.44
C ILE D 583 -48.95 19.01 -54.40
N GLN D 584 -47.74 19.44 -54.06
CA GLN D 584 -46.57 19.24 -54.90
C GLN D 584 -45.52 18.44 -54.15
N GLN D 585 -44.60 17.84 -54.92
CA GLN D 585 -43.54 17.02 -54.34
C GLN D 585 -42.33 17.06 -55.27
N ASN D 586 -41.15 16.86 -54.67
CA ASN D 586 -39.89 16.82 -55.40
C ASN D 586 -39.66 18.09 -56.21
N LEU D 587 -39.72 19.23 -55.53
CA LEU D 587 -39.53 20.54 -56.14
C LEU D 587 -38.17 21.08 -55.69
N ASN D 588 -37.17 20.98 -56.55
CA ASN D 588 -35.85 21.51 -56.26
C ASN D 588 -35.93 23.03 -56.12
N LEU D 589 -35.61 23.53 -54.92
CA LEU D 589 -35.79 24.93 -54.60
C LEU D 589 -34.56 25.79 -54.88
N LEU D 590 -33.51 25.22 -55.46
CA LEU D 590 -32.28 25.97 -55.73
C LEU D 590 -32.54 26.93 -56.88
N ASN D 591 -32.92 28.16 -56.54
CA ASN D 591 -33.22 29.20 -57.53
C ASN D 591 -34.26 28.72 -58.54
N SER D 592 -35.30 28.06 -58.03
CA SER D 592 -36.33 27.53 -58.90
C SER D 592 -37.16 28.66 -59.52
N THR D 593 -37.79 28.34 -60.65
CA THR D 593 -38.65 29.28 -61.36
C THR D 593 -40.09 28.85 -61.45
N LYS D 594 -40.40 27.57 -61.24
CA LYS D 594 -41.77 27.11 -61.30
C LYS D 594 -42.58 27.65 -60.11
N SER D 595 -43.84 27.94 -60.37
CA SER D 595 -44.76 28.45 -59.37
C SER D 595 -45.98 27.51 -59.26
N ILE D 596 -46.88 27.84 -58.34
CA ILE D 596 -48.09 27.04 -58.13
C ILE D 596 -49.22 27.96 -57.73
N ARG D 597 -50.43 27.65 -58.19
CA ARG D 597 -51.61 28.42 -57.84
C ARG D 597 -52.20 27.84 -56.56
N LEU D 598 -52.36 28.70 -55.56
CA LEU D 598 -52.83 28.28 -54.23
C LEU D 598 -54.02 29.13 -53.81
N LEU D 599 -54.98 28.49 -53.14
CA LEU D 599 -56.14 29.19 -52.64
C LEU D 599 -55.75 30.19 -51.56
N ASN D 600 -56.32 31.38 -51.63
CA ASN D 600 -56.04 32.42 -50.66
C ASN D 600 -56.81 32.20 -49.36
N ILE D 603 -53.54 27.95 -45.44
CA ILE D 603 -52.56 27.36 -44.53
C ILE D 603 -51.85 26.19 -45.21
N TYR D 604 -50.62 26.42 -45.66
CA TYR D 604 -49.81 25.39 -46.29
C TYR D 604 -48.48 25.27 -45.57
N ILE D 605 -47.82 24.13 -45.78
CA ILE D 605 -46.55 23.82 -45.12
C ILE D 605 -45.57 23.33 -46.18
N LEU D 606 -44.40 23.93 -46.22
CA LEU D 606 -43.33 23.53 -47.12
C LEU D 606 -42.19 22.92 -46.32
N LYS D 607 -41.79 21.71 -46.68
CA LYS D 607 -40.75 20.97 -45.96
C LYS D 607 -39.55 20.81 -46.89
N VAL D 608 -38.47 21.52 -46.58
CA VAL D 608 -37.23 21.45 -47.34
C VAL D 608 -36.35 20.35 -46.75
N GLU D 609 -35.66 19.65 -47.64
CA GLU D 609 -34.84 18.48 -47.34
C GLU D 609 -33.43 18.67 -47.87
N VAL D 610 -32.81 19.79 -47.48
CA VAL D 610 -31.56 20.29 -48.06
C VAL D 610 -30.56 19.17 -48.29
N THR D 611 -30.06 19.07 -49.53
CA THR D 611 -29.10 18.05 -49.92
C THR D 611 -27.75 18.61 -50.35
N GLU D 612 -27.69 19.88 -50.77
CA GLU D 612 -26.44 20.53 -51.14
C GLU D 612 -26.28 21.75 -50.25
N LEU D 613 -25.39 21.64 -49.27
CA LEU D 613 -25.14 22.72 -48.31
C LEU D 613 -24.01 23.60 -48.84
N ASN D 614 -24.35 24.82 -49.21
CA ASN D 614 -23.37 25.78 -49.70
C ASN D 614 -23.32 27.05 -48.86
N ASN D 615 -24.12 27.13 -47.79
CA ASN D 615 -24.14 28.31 -46.94
C ASN D 615 -24.56 27.89 -45.54
N TYR D 616 -24.03 28.60 -44.54
CA TYR D 616 -24.41 28.33 -43.16
C TYR D 616 -25.89 28.62 -42.95
N ASN D 617 -26.39 29.69 -43.54
CA ASN D 617 -27.79 30.06 -43.44
C ASN D 617 -28.55 29.59 -44.67
N ILE D 618 -29.83 29.27 -44.48
CA ILE D 618 -30.74 28.97 -45.57
C ILE D 618 -31.72 30.12 -45.71
N LYS D 619 -31.99 30.51 -46.95
CA LYS D 619 -32.88 31.62 -47.26
C LYS D 619 -33.97 31.13 -48.21
N LEU D 620 -35.21 31.27 -47.79
CA LEU D 620 -36.36 30.87 -48.59
C LEU D 620 -37.09 32.12 -49.07
N HIS D 621 -37.31 32.21 -50.38
CA HIS D 621 -38.02 33.31 -51.01
C HIS D 621 -39.39 32.80 -51.44
N ILE D 622 -40.44 33.51 -51.01
CA ILE D 622 -41.81 33.24 -51.43
C ILE D 622 -42.33 34.49 -52.12
N ASP D 623 -42.73 34.35 -53.38
CA ASP D 623 -43.17 35.48 -54.20
C ASP D 623 -44.63 35.26 -54.59
N ILE D 624 -45.43 36.31 -54.43
CA ILE D 624 -46.84 36.26 -54.79
C ILE D 624 -47.05 36.77 -56.21
#